data_7UFR
#
_entry.id   7UFR
#
_cell.length_a   1.00
_cell.length_b   1.00
_cell.length_c   1.00
_cell.angle_alpha   90.00
_cell.angle_beta   90.00
_cell.angle_gamma   90.00
#
_symmetry.space_group_name_H-M   'P 1'
#
loop_
_entity.id
_entity.type
_entity.pdbx_description
1 polymer Alpha-mannosidase
2 non-polymer 'ZINC ION'
#
_entity_poly.entity_id   1
_entity_poly.type   'polypeptide(L)'
_entity_poly.pdbx_seq_one_letter_code
;MGSSHHHHHHSSGLVPRGSHMASMFLKPEQQLERCRRIVRQRVDPHIHPSIAQLTVESYDIPGEPMPSDEFFAKLDRGDI
DFKPFMLGSEWGTTWGTVWFRLTGTVPAGYPKGKPLELILDLGWYPHSCGGHIEGLVYRADGTAIKAVHPLNYWVPFMDA
EGNAQVPVAEDGSFTLYLEAASNPLLLGVPPFIETELGDHATGKPDEPYVFKSADLAEFDERYENYSVDLDVVSSLMEFA
DKQSPRYWQLAKALQRSLNAYDERNPESVEAARAVLAGVLAKPANASAMNVSAIGHAHIDSAWLWPVRETRRKVARTVSN
ALALMDADPDFKYAMSSAQQYAWLEEDHPDIFKRMKRRIEEGRFIPVGGMWVEADGMLPAGESLIRQIAYGRKYFKEHLG
VEPKGVWLPDSFGYTGAWPQIARRAGYEWFLTQKISWNDTTKFPHHSFMWEGIDGSRIFTHFPPADTYAAWCKVQELDYA
EKNFQDKDLSDRSLLLFGFGDGGGGPTRNMMEHLHRYENLEGVSKVSIEEPNDFFDKAHQQLAENAGPEMPVWKGELYLE
LHRGTLTSQQDMKRGCRQEESLLRTVEYLGAAAVLSDPEYVYPREELDRIWKTLLLNQFHDILPGSAIAWVHREAREDYR
RDLKRLAEIAQDMCAVLRKANPQADLLAEARISQFRNDGASWHANRINEPTDALSVLTQTLDNGRVLLANGVLSVTIEAD
GTISSLLDEEHGRELVPAGTRLGQYELLRDEPAVWDAWEIERESLLMANAVTGSIESVNTENGAAQVHVHTADGDTVITT
TITLRPGSHTLDFHADIDWHERERFLKVDLPLGIVADQATYDCQYGLIRRPIVKNTASDEAKYESSTNRFAIIGDAGYAA
AVINGSVYGSDASPIAGNAAEGRDSGTMFRLSLLSAPTFPDPRTDIGSHEFDWSVVADATVDRALDAAGVLNAPVLHDVP
DITPLASIESVNGTVVLDWMKLADDGSGDLIVRAYEAAGGQADAMLHVCPALAGASVHETNVLEGDDLAADLPVALQDGR
QNAEGATLHFGPFQLATLRITR
;
_entity_poly.pdbx_strand_id   A,B,C,D
#
loop_
_chem_comp.id
_chem_comp.type
_chem_comp.name
_chem_comp.formula
ZN non-polymer 'ZINC ION' 'Zn 2'
#
# COMPACT_ATOMS: atom_id res chain seq x y z
N PHE A 25 -0.20 4.67 24.29
CA PHE A 25 -0.91 5.24 25.43
C PHE A 25 -1.93 6.27 24.99
N LEU A 26 -1.76 6.78 23.77
CA LEU A 26 -2.68 7.73 23.16
C LEU A 26 -3.25 7.12 21.88
N LYS A 27 -4.59 7.11 21.77
CA LYS A 27 -5.26 6.53 20.63
C LYS A 27 -5.91 7.63 19.80
N PRO A 28 -5.35 7.98 18.65
CA PRO A 28 -5.92 9.08 17.85
C PRO A 28 -7.34 8.84 17.37
N GLU A 29 -7.69 7.59 17.03
CA GLU A 29 -9.02 7.31 16.51
C GLU A 29 -10.09 7.58 17.57
N GLN A 30 -9.79 7.24 18.82
CA GLN A 30 -10.71 7.54 19.91
C GLN A 30 -10.91 9.05 20.06
N GLN A 31 -9.82 9.81 19.91
CA GLN A 31 -9.94 11.26 19.97
C GLN A 31 -10.81 11.79 18.84
N LEU A 32 -10.68 11.21 17.65
CA LEU A 32 -11.52 11.67 16.54
C LEU A 32 -12.99 11.37 16.79
N GLU A 33 -13.31 10.17 17.27
CA GLU A 33 -14.69 9.84 17.60
C GLU A 33 -15.25 10.76 18.68
N ARG A 34 -14.47 11.00 19.73
CA ARG A 34 -14.88 11.88 20.81
C ARG A 34 -15.11 13.30 20.30
N CYS A 35 -14.24 13.78 19.42
CA CYS A 35 -14.41 15.11 18.84
C CYS A 35 -15.68 15.20 18.02
N ARG A 36 -15.97 14.18 17.21
CA ARG A 36 -17.20 14.20 16.42
C ARG A 36 -18.43 14.26 17.31
N ARG A 37 -18.45 13.43 18.35
CA ARG A 37 -19.60 13.44 19.26
C ARG A 37 -19.75 14.79 19.95
N ILE A 38 -18.64 15.36 20.42
CA ILE A 38 -18.71 16.63 21.15
C ILE A 38 -19.17 17.76 20.24
N VAL A 39 -18.65 17.81 19.02
CA VAL A 39 -19.07 18.85 18.09
C VAL A 39 -20.55 18.72 17.78
N ARG A 40 -21.03 17.50 17.55
CA ARG A 40 -22.43 17.33 17.17
C ARG A 40 -23.37 17.65 18.32
N GLN A 41 -23.01 17.28 19.55
CA GLN A 41 -23.96 17.33 20.65
C GLN A 41 -23.78 18.50 21.62
N ARG A 42 -22.55 18.94 21.89
CA ARG A 42 -22.31 19.88 22.97
C ARG A 42 -21.85 21.27 22.52
N VAL A 43 -21.49 21.45 21.26
CA VAL A 43 -20.96 22.72 20.77
C VAL A 43 -21.90 23.38 19.77
N ASP A 44 -22.31 22.63 18.74
CA ASP A 44 -23.19 23.19 17.72
C ASP A 44 -24.51 23.71 18.26
N PRO A 45 -25.19 23.05 19.20
CA PRO A 45 -26.43 23.64 19.74
C PRO A 45 -26.25 25.01 20.34
N HIS A 46 -25.10 25.31 20.93
CA HIS A 46 -24.88 26.61 21.55
C HIS A 46 -24.70 27.72 20.52
N ILE A 47 -24.49 27.39 19.26
CA ILE A 47 -24.59 28.37 18.18
C ILE A 47 -26.06 28.55 17.86
N HIS A 48 -26.50 29.81 17.79
CA HIS A 48 -27.91 30.15 17.55
C HIS A 48 -28.82 29.52 18.59
N PRO A 49 -28.77 29.95 19.86
CA PRO A 49 -29.78 29.50 20.83
C PRO A 49 -31.04 30.35 20.73
N SER A 50 -32.17 29.67 20.53
CA SER A 50 -33.43 30.37 20.29
C SER A 50 -33.85 31.18 21.50
N ILE A 51 -34.43 32.36 21.26
CA ILE A 51 -34.88 33.22 22.34
C ILE A 51 -36.34 33.61 22.14
N ALA A 52 -36.86 33.40 20.93
CA ALA A 52 -38.26 33.74 20.67
C ALA A 52 -38.79 32.88 19.53
N GLN A 53 -40.11 32.76 19.48
CA GLN A 53 -40.79 31.97 18.46
C GLN A 53 -41.74 32.86 17.69
N LEU A 54 -41.82 32.64 16.38
CA LEU A 54 -42.58 33.49 15.48
C LEU A 54 -43.95 32.88 15.15
N THR A 55 -44.93 33.76 14.97
CA THR A 55 -46.25 33.36 14.50
C THR A 55 -46.27 33.36 12.98
N VAL A 56 -46.92 32.36 12.40
CA VAL A 56 -46.83 32.10 10.97
C VAL A 56 -48.23 32.11 10.36
N GLU A 57 -48.37 32.82 9.24
CA GLU A 57 -49.61 32.79 8.47
C GLU A 57 -49.27 32.50 7.01
N SER A 58 -50.18 31.83 6.31
CA SER A 58 -49.90 31.26 5.02
C SER A 58 -50.89 31.73 3.96
N TYR A 59 -50.41 31.77 2.72
CA TYR A 59 -51.24 32.07 1.56
C TYR A 59 -50.70 31.29 0.38
N ASP A 60 -51.55 30.51 -0.27
CA ASP A 60 -51.12 29.53 -1.27
C ASP A 60 -51.36 30.02 -2.69
N ILE A 61 -50.44 29.67 -3.59
CA ILE A 61 -50.55 29.92 -5.02
C ILE A 61 -50.28 28.61 -5.74
N PRO A 62 -51.30 27.78 -5.97
CA PRO A 62 -51.05 26.49 -6.62
C PRO A 62 -50.56 26.59 -8.05
N GLY A 63 -50.85 27.69 -8.75
CA GLY A 63 -50.46 27.82 -10.14
C GLY A 63 -49.11 28.47 -10.32
N GLU A 64 -48.95 29.23 -11.40
CA GLU A 64 -47.70 29.92 -11.65
C GLU A 64 -47.47 31.03 -10.63
N PRO A 65 -46.23 31.32 -10.29
CA PRO A 65 -45.96 32.30 -9.23
C PRO A 65 -46.41 33.70 -9.62
N MET A 66 -46.81 34.45 -8.61
CA MET A 66 -47.16 35.86 -8.73
C MET A 66 -45.92 36.71 -8.52
N PRO A 67 -45.64 37.66 -9.41
CA PRO A 67 -44.46 38.52 -9.21
C PRO A 67 -44.56 39.30 -7.91
N SER A 68 -43.40 39.55 -7.30
CA SER A 68 -43.37 40.21 -6.00
C SER A 68 -44.01 41.60 -6.05
N ASP A 69 -43.86 42.30 -7.18
CA ASP A 69 -44.49 43.61 -7.33
C ASP A 69 -46.00 43.51 -7.19
N GLU A 70 -46.61 42.58 -7.95
CA GLU A 70 -48.06 42.42 -7.89
C GLU A 70 -48.51 41.96 -6.52
N PHE A 71 -47.76 41.03 -5.91
CA PHE A 71 -48.13 40.55 -4.59
C PHE A 71 -48.14 41.67 -3.58
N PHE A 72 -47.11 42.52 -3.59
CA PHE A 72 -47.04 43.58 -2.61
C PHE A 72 -48.07 44.67 -2.88
N ALA A 73 -48.36 44.96 -4.15
CA ALA A 73 -49.44 45.90 -4.46
C ALA A 73 -50.77 45.39 -3.94
N LYS A 74 -51.11 44.14 -4.25
CA LYS A 74 -52.36 43.58 -3.75
C LYS A 74 -52.38 43.59 -2.22
N LEU A 75 -51.28 43.20 -1.60
CA LEU A 75 -51.23 43.11 -0.13
C LEU A 75 -51.43 44.47 0.51
N ASP A 76 -50.80 45.52 -0.02
CA ASP A 76 -50.97 46.83 0.58
C ASP A 76 -52.36 47.38 0.33
N ARG A 77 -53.01 46.98 -0.77
CA ARG A 77 -54.41 47.35 -0.95
C ARG A 77 -55.39 46.33 -0.38
N GLY A 78 -54.90 45.18 0.11
CA GLY A 78 -55.77 44.18 0.70
C GLY A 78 -55.64 42.82 0.03
N ASP A 79 -56.78 42.22 -0.32
CA ASP A 79 -56.82 41.12 -1.28
C ASP A 79 -56.03 39.88 -0.86
N ILE A 80 -55.44 39.90 0.33
CA ILE A 80 -54.67 38.77 0.85
C ILE A 80 -55.20 38.41 2.22
N ASP A 81 -55.39 37.11 2.47
CA ASP A 81 -56.06 36.64 3.68
C ASP A 81 -55.10 36.14 4.76
N PHE A 82 -54.08 35.36 4.38
CA PHE A 82 -53.06 34.88 5.31
C PHE A 82 -53.68 34.05 6.43
N LYS A 83 -54.21 32.89 6.04
CA LYS A 83 -54.82 31.99 7.00
C LYS A 83 -53.78 31.48 8.00
N PRO A 84 -54.17 31.28 9.27
CA PRO A 84 -53.18 30.91 10.29
C PRO A 84 -52.49 29.58 9.97
N PHE A 85 -51.25 29.46 10.42
CA PHE A 85 -50.44 28.28 10.16
C PHE A 85 -49.76 27.85 11.45
N MET A 86 -49.63 26.54 11.65
CA MET A 86 -48.99 25.99 12.84
C MET A 86 -47.74 25.23 12.44
N LEU A 87 -46.62 25.51 13.12
CA LEU A 87 -45.37 24.85 12.80
C LEU A 87 -45.48 23.35 12.97
N GLY A 88 -44.86 22.61 12.06
CA GLY A 88 -44.99 21.17 12.01
C GLY A 88 -45.98 20.65 11.00
N SER A 89 -46.65 21.54 10.26
CA SER A 89 -47.61 21.16 9.24
C SER A 89 -46.96 21.23 7.86
N GLU A 90 -47.68 20.72 6.87
CA GLU A 90 -47.22 20.68 5.49
C GLU A 90 -47.88 21.79 4.69
N TRP A 91 -47.13 22.32 3.71
CA TRP A 91 -47.62 23.55 3.10
C TRP A 91 -47.76 23.51 1.59
N GLY A 92 -46.83 22.89 0.87
CA GLY A 92 -46.66 23.14 -0.55
C GLY A 92 -47.34 22.16 -1.48
N THR A 93 -47.62 22.63 -2.70
CA THR A 93 -48.03 21.76 -3.80
C THR A 93 -46.80 21.39 -4.62
N THR A 94 -47.01 20.82 -5.82
CA THR A 94 -45.90 20.25 -6.58
C THR A 94 -44.93 21.32 -7.07
N TRP A 95 -45.46 22.42 -7.63
CA TRP A 95 -44.62 23.52 -8.09
C TRP A 95 -45.20 24.86 -7.65
N GLY A 96 -46.13 24.85 -6.71
CA GLY A 96 -46.76 26.08 -6.27
C GLY A 96 -45.89 26.88 -5.33
N THR A 97 -46.37 28.07 -5.01
CA THR A 97 -45.66 28.99 -4.14
C THR A 97 -46.48 29.21 -2.87
N VAL A 98 -45.79 29.44 -1.75
CA VAL A 98 -46.48 29.77 -0.51
C VAL A 98 -45.86 31.03 0.07
N TRP A 99 -46.69 32.02 0.35
CA TRP A 99 -46.26 33.24 1.00
C TRP A 99 -46.58 33.15 2.49
N PHE A 100 -45.56 33.30 3.33
CA PHE A 100 -45.71 33.25 4.77
C PHE A 100 -45.50 34.64 5.34
N ARG A 101 -46.41 35.06 6.21
CA ARG A 101 -46.21 36.25 7.03
C ARG A 101 -45.72 35.81 8.40
N LEU A 102 -44.55 36.31 8.79
CA LEU A 102 -43.90 35.93 10.04
C LEU A 102 -43.95 37.12 10.97
N THR A 103 -44.54 36.93 12.15
CA THR A 103 -44.69 37.99 13.14
C THR A 103 -43.95 37.62 14.40
N GLY A 104 -43.33 38.60 15.04
CA GLY A 104 -42.61 38.30 16.26
C GLY A 104 -42.41 39.54 17.11
N THR A 105 -41.86 39.31 18.29
CA THR A 105 -41.48 40.40 19.19
C THR A 105 -40.21 39.99 19.93
N VAL A 106 -39.31 40.96 20.10
CA VAL A 106 -38.06 40.72 20.83
C VAL A 106 -38.37 40.78 22.32
N PRO A 107 -37.66 40.03 23.15
CA PRO A 107 -37.83 40.17 24.60
C PRO A 107 -37.33 41.52 25.08
N ALA A 108 -37.63 41.81 26.35
CA ALA A 108 -37.34 43.12 26.91
C ALA A 108 -35.83 43.35 27.00
N GLY A 109 -35.34 44.32 26.23
CA GLY A 109 -33.94 44.74 26.31
C GLY A 109 -32.95 43.62 26.07
N TYR A 110 -33.21 42.76 25.11
CA TYR A 110 -32.38 41.56 24.96
C TYR A 110 -31.06 41.80 24.25
N PRO A 111 -30.99 42.59 23.15
CA PRO A 111 -29.75 42.58 22.34
C PRO A 111 -28.54 43.13 23.08
N LYS A 112 -27.97 42.29 23.95
CA LYS A 112 -26.81 42.64 24.78
C LYS A 112 -25.56 42.05 24.15
N GLY A 113 -25.01 42.75 23.17
CA GLY A 113 -23.77 42.33 22.56
C GLY A 113 -23.82 41.06 21.75
N LYS A 114 -24.93 40.79 21.06
CA LYS A 114 -25.04 39.65 20.17
C LYS A 114 -25.79 40.06 18.90
N PRO A 115 -25.37 39.53 17.75
CA PRO A 115 -26.00 39.96 16.48
C PRO A 115 -27.48 39.65 16.36
N LEU A 116 -28.00 38.64 17.05
CA LEU A 116 -29.44 38.36 17.08
C LEU A 116 -29.99 38.05 15.68
N GLU A 117 -29.57 36.90 15.16
CA GLU A 117 -29.97 36.43 13.83
C GLU A 117 -31.39 35.84 13.86
N LEU A 118 -31.75 35.13 12.80
CA LEU A 118 -33.11 34.61 12.59
C LEU A 118 -33.01 33.26 11.89
N ILE A 119 -33.54 32.21 12.52
CA ILE A 119 -33.43 30.86 11.99
C ILE A 119 -34.77 30.42 11.43
N LEU A 120 -34.77 29.89 10.21
CA LEU A 120 -35.97 29.45 9.52
C LEU A 120 -35.70 28.09 8.89
N ASP A 121 -36.35 27.04 9.40
CA ASP A 121 -36.25 25.71 8.83
C ASP A 121 -37.54 25.41 8.07
N LEU A 122 -37.40 24.97 6.82
CA LEU A 122 -38.55 24.67 5.98
C LEU A 122 -38.74 23.17 5.77
N GLY A 123 -38.04 22.33 6.52
CA GLY A 123 -38.10 20.90 6.32
C GLY A 123 -37.11 20.45 5.28
N TRP A 124 -35.88 20.95 5.39
CA TRP A 124 -34.86 20.63 4.41
C TRP A 124 -34.45 19.17 4.50
N TYR A 125 -34.27 18.55 3.35
CA TYR A 125 -33.61 17.25 3.32
C TYR A 125 -32.12 17.46 3.57
N PRO A 126 -31.53 16.77 4.55
CA PRO A 126 -30.14 17.06 4.93
C PRO A 126 -29.13 16.74 3.84
N HIS A 127 -29.22 15.54 3.27
CA HIS A 127 -28.19 15.05 2.34
C HIS A 127 -28.43 15.50 0.91
N SER A 128 -28.64 16.80 0.71
CA SER A 128 -28.79 17.38 -0.61
C SER A 128 -28.83 18.89 -0.46
N CYS A 129 -28.96 19.58 -1.58
CA CYS A 129 -29.04 21.04 -1.62
C CYS A 129 -29.43 21.46 -3.03
N GLY A 130 -30.22 22.53 -3.11
CA GLY A 130 -30.51 23.17 -4.38
C GLY A 130 -31.29 22.35 -5.37
N GLY A 131 -31.89 21.25 -4.92
CA GLY A 131 -32.70 20.44 -5.81
C GLY A 131 -34.16 20.44 -5.40
N HIS A 132 -34.45 21.16 -4.32
CA HIS A 132 -35.78 21.15 -3.74
C HIS A 132 -36.03 22.52 -3.11
N ILE A 133 -37.00 22.59 -2.20
CA ILE A 133 -37.62 23.82 -1.71
C ILE A 133 -36.62 24.89 -1.29
N GLU A 134 -37.00 26.16 -1.47
CA GLU A 134 -36.17 27.28 -1.07
C GLU A 134 -37.10 28.48 -0.86
N GLY A 135 -36.52 29.67 -0.71
CA GLY A 135 -37.35 30.86 -0.59
C GLY A 135 -36.54 32.11 -0.29
N LEU A 136 -37.18 33.24 -0.51
CA LEU A 136 -36.65 34.56 -0.19
C LEU A 136 -37.39 35.19 0.98
N VAL A 137 -36.75 36.17 1.60
CA VAL A 137 -37.29 36.94 2.71
C VAL A 137 -37.37 38.40 2.29
N TYR A 138 -38.47 39.05 2.65
CA TYR A 138 -38.76 40.42 2.25
C TYR A 138 -39.18 41.25 3.45
N ARG A 139 -38.95 42.56 3.30
CA ARG A 139 -39.38 43.58 4.28
C ARG A 139 -40.68 44.08 3.71
N ALA A 140 -41.64 44.48 4.52
CA ALA A 140 -42.96 44.93 4.07
C ALA A 140 -42.84 45.95 2.95
N ASP A 141 -41.71 46.64 2.85
CA ASP A 141 -41.51 47.61 1.78
C ASP A 141 -41.54 46.92 0.43
N GLY A 142 -40.89 45.77 0.30
CA GLY A 142 -40.84 45.05 -0.96
C GLY A 142 -39.43 44.83 -1.43
N THR A 143 -38.47 44.86 -0.51
CA THR A 143 -37.06 44.66 -0.82
C THR A 143 -36.57 43.41 -0.11
N ALA A 144 -35.76 42.63 -0.82
CA ALA A 144 -35.31 41.34 -0.30
C ALA A 144 -34.16 41.50 0.69
N ILE A 145 -34.06 40.54 1.61
CA ILE A 145 -32.98 40.50 2.59
C ILE A 145 -31.96 39.42 2.24
N LYS A 146 -32.39 38.17 2.24
CA LYS A 146 -31.50 37.03 2.01
C LYS A 146 -32.36 35.78 1.82
N ALA A 147 -31.92 34.91 0.93
CA ALA A 147 -32.63 33.66 0.70
C ALA A 147 -32.31 32.64 1.78
N VAL A 148 -33.13 31.59 1.84
CA VAL A 148 -32.92 30.48 2.76
C VAL A 148 -32.70 29.21 1.92
N HIS A 149 -31.70 28.43 2.30
CA HIS A 149 -31.23 27.27 1.55
C HIS A 149 -30.97 26.14 2.53
N PRO A 150 -30.87 24.90 2.03
CA PRO A 150 -30.72 23.75 2.96
C PRO A 150 -29.57 23.87 3.94
N LEU A 151 -28.42 24.40 3.52
CA LEU A 151 -27.31 24.64 4.44
C LEU A 151 -27.10 26.11 4.75
N ASN A 152 -27.98 26.99 4.25
CA ASN A 152 -27.89 28.42 4.48
C ASN A 152 -29.30 28.91 4.82
N TYR A 153 -29.66 28.86 6.10
CA TYR A 153 -31.00 29.22 6.54
C TYR A 153 -30.98 30.16 7.73
N TRP A 154 -30.06 31.12 7.72
CA TRP A 154 -30.03 32.18 8.72
C TRP A 154 -30.23 33.51 8.01
N VAL A 155 -30.95 34.42 8.64
CA VAL A 155 -31.28 35.72 8.08
C VAL A 155 -30.86 36.79 9.09
N PRO A 156 -30.05 37.77 8.70
CA PRO A 156 -29.66 38.82 9.65
C PRO A 156 -30.86 39.65 10.07
N PHE A 157 -30.97 39.93 11.36
CA PHE A 157 -32.08 40.70 11.89
C PHE A 157 -31.62 42.02 12.52
N MET A 158 -30.70 41.99 13.48
CA MET A 158 -30.23 43.20 14.14
C MET A 158 -28.71 43.11 14.29
N ASP A 159 -28.16 44.01 15.08
CA ASP A 159 -26.74 44.01 15.41
C ASP A 159 -26.59 44.04 16.93
N ALA A 160 -25.33 44.04 17.39
CA ALA A 160 -25.07 44.20 18.81
C ALA A 160 -25.51 45.57 19.30
N GLU A 161 -25.29 46.60 18.48
CA GLU A 161 -25.69 47.95 18.87
C GLU A 161 -27.21 48.11 18.86
N GLY A 162 -27.91 47.31 18.07
CA GLY A 162 -29.36 47.37 18.00
C GLY A 162 -29.92 47.86 16.69
N ASN A 163 -29.10 48.00 15.64
CA ASN A 163 -29.60 48.44 14.35
C ASN A 163 -30.21 47.26 13.61
N ALA A 164 -31.46 47.40 13.17
CA ALA A 164 -32.21 46.32 12.58
C ALA A 164 -32.32 46.49 11.08
N GLN A 165 -32.80 45.43 10.43
CA GLN A 165 -33.09 45.48 8.99
C GLN A 165 -34.52 45.94 8.70
N VAL A 166 -35.42 45.80 9.66
CA VAL A 166 -36.84 46.04 9.44
C VAL A 166 -37.36 46.97 10.54
N PRO A 167 -38.46 47.67 10.29
CA PRO A 167 -39.03 48.54 11.34
C PRO A 167 -39.46 47.73 12.56
N VAL A 168 -38.85 48.04 13.70
CA VAL A 168 -39.22 47.46 14.99
C VAL A 168 -39.74 48.58 15.87
N ALA A 169 -40.88 48.33 16.52
CA ALA A 169 -41.60 49.38 17.23
C ALA A 169 -41.17 49.44 18.70
N GLU A 170 -41.77 50.39 19.43
CA GLU A 170 -41.51 50.52 20.86
C GLU A 170 -41.93 49.25 21.59
N ASP A 171 -43.02 48.62 21.16
CA ASP A 171 -43.39 47.32 21.69
C ASP A 171 -42.34 46.27 21.38
N GLY A 172 -41.65 46.41 20.24
CA GLY A 172 -40.71 45.41 19.78
C GLY A 172 -41.26 44.47 18.73
N SER A 173 -42.49 44.69 18.27
CA SER A 173 -43.10 43.82 17.29
C SER A 173 -42.54 44.09 15.90
N PHE A 174 -42.48 43.03 15.09
CA PHE A 174 -41.98 43.13 13.73
C PHE A 174 -42.65 42.05 12.88
N THR A 175 -42.71 42.32 11.58
CA THR A 175 -43.26 41.40 10.59
C THR A 175 -42.33 41.30 9.39
N LEU A 176 -42.26 40.09 8.83
CA LEU A 176 -41.51 39.80 7.62
C LEU A 176 -42.36 38.96 6.70
N TYR A 177 -41.95 38.90 5.43
CA TYR A 177 -42.61 38.03 4.48
C TYR A 177 -41.61 37.04 3.91
N LEU A 178 -42.07 35.84 3.61
CA LEU A 178 -41.21 34.77 3.12
C LEU A 178 -41.90 34.10 1.94
N GLU A 179 -41.31 34.21 0.77
CA GLU A 179 -41.83 33.54 -0.43
C GLU A 179 -41.10 32.21 -0.55
N ALA A 180 -41.84 31.12 -0.41
CA ALA A 180 -41.27 29.77 -0.42
C ALA A 180 -41.69 29.06 -1.69
N ALA A 181 -40.69 28.60 -2.43
CA ALA A 181 -40.88 27.80 -3.63
C ALA A 181 -40.75 26.32 -3.27
N SER A 182 -41.75 25.55 -3.67
CA SER A 182 -41.86 24.12 -3.40
C SER A 182 -41.58 23.37 -4.69
N ASN A 183 -40.31 23.03 -4.93
CA ASN A 183 -39.93 22.31 -6.12
C ASN A 183 -39.60 20.86 -5.77
N PRO A 184 -40.03 19.91 -6.60
CA PRO A 184 -39.75 18.50 -6.31
C PRO A 184 -38.28 18.17 -6.48
N LEU A 185 -37.85 17.13 -5.78
CA LEU A 185 -36.50 16.62 -5.88
C LEU A 185 -36.46 15.55 -6.96
N LEU A 186 -35.87 15.89 -8.10
CA LEU A 186 -35.79 14.97 -9.23
C LEU A 186 -34.49 14.18 -9.28
N LEU A 187 -33.61 14.36 -8.29
CA LEU A 187 -32.39 13.56 -8.14
C LEU A 187 -32.31 13.07 -6.70
N GLY A 188 -32.95 11.95 -6.41
CA GLY A 188 -32.85 11.34 -5.10
C GLY A 188 -31.53 10.60 -4.94
N VAL A 189 -31.33 10.05 -3.75
CA VAL A 189 -30.10 9.33 -3.48
C VAL A 189 -30.07 8.02 -4.28
N PRO A 190 -31.19 7.38 -4.64
CA PRO A 190 -31.15 6.51 -5.81
C PRO A 190 -31.37 7.31 -7.07
N PRO A 191 -30.34 7.51 -7.87
CA PRO A 191 -30.44 8.46 -8.98
C PRO A 191 -31.11 7.86 -10.21
N PHE A 192 -31.62 8.75 -11.06
CA PHE A 192 -32.18 8.41 -12.36
C PHE A 192 -33.37 7.46 -12.23
N ILE A 193 -34.41 7.94 -11.56
CA ILE A 193 -35.67 7.23 -11.41
C ILE A 193 -36.74 7.99 -12.17
N GLU A 194 -37.47 7.27 -13.01
CA GLU A 194 -38.49 7.89 -13.85
C GLU A 194 -39.56 8.57 -13.01
N THR A 195 -40.00 9.75 -13.46
CA THR A 195 -41.01 10.51 -12.73
C THR A 195 -41.88 11.26 -13.73
N GLU A 196 -43.09 11.59 -13.28
CA GLU A 196 -44.03 12.37 -14.08
C GLU A 196 -44.25 13.77 -13.51
N LEU A 197 -43.40 14.21 -12.58
CA LEU A 197 -43.52 15.51 -11.95
C LEU A 197 -42.70 16.58 -12.64
N GLY A 198 -42.47 16.46 -13.93
CA GLY A 198 -41.63 17.42 -14.64
C GLY A 198 -42.32 18.21 -15.73
N ASP A 199 -43.59 18.54 -15.55
CA ASP A 199 -44.31 19.35 -16.52
C ASP A 199 -45.65 19.80 -15.92
N HIS A 200 -46.14 20.94 -16.39
CA HIS A 200 -47.49 21.44 -16.14
C HIS A 200 -47.91 21.33 -14.67
N ALA A 201 -47.29 22.12 -13.81
CA ALA A 201 -47.59 22.13 -12.37
C ALA A 201 -49.07 21.93 -12.10
N THR A 202 -49.37 20.95 -11.25
CA THR A 202 -50.72 20.39 -11.14
C THR A 202 -51.54 20.99 -10.01
N GLY A 203 -50.93 21.36 -8.90
CA GLY A 203 -51.66 21.87 -7.76
C GLY A 203 -52.06 20.83 -6.73
N LYS A 204 -51.38 19.69 -6.68
CA LYS A 204 -51.65 18.64 -5.71
C LYS A 204 -50.44 18.43 -4.81
N PRO A 205 -50.66 18.04 -3.56
CA PRO A 205 -49.52 17.76 -2.67
C PRO A 205 -48.86 16.43 -3.00
N ASP A 206 -48.01 16.42 -4.03
CA ASP A 206 -47.36 15.19 -4.45
C ASP A 206 -46.32 14.72 -3.43
N GLU A 207 -45.67 15.65 -2.74
CA GLU A 207 -44.74 15.32 -1.67
C GLU A 207 -44.59 16.51 -0.73
N PRO A 208 -45.49 16.65 0.25
CA PRO A 208 -45.46 17.83 1.11
C PRO A 208 -44.26 17.84 2.04
N TYR A 209 -43.88 19.05 2.46
CA TYR A 209 -42.78 19.27 3.39
C TYR A 209 -43.30 20.00 4.62
N VAL A 210 -42.71 19.70 5.77
CA VAL A 210 -43.13 20.29 7.03
C VAL A 210 -42.29 21.52 7.32
N PHE A 211 -42.91 22.51 7.98
CA PHE A 211 -42.18 23.73 8.34
C PHE A 211 -41.33 23.50 9.59
N LYS A 212 -41.98 23.26 10.73
CA LYS A 212 -41.41 22.70 11.93
C LYS A 212 -40.46 23.61 12.70
N SER A 213 -40.07 24.77 12.14
CA SER A 213 -39.17 25.64 12.90
C SER A 213 -39.05 27.07 12.35
N ALA A 214 -39.33 28.05 13.20
CA ALA A 214 -39.10 29.45 12.86
C ALA A 214 -38.82 30.19 14.18
N ASP A 215 -37.57 30.58 14.40
CA ASP A 215 -37.15 31.11 15.69
C ASP A 215 -36.32 32.36 15.50
N LEU A 216 -36.33 33.20 16.53
CA LEU A 216 -35.45 34.36 16.65
C LEU A 216 -34.42 34.01 17.72
N ALA A 217 -33.14 34.13 17.37
CA ALA A 217 -32.06 33.64 18.20
C ALA A 217 -30.90 34.62 18.15
N GLU A 218 -29.96 34.45 19.08
CA GLU A 218 -28.72 35.22 19.10
C GLU A 218 -27.60 34.40 18.51
N PHE A 219 -26.58 35.08 18.00
CA PHE A 219 -25.47 34.44 17.28
C PHE A 219 -24.19 34.59 18.09
N ASP A 220 -23.78 33.51 18.74
CA ASP A 220 -22.54 33.49 19.52
C ASP A 220 -21.40 33.02 18.63
N GLU A 221 -20.48 33.93 18.31
CA GLU A 221 -19.39 33.63 17.38
C GLU A 221 -18.29 32.78 18.00
N ARG A 222 -18.16 32.78 19.32
CA ARG A 222 -17.12 31.98 19.96
C ARG A 222 -17.33 30.49 19.70
N TYR A 223 -18.58 30.05 19.77
CA TYR A 223 -18.87 28.63 19.56
C TYR A 223 -18.67 28.24 18.10
N GLU A 224 -18.99 29.14 17.16
CA GLU A 224 -18.72 28.83 15.77
C GLU A 224 -17.22 28.77 15.50
N ASN A 225 -16.44 29.66 16.13
CA ASN A 225 -14.99 29.61 15.98
C ASN A 225 -14.44 28.30 16.52
N TYR A 226 -14.92 27.87 17.68
CA TYR A 226 -14.46 26.60 18.24
C TYR A 226 -14.86 25.43 17.36
N SER A 227 -16.07 25.46 16.81
CA SER A 227 -16.52 24.39 15.92
C SER A 227 -15.65 24.31 14.67
N VAL A 228 -15.35 25.46 14.06
CA VAL A 228 -14.52 25.46 12.87
C VAL A 228 -13.11 24.99 13.19
N ASP A 229 -12.56 25.41 14.32
CA ASP A 229 -11.23 24.97 14.72
C ASP A 229 -11.18 23.45 14.91
N LEU A 230 -12.17 22.91 15.62
CA LEU A 230 -12.21 21.47 15.84
C LEU A 230 -12.36 20.72 14.52
N ASP A 231 -13.22 21.21 13.64
CA ASP A 231 -13.42 20.55 12.35
C ASP A 231 -12.14 20.56 11.53
N VAL A 232 -11.44 21.69 11.50
CA VAL A 232 -10.20 21.79 10.73
C VAL A 232 -9.14 20.85 11.29
N VAL A 233 -8.99 20.81 12.61
CA VAL A 233 -7.98 19.94 13.21
C VAL A 233 -8.30 18.47 12.91
N SER A 234 -9.55 18.08 13.10
CA SER A 234 -9.93 16.68 12.87
C SER A 234 -9.75 16.29 11.41
N SER A 235 -10.12 17.19 10.49
CA SER A 235 -9.98 16.87 9.06
C SER A 235 -8.52 16.84 8.64
N LEU A 236 -7.68 17.71 9.21
CA LEU A 236 -6.25 17.63 8.95
C LEU A 236 -5.67 16.33 9.45
N MET A 237 -6.20 15.80 10.56
CA MET A 237 -5.73 14.52 11.08
C MET A 237 -5.98 13.36 10.12
N GLU A 238 -6.93 13.49 9.19
CA GLU A 238 -7.27 12.42 8.28
C GLU A 238 -6.38 12.36 7.04
N PHE A 239 -5.44 13.28 6.90
CA PHE A 239 -4.52 13.28 5.77
C PHE A 239 -3.09 13.57 6.20
N ALA A 240 -2.77 13.35 7.48
CA ALA A 240 -1.54 13.88 8.07
C ALA A 240 -0.44 12.84 8.21
N ASP A 241 -0.50 11.75 7.44
CA ASP A 241 0.62 10.81 7.33
C ASP A 241 1.01 10.24 8.70
N LYS A 242 0.15 9.36 9.19
CA LYS A 242 0.47 8.59 10.40
C LYS A 242 1.93 8.15 10.39
N GLN A 243 2.54 8.19 11.58
CA GLN A 243 3.99 8.04 11.80
C GLN A 243 4.75 9.33 11.50
N SER A 244 4.08 10.47 11.45
CA SER A 244 4.75 11.76 11.35
C SER A 244 4.51 12.58 12.61
N PRO A 245 5.45 13.44 12.98
CA PRO A 245 5.25 14.26 14.19
C PRO A 245 4.02 15.14 14.12
N ARG A 246 3.64 15.61 12.93
CA ARG A 246 2.47 16.48 12.81
C ARG A 246 1.19 15.76 13.24
N TYR A 247 1.04 14.50 12.84
CA TYR A 247 -0.14 13.73 13.20
C TYR A 247 -0.29 13.62 14.71
N TRP A 248 0.79 13.27 15.41
CA TRP A 248 0.69 13.05 16.85
C TRP A 248 0.59 14.37 17.61
N GLN A 249 1.23 15.43 17.12
CA GLN A 249 1.03 16.73 17.72
C GLN A 249 -0.42 17.19 17.60
N LEU A 250 -1.02 16.98 16.43
CA LEU A 250 -2.43 17.32 16.24
C LEU A 250 -3.32 16.50 17.16
N ALA A 251 -3.03 15.20 17.30
CA ALA A 251 -3.83 14.35 18.17
C ALA A 251 -3.73 14.82 19.63
N LYS A 252 -2.52 15.14 20.09
CA LYS A 252 -2.36 15.61 21.46
C LYS A 252 -3.09 16.93 21.68
N ALA A 253 -3.00 17.85 20.71
CA ALA A 253 -3.71 19.12 20.84
C ALA A 253 -5.22 18.91 20.89
N LEU A 254 -5.74 18.02 20.04
CA LEU A 254 -7.17 17.73 20.04
C LEU A 254 -7.61 17.17 21.39
N GLN A 255 -6.83 16.22 21.93
CA GLN A 255 -7.20 15.63 23.20
C GLN A 255 -7.20 16.66 24.32
N ARG A 256 -6.16 17.50 24.37
CA ARG A 256 -6.09 18.50 25.43
C ARG A 256 -7.21 19.51 25.31
N SER A 257 -7.51 19.94 24.08
CA SER A 257 -8.60 20.90 23.89
C SER A 257 -9.94 20.30 24.29
N LEU A 258 -10.18 19.04 23.95
CA LEU A 258 -11.44 18.41 24.33
C LEU A 258 -11.52 18.22 25.84
N ASN A 259 -10.40 17.97 26.50
CA ASN A 259 -10.40 17.89 27.96
C ASN A 259 -10.71 19.24 28.59
N ALA A 260 -10.18 20.32 28.01
CA ALA A 260 -10.34 21.64 28.60
C ALA A 260 -11.73 22.24 28.43
N TYR A 261 -12.58 21.65 27.60
CA TYR A 261 -13.88 22.22 27.29
C TYR A 261 -14.94 21.66 28.23
N ASP A 262 -15.54 22.52 29.04
CA ASP A 262 -16.63 22.16 29.93
C ASP A 262 -17.90 22.87 29.47
N GLU A 263 -18.96 22.10 29.27
CA GLU A 263 -20.23 22.67 28.82
C GLU A 263 -20.99 23.36 29.95
N ARG A 264 -20.70 23.02 31.21
CA ARG A 264 -21.34 23.71 32.32
C ARG A 264 -20.90 25.16 32.42
N ASN A 265 -19.62 25.43 32.13
CA ASN A 265 -19.10 26.78 32.21
C ASN A 265 -18.98 27.35 30.80
N PRO A 266 -19.76 28.38 30.44
CA PRO A 266 -19.70 28.91 29.08
C PRO A 266 -18.36 29.49 28.68
N GLU A 267 -17.62 30.11 29.60
CA GLU A 267 -16.42 30.83 29.20
C GLU A 267 -15.27 29.89 28.85
N SER A 268 -15.32 28.63 29.32
CA SER A 268 -14.23 27.70 29.07
C SER A 268 -14.03 27.45 27.58
N VAL A 269 -15.04 27.76 26.76
CA VAL A 269 -14.90 27.61 25.31
C VAL A 269 -13.72 28.41 24.79
N GLU A 270 -13.34 29.50 25.48
CA GLU A 270 -12.16 30.24 25.05
C GLU A 270 -10.88 29.50 25.46
N ALA A 271 -10.85 28.94 26.67
CA ALA A 271 -9.65 28.25 27.12
C ALA A 271 -9.32 27.07 26.22
N ALA A 272 -10.33 26.30 25.82
CA ALA A 272 -10.12 25.23 24.85
C ALA A 272 -9.56 25.78 23.56
N ARG A 273 -10.04 26.94 23.12
CA ARG A 273 -9.52 27.54 21.89
C ARG A 273 -8.05 27.89 22.03
N ALA A 274 -7.56 28.12 23.25
CA ALA A 274 -6.15 28.40 23.46
C ALA A 274 -5.29 27.16 23.35
N VAL A 275 -5.87 25.97 23.29
CA VAL A 275 -5.08 24.77 23.12
C VAL A 275 -4.87 24.43 21.65
N LEU A 276 -5.86 24.70 20.81
CA LEU A 276 -5.73 24.48 19.38
C LEU A 276 -4.99 25.61 18.68
N ALA A 277 -4.67 26.70 19.39
CA ALA A 277 -3.97 27.81 18.77
C ALA A 277 -2.56 27.44 18.35
N GLY A 278 -1.90 26.56 19.09
CA GLY A 278 -0.52 26.21 18.78
C GLY A 278 -0.36 25.49 17.46
N VAL A 279 -1.23 24.52 17.18
CA VAL A 279 -1.10 23.72 15.96
C VAL A 279 -1.71 24.42 14.76
N LEU A 280 -2.57 25.42 14.95
CA LEU A 280 -3.18 26.14 13.84
C LEU A 280 -2.38 27.35 13.40
N ALA A 281 -1.32 27.70 14.12
CA ALA A 281 -0.48 28.85 13.77
C ALA A 281 0.80 28.44 13.07
N LYS A 282 0.95 27.16 12.73
CA LYS A 282 2.13 26.68 12.04
C LYS A 282 2.07 27.07 10.57
N PRO A 283 3.15 27.62 10.01
CA PRO A 283 3.11 28.08 8.61
C PRO A 283 3.09 26.93 7.63
N ALA A 284 2.73 27.25 6.39
CA ALA A 284 2.66 26.26 5.33
C ALA A 284 4.05 25.85 4.87
N ASN A 285 4.11 24.67 4.25
CA ASN A 285 5.38 24.17 3.72
C ASN A 285 5.85 25.02 2.56
N ALA A 286 7.18 25.09 2.40
CA ALA A 286 7.76 25.96 1.39
C ALA A 286 7.45 25.51 -0.03
N SER A 287 7.10 24.24 -0.24
CA SER A 287 6.80 23.72 -1.56
C SER A 287 5.31 23.59 -1.82
N ALA A 288 4.46 24.11 -0.93
CA ALA A 288 3.03 24.04 -1.14
C ALA A 288 2.61 24.92 -2.31
N MET A 289 1.47 24.59 -2.88
CA MET A 289 0.96 25.34 -4.01
C MET A 289 0.29 26.64 -3.54
N ASN A 290 0.11 27.56 -4.49
CA ASN A 290 -0.54 28.84 -4.26
C ASN A 290 -1.92 28.79 -4.89
N VAL A 291 -2.96 28.75 -4.06
CA VAL A 291 -4.33 28.57 -4.51
C VAL A 291 -5.04 29.92 -4.47
N SER A 292 -5.70 30.28 -5.55
CA SER A 292 -6.52 31.48 -5.64
C SER A 292 -7.98 31.07 -5.62
N ALA A 293 -8.74 31.61 -4.67
CA ALA A 293 -10.13 31.23 -4.47
C ALA A 293 -11.04 32.39 -4.85
N ILE A 294 -12.08 32.09 -5.63
CA ILE A 294 -13.09 33.08 -6.01
C ILE A 294 -14.47 32.46 -5.77
N GLY A 295 -15.37 33.25 -5.21
CA GLY A 295 -16.72 32.75 -4.95
C GLY A 295 -17.47 32.54 -6.25
N HIS A 296 -18.20 31.43 -6.30
CA HIS A 296 -18.88 31.03 -7.52
C HIS A 296 -20.18 30.34 -7.17
N ALA A 297 -21.16 30.44 -8.06
CA ALA A 297 -22.42 29.73 -7.91
C ALA A 297 -22.96 29.45 -9.31
N HIS A 298 -22.69 28.30 -9.84
CA HIS A 298 -23.21 27.98 -11.18
C HIS A 298 -24.70 27.84 -11.11
N ILE A 299 -25.35 28.35 -12.09
CA ILE A 299 -26.79 28.26 -12.27
C ILE A 299 -27.07 27.79 -13.70
N ASP A 300 -27.79 26.73 -13.84
CA ASP A 300 -28.19 26.23 -15.18
C ASP A 300 -29.43 26.99 -15.61
N SER A 301 -29.52 27.52 -16.82
CA SER A 301 -30.63 28.33 -17.31
C SER A 301 -31.93 27.55 -17.29
N ALA A 302 -31.90 26.29 -17.70
CA ALA A 302 -33.08 25.44 -17.62
C ALA A 302 -32.62 23.99 -17.58
N TRP A 303 -32.67 23.38 -16.40
CA TRP A 303 -32.30 21.97 -16.27
C TRP A 303 -32.96 21.45 -15.00
N LEU A 304 -33.98 20.60 -15.16
CA LEU A 304 -34.80 20.05 -14.08
C LEU A 304 -35.74 21.08 -13.47
N TRP A 305 -35.89 22.25 -14.10
CA TRP A 305 -36.84 23.27 -13.68
C TRP A 305 -37.06 24.21 -14.85
N PRO A 306 -38.23 24.83 -14.96
CA PRO A 306 -38.45 25.80 -16.03
C PRO A 306 -37.63 27.07 -15.82
N VAL A 307 -37.62 27.90 -16.87
CA VAL A 307 -36.86 29.15 -16.82
C VAL A 307 -37.45 30.10 -15.79
N ARG A 308 -38.77 30.11 -15.62
CA ARG A 308 -39.40 30.99 -14.65
C ARG A 308 -38.96 30.68 -13.23
N GLU A 309 -38.49 29.45 -12.97
CA GLU A 309 -37.87 29.16 -11.69
C GLU A 309 -36.40 29.56 -11.68
N THR A 310 -35.75 29.56 -12.85
CA THR A 310 -34.37 29.98 -12.93
C THR A 310 -34.22 31.46 -12.57
N ARG A 311 -35.19 32.28 -12.97
CA ARG A 311 -35.13 33.70 -12.61
C ARG A 311 -35.16 33.87 -11.10
N ARG A 312 -36.05 33.16 -10.42
CA ARG A 312 -36.12 33.23 -8.97
C ARG A 312 -34.84 32.71 -8.33
N LYS A 313 -34.27 31.63 -8.89
CA LYS A 313 -33.00 31.11 -8.38
C LYS A 313 -31.90 32.15 -8.49
N VAL A 314 -31.85 32.87 -9.62
CA VAL A 314 -30.84 33.91 -9.81
C VAL A 314 -31.01 35.01 -8.76
N ALA A 315 -32.26 35.43 -8.54
CA ALA A 315 -32.51 36.47 -7.54
C ALA A 315 -32.06 36.03 -6.15
N ARG A 316 -32.39 34.78 -5.78
CA ARG A 316 -32.00 34.27 -4.48
C ARG A 316 -30.48 34.20 -4.33
N THR A 317 -29.79 33.73 -5.38
CA THR A 317 -28.34 33.62 -5.32
C THR A 317 -27.68 34.99 -5.15
N VAL A 318 -28.15 35.99 -5.90
CA VAL A 318 -27.58 37.32 -5.77
C VAL A 318 -27.85 37.89 -4.38
N SER A 319 -29.04 37.61 -3.83
CA SER A 319 -29.33 38.03 -2.47
C SER A 319 -28.34 37.44 -1.48
N ASN A 320 -28.07 36.13 -1.61
CA ASN A 320 -27.10 35.49 -0.72
C ASN A 320 -25.72 36.10 -0.86
N ALA A 321 -25.29 36.37 -2.09
CA ALA A 321 -23.96 36.94 -2.29
C ALA A 321 -23.85 38.32 -1.68
N LEU A 322 -24.88 39.16 -1.87
CA LEU A 322 -24.85 40.50 -1.30
C LEU A 322 -24.84 40.46 0.23
N ALA A 323 -25.63 39.56 0.81
CA ALA A 323 -25.63 39.43 2.26
C ALA A 323 -24.26 38.99 2.78
N LEU A 324 -23.63 38.04 2.07
CA LEU A 324 -22.30 37.60 2.48
C LEU A 324 -21.27 38.71 2.38
N MET A 325 -21.38 39.55 1.34
CA MET A 325 -20.49 40.71 1.26
C MET A 325 -20.72 41.67 2.41
N ASP A 326 -21.98 41.87 2.81
CA ASP A 326 -22.25 42.73 3.96
C ASP A 326 -21.71 42.14 5.24
N ALA A 327 -21.68 40.81 5.37
CA ALA A 327 -21.27 40.17 6.61
C ALA A 327 -19.77 39.90 6.70
N ASP A 328 -19.02 40.10 5.61
CA ASP A 328 -17.60 39.73 5.64
C ASP A 328 -16.81 40.49 4.58
N PRO A 329 -15.75 41.20 4.98
CA PRO A 329 -14.83 41.73 3.98
C PRO A 329 -13.94 40.63 3.43
N ASP A 330 -13.07 40.95 2.48
CA ASP A 330 -12.13 40.02 1.87
C ASP A 330 -12.82 38.89 1.12
N PHE A 331 -14.10 39.04 0.78
CA PHE A 331 -14.85 38.03 0.05
C PHE A 331 -15.25 38.60 -1.30
N LYS A 332 -15.01 37.83 -2.36
CA LYS A 332 -15.36 38.22 -3.71
C LYS A 332 -16.21 37.15 -4.35
N TYR A 333 -16.93 37.54 -5.41
CA TYR A 333 -17.93 36.67 -6.02
C TYR A 333 -17.99 36.95 -7.51
N ALA A 334 -18.01 35.89 -8.32
CA ALA A 334 -18.03 36.00 -9.77
C ALA A 334 -19.34 35.46 -10.32
N MET A 335 -19.92 36.20 -11.27
CA MET A 335 -21.16 35.79 -11.93
C MET A 335 -20.98 35.94 -13.43
N SER A 336 -21.64 35.06 -14.20
CA SER A 336 -21.23 34.79 -15.57
C SER A 336 -22.21 35.24 -16.64
N SER A 337 -23.45 34.76 -16.62
CA SER A 337 -24.31 34.86 -17.79
C SER A 337 -24.99 36.22 -17.88
N ALA A 338 -25.05 36.77 -19.09
CA ALA A 338 -25.67 38.06 -19.31
C ALA A 338 -27.20 37.99 -19.32
N GLN A 339 -27.76 36.86 -19.77
CA GLN A 339 -29.21 36.70 -19.73
C GLN A 339 -29.74 36.75 -18.31
N GLN A 340 -29.00 36.13 -17.38
CA GLN A 340 -29.39 36.18 -15.97
C GLN A 340 -29.31 37.60 -15.44
N TYR A 341 -28.29 38.35 -15.84
CA TYR A 341 -28.22 39.77 -15.48
C TYR A 341 -29.43 40.53 -15.98
N ALA A 342 -29.83 40.29 -17.23
CA ALA A 342 -30.99 40.97 -17.79
C ALA A 342 -32.26 40.62 -17.05
N TRP A 343 -32.44 39.33 -16.72
CA TRP A 343 -33.61 38.91 -15.97
C TRP A 343 -33.67 39.58 -14.61
N LEU A 344 -32.53 39.60 -13.91
CA LEU A 344 -32.49 40.22 -12.59
C LEU A 344 -32.77 41.72 -12.68
N GLU A 345 -32.20 42.38 -13.69
CA GLU A 345 -32.43 43.82 -13.84
C GLU A 345 -33.89 44.12 -14.12
N GLU A 346 -34.54 43.29 -14.93
CA GLU A 346 -35.95 43.52 -15.22
C GLU A 346 -36.84 43.21 -14.04
N ASP A 347 -36.48 42.23 -13.21
CA ASP A 347 -37.38 41.74 -12.17
C ASP A 347 -37.17 42.37 -10.80
N HIS A 348 -35.92 42.61 -10.39
CA HIS A 348 -35.61 43.13 -9.06
C HIS A 348 -34.66 44.32 -9.20
N PRO A 349 -35.20 45.51 -9.51
CA PRO A 349 -34.33 46.67 -9.68
C PRO A 349 -33.48 47.03 -8.47
N ASP A 350 -33.98 46.82 -7.25
CA ASP A 350 -33.20 47.16 -6.06
C ASP A 350 -32.00 46.23 -5.88
N ILE A 351 -32.20 44.93 -6.10
CA ILE A 351 -31.10 43.99 -6.07
C ILE A 351 -30.08 44.35 -7.13
N PHE A 352 -30.55 44.75 -8.31
CA PHE A 352 -29.65 45.17 -9.38
C PHE A 352 -28.84 46.40 -8.98
N LYS A 353 -29.47 47.36 -8.32
CA LYS A 353 -28.76 48.56 -7.88
C LYS A 353 -27.68 48.23 -6.85
N ARG A 354 -28.01 47.38 -5.87
CA ARG A 354 -27.02 46.98 -4.88
C ARG A 354 -25.87 46.23 -5.53
N MET A 355 -26.19 45.34 -6.47
CA MET A 355 -25.16 44.58 -7.16
C MET A 355 -24.28 45.50 -8.00
N LYS A 356 -24.86 46.53 -8.61
CA LYS A 356 -24.06 47.48 -9.38
C LYS A 356 -23.13 48.26 -8.46
N ARG A 357 -23.62 48.64 -7.28
CA ARG A 357 -22.76 49.31 -6.31
C ARG A 357 -21.58 48.42 -5.91
N ARG A 358 -21.84 47.14 -5.68
CA ARG A 358 -20.76 46.21 -5.36
C ARG A 358 -19.80 46.02 -6.53
N ILE A 359 -20.33 46.01 -7.75
CA ILE A 359 -19.47 45.86 -8.93
C ILE A 359 -18.53 47.04 -9.05
N GLU A 360 -19.03 48.25 -8.83
CA GLU A 360 -18.23 49.45 -9.05
C GLU A 360 -17.00 49.48 -8.15
N GLU A 361 -17.05 48.81 -7.00
CA GLU A 361 -15.92 48.78 -6.08
C GLU A 361 -15.09 47.51 -6.19
N GLY A 362 -15.31 46.71 -7.23
CA GLY A 362 -14.41 45.60 -7.52
C GLY A 362 -14.56 44.39 -6.63
N ARG A 363 -15.73 44.15 -6.06
CA ARG A 363 -15.98 42.95 -5.27
C ARG A 363 -16.94 41.98 -5.94
N PHE A 364 -17.71 42.43 -6.92
CA PHE A 364 -18.64 41.61 -7.68
C PHE A 364 -18.11 41.59 -9.12
N ILE A 365 -17.59 40.46 -9.56
CA ILE A 365 -16.88 40.37 -10.83
C ILE A 365 -17.79 39.71 -11.86
N PRO A 366 -18.20 40.42 -12.92
CA PRO A 366 -18.83 39.75 -14.06
C PRO A 366 -17.76 39.09 -14.93
N VAL A 367 -18.03 37.84 -15.33
CA VAL A 367 -17.09 37.06 -16.10
C VAL A 367 -17.80 36.53 -17.34
N GLY A 368 -17.01 36.03 -18.29
CA GLY A 368 -17.56 35.38 -19.46
C GLY A 368 -17.81 36.29 -20.64
N GLY A 369 -18.76 37.22 -20.50
CA GLY A 369 -19.15 38.06 -21.61
C GLY A 369 -19.86 37.32 -22.72
N MET A 370 -20.75 36.40 -22.38
CA MET A 370 -21.57 35.69 -23.34
C MET A 370 -23.02 35.79 -22.91
N TRP A 371 -23.93 35.60 -23.87
CA TRP A 371 -25.35 35.65 -23.54
C TRP A 371 -25.73 34.53 -22.56
N VAL A 372 -25.35 33.31 -22.88
CA VAL A 372 -25.48 32.17 -21.99
C VAL A 372 -24.20 31.35 -22.08
N GLU A 373 -24.11 30.31 -21.24
CA GLU A 373 -23.03 29.33 -21.34
C GLU A 373 -23.48 28.26 -22.32
N ALA A 374 -23.15 28.46 -23.59
CA ALA A 374 -23.62 27.59 -24.65
C ALA A 374 -22.78 26.33 -24.75
N ASP A 375 -23.29 25.37 -25.52
CA ASP A 375 -22.53 24.17 -25.81
C ASP A 375 -21.34 24.49 -26.69
N GLY A 376 -20.29 23.67 -26.58
CA GLY A 376 -19.07 23.92 -27.31
C GLY A 376 -18.99 23.28 -28.69
N MET A 377 -19.74 22.21 -28.90
CA MET A 377 -19.63 21.42 -30.13
C MET A 377 -20.76 21.68 -31.12
N LEU A 378 -22.00 21.73 -30.64
CA LEU A 378 -23.14 21.72 -31.56
C LEU A 378 -23.36 23.07 -32.26
N PRO A 379 -23.40 24.21 -31.57
CA PRO A 379 -23.75 25.46 -32.26
C PRO A 379 -22.74 25.82 -33.33
N ALA A 380 -23.24 26.47 -34.39
CA ALA A 380 -22.39 26.91 -35.48
C ALA A 380 -21.48 28.05 -35.03
N GLY A 381 -20.51 28.37 -35.89
CA GLY A 381 -19.57 29.44 -35.56
C GLY A 381 -20.26 30.79 -35.40
N GLU A 382 -21.26 31.05 -36.24
CA GLU A 382 -22.01 32.30 -36.11
C GLU A 382 -22.76 32.36 -34.79
N SER A 383 -23.25 31.23 -34.30
CA SER A 383 -23.87 31.19 -32.98
C SER A 383 -22.90 31.65 -31.92
N LEU A 384 -21.67 31.13 -31.95
CA LEU A 384 -20.68 31.52 -30.95
C LEU A 384 -20.33 33.00 -31.05
N ILE A 385 -20.16 33.49 -32.29
CA ILE A 385 -19.81 34.89 -32.48
C ILE A 385 -20.94 35.79 -31.97
N ARG A 386 -22.19 35.41 -32.24
CA ARG A 386 -23.32 36.23 -31.79
C ARG A 386 -23.49 36.18 -30.27
N GLN A 387 -23.25 35.01 -29.66
CA GLN A 387 -23.24 34.94 -28.20
C GLN A 387 -22.24 35.93 -27.63
N ILE A 388 -21.02 35.92 -28.16
CA ILE A 388 -19.98 36.82 -27.67
C ILE A 388 -20.40 38.27 -27.88
N ALA A 389 -20.92 38.59 -29.07
CA ALA A 389 -21.25 39.97 -29.39
C ALA A 389 -22.34 40.51 -28.48
N TYR A 390 -23.43 39.74 -28.32
CA TYR A 390 -24.54 40.22 -27.49
C TYR A 390 -24.14 40.31 -26.03
N GLY A 391 -23.41 39.32 -25.52
CA GLY A 391 -22.96 39.39 -24.14
C GLY A 391 -22.04 40.56 -23.87
N ARG A 392 -21.09 40.81 -24.78
CA ARG A 392 -20.18 41.93 -24.62
C ARG A 392 -20.92 43.25 -24.69
N LYS A 393 -21.88 43.38 -25.61
CA LYS A 393 -22.64 44.62 -25.69
C LYS A 393 -23.42 44.86 -24.40
N TYR A 394 -24.05 43.81 -23.86
CA TYR A 394 -24.78 43.99 -22.60
C TYR A 394 -23.85 44.38 -21.47
N PHE A 395 -22.69 43.72 -21.37
CA PHE A 395 -21.77 44.03 -20.28
C PHE A 395 -21.26 45.46 -20.39
N LYS A 396 -20.96 45.92 -21.61
CA LYS A 396 -20.45 47.27 -21.79
C LYS A 396 -21.52 48.31 -21.49
N GLU A 397 -22.75 48.09 -21.95
CA GLU A 397 -23.77 49.12 -21.83
C GLU A 397 -24.57 49.07 -20.53
N HIS A 398 -24.41 48.03 -19.73
CA HIS A 398 -25.19 47.91 -18.50
C HIS A 398 -24.38 47.73 -17.24
N LEU A 399 -23.13 47.27 -17.32
CA LEU A 399 -22.27 47.13 -16.16
C LEU A 399 -20.94 47.86 -16.27
N GLY A 400 -20.53 48.27 -17.47
CA GLY A 400 -19.25 48.94 -17.66
C GLY A 400 -18.05 48.06 -17.38
N VAL A 401 -18.11 46.79 -17.77
CA VAL A 401 -17.03 45.83 -17.56
C VAL A 401 -16.75 45.13 -18.87
N GLU A 402 -15.47 44.93 -19.17
CA GLU A 402 -15.04 44.19 -20.36
C GLU A 402 -14.26 42.95 -19.92
N PRO A 403 -14.84 41.75 -20.00
CA PRO A 403 -14.13 40.55 -19.58
C PRO A 403 -12.97 40.23 -20.50
N LYS A 404 -11.96 39.56 -19.95
CA LYS A 404 -10.77 39.18 -20.70
C LYS A 404 -10.63 37.67 -20.86
N GLY A 405 -11.63 36.90 -20.46
CA GLY A 405 -11.53 35.45 -20.53
C GLY A 405 -12.87 34.82 -20.81
N VAL A 406 -12.82 33.63 -21.40
CA VAL A 406 -14.03 32.86 -21.69
C VAL A 406 -14.30 31.94 -20.51
N TRP A 407 -15.49 32.06 -19.93
CA TRP A 407 -15.86 31.36 -18.70
C TRP A 407 -16.94 30.34 -19.03
N LEU A 408 -16.53 29.10 -19.29
CA LEU A 408 -17.44 28.01 -19.63
C LEU A 408 -17.09 26.79 -18.79
N PRO A 409 -17.38 26.81 -17.50
CA PRO A 409 -16.98 25.69 -16.63
C PRO A 409 -17.60 24.36 -17.02
N ASP A 410 -18.86 24.22 -17.44
CA ASP A 410 -19.56 22.95 -17.73
C ASP A 410 -19.99 23.01 -19.15
N SER A 411 -19.56 22.15 -20.05
CA SER A 411 -19.93 21.99 -21.45
C SER A 411 -19.43 20.65 -21.92
N PHE A 412 -20.22 19.98 -22.77
CA PHE A 412 -19.89 18.63 -23.21
C PHE A 412 -18.96 18.66 -24.42
N GLY A 413 -17.76 19.19 -24.19
CA GLY A 413 -16.73 19.22 -25.20
C GLY A 413 -16.67 20.56 -25.94
N TYR A 414 -15.54 20.79 -26.59
CA TYR A 414 -15.28 22.05 -27.27
C TYR A 414 -14.76 21.77 -28.68
N THR A 415 -15.14 22.65 -29.62
CA THR A 415 -15.08 22.33 -31.03
C THR A 415 -13.67 22.34 -31.61
N GLY A 416 -12.75 23.11 -31.05
CA GLY A 416 -11.43 23.27 -31.64
C GLY A 416 -11.28 24.48 -32.52
N ALA A 417 -12.38 25.07 -32.98
CA ALA A 417 -12.37 26.40 -33.57
C ALA A 417 -12.50 27.49 -32.51
N TRP A 418 -12.72 27.11 -31.26
CA TRP A 418 -12.84 28.09 -30.18
C TRP A 418 -11.61 28.98 -30.00
N PRO A 419 -10.37 28.47 -30.02
CA PRO A 419 -9.23 29.37 -29.76
C PRO A 419 -9.13 30.54 -30.72
N GLN A 420 -9.40 30.33 -32.01
CA GLN A 420 -9.28 31.44 -32.95
C GLN A 420 -10.40 32.45 -32.77
N ILE A 421 -11.63 31.98 -32.53
CA ILE A 421 -12.74 32.90 -32.32
C ILE A 421 -12.52 33.72 -31.06
N ALA A 422 -12.08 33.06 -29.98
CA ALA A 422 -11.80 33.79 -28.75
C ALA A 422 -10.65 34.77 -28.91
N ARG A 423 -9.61 34.37 -29.65
CA ARG A 423 -8.47 35.27 -29.84
C ARG A 423 -8.82 36.46 -30.72
N ARG A 424 -9.69 36.27 -31.70
CA ARG A 424 -10.07 37.35 -32.61
C ARG A 424 -11.19 38.20 -32.04
N ALA A 425 -11.71 37.88 -30.87
CA ALA A 425 -12.70 38.71 -30.20
C ALA A 425 -12.12 39.57 -29.09
N GLY A 426 -10.90 39.28 -28.65
CA GLY A 426 -10.26 40.04 -27.61
C GLY A 426 -10.05 39.31 -26.30
N TYR A 427 -10.37 38.03 -26.21
CA TYR A 427 -10.17 37.27 -24.99
C TYR A 427 -8.71 36.84 -24.86
N GLU A 428 -8.30 36.57 -23.63
CA GLU A 428 -6.92 36.20 -23.35
C GLU A 428 -6.75 34.88 -22.61
N TRP A 429 -7.80 34.32 -22.03
CA TRP A 429 -7.67 33.03 -21.36
C TRP A 429 -9.00 32.30 -21.40
N PHE A 430 -8.94 31.00 -21.10
CA PHE A 430 -10.08 30.09 -21.19
C PHE A 430 -10.16 29.29 -19.90
N LEU A 431 -11.39 29.01 -19.45
CA LEU A 431 -11.61 28.25 -18.23
C LEU A 431 -12.60 27.13 -18.49
N THR A 432 -12.31 25.96 -17.92
CA THR A 432 -13.13 24.77 -18.13
C THR A 432 -12.77 23.74 -17.07
N GLN A 433 -13.75 22.93 -16.67
CA GLN A 433 -13.49 21.82 -15.76
C GLN A 433 -14.20 20.53 -16.16
N LYS A 434 -14.86 20.50 -17.32
CA LYS A 434 -15.67 19.33 -17.67
C LYS A 434 -14.81 18.15 -18.13
N ILE A 435 -13.65 18.42 -18.71
CA ILE A 435 -12.81 17.38 -19.27
C ILE A 435 -12.32 16.40 -18.22
N SER A 436 -12.44 16.75 -16.94
CA SER A 436 -12.10 15.83 -15.86
C SER A 436 -13.06 14.66 -15.74
N TRP A 437 -14.18 14.68 -16.46
CA TRP A 437 -15.17 13.63 -16.39
C TRP A 437 -14.92 12.52 -17.41
N ASN A 438 -13.71 12.41 -17.93
CA ASN A 438 -13.42 11.48 -19.01
C ASN A 438 -13.54 10.03 -18.55
N ASP A 439 -14.01 9.18 -19.46
CA ASP A 439 -14.13 7.76 -19.17
C ASP A 439 -12.77 7.10 -19.00
N THR A 440 -11.87 7.32 -19.95
CA THR A 440 -10.68 6.50 -20.10
C THR A 440 -9.39 7.24 -19.79
N THR A 441 -9.14 8.36 -20.46
CA THR A 441 -7.84 9.02 -20.39
C THR A 441 -7.87 10.19 -19.43
N LYS A 442 -6.68 10.51 -18.92
CA LYS A 442 -6.45 11.71 -18.13
C LYS A 442 -5.78 12.75 -19.02
N PHE A 443 -6.36 13.94 -19.09
CA PHE A 443 -5.78 14.97 -19.94
C PHE A 443 -4.39 15.34 -19.42
N PRO A 444 -3.41 15.49 -20.30
CA PRO A 444 -2.02 15.62 -19.85
C PRO A 444 -1.73 16.88 -19.05
N HIS A 445 -2.54 17.93 -19.16
CA HIS A 445 -2.20 19.22 -18.56
C HIS A 445 -3.42 19.81 -17.84
N HIS A 446 -3.14 20.67 -16.86
CA HIS A 446 -4.13 21.58 -16.32
C HIS A 446 -3.93 23.03 -16.72
N SER A 447 -2.68 23.46 -16.93
CA SER A 447 -2.37 24.79 -17.44
C SER A 447 -1.58 24.64 -18.72
N PHE A 448 -2.11 25.16 -19.82
CA PHE A 448 -1.47 24.91 -21.11
C PHE A 448 -1.90 25.96 -22.13
N MET A 449 -1.26 25.91 -23.29
CA MET A 449 -1.70 26.62 -24.49
C MET A 449 -2.59 25.70 -25.32
N TRP A 450 -3.85 26.07 -25.46
CA TRP A 450 -4.77 25.41 -26.37
C TRP A 450 -4.67 26.09 -27.72
N GLU A 451 -4.30 25.31 -28.74
CA GLU A 451 -4.12 25.79 -30.10
C GLU A 451 -5.19 25.16 -30.98
N GLY A 452 -5.85 25.99 -31.78
CA GLY A 452 -6.93 25.51 -32.62
C GLY A 452 -6.42 24.85 -33.89
N ILE A 453 -7.37 24.52 -34.76
CA ILE A 453 -7.02 23.89 -36.03
C ILE A 453 -6.32 24.85 -36.97
N ASP A 454 -6.19 26.13 -36.60
CA ASP A 454 -5.51 27.13 -37.41
C ASP A 454 -4.11 27.45 -36.91
N GLY A 455 -3.93 27.61 -35.61
CA GLY A 455 -2.64 27.96 -35.07
C GLY A 455 -2.70 28.99 -33.95
N SER A 456 -3.86 29.60 -33.77
CA SER A 456 -4.02 30.59 -32.70
C SER A 456 -4.02 29.88 -31.36
N ARG A 457 -3.25 30.41 -30.41
CA ARG A 457 -3.10 29.83 -29.09
C ARG A 457 -3.76 30.71 -28.04
N ILE A 458 -4.41 30.08 -27.07
CA ILE A 458 -4.96 30.76 -25.92
C ILE A 458 -4.51 30.01 -24.67
N PHE A 459 -4.51 30.72 -23.54
CA PHE A 459 -4.05 30.14 -22.28
C PHE A 459 -5.25 29.53 -21.56
N THR A 460 -5.23 28.21 -21.40
CA THR A 460 -6.32 27.47 -20.79
C THR A 460 -5.88 26.88 -19.46
N HIS A 461 -6.78 26.89 -18.48
CA HIS A 461 -6.54 26.34 -17.17
C HIS A 461 -7.72 25.44 -16.77
N PHE A 462 -7.42 24.26 -16.25
CA PHE A 462 -8.41 23.34 -15.72
C PHE A 462 -8.29 23.29 -14.21
N PRO A 463 -9.25 23.81 -13.45
CA PRO A 463 -9.17 23.75 -11.99
C PRO A 463 -8.96 22.33 -11.50
N PRO A 464 -7.84 22.05 -10.84
CA PRO A 464 -7.52 20.66 -10.46
C PRO A 464 -8.41 20.11 -9.35
N ALA A 465 -9.26 20.93 -8.74
CA ALA A 465 -10.19 20.42 -7.74
C ALA A 465 -11.31 19.59 -8.33
N ASP A 466 -11.42 19.55 -9.67
CA ASP A 466 -12.38 18.73 -10.40
C ASP A 466 -13.82 19.15 -10.17
N THR A 467 -14.05 20.38 -9.74
CA THR A 467 -15.41 20.86 -9.53
C THR A 467 -15.44 22.38 -9.68
N TYR A 468 -16.60 22.89 -10.06
CA TYR A 468 -16.85 24.33 -10.06
C TYR A 468 -17.51 24.81 -8.79
N ALA A 469 -17.77 23.91 -7.84
CA ALA A 469 -18.47 24.24 -6.59
C ALA A 469 -17.83 23.43 -5.46
N ALA A 470 -16.85 24.03 -4.80
CA ALA A 470 -16.12 23.38 -3.73
C ALA A 470 -16.67 23.79 -2.37
N TRP A 471 -16.59 22.87 -1.41
CA TRP A 471 -17.09 23.09 -0.06
C TRP A 471 -16.01 23.55 0.91
N CYS A 472 -14.80 23.78 0.42
CA CYS A 472 -13.68 24.30 1.22
C CYS A 472 -13.30 23.33 2.33
N LYS A 473 -12.98 22.11 1.94
CA LYS A 473 -12.54 21.06 2.84
C LYS A 473 -11.07 20.75 2.60
N VAL A 474 -10.42 20.19 3.62
CA VAL A 474 -9.03 19.76 3.48
C VAL A 474 -8.93 18.62 2.47
N GLN A 475 -9.97 17.79 2.37
CA GLN A 475 -9.97 16.71 1.38
C GLN A 475 -9.87 17.28 -0.03
N GLU A 476 -10.64 18.31 -0.34
CA GLU A 476 -10.61 18.90 -1.67
C GLU A 476 -9.25 19.52 -1.97
N LEU A 477 -8.67 20.24 -1.01
CA LEU A 477 -7.38 20.86 -1.23
C LEU A 477 -6.29 19.82 -1.45
N ASP A 478 -6.29 18.75 -0.65
CA ASP A 478 -5.30 17.70 -0.80
C ASP A 478 -5.43 17.00 -2.15
N TYR A 479 -6.68 16.66 -2.53
CA TYR A 479 -6.91 16.00 -3.81
C TYR A 479 -6.46 16.88 -4.95
N ALA A 480 -6.79 18.17 -4.89
CA ALA A 480 -6.37 19.10 -5.94
C ALA A 480 -4.86 19.19 -6.02
N GLU A 481 -4.18 19.24 -4.86
CA GLU A 481 -2.74 19.42 -4.87
C GLU A 481 -2.04 18.20 -5.45
N LYS A 482 -2.53 17.00 -5.17
CA LYS A 482 -1.89 15.82 -5.74
C LYS A 482 -2.49 15.40 -7.07
N ASN A 483 -3.48 16.12 -7.58
CA ASN A 483 -4.03 15.84 -8.90
C ASN A 483 -3.45 16.74 -10.00
N PHE A 484 -2.81 17.85 -9.62
CA PHE A 484 -2.24 18.78 -10.59
C PHE A 484 -1.22 18.09 -11.49
N GLN A 485 -1.33 18.34 -12.79
CA GLN A 485 -0.50 17.67 -13.79
C GLN A 485 0.68 18.50 -14.24
N ASP A 486 0.95 19.64 -13.59
CA ASP A 486 2.03 20.53 -13.97
C ASP A 486 2.83 20.94 -12.74
N LYS A 487 3.13 19.97 -11.87
CA LYS A 487 3.89 20.26 -10.67
C LYS A 487 5.34 20.64 -10.96
N ASP A 488 5.86 20.29 -12.14
CA ASP A 488 7.25 20.55 -12.46
C ASP A 488 7.47 21.94 -13.07
N LEU A 489 6.42 22.62 -13.50
CA LEU A 489 6.56 23.92 -14.15
C LEU A 489 5.74 25.03 -13.52
N SER A 490 4.76 24.71 -12.68
CA SER A 490 3.90 25.74 -12.11
C SER A 490 3.42 25.28 -10.73
N ASP A 491 3.05 26.25 -9.91
CA ASP A 491 2.49 25.96 -8.59
C ASP A 491 1.32 26.87 -8.29
N ARG A 492 0.49 27.13 -9.30
CA ARG A 492 -0.67 28.00 -9.16
C ARG A 492 -1.90 27.31 -9.73
N SER A 493 -3.01 27.42 -9.01
CA SER A 493 -4.27 26.86 -9.45
C SER A 493 -5.42 27.71 -8.91
N LEU A 494 -6.57 27.59 -9.54
CA LEU A 494 -7.75 28.38 -9.20
C LEU A 494 -8.82 27.50 -8.57
N LEU A 495 -9.40 27.99 -7.49
CA LEU A 495 -10.44 27.28 -6.75
C LEU A 495 -11.76 28.03 -6.88
N LEU A 496 -12.80 27.31 -7.29
CA LEU A 496 -14.16 27.84 -7.40
C LEU A 496 -14.98 27.19 -6.28
N PHE A 497 -15.40 27.98 -5.30
CA PHE A 497 -16.07 27.46 -4.13
C PHE A 497 -17.45 28.05 -3.97
N GLY A 498 -18.40 27.19 -3.61
CA GLY A 498 -19.79 27.58 -3.46
C GLY A 498 -20.69 26.39 -3.70
N PHE A 499 -21.98 26.67 -3.78
CA PHE A 499 -22.99 25.69 -4.16
C PHE A 499 -23.49 26.01 -5.55
N GLY A 500 -23.58 25.00 -6.40
CA GLY A 500 -23.81 25.22 -7.82
C GLY A 500 -24.77 24.22 -8.42
N ASP A 501 -25.08 24.47 -9.70
CA ASP A 501 -26.00 23.83 -10.65
C ASP A 501 -27.46 24.18 -10.37
N GLY A 502 -27.78 24.83 -9.26
CA GLY A 502 -29.14 25.24 -8.98
C GLY A 502 -29.17 26.53 -8.18
N GLY A 503 -28.02 27.21 -8.11
CA GLY A 503 -27.90 28.38 -7.29
C GLY A 503 -27.32 28.06 -5.93
N GLY A 504 -27.64 28.88 -4.93
CA GLY A 504 -27.06 28.71 -3.61
C GLY A 504 -25.91 29.67 -3.39
N GLY A 505 -24.69 29.16 -3.54
CA GLY A 505 -23.51 30.00 -3.46
C GLY A 505 -22.70 29.75 -2.20
N PRO A 506 -21.62 30.51 -2.04
CA PRO A 506 -20.81 30.37 -0.81
C PRO A 506 -21.57 30.80 0.42
N THR A 507 -21.20 30.19 1.55
CA THR A 507 -21.80 30.46 2.84
C THR A 507 -20.78 31.12 3.76
N ARG A 508 -21.23 31.44 4.97
CA ARG A 508 -20.33 32.02 5.97
C ARG A 508 -19.33 30.98 6.47
N ASN A 509 -19.75 29.73 6.59
CA ASN A 509 -18.87 28.67 7.06
C ASN A 509 -17.72 28.43 6.08
N MET A 510 -17.99 28.50 4.78
CA MET A 510 -16.94 28.31 3.79
C MET A 510 -15.86 29.38 3.94
N MET A 511 -16.25 30.64 4.08
CA MET A 511 -15.28 31.70 4.26
C MET A 511 -14.55 31.55 5.58
N GLU A 512 -15.15 31.05 6.62
CA GLU A 512 -14.53 30.90 7.96
C GLU A 512 -13.56 29.74 7.94
N HIS A 513 -13.76 28.81 7.06
CA HIS A 513 -12.73 27.79 6.84
C HIS A 513 -11.58 28.32 5.99
N LEU A 514 -11.92 29.06 4.92
CA LEU A 514 -10.89 29.59 4.04
C LEU A 514 -9.96 30.53 4.77
N HIS A 515 -10.47 31.23 5.79
CA HIS A 515 -9.60 32.10 6.59
C HIS A 515 -8.55 31.29 7.33
N ARG A 516 -8.93 30.12 7.86
CA ARG A 516 -7.95 29.24 8.47
C ARG A 516 -6.94 28.75 7.44
N TYR A 517 -7.41 28.41 6.25
CA TYR A 517 -6.50 27.80 5.26
C TYR A 517 -5.44 28.76 4.71
N GLU A 518 -5.27 30.00 5.20
CA GLU A 518 -4.38 30.94 4.54
C GLU A 518 -2.92 30.54 4.67
N ASN A 519 -2.47 30.21 5.88
CA ASN A 519 -1.09 29.77 6.13
C ASN A 519 -1.15 28.63 7.15
N LEU A 520 -1.28 27.41 6.66
CA LEU A 520 -1.46 26.26 7.53
C LEU A 520 -0.60 25.10 7.06
N GLU A 521 0.04 24.42 7.99
CA GLU A 521 0.89 23.29 7.65
C GLU A 521 0.04 22.11 7.18
N GLY A 522 0.53 21.43 6.14
CA GLY A 522 -0.20 20.33 5.55
C GLY A 522 -1.26 20.72 4.57
N VAL A 523 -1.45 22.01 4.30
CA VAL A 523 -2.46 22.52 3.39
C VAL A 523 -1.79 23.48 2.43
N SER A 524 -2.38 23.64 1.25
CA SER A 524 -1.94 24.65 0.30
C SER A 524 -2.17 26.05 0.87
N LYS A 525 -1.67 27.06 0.18
CA LYS A 525 -1.82 28.45 0.59
C LYS A 525 -2.96 29.05 -0.22
N VAL A 526 -4.05 29.41 0.46
CA VAL A 526 -5.27 29.89 -0.17
C VAL A 526 -5.35 31.40 -0.02
N SER A 527 -5.84 32.07 -1.05
CA SER A 527 -6.01 33.51 -1.03
C SER A 527 -7.17 33.90 -1.95
N ILE A 528 -8.03 34.79 -1.47
CA ILE A 528 -9.13 35.28 -2.30
C ILE A 528 -8.56 36.23 -3.35
N GLU A 529 -8.84 35.96 -4.62
CA GLU A 529 -8.21 36.69 -5.70
C GLU A 529 -9.16 36.79 -6.89
N GLU A 530 -9.08 37.91 -7.59
CA GLU A 530 -9.79 38.07 -8.85
C GLU A 530 -9.22 37.13 -9.89
N PRO A 531 -10.07 36.50 -10.72
CA PRO A 531 -9.55 35.55 -11.72
C PRO A 531 -8.59 36.16 -12.73
N ASN A 532 -8.77 37.44 -13.08
CA ASN A 532 -7.83 38.09 -13.99
C ASN A 532 -6.42 38.11 -13.41
N ASP A 533 -6.31 38.46 -12.13
CA ASP A 533 -5.00 38.49 -11.48
C ASP A 533 -4.39 37.10 -11.41
N PHE A 534 -5.20 36.09 -11.08
CA PHE A 534 -4.68 34.73 -11.04
C PHE A 534 -4.14 34.31 -12.40
N PHE A 535 -4.89 34.59 -13.46
CA PHE A 535 -4.46 34.17 -14.79
C PHE A 535 -3.19 34.89 -15.21
N ASP A 536 -3.10 36.19 -14.91
CA ASP A 536 -1.87 36.92 -15.20
C ASP A 536 -0.67 36.28 -14.48
N LYS A 537 -0.81 36.05 -13.17
CA LYS A 537 0.31 35.52 -12.40
C LYS A 537 0.70 34.13 -12.86
N ALA A 538 -0.28 33.26 -13.10
CA ALA A 538 0.00 31.89 -13.52
C ALA A 538 0.66 31.86 -14.89
N HIS A 539 0.17 32.67 -15.84
CA HIS A 539 0.79 32.70 -17.15
C HIS A 539 2.22 33.24 -17.07
N GLN A 540 2.44 34.26 -16.24
CA GLN A 540 3.79 34.81 -16.10
C GLN A 540 4.75 33.75 -15.54
N GLN A 541 4.31 33.04 -14.50
CA GLN A 541 5.17 32.00 -13.91
C GLN A 541 5.45 30.89 -14.91
N LEU A 542 4.43 30.46 -15.65
CA LEU A 542 4.61 29.39 -16.62
C LEU A 542 5.58 29.81 -17.72
N ALA A 543 5.41 31.03 -18.25
CA ALA A 543 6.30 31.50 -19.30
C ALA A 543 7.72 31.68 -18.81
N GLU A 544 7.89 32.11 -17.55
CA GLU A 544 9.24 32.31 -17.04
C GLU A 544 9.95 30.98 -16.80
N ASN A 545 9.25 30.01 -16.22
CA ASN A 545 9.90 28.73 -15.91
C ASN A 545 10.10 27.89 -17.16
N ALA A 546 9.11 27.82 -18.04
CA ALA A 546 9.14 26.87 -19.15
C ALA A 546 10.06 27.33 -20.27
N GLY A 547 9.76 28.46 -20.88
CA GLY A 547 10.49 28.93 -22.03
C GLY A 547 10.07 28.20 -23.30
N PRO A 548 10.96 27.38 -23.84
CA PRO A 548 10.60 26.61 -25.05
C PRO A 548 9.72 25.41 -24.72
N GLU A 549 9.91 24.83 -23.54
CA GLU A 549 9.15 23.65 -23.14
C GLU A 549 7.80 24.02 -22.55
N MET A 550 7.00 24.78 -23.29
CA MET A 550 5.73 25.13 -22.66
C MET A 550 4.63 24.20 -23.14
N PRO A 551 3.76 23.72 -22.26
CA PRO A 551 2.73 22.76 -22.67
C PRO A 551 1.80 23.32 -23.74
N VAL A 552 1.62 22.55 -24.80
CA VAL A 552 0.76 22.92 -25.91
C VAL A 552 -0.10 21.71 -26.27
N TRP A 553 -1.40 21.96 -26.51
CA TRP A 553 -2.31 20.96 -27.03
C TRP A 553 -2.99 21.52 -28.26
N LYS A 554 -2.88 20.83 -29.39
CA LYS A 554 -3.47 21.27 -30.64
C LYS A 554 -4.63 20.37 -31.03
N GLY A 555 -5.73 20.99 -31.45
CA GLY A 555 -6.91 20.27 -31.88
C GLY A 555 -8.15 20.71 -31.10
N GLU A 556 -9.03 19.76 -30.84
CA GLU A 556 -10.25 19.99 -30.08
C GLU A 556 -10.09 19.42 -28.68
N LEU A 557 -11.10 19.66 -27.84
CA LEU A 557 -11.15 19.12 -26.48
C LEU A 557 -12.32 18.15 -26.42
N TYR A 558 -12.06 16.90 -26.80
CA TYR A 558 -13.11 15.89 -26.84
C TYR A 558 -13.38 15.36 -25.44
N LEU A 559 -14.66 15.25 -25.09
CA LEU A 559 -15.08 14.75 -23.80
C LEU A 559 -15.52 13.31 -23.93
N GLU A 560 -14.86 12.41 -23.19
CA GLU A 560 -15.18 10.99 -23.22
C GLU A 560 -16.29 10.70 -22.20
N LEU A 561 -17.47 11.21 -22.51
CA LEU A 561 -18.66 11.07 -21.68
C LEU A 561 -19.82 11.73 -22.40
N HIS A 562 -21.04 11.35 -22.01
CA HIS A 562 -22.27 11.99 -22.48
C HIS A 562 -22.34 12.00 -24.01
N ARG A 563 -22.01 10.85 -24.61
CA ARG A 563 -22.00 10.76 -26.07
C ARG A 563 -23.38 10.70 -26.67
N GLY A 564 -24.41 10.40 -25.88
CA GLY A 564 -25.77 10.37 -26.36
C GLY A 564 -26.42 11.72 -26.51
N THR A 565 -25.73 12.79 -26.13
CA THR A 565 -26.25 14.14 -26.23
C THR A 565 -26.33 14.63 -27.67
N LEU A 566 -25.72 13.93 -28.62
CA LEU A 566 -25.80 14.32 -30.02
C LEU A 566 -27.08 13.86 -30.68
N THR A 567 -27.90 13.06 -30.01
CA THR A 567 -29.07 12.46 -30.64
C THR A 567 -30.34 12.70 -29.83
N SER A 568 -30.18 12.91 -28.52
CA SER A 568 -31.34 13.08 -27.65
C SER A 568 -32.09 14.36 -28.00
N GLN A 569 -33.42 14.26 -28.05
CA GLN A 569 -34.30 15.39 -28.35
C GLN A 569 -33.94 16.00 -29.71
N GLN A 570 -34.16 15.19 -30.76
CA GLN A 570 -33.74 15.54 -32.10
C GLN A 570 -34.34 16.88 -32.57
N ASP A 571 -35.51 17.25 -32.04
CA ASP A 571 -36.13 18.50 -32.45
C ASP A 571 -35.25 19.69 -32.12
N MET A 572 -34.48 19.62 -31.04
CA MET A 572 -33.60 20.72 -30.68
C MET A 572 -32.56 20.99 -31.75
N LYS A 573 -31.84 19.93 -32.17
CA LYS A 573 -30.83 20.08 -33.21
C LYS A 573 -31.46 20.47 -34.53
N ARG A 574 -32.59 19.85 -34.86
CA ARG A 574 -33.33 20.20 -36.07
C ARG A 574 -33.62 21.69 -36.12
N GLY A 575 -34.23 22.21 -35.05
CA GLY A 575 -34.59 23.61 -35.01
C GLY A 575 -33.39 24.53 -34.99
N CYS A 576 -32.32 24.14 -34.29
CA CYS A 576 -31.13 24.98 -34.26
C CYS A 576 -30.55 25.16 -35.66
N ARG A 577 -30.33 24.05 -36.37
CA ARG A 577 -29.75 24.16 -37.71
C ARG A 577 -30.68 24.88 -38.66
N GLN A 578 -31.99 24.60 -38.59
CA GLN A 578 -32.92 25.25 -39.50
C GLN A 578 -33.00 26.75 -39.24
N GLU A 579 -33.01 27.16 -37.98
CA GLU A 579 -33.10 28.59 -37.67
C GLU A 579 -31.84 29.33 -38.08
N GLU A 580 -30.66 28.70 -37.90
CA GLU A 580 -29.44 29.34 -38.39
C GLU A 580 -29.46 29.46 -39.92
N SER A 581 -29.87 28.39 -40.61
CA SER A 581 -29.87 28.42 -42.06
C SER A 581 -30.87 29.43 -42.61
N LEU A 582 -31.94 29.69 -41.87
CA LEU A 582 -32.90 30.70 -42.30
C LEU A 582 -32.45 32.10 -41.93
N LEU A 583 -31.79 32.26 -40.77
CA LEU A 583 -31.28 33.57 -40.37
C LEU A 583 -30.23 34.08 -41.34
N ARG A 584 -29.38 33.18 -41.84
CA ARG A 584 -28.37 33.60 -42.82
C ARG A 584 -29.04 34.23 -44.04
N THR A 585 -30.03 33.54 -44.60
CA THR A 585 -30.74 34.06 -45.77
C THR A 585 -31.45 35.36 -45.46
N VAL A 586 -32.11 35.44 -44.30
CA VAL A 586 -32.87 36.65 -43.97
C VAL A 586 -31.93 37.84 -43.84
N GLU A 587 -30.79 37.66 -43.17
CA GLU A 587 -29.84 38.76 -43.02
C GLU A 587 -29.25 39.17 -44.36
N TYR A 588 -28.93 38.22 -45.22
CA TYR A 588 -28.41 38.58 -46.54
C TYR A 588 -29.45 39.35 -47.35
N LEU A 589 -30.71 38.91 -47.29
CA LEU A 589 -31.76 39.61 -48.03
C LEU A 589 -31.99 41.00 -47.48
N GLY A 590 -31.93 41.17 -46.17
CA GLY A 590 -32.05 42.50 -45.59
C GLY A 590 -30.92 43.42 -46.01
N ALA A 591 -29.69 42.90 -46.01
CA ALA A 591 -28.56 43.69 -46.46
C ALA A 591 -28.73 44.09 -47.92
N ALA A 592 -29.18 43.17 -48.77
CA ALA A 592 -29.37 43.48 -50.18
C ALA A 592 -30.50 44.49 -50.38
N ALA A 593 -31.55 44.41 -49.56
CA ALA A 593 -32.69 45.30 -49.74
C ALA A 593 -32.36 46.71 -49.26
N VAL A 594 -31.59 46.84 -48.19
CA VAL A 594 -31.24 48.17 -47.70
C VAL A 594 -30.41 48.92 -48.74
N LEU A 595 -29.47 48.23 -49.38
CA LEU A 595 -28.65 48.84 -50.41
C LEU A 595 -29.42 49.13 -51.70
N SER A 596 -30.64 48.60 -51.83
CA SER A 596 -31.43 48.81 -53.03
C SER A 596 -32.57 49.80 -52.83
N ASP A 597 -32.97 50.07 -51.59
CA ASP A 597 -34.09 50.97 -51.33
C ASP A 597 -33.78 51.85 -50.13
N PRO A 598 -33.55 53.15 -50.34
CA PRO A 598 -33.35 54.04 -49.19
C PRO A 598 -34.57 54.17 -48.30
N GLU A 599 -35.77 53.82 -48.80
CA GLU A 599 -36.99 53.93 -48.03
C GLU A 599 -37.33 52.67 -47.25
N TYR A 600 -36.50 51.63 -47.35
CA TYR A 600 -36.72 50.40 -46.60
C TYR A 600 -36.05 50.51 -45.23
N VAL A 601 -36.75 50.01 -44.21
CA VAL A 601 -36.27 50.06 -42.84
C VAL A 601 -35.98 48.64 -42.37
N TYR A 602 -34.76 48.42 -41.91
CA TYR A 602 -34.33 47.09 -41.48
C TYR A 602 -34.95 46.76 -40.12
N PRO A 603 -35.62 45.62 -39.98
CA PRO A 603 -36.21 45.26 -38.70
C PRO A 603 -35.15 44.81 -37.69
N ARG A 604 -34.51 45.77 -37.02
CA ARG A 604 -33.38 45.43 -36.16
C ARG A 604 -33.82 44.84 -34.82
N GLU A 605 -34.79 45.47 -34.16
CA GLU A 605 -35.16 45.04 -32.81
C GLU A 605 -35.79 43.65 -32.79
N GLU A 606 -36.64 43.33 -33.76
CA GLU A 606 -37.27 42.02 -33.81
C GLU A 606 -36.27 40.91 -34.12
N LEU A 607 -35.33 41.18 -35.03
CA LEU A 607 -34.28 40.21 -35.29
C LEU A 607 -33.36 40.04 -34.08
N ASP A 608 -33.10 41.12 -33.33
CA ASP A 608 -32.35 40.98 -32.09
C ASP A 608 -33.08 40.09 -31.10
N ARG A 609 -34.39 40.27 -30.97
CA ARG A 609 -35.17 39.43 -30.07
C ARG A 609 -35.12 37.97 -30.48
N ILE A 610 -35.26 37.70 -31.79
CA ILE A 610 -35.20 36.33 -32.27
C ILE A 610 -33.83 35.73 -32.03
N TRP A 611 -32.77 36.49 -32.29
CA TRP A 611 -31.41 36.01 -32.04
C TRP A 611 -31.22 35.67 -30.58
N LYS A 612 -31.69 36.53 -29.68
CA LYS A 612 -31.52 36.27 -28.26
C LYS A 612 -32.29 35.03 -27.83
N THR A 613 -33.50 34.83 -28.38
CA THR A 613 -34.23 33.61 -28.07
C THR A 613 -33.47 32.36 -28.51
N LEU A 614 -32.91 32.39 -29.72
CA LEU A 614 -32.13 31.25 -30.21
C LEU A 614 -30.91 31.01 -29.33
N LEU A 615 -30.19 32.08 -28.97
CA LEU A 615 -29.01 31.93 -28.14
C LEU A 615 -29.35 31.35 -26.78
N LEU A 616 -30.47 31.77 -26.19
CA LEU A 616 -30.92 31.16 -24.95
C LEU A 616 -31.22 29.68 -25.14
N ASN A 617 -31.86 29.33 -26.26
CA ASN A 617 -32.13 27.92 -26.55
C ASN A 617 -30.87 27.11 -26.80
N GLN A 618 -29.72 27.75 -27.05
CA GLN A 618 -28.46 27.04 -27.23
C GLN A 618 -27.72 26.78 -25.92
N PHE A 619 -28.29 26.45 -24.80
CA PHE A 619 -27.61 26.33 -23.51
C PHE A 619 -27.12 24.93 -23.28
N HIS A 620 -26.16 24.69 -22.39
CA HIS A 620 -25.52 23.40 -22.09
C HIS A 620 -26.45 22.35 -21.55
N ASP A 621 -27.71 22.59 -21.38
CA ASP A 621 -28.61 21.50 -20.99
C ASP A 621 -29.86 21.53 -21.85
N ILE A 622 -30.04 22.56 -22.67
CA ILE A 622 -31.21 22.54 -23.53
C ILE A 622 -30.89 21.98 -24.91
N LEU A 623 -29.85 22.51 -25.54
CA LEU A 623 -29.44 22.01 -26.85
C LEU A 623 -29.04 20.54 -26.82
N PRO A 624 -28.24 20.06 -25.86
CA PRO A 624 -27.97 18.61 -25.81
C PRO A 624 -29.22 17.77 -25.65
N GLY A 625 -30.24 18.27 -24.97
CA GLY A 625 -31.47 17.54 -24.80
C GLY A 625 -31.50 16.71 -23.53
N SER A 626 -31.08 17.30 -22.42
CA SER A 626 -30.97 16.61 -21.16
C SER A 626 -31.71 17.35 -20.06
N ALA A 627 -32.91 17.82 -20.35
CA ALA A 627 -33.75 18.53 -19.39
C ALA A 627 -35.11 17.85 -19.30
N ILE A 628 -36.01 18.45 -18.54
CA ILE A 628 -37.35 17.90 -18.33
C ILE A 628 -38.24 18.24 -19.51
N ALA A 629 -39.42 17.61 -19.58
CA ALA A 629 -40.32 17.81 -20.71
C ALA A 629 -40.80 19.25 -20.81
N TRP A 630 -40.95 19.94 -19.69
CA TRP A 630 -41.39 21.33 -19.68
C TRP A 630 -40.46 22.21 -20.51
N VAL A 631 -39.15 22.08 -20.27
CA VAL A 631 -38.17 22.92 -20.94
C VAL A 631 -38.21 22.69 -22.45
N HIS A 632 -38.26 21.43 -22.85
CA HIS A 632 -38.21 21.12 -24.28
C HIS A 632 -39.51 21.45 -24.98
N ARG A 633 -40.64 21.36 -24.29
CA ARG A 633 -41.90 21.83 -24.87
C ARG A 633 -41.86 23.32 -25.13
N GLU A 634 -41.35 24.09 -24.15
CA GLU A 634 -41.22 25.53 -24.37
C GLU A 634 -40.26 25.83 -25.52
N ALA A 635 -39.15 25.10 -25.58
CA ALA A 635 -38.18 25.33 -26.65
C ALA A 635 -38.77 25.00 -28.02
N ARG A 636 -39.56 23.93 -28.11
CA ARG A 636 -40.19 23.58 -29.38
C ARG A 636 -41.17 24.66 -29.82
N GLU A 637 -41.95 25.20 -28.88
CA GLU A 637 -42.85 26.28 -29.23
C GLU A 637 -42.08 27.49 -29.72
N ASP A 638 -40.98 27.83 -29.05
CA ASP A 638 -40.15 28.95 -29.49
C ASP A 638 -39.62 28.73 -30.90
N TYR A 639 -39.14 27.51 -31.19
CA TYR A 639 -38.59 27.21 -32.51
C TYR A 639 -39.66 27.37 -33.58
N ARG A 640 -40.85 26.81 -33.35
CA ARG A 640 -41.93 26.90 -34.33
C ARG A 640 -42.29 28.37 -34.61
N ARG A 641 -42.50 29.14 -33.54
CA ARG A 641 -42.91 30.53 -33.68
C ARG A 641 -41.86 31.33 -34.45
N ASP A 642 -40.60 31.21 -34.04
CA ASP A 642 -39.55 32.02 -34.67
C ASP A 642 -39.29 31.60 -36.10
N LEU A 643 -39.39 30.30 -36.41
CA LEU A 643 -39.21 29.87 -37.79
C LEU A 643 -40.29 30.43 -38.70
N LYS A 644 -41.56 30.40 -38.23
CA LYS A 644 -42.63 30.97 -39.04
C LYS A 644 -42.41 32.47 -39.24
N ARG A 645 -42.02 33.18 -38.18
CA ARG A 645 -41.81 34.62 -38.29
C ARG A 645 -40.67 34.93 -39.26
N LEU A 646 -39.57 34.16 -39.20
CA LEU A 646 -38.45 34.40 -40.09
C LEU A 646 -38.83 34.14 -41.55
N ALA A 647 -39.63 33.11 -41.80
CA ALA A 647 -40.09 32.88 -43.16
C ALA A 647 -40.92 34.05 -43.66
N GLU A 648 -41.81 34.59 -42.82
CA GLU A 648 -42.61 35.74 -43.22
C GLU A 648 -41.74 36.97 -43.51
N ILE A 649 -40.74 37.21 -42.66
CA ILE A 649 -39.83 38.34 -42.87
C ILE A 649 -39.07 38.19 -44.17
N ALA A 650 -38.61 36.97 -44.46
CA ALA A 650 -37.91 36.72 -45.73
C ALA A 650 -38.82 37.00 -46.92
N GLN A 651 -40.09 36.60 -46.82
CA GLN A 651 -41.02 36.90 -47.90
C GLN A 651 -41.21 38.40 -48.08
N ASP A 652 -41.29 39.15 -46.97
CA ASP A 652 -41.40 40.61 -47.06
C ASP A 652 -40.19 41.20 -47.79
N MET A 653 -39.00 40.75 -47.42
CA MET A 653 -37.78 41.27 -48.05
C MET A 653 -37.73 40.91 -49.52
N CYS A 654 -38.17 39.70 -49.88
CA CYS A 654 -38.21 39.31 -51.29
C CYS A 654 -39.18 40.18 -52.07
N ALA A 655 -40.34 40.49 -51.47
CA ALA A 655 -41.28 41.38 -52.14
C ALA A 655 -40.68 42.76 -52.37
N VAL A 656 -39.97 43.28 -51.37
CA VAL A 656 -39.31 44.59 -51.53
C VAL A 656 -38.30 44.54 -52.66
N LEU A 657 -37.49 43.48 -52.69
CA LEU A 657 -36.45 43.36 -53.72
C LEU A 657 -37.06 43.26 -55.11
N ARG A 658 -38.14 42.49 -55.26
CA ARG A 658 -38.82 42.41 -56.54
C ARG A 658 -39.39 43.76 -56.96
N LYS A 659 -39.98 44.48 -56.01
CA LYS A 659 -40.56 45.78 -56.34
C LYS A 659 -39.48 46.77 -56.77
N ALA A 660 -38.27 46.62 -56.23
CA ALA A 660 -37.17 47.51 -56.57
C ALA A 660 -36.32 47.01 -57.73
N ASN A 661 -36.58 45.80 -58.24
CA ASN A 661 -35.81 45.23 -59.35
C ASN A 661 -36.77 44.70 -60.41
N PRO A 662 -37.37 45.58 -61.22
CA PRO A 662 -38.28 45.12 -62.27
C PRO A 662 -37.59 44.41 -63.42
N GLN A 663 -36.26 44.49 -63.51
CA GLN A 663 -35.53 43.95 -64.65
C GLN A 663 -35.22 42.46 -64.50
N ALA A 664 -35.10 41.97 -63.28
CA ALA A 664 -34.80 40.56 -63.05
C ALA A 664 -36.04 39.71 -63.27
N ASP A 665 -35.80 38.42 -63.52
CA ASP A 665 -36.88 37.46 -63.69
C ASP A 665 -37.14 36.71 -62.38
N LEU A 666 -38.43 36.51 -62.08
CA LEU A 666 -38.81 35.84 -60.86
C LEU A 666 -38.49 34.36 -60.93
N LEU A 667 -38.31 33.76 -59.75
CA LEU A 667 -38.06 32.33 -59.62
C LEU A 667 -39.15 31.76 -58.74
N ALA A 668 -39.90 30.77 -59.27
CA ALA A 668 -41.02 30.22 -58.53
C ALA A 668 -40.57 29.59 -57.22
N GLU A 669 -39.53 28.75 -57.28
CA GLU A 669 -38.93 28.16 -56.09
C GLU A 669 -37.43 28.25 -56.25
N ALA A 670 -36.73 28.75 -55.23
CA ALA A 670 -35.30 28.93 -55.33
C ALA A 670 -34.67 28.88 -53.94
N ARG A 671 -33.38 28.57 -53.92
CA ARG A 671 -32.58 28.57 -52.70
C ARG A 671 -31.32 29.39 -52.92
N ILE A 672 -30.88 30.06 -51.86
CA ILE A 672 -29.61 30.78 -51.82
C ILE A 672 -28.69 29.99 -50.92
N SER A 673 -27.62 29.43 -51.50
CA SER A 673 -26.72 28.53 -50.79
C SER A 673 -25.30 29.08 -50.87
N GLN A 674 -24.74 29.46 -49.73
CA GLN A 674 -23.36 29.94 -49.71
C GLN A 674 -22.42 28.84 -50.19
N PHE A 675 -21.39 29.24 -50.93
CA PHE A 675 -20.46 28.33 -51.59
C PHE A 675 -21.20 27.27 -52.41
N ARG A 676 -21.83 27.75 -53.48
CA ARG A 676 -22.23 26.85 -54.56
C ARG A 676 -21.10 26.77 -55.57
N ASN A 677 -20.79 25.56 -55.99
CA ASN A 677 -19.65 25.33 -56.88
C ASN A 677 -19.89 26.00 -58.23
N ASP A 678 -18.81 26.06 -59.03
CA ASP A 678 -18.83 26.60 -60.39
C ASP A 678 -19.04 28.10 -60.42
N GLY A 679 -18.50 28.82 -59.44
CA GLY A 679 -18.51 30.27 -59.44
C GLY A 679 -19.89 30.91 -59.38
N ALA A 680 -20.83 30.27 -58.70
CA ALA A 680 -22.20 30.77 -58.57
C ALA A 680 -22.66 30.65 -57.13
N SER A 681 -21.83 31.12 -56.20
CA SER A 681 -22.06 30.85 -54.78
C SER A 681 -23.35 31.45 -54.26
N TRP A 682 -23.46 32.77 -54.20
CA TRP A 682 -24.59 33.40 -53.54
C TRP A 682 -25.75 33.69 -54.49
N HIS A 683 -25.75 33.09 -55.67
CA HIS A 683 -26.88 33.19 -56.57
C HIS A 683 -28.03 32.32 -56.07
N ALA A 684 -29.25 32.78 -56.31
CA ALA A 684 -30.44 32.00 -56.00
C ALA A 684 -30.77 31.11 -57.19
N ASN A 685 -30.95 29.81 -56.93
CA ASN A 685 -31.13 28.84 -58.00
C ASN A 685 -32.31 27.94 -57.71
N ARG A 686 -32.93 27.44 -58.80
CA ARG A 686 -34.14 26.65 -58.71
C ARG A 686 -33.90 25.32 -58.00
N ILE A 687 -35.00 24.75 -57.50
CA ILE A 687 -34.94 23.38 -56.99
C ILE A 687 -34.73 22.41 -58.14
N ASN A 688 -35.36 22.67 -59.28
CA ASN A 688 -35.28 21.81 -60.46
C ASN A 688 -34.91 22.66 -61.65
N GLU A 689 -33.69 22.46 -62.18
CA GLU A 689 -33.19 23.28 -63.28
C GLU A 689 -32.89 22.41 -64.50
N PRO A 690 -33.09 22.94 -65.71
CA PRO A 690 -32.90 22.14 -66.92
C PRO A 690 -31.47 21.63 -67.06
N THR A 691 -31.35 20.38 -67.51
CA THR A 691 -30.06 19.72 -67.65
C THR A 691 -29.98 19.03 -69.01
N ASP A 692 -28.75 18.86 -69.49
CA ASP A 692 -28.53 18.13 -70.73
C ASP A 692 -28.77 16.63 -70.56
N ALA A 693 -28.66 16.14 -69.33
CA ALA A 693 -28.82 14.71 -69.07
C ALA A 693 -30.24 14.26 -69.37
N LEU A 694 -30.37 13.01 -69.81
CA LEU A 694 -31.66 12.43 -70.12
C LEU A 694 -32.32 11.89 -68.85
N SER A 695 -33.55 11.39 -69.00
CA SER A 695 -34.27 10.84 -67.86
C SER A 695 -33.56 9.59 -67.34
N VAL A 696 -33.71 9.36 -66.05
CA VAL A 696 -33.06 8.22 -65.40
C VAL A 696 -33.85 6.95 -65.70
N LEU A 697 -33.17 5.95 -66.25
CA LEU A 697 -33.80 4.69 -66.59
C LEU A 697 -34.08 3.88 -65.33
N THR A 698 -35.21 3.16 -65.34
CA THR A 698 -35.56 2.24 -64.27
C THR A 698 -35.87 0.87 -64.87
N GLN A 699 -35.66 -0.17 -64.07
CA GLN A 699 -35.87 -1.53 -64.53
C GLN A 699 -36.12 -2.43 -63.35
N THR A 700 -37.02 -3.40 -63.52
CA THR A 700 -37.30 -4.40 -62.50
C THR A 700 -36.63 -5.71 -62.90
N LEU A 701 -35.85 -6.26 -61.98
CA LEU A 701 -35.06 -7.46 -62.25
C LEU A 701 -35.89 -8.71 -61.96
N ASP A 702 -35.22 -9.86 -61.92
CA ASP A 702 -35.92 -11.14 -61.88
C ASP A 702 -36.74 -11.31 -60.60
N ASN A 703 -36.17 -10.94 -59.45
CA ASN A 703 -36.76 -11.26 -58.15
C ASN A 703 -37.11 -10.00 -57.38
N GLY A 704 -37.74 -9.03 -58.04
CA GLY A 704 -38.19 -7.82 -57.39
C GLY A 704 -37.14 -6.75 -57.21
N ARG A 705 -35.93 -6.95 -57.70
CA ARG A 705 -34.88 -5.95 -57.58
C ARG A 705 -35.09 -4.82 -58.57
N VAL A 706 -34.59 -3.64 -58.22
CA VAL A 706 -34.73 -2.44 -59.02
C VAL A 706 -33.34 -1.97 -59.44
N LEU A 707 -33.21 -1.50 -60.67
CA LEU A 707 -31.93 -1.07 -61.22
C LEU A 707 -32.09 0.36 -61.74
N LEU A 708 -31.60 1.33 -60.97
CA LEU A 708 -31.58 2.72 -61.38
C LEU A 708 -30.26 3.03 -62.05
N ALA A 709 -30.30 3.86 -63.10
CA ALA A 709 -29.07 4.16 -63.83
C ALA A 709 -29.22 5.48 -64.57
N ASN A 710 -28.53 6.51 -64.09
CA ASN A 710 -28.30 7.70 -64.89
C ASN A 710 -26.97 7.53 -65.63
N GLY A 711 -26.45 8.62 -66.18
CA GLY A 711 -25.20 8.51 -66.93
C GLY A 711 -23.99 8.19 -66.07
N VAL A 712 -24.03 8.55 -64.79
CA VAL A 712 -22.85 8.46 -63.95
C VAL A 712 -22.96 7.46 -62.81
N LEU A 713 -24.15 7.00 -62.45
CA LEU A 713 -24.31 6.08 -61.32
C LEU A 713 -25.15 4.89 -61.74
N SER A 714 -24.91 3.75 -61.08
CA SER A 714 -25.69 2.54 -61.30
C SER A 714 -26.03 1.95 -59.93
N VAL A 715 -27.31 2.05 -59.55
CA VAL A 715 -27.77 1.65 -58.23
C VAL A 715 -28.61 0.38 -58.37
N THR A 716 -28.34 -0.60 -57.52
CA THR A 716 -29.13 -1.82 -57.43
C THR A 716 -29.80 -1.88 -56.07
N ILE A 717 -31.11 -2.02 -56.06
CA ILE A 717 -31.91 -2.06 -54.83
C ILE A 717 -32.52 -3.45 -54.72
N GLU A 718 -32.23 -4.13 -53.62
CA GLU A 718 -32.73 -5.47 -53.38
C GLU A 718 -34.17 -5.45 -52.91
N ALA A 719 -34.76 -6.64 -52.81
CA ALA A 719 -36.17 -6.75 -52.43
C ALA A 719 -36.44 -6.29 -51.01
N ASP A 720 -35.40 -6.10 -50.20
CA ASP A 720 -35.55 -5.63 -48.83
C ASP A 720 -35.42 -4.11 -48.73
N GLY A 721 -35.25 -3.42 -49.87
CA GLY A 721 -35.11 -1.98 -49.84
C GLY A 721 -33.73 -1.49 -49.47
N THR A 722 -32.70 -2.28 -49.74
CA THR A 722 -31.33 -1.94 -49.38
C THR A 722 -30.46 -1.90 -50.64
N ILE A 723 -29.56 -0.93 -50.68
CA ILE A 723 -28.64 -0.79 -51.81
C ILE A 723 -27.57 -1.86 -51.70
N SER A 724 -27.50 -2.73 -52.70
CA SER A 724 -26.48 -3.77 -52.72
C SER A 724 -25.33 -3.48 -53.66
N SER A 725 -25.50 -2.54 -54.59
CA SER A 725 -24.44 -2.21 -55.54
C SER A 725 -24.61 -0.76 -55.96
N LEU A 726 -23.63 0.07 -55.61
CA LEU A 726 -23.58 1.46 -56.06
C LEU A 726 -22.31 1.59 -56.90
N LEU A 727 -22.46 1.54 -58.22
CA LEU A 727 -21.33 1.52 -59.13
C LEU A 727 -21.14 2.90 -59.76
N ASP A 728 -19.91 3.36 -59.75
CA ASP A 728 -19.52 4.65 -60.33
C ASP A 728 -18.91 4.40 -61.71
N GLU A 729 -19.50 5.00 -62.74
CA GLU A 729 -18.92 4.94 -64.06
C GLU A 729 -17.73 5.89 -64.14
N GLU A 730 -17.00 5.82 -65.26
CA GLU A 730 -15.84 6.65 -65.57
C GLU A 730 -14.77 6.58 -64.48
N HIS A 731 -14.98 5.70 -63.50
CA HIS A 731 -13.95 5.34 -62.53
C HIS A 731 -13.90 3.85 -62.22
N GLY A 732 -14.98 3.10 -62.46
CA GLY A 732 -14.98 1.67 -62.21
C GLY A 732 -15.07 1.26 -60.77
N ARG A 733 -15.37 2.19 -59.86
CA ARG A 733 -15.37 1.89 -58.44
C ARG A 733 -16.71 1.33 -58.00
N GLU A 734 -16.66 0.30 -57.17
CA GLU A 734 -17.85 -0.24 -56.50
C GLU A 734 -17.87 0.34 -55.09
N LEU A 735 -18.85 1.18 -54.81
CA LEU A 735 -18.91 1.94 -53.57
C LEU A 735 -19.54 1.17 -52.41
N VAL A 736 -20.03 -0.04 -52.65
CA VAL A 736 -20.63 -0.85 -51.60
C VAL A 736 -19.86 -2.17 -51.55
N PRO A 737 -19.19 -2.49 -50.44
CA PRO A 737 -18.46 -3.76 -50.38
C PRO A 737 -19.40 -4.94 -50.50
N ALA A 738 -18.91 -6.00 -51.11
CA ALA A 738 -19.69 -7.23 -51.24
C ALA A 738 -19.99 -7.80 -49.86
N GLY A 739 -21.22 -8.25 -49.67
CA GLY A 739 -21.65 -8.79 -48.39
C GLY A 739 -22.20 -7.78 -47.42
N THR A 740 -22.32 -6.52 -47.82
CA THR A 740 -22.88 -5.48 -46.96
C THR A 740 -24.04 -4.79 -47.67
N ARG A 741 -24.96 -4.26 -46.89
CA ARG A 741 -26.14 -3.58 -47.40
C ARG A 741 -26.09 -2.12 -46.97
N LEU A 742 -26.28 -1.22 -47.94
CA LEU A 742 -26.29 0.21 -47.68
C LEU A 742 -27.73 0.67 -47.51
N GLY A 743 -27.96 1.46 -46.47
CA GLY A 743 -29.31 1.90 -46.15
C GLY A 743 -30.07 1.01 -45.20
N GLN A 744 -29.39 0.13 -44.48
CA GLN A 744 -30.05 -0.79 -43.56
C GLN A 744 -30.13 -0.19 -42.17
N TYR A 745 -31.28 -0.36 -41.53
CA TYR A 745 -31.53 0.20 -40.22
C TYR A 745 -31.16 -0.79 -39.12
N GLU A 746 -30.62 -0.26 -38.03
CA GLU A 746 -30.18 -1.04 -36.88
C GLU A 746 -30.82 -0.50 -35.62
N LEU A 747 -31.24 -1.40 -34.75
CA LEU A 747 -31.82 -1.06 -33.44
C LEU A 747 -30.90 -1.59 -32.35
N LEU A 748 -30.52 -0.70 -31.44
CA LEU A 748 -29.64 -1.03 -30.33
C LEU A 748 -30.42 -0.96 -29.03
N ARG A 749 -29.96 -1.72 -28.04
CA ARG A 749 -30.54 -1.72 -26.69
C ARG A 749 -29.76 -0.70 -25.86
N ASP A 750 -30.38 0.45 -25.62
CA ASP A 750 -29.74 1.52 -24.85
C ASP A 750 -30.40 1.61 -23.49
N GLU A 751 -29.83 0.90 -22.52
CA GLU A 751 -30.27 0.94 -21.12
C GLU A 751 -29.05 1.24 -20.26
N PRO A 752 -28.61 2.50 -20.22
CA PRO A 752 -27.40 2.83 -19.48
C PRO A 752 -27.61 2.76 -17.97
N ALA A 753 -26.51 2.59 -17.26
CA ALA A 753 -26.54 2.54 -15.80
C ALA A 753 -26.67 3.92 -15.17
N VAL A 754 -26.10 4.95 -15.79
CA VAL A 754 -26.14 6.31 -15.26
C VAL A 754 -26.46 7.26 -16.39
N TRP A 755 -27.08 8.38 -16.04
CA TRP A 755 -27.34 9.49 -16.98
C TRP A 755 -28.03 9.00 -18.24
N ASP A 756 -29.27 8.54 -18.06
CA ASP A 756 -29.99 7.85 -19.13
C ASP A 756 -30.04 8.67 -20.41
N ALA A 757 -30.48 9.92 -20.31
CA ALA A 757 -30.60 10.76 -21.51
C ALA A 757 -29.23 11.12 -22.05
N TRP A 758 -28.24 11.29 -21.17
CA TRP A 758 -26.94 11.77 -21.60
C TRP A 758 -26.15 10.71 -22.35
N GLU A 759 -26.30 9.44 -22.01
CA GLU A 759 -25.31 8.43 -22.31
C GLU A 759 -25.78 7.44 -23.36
N ILE A 760 -24.87 7.11 -24.27
CA ILE A 760 -24.87 5.86 -25.02
C ILE A 760 -23.59 5.12 -24.64
N GLU A 761 -23.69 3.82 -24.44
CA GLU A 761 -22.59 3.07 -23.87
C GLU A 761 -22.05 2.03 -24.83
N ARG A 762 -20.89 1.47 -24.48
CA ARG A 762 -20.21 0.51 -25.35
C ARG A 762 -21.06 -0.73 -25.56
N GLU A 763 -21.70 -1.22 -24.49
CA GLU A 763 -22.48 -2.44 -24.57
C GLU A 763 -23.71 -2.29 -25.45
N SER A 764 -24.20 -1.07 -25.64
CA SER A 764 -25.31 -0.87 -26.57
C SER A 764 -24.91 -1.29 -27.98
N LEU A 765 -23.71 -0.91 -28.41
CA LEU A 765 -23.13 -1.52 -29.59
C LEU A 765 -22.85 -2.99 -29.31
N LEU A 766 -22.88 -3.80 -30.37
CA LEU A 766 -22.79 -5.26 -30.38
C LEU A 766 -24.12 -5.89 -29.98
N MET A 767 -25.14 -5.11 -29.66
CA MET A 767 -26.49 -5.64 -29.46
C MET A 767 -27.42 -5.10 -30.53
N ALA A 768 -26.93 -5.11 -31.78
CA ALA A 768 -27.68 -4.55 -32.91
C ALA A 768 -28.64 -5.57 -33.48
N ASN A 769 -29.81 -5.10 -33.90
CA ASN A 769 -30.82 -5.91 -34.57
C ASN A 769 -31.24 -5.20 -35.84
N ALA A 770 -30.93 -5.81 -36.99
CA ALA A 770 -31.32 -5.24 -38.26
C ALA A 770 -32.82 -5.32 -38.46
N VAL A 771 -33.39 -4.26 -39.04
CA VAL A 771 -34.83 -4.17 -39.28
C VAL A 771 -35.07 -4.23 -40.78
N THR A 772 -35.98 -5.11 -41.19
CA THR A 772 -36.17 -5.45 -42.59
C THR A 772 -37.43 -4.80 -43.16
N GLY A 773 -37.36 -4.39 -44.43
CA GLY A 773 -38.47 -3.77 -45.11
C GLY A 773 -38.76 -4.36 -46.47
N SER A 774 -39.48 -3.63 -47.31
CA SER A 774 -39.83 -4.12 -48.64
C SER A 774 -40.13 -2.95 -49.56
N ILE A 775 -40.05 -3.20 -50.86
CA ILE A 775 -40.31 -2.18 -51.87
C ILE A 775 -41.80 -2.16 -52.20
N GLU A 776 -42.38 -0.97 -52.25
CA GLU A 776 -43.78 -0.79 -52.61
C GLU A 776 -44.02 -0.09 -53.93
N SER A 777 -43.22 0.91 -54.31
CA SER A 777 -43.50 1.60 -55.55
C SER A 777 -42.23 2.21 -56.13
N VAL A 778 -42.26 2.39 -57.45
CA VAL A 778 -41.22 3.05 -58.22
C VAL A 778 -41.88 4.12 -59.06
N ASN A 779 -41.32 5.33 -59.07
CA ASN A 779 -41.93 6.46 -59.75
C ASN A 779 -40.87 7.27 -60.46
N THR A 780 -41.33 8.10 -61.40
CA THR A 780 -40.47 9.02 -62.15
C THR A 780 -41.24 10.32 -62.32
N GLU A 781 -40.97 11.30 -61.44
CA GLU A 781 -41.74 12.53 -61.45
C GLU A 781 -41.23 13.53 -62.47
N ASN A 782 -39.98 13.98 -62.31
CA ASN A 782 -39.38 14.98 -63.19
C ASN A 782 -38.14 14.42 -63.86
N GLY A 783 -38.23 13.18 -64.34
CA GLY A 783 -37.07 12.47 -64.84
C GLY A 783 -36.19 11.88 -63.77
N ALA A 784 -36.59 11.95 -62.50
CA ALA A 784 -35.81 11.43 -61.39
C ALA A 784 -36.47 10.15 -60.87
N ALA A 785 -35.67 9.11 -60.68
CA ALA A 785 -36.19 7.84 -60.22
C ALA A 785 -36.34 7.85 -58.71
N GLN A 786 -37.53 7.48 -58.24
CA GLN A 786 -37.84 7.43 -56.81
C GLN A 786 -38.32 6.04 -56.44
N VAL A 787 -37.77 5.50 -55.36
CA VAL A 787 -38.14 4.18 -54.85
C VAL A 787 -38.68 4.35 -53.44
N HIS A 788 -39.83 3.75 -53.17
CA HIS A 788 -40.51 3.87 -51.88
C HIS A 788 -40.37 2.57 -51.11
N VAL A 789 -39.91 2.67 -49.86
CA VAL A 789 -39.65 1.51 -49.01
C VAL A 789 -40.37 1.70 -47.69
N HIS A 790 -40.99 0.64 -47.19
CA HIS A 790 -41.63 0.64 -45.88
C HIS A 790 -40.93 -0.36 -44.98
N THR A 791 -40.56 0.08 -43.78
CA THR A 791 -39.91 -0.76 -42.79
C THR A 791 -40.70 -0.67 -41.50
N ALA A 792 -40.89 -1.82 -40.84
CA ALA A 792 -41.79 -1.86 -39.69
C ALA A 792 -41.16 -2.66 -38.56
N ASP A 793 -41.61 -2.35 -37.35
CA ASP A 793 -41.25 -3.07 -36.15
C ASP A 793 -42.47 -3.40 -35.29
N GLY A 794 -43.55 -2.64 -35.42
CA GLY A 794 -44.69 -2.73 -34.54
C GLY A 794 -44.85 -1.44 -33.77
N ASP A 795 -45.78 -0.60 -34.23
CA ASP A 795 -46.01 0.78 -33.82
C ASP A 795 -44.88 1.70 -34.24
N THR A 796 -43.82 1.19 -34.86
CA THR A 796 -42.70 2.00 -35.33
C THR A 796 -42.57 1.77 -36.84
N VAL A 797 -42.96 2.78 -37.62
CA VAL A 797 -43.00 2.66 -39.07
C VAL A 797 -42.05 3.69 -39.66
N ILE A 798 -41.20 3.26 -40.59
CA ILE A 798 -40.28 4.12 -41.32
C ILE A 798 -40.63 4.03 -42.81
N THR A 799 -40.85 5.18 -43.43
CA THR A 799 -41.06 5.26 -44.87
C THR A 799 -39.87 6.00 -45.48
N THR A 800 -39.19 5.36 -46.42
CA THR A 800 -37.97 5.88 -47.00
C THR A 800 -38.16 6.07 -48.51
N THR A 801 -37.71 7.22 -49.00
CA THR A 801 -37.69 7.53 -50.43
C THR A 801 -36.24 7.61 -50.86
N ILE A 802 -35.88 6.82 -51.87
CA ILE A 802 -34.54 6.81 -52.44
C ILE A 802 -34.63 7.45 -53.81
N THR A 803 -33.84 8.50 -54.03
CA THR A 803 -33.97 9.33 -55.22
C THR A 803 -32.64 9.39 -55.98
N LEU A 804 -32.74 9.23 -57.30
CA LEU A 804 -31.63 9.44 -58.21
C LEU A 804 -32.06 10.45 -59.27
N ARG A 805 -31.22 11.45 -59.50
CA ARG A 805 -31.51 12.56 -60.40
C ARG A 805 -30.61 12.51 -61.62
N PRO A 806 -31.04 13.09 -62.75
CA PRO A 806 -30.23 13.02 -63.98
C PRO A 806 -28.95 13.83 -63.88
N GLY A 807 -27.83 13.19 -64.18
CA GLY A 807 -26.54 13.85 -64.23
C GLY A 807 -25.89 14.09 -62.88
N SER A 808 -26.52 13.68 -61.79
CA SER A 808 -26.01 13.96 -60.45
C SER A 808 -25.11 12.84 -59.97
N HIS A 809 -24.03 13.22 -59.29
CA HIS A 809 -23.12 12.28 -58.66
C HIS A 809 -23.62 11.80 -57.29
N THR A 810 -24.79 12.25 -56.87
CA THR A 810 -25.29 12.00 -55.53
C THR A 810 -26.54 11.12 -55.56
N LEU A 811 -26.74 10.39 -54.46
CA LEU A 811 -27.92 9.57 -54.25
C LEU A 811 -28.58 10.01 -52.96
N ASP A 812 -29.88 10.29 -53.00
CA ASP A 812 -30.56 10.95 -51.90
C ASP A 812 -31.51 10.01 -51.16
N PHE A 813 -31.59 10.19 -49.84
CA PHE A 813 -32.48 9.43 -48.98
C PHE A 813 -33.30 10.38 -48.14
N HIS A 814 -34.62 10.20 -48.13
CA HIS A 814 -35.53 10.91 -47.24
C HIS A 814 -36.28 9.88 -46.40
N ALA A 815 -36.53 10.20 -45.13
CA ALA A 815 -37.14 9.26 -44.21
C ALA A 815 -38.17 9.95 -43.34
N ASP A 816 -39.33 9.31 -43.19
CA ASP A 816 -40.37 9.72 -42.26
C ASP A 816 -40.56 8.59 -41.26
N ILE A 817 -40.34 8.89 -39.98
CA ILE A 817 -40.31 7.87 -38.94
C ILE A 817 -41.37 8.17 -37.90
N ASP A 818 -42.06 7.13 -37.45
CA ASP A 818 -43.00 7.20 -36.33
C ASP A 818 -42.37 6.48 -35.16
N TRP A 819 -41.70 7.23 -34.30
CA TRP A 819 -40.96 6.67 -33.18
C TRP A 819 -41.92 6.39 -32.02
N HIS A 820 -42.06 5.10 -31.68
CA HIS A 820 -42.87 4.64 -30.57
C HIS A 820 -42.14 3.58 -29.76
N GLU A 821 -40.82 3.71 -29.66
CA GLU A 821 -40.00 2.72 -28.97
C GLU A 821 -39.76 3.14 -27.51
N ARG A 822 -39.05 2.29 -26.78
CA ARG A 822 -38.69 2.58 -25.39
C ARG A 822 -37.34 1.95 -25.11
N GLU A 823 -36.36 2.78 -24.76
CA GLU A 823 -35.00 2.34 -24.45
C GLU A 823 -34.38 1.60 -25.64
N ARG A 824 -34.57 2.15 -26.83
CA ARG A 824 -33.96 1.64 -28.04
C ARG A 824 -33.30 2.80 -28.78
N PHE A 825 -32.31 2.48 -29.61
CA PHE A 825 -31.54 3.48 -30.31
C PHE A 825 -31.50 3.11 -31.79
N LEU A 826 -31.64 4.09 -32.67
CA LEU A 826 -31.81 3.84 -34.10
C LEU A 826 -30.62 4.37 -34.88
N LYS A 827 -30.07 3.53 -35.75
CA LYS A 827 -28.99 3.95 -36.64
C LYS A 827 -29.25 3.44 -38.04
N VAL A 828 -28.52 3.99 -39.01
CA VAL A 828 -28.56 3.55 -40.39
C VAL A 828 -27.14 3.31 -40.86
N ASP A 829 -26.92 2.20 -41.57
CA ASP A 829 -25.58 1.78 -41.98
C ASP A 829 -25.28 2.26 -43.38
N LEU A 830 -24.05 2.74 -43.58
CA LEU A 830 -23.59 3.25 -44.87
C LEU A 830 -22.21 2.71 -45.18
N PRO A 831 -22.11 1.45 -45.58
CA PRO A 831 -20.81 0.90 -46.01
C PRO A 831 -20.31 1.64 -47.25
N LEU A 832 -19.00 1.84 -47.30
CA LEU A 832 -18.41 2.71 -48.32
C LEU A 832 -17.35 2.04 -49.18
N GLY A 833 -16.69 1.00 -48.70
CA GLY A 833 -15.72 0.31 -49.53
C GLY A 833 -14.45 1.09 -49.82
N ILE A 834 -14.01 1.92 -48.88
CA ILE A 834 -12.75 2.65 -48.97
C ILE A 834 -11.97 2.37 -47.70
N VAL A 835 -10.72 1.93 -47.86
CA VAL A 835 -9.86 1.63 -46.72
C VAL A 835 -9.12 2.91 -46.33
N ALA A 836 -9.52 3.50 -45.21
CA ALA A 836 -8.94 4.74 -44.73
C ALA A 836 -8.63 4.60 -43.24
N ASP A 837 -7.56 5.26 -42.81
CA ASP A 837 -7.17 5.21 -41.41
C ASP A 837 -7.88 6.27 -40.57
N GLN A 838 -8.19 7.43 -41.17
CA GLN A 838 -8.86 8.51 -40.48
C GLN A 838 -10.00 9.03 -41.35
N ALA A 839 -10.95 9.68 -40.70
CA ALA A 839 -12.09 10.29 -41.37
C ALA A 839 -12.09 11.80 -41.11
N THR A 840 -12.47 12.55 -42.14
CA THR A 840 -12.52 14.00 -42.07
C THR A 840 -13.96 14.45 -41.88
N TYR A 841 -14.25 15.05 -40.74
CA TYR A 841 -15.56 15.63 -40.46
C TYR A 841 -15.48 17.14 -40.58
N ASP A 842 -16.65 17.75 -40.75
CA ASP A 842 -16.74 19.19 -40.88
C ASP A 842 -16.78 19.83 -39.50
N CYS A 843 -15.89 20.79 -39.28
CA CYS A 843 -15.86 21.54 -38.03
C CYS A 843 -16.71 22.79 -38.20
N GLN A 844 -16.66 23.69 -37.22
CA GLN A 844 -17.43 24.93 -37.34
C GLN A 844 -16.88 25.82 -38.44
N TYR A 845 -15.57 26.05 -38.44
CA TYR A 845 -14.93 26.93 -39.41
C TYR A 845 -13.78 26.23 -40.09
N GLY A 846 -13.93 24.93 -40.36
CA GLY A 846 -12.89 24.18 -41.03
C GLY A 846 -13.18 22.70 -41.07
N LEU A 847 -12.14 21.89 -40.83
CA LEU A 847 -12.28 20.44 -40.84
C LEU A 847 -11.56 19.87 -39.63
N ILE A 848 -12.03 18.71 -39.18
CA ILE A 848 -11.41 17.98 -38.09
C ILE A 848 -11.20 16.55 -38.58
N ARG A 849 -10.21 15.87 -38.01
CA ARG A 849 -9.92 14.49 -38.37
C ARG A 849 -9.97 13.60 -37.15
N ARG A 850 -10.63 12.46 -37.30
CA ARG A 850 -10.77 11.51 -36.19
C ARG A 850 -10.42 10.11 -36.68
N PRO A 851 -9.85 9.28 -35.81
CA PRO A 851 -9.39 7.96 -36.26
C PRO A 851 -10.54 7.02 -36.56
N ILE A 852 -10.37 6.24 -37.62
CA ILE A 852 -11.28 5.13 -37.91
C ILE A 852 -10.76 3.83 -37.29
N VAL A 853 -9.47 3.59 -37.43
CA VAL A 853 -8.82 2.43 -36.80
C VAL A 853 -8.47 2.81 -35.37
N LYS A 854 -8.94 2.02 -34.42
CA LYS A 854 -8.81 2.31 -33.00
C LYS A 854 -7.87 1.28 -32.38
N ASN A 855 -6.58 1.63 -32.32
CA ASN A 855 -5.57 0.70 -31.83
C ASN A 855 -5.50 0.69 -30.31
N THR A 856 -5.55 1.86 -29.68
CA THR A 856 -5.39 1.97 -28.25
C THR A 856 -6.72 2.26 -27.58
N ALA A 857 -6.70 2.27 -26.24
CA ALA A 857 -7.92 2.50 -25.48
C ALA A 857 -8.39 3.94 -25.59
N SER A 858 -7.47 4.88 -25.79
CA SER A 858 -7.86 6.27 -25.98
C SER A 858 -8.65 6.44 -27.29
N ASP A 859 -8.22 5.73 -28.34
CA ASP A 859 -8.94 5.80 -29.61
C ASP A 859 -10.35 5.24 -29.47
N GLU A 860 -10.50 4.13 -28.76
CA GLU A 860 -11.81 3.51 -28.61
C GLU A 860 -12.77 4.38 -27.82
N ALA A 861 -12.26 5.35 -27.05
CA ALA A 861 -13.15 6.25 -26.32
C ALA A 861 -13.87 7.21 -27.24
N LYS A 862 -13.32 7.48 -28.42
CA LYS A 862 -13.96 8.34 -29.41
C LYS A 862 -14.79 7.52 -30.40
N TYR A 863 -15.68 6.69 -29.89
CA TYR A 863 -16.46 5.78 -30.73
C TYR A 863 -17.78 6.39 -31.18
N GLU A 864 -18.08 7.62 -30.77
CA GLU A 864 -19.31 8.28 -31.19
C GLU A 864 -19.02 9.78 -31.19
N SER A 865 -18.69 10.32 -32.36
CA SER A 865 -18.30 11.71 -32.50
C SER A 865 -19.41 12.50 -33.20
N SER A 866 -19.13 13.77 -33.44
CA SER A 866 -20.09 14.68 -34.04
C SER A 866 -19.68 15.02 -35.47
N THR A 867 -20.67 15.07 -36.36
CA THR A 867 -20.47 15.50 -37.73
C THR A 867 -21.37 16.70 -38.00
N ASN A 868 -20.82 17.73 -38.62
CA ASN A 868 -21.54 18.97 -38.87
C ASN A 868 -21.75 19.11 -40.37
N ARG A 869 -22.89 18.63 -40.85
CA ARG A 869 -23.42 18.73 -42.20
C ARG A 869 -22.74 17.81 -43.21
N PHE A 870 -21.62 17.16 -42.89
CA PHE A 870 -21.04 16.19 -43.81
C PHE A 870 -19.82 15.54 -43.20
N ALA A 871 -19.43 14.42 -43.81
CA ALA A 871 -18.19 13.71 -43.52
C ALA A 871 -17.61 13.18 -44.81
N ILE A 872 -16.28 13.08 -44.85
CA ILE A 872 -15.55 12.61 -46.03
C ILE A 872 -14.66 11.44 -45.64
N ILE A 873 -14.66 10.40 -46.45
CA ILE A 873 -13.77 9.25 -46.28
C ILE A 873 -13.10 8.97 -47.60
N GLY A 874 -11.78 9.02 -47.63
CA GLY A 874 -11.06 8.89 -48.89
C GLY A 874 -9.71 8.23 -48.72
N ASP A 875 -9.33 7.48 -49.75
CA ASP A 875 -7.99 6.92 -49.86
C ASP A 875 -7.12 7.91 -50.64
N ALA A 876 -5.96 7.45 -51.12
CA ALA A 876 -5.03 8.35 -51.82
C ALA A 876 -5.68 8.98 -53.05
N GLY A 877 -6.45 8.20 -53.81
CA GLY A 877 -6.94 8.71 -55.08
C GLY A 877 -8.44 8.68 -55.29
N TYR A 878 -9.22 8.46 -54.24
CA TYR A 878 -10.67 8.42 -54.38
C TYR A 878 -11.31 8.66 -53.02
N ALA A 879 -12.39 9.44 -53.01
CA ALA A 879 -13.07 9.77 -51.77
C ALA A 879 -14.57 9.78 -52.00
N ALA A 880 -15.31 9.51 -50.93
CA ALA A 880 -16.77 9.57 -50.94
C ALA A 880 -17.24 10.31 -49.70
N ALA A 881 -18.36 11.02 -49.84
CA ALA A 881 -18.85 11.87 -48.76
C ALA A 881 -20.28 11.49 -48.39
N VAL A 882 -20.61 11.70 -47.12
CA VAL A 882 -21.95 11.52 -46.60
C VAL A 882 -22.44 12.87 -46.12
N ILE A 883 -23.58 13.31 -46.66
CA ILE A 883 -24.18 14.60 -46.36
C ILE A 883 -25.41 14.33 -45.51
N ASN A 884 -25.66 15.16 -44.50
CA ASN A 884 -26.85 15.00 -43.67
C ASN A 884 -27.58 16.34 -43.52
N GLY A 885 -28.89 16.24 -43.29
CA GLY A 885 -29.72 17.42 -43.14
C GLY A 885 -29.72 18.00 -41.75
N SER A 886 -30.08 17.21 -40.74
CA SER A 886 -30.08 17.69 -39.36
C SER A 886 -29.58 16.63 -38.38
N VAL A 887 -28.67 15.77 -38.82
CA VAL A 887 -28.10 14.72 -37.97
C VAL A 887 -26.77 15.21 -37.44
N TYR A 888 -26.44 14.78 -36.22
CA TYR A 888 -25.19 15.24 -35.62
C TYR A 888 -24.27 14.12 -35.16
N GLY A 889 -24.82 13.00 -34.67
CA GLY A 889 -24.00 11.92 -34.15
C GLY A 889 -23.75 10.85 -35.21
N SER A 890 -22.56 10.27 -35.17
CA SER A 890 -22.16 9.25 -36.14
C SER A 890 -20.98 8.47 -35.58
N ASP A 891 -20.69 7.34 -36.23
CA ASP A 891 -19.51 6.55 -35.88
C ASP A 891 -18.97 5.87 -37.12
N ALA A 892 -17.68 5.53 -37.07
CA ALA A 892 -16.98 4.88 -38.17
C ALA A 892 -16.14 3.73 -37.63
N SER A 893 -16.13 2.64 -38.38
CA SER A 893 -15.40 1.43 -37.99
C SER A 893 -14.81 0.80 -39.25
N PRO A 894 -13.81 -0.06 -39.11
CA PRO A 894 -13.28 -0.77 -40.27
C PRO A 894 -14.05 -2.06 -40.57
N ILE A 895 -14.12 -2.37 -41.86
CA ILE A 895 -14.69 -3.62 -42.35
C ILE A 895 -13.53 -4.40 -42.97
N ALA A 896 -13.19 -5.52 -42.34
CA ALA A 896 -12.09 -6.37 -42.79
C ALA A 896 -12.63 -7.46 -43.70
N GLY A 897 -11.99 -7.61 -44.87
CA GLY A 897 -12.48 -8.50 -45.89
C GLY A 897 -11.98 -9.92 -45.73
N ASN A 898 -12.46 -10.78 -46.63
CA ASN A 898 -12.08 -12.20 -46.65
C ASN A 898 -12.27 -12.69 -48.07
N ALA A 899 -11.16 -12.85 -48.80
CA ALA A 899 -11.24 -13.25 -50.20
C ALA A 899 -11.79 -14.65 -50.37
N ALA A 900 -11.87 -15.42 -49.29
CA ALA A 900 -12.49 -16.74 -49.33
C ALA A 900 -14.00 -16.69 -49.18
N GLU A 901 -14.59 -15.51 -49.07
CA GLU A 901 -16.04 -15.37 -48.99
C GLU A 901 -16.55 -14.37 -50.02
N GLY A 902 -15.73 -13.37 -50.33
CA GLY A 902 -16.10 -12.34 -51.29
C GLY A 902 -16.24 -10.95 -50.70
N ARG A 903 -16.29 -10.81 -49.37
CA ARG A 903 -16.35 -9.50 -48.75
C ARG A 903 -15.01 -8.80 -48.94
N ASP A 904 -15.04 -7.60 -49.53
CA ASP A 904 -13.80 -7.00 -50.00
C ASP A 904 -13.03 -6.28 -48.90
N SER A 905 -13.54 -5.13 -48.45
CA SER A 905 -12.95 -4.31 -47.39
C SER A 905 -13.78 -3.04 -47.26
N GLY A 906 -13.48 -2.19 -46.28
CA GLY A 906 -13.99 -0.84 -46.39
C GLY A 906 -14.21 -0.21 -45.01
N THR A 907 -15.09 0.78 -45.00
CA THR A 907 -15.41 1.53 -43.79
C THR A 907 -16.92 1.47 -43.56
N MET A 908 -17.31 1.06 -42.36
CA MET A 908 -18.71 1.09 -41.94
C MET A 908 -18.95 2.42 -41.24
N PHE A 909 -19.73 3.30 -41.88
CA PHE A 909 -20.10 4.59 -41.32
C PHE A 909 -21.59 4.58 -41.01
N ARG A 910 -21.95 4.91 -39.78
CA ARG A 910 -23.34 4.86 -39.34
C ARG A 910 -23.74 6.18 -38.71
N LEU A 911 -24.96 6.61 -39.02
CA LEU A 911 -25.52 7.85 -38.51
C LEU A 911 -26.54 7.56 -37.41
N SER A 912 -26.49 8.34 -36.34
CA SER A 912 -27.41 8.18 -35.22
C SER A 912 -28.66 9.03 -35.46
N LEU A 913 -29.82 8.39 -35.44
CA LEU A 913 -31.07 9.06 -35.78
C LEU A 913 -31.93 9.39 -34.57
N LEU A 914 -32.27 8.39 -33.75
CA LEU A 914 -33.21 8.59 -32.66
C LEU A 914 -32.83 7.74 -31.46
N SER A 915 -33.24 8.20 -30.29
CA SER A 915 -33.09 7.45 -29.05
C SER A 915 -34.36 7.61 -28.23
N ALA A 916 -34.51 6.74 -27.23
CA ALA A 916 -35.69 6.72 -26.37
C ALA A 916 -35.26 6.68 -24.91
N PRO A 917 -34.71 7.78 -24.39
CA PRO A 917 -34.39 7.84 -22.96
C PRO A 917 -35.65 7.93 -22.12
N THR A 918 -35.48 7.80 -20.81
CA THR A 918 -36.62 7.77 -19.91
C THR A 918 -36.53 8.68 -18.69
N PHE A 919 -35.33 9.01 -18.19
CA PHE A 919 -35.29 9.64 -16.87
C PHE A 919 -35.87 11.05 -16.87
N PRO A 920 -35.25 12.04 -17.52
CA PRO A 920 -35.79 13.40 -17.36
C PRO A 920 -37.11 13.59 -18.06
N ASP A 921 -37.22 13.11 -19.30
CA ASP A 921 -38.50 13.09 -20.02
C ASP A 921 -38.97 11.65 -20.13
N PRO A 922 -40.05 11.25 -19.45
CA PRO A 922 -40.46 9.84 -19.50
C PRO A 922 -40.93 9.38 -20.87
N ARG A 923 -41.33 10.29 -21.76
CA ARG A 923 -41.75 9.97 -23.11
C ARG A 923 -41.00 10.89 -24.06
N THR A 924 -39.80 10.46 -24.46
CA THR A 924 -38.89 11.30 -25.22
C THR A 924 -38.99 10.96 -26.70
N ASP A 925 -39.25 11.98 -27.53
CA ASP A 925 -39.23 11.86 -28.98
C ASP A 925 -40.21 10.81 -29.49
N ILE A 926 -41.39 10.74 -28.87
CA ILE A 926 -42.44 9.82 -29.30
C ILE A 926 -43.32 10.56 -30.29
N GLY A 927 -43.22 10.18 -31.56
CA GLY A 927 -43.99 10.90 -32.56
C GLY A 927 -43.29 10.86 -33.91
N SER A 928 -43.59 11.88 -34.72
CA SER A 928 -43.19 11.91 -36.13
C SER A 928 -41.90 12.70 -36.30
N HIS A 929 -40.97 12.15 -37.09
CA HIS A 929 -39.69 12.79 -37.36
C HIS A 929 -39.36 12.66 -38.84
N GLU A 930 -38.60 13.63 -39.35
CA GLU A 930 -38.17 13.67 -40.74
C GLU A 930 -36.65 13.74 -40.80
N PHE A 931 -36.06 13.00 -41.72
CA PHE A 931 -34.62 12.95 -41.87
C PHE A 931 -34.25 12.97 -43.35
N ASP A 932 -33.11 13.60 -43.65
CA ASP A 932 -32.61 13.70 -45.01
C ASP A 932 -31.11 13.48 -45.01
N TRP A 933 -30.63 12.68 -45.96
CA TRP A 933 -29.19 12.53 -46.14
C TRP A 933 -28.90 12.11 -47.56
N SER A 934 -27.62 12.06 -47.88
CA SER A 934 -27.20 11.81 -49.26
C SER A 934 -25.79 11.22 -49.26
N VAL A 935 -25.48 10.52 -50.34
CA VAL A 935 -24.15 9.95 -50.55
C VAL A 935 -23.60 10.53 -51.84
N VAL A 936 -22.41 11.13 -51.77
CA VAL A 936 -21.73 11.72 -52.92
C VAL A 936 -20.55 10.82 -53.27
N ALA A 937 -20.49 10.41 -54.54
CA ALA A 937 -19.62 9.32 -54.96
C ALA A 937 -18.17 9.76 -55.15
N ASP A 938 -17.94 10.67 -56.08
CA ASP A 938 -16.59 11.17 -56.37
C ASP A 938 -16.47 12.55 -55.73
N ALA A 939 -16.12 12.56 -54.44
CA ALA A 939 -16.24 13.76 -53.62
C ALA A 939 -14.87 14.33 -53.29
N THR A 940 -14.78 15.65 -53.34
CA THR A 940 -13.67 16.42 -52.82
C THR A 940 -14.21 17.35 -51.72
N VAL A 941 -13.35 18.22 -51.20
CA VAL A 941 -13.79 19.15 -50.16
C VAL A 941 -14.84 20.11 -50.71
N ASP A 942 -14.54 20.70 -51.84
CA ASP A 942 -15.45 21.61 -52.53
C ASP A 942 -16.78 20.98 -52.85
N ARG A 943 -16.80 19.82 -53.45
CA ARG A 943 -18.04 19.14 -53.82
C ARG A 943 -18.89 18.83 -52.59
N ALA A 944 -18.24 18.40 -51.50
CA ALA A 944 -18.96 18.17 -50.25
C ALA A 944 -19.52 19.46 -49.68
N LEU A 945 -18.76 20.56 -49.79
CA LEU A 945 -19.28 21.85 -49.35
C LEU A 945 -20.52 22.25 -50.15
N ASP A 946 -20.49 22.05 -51.46
CA ASP A 946 -21.66 22.32 -52.30
C ASP A 946 -22.85 21.48 -51.85
N ALA A 947 -22.64 20.17 -51.70
CA ALA A 947 -23.74 19.30 -51.32
C ALA A 947 -24.31 19.66 -49.97
N ALA A 948 -23.45 19.99 -49.01
CA ALA A 948 -23.93 20.33 -47.67
C ALA A 948 -24.65 21.67 -47.67
N GLY A 949 -24.15 22.65 -48.42
CA GLY A 949 -24.80 23.94 -48.45
C GLY A 949 -26.16 23.89 -49.13
N VAL A 950 -26.28 23.15 -50.22
CA VAL A 950 -27.55 23.10 -50.95
C VAL A 950 -28.62 22.38 -50.14
N LEU A 951 -28.25 21.30 -49.46
CA LEU A 951 -29.23 20.53 -48.71
C LEU A 951 -29.75 21.27 -47.49
N ASN A 952 -29.04 22.30 -47.02
CA ASN A 952 -29.42 23.01 -45.82
C ASN A 952 -30.02 24.38 -46.07
N ALA A 953 -29.94 24.91 -47.28
CA ALA A 953 -30.50 26.22 -47.56
C ALA A 953 -32.02 26.17 -47.56
N PRO A 954 -32.69 27.17 -47.01
CA PRO A 954 -34.16 27.19 -47.03
C PRO A 954 -34.70 27.50 -48.42
N VAL A 955 -35.97 27.19 -48.62
CA VAL A 955 -36.65 27.34 -49.90
C VAL A 955 -37.64 28.49 -49.79
N LEU A 956 -37.52 29.46 -50.70
CA LEU A 956 -38.38 30.64 -50.73
C LEU A 956 -39.22 30.63 -52.00
N HIS A 957 -40.01 31.68 -52.18
CA HIS A 957 -40.89 31.80 -53.33
C HIS A 957 -40.78 33.21 -53.92
N ASP A 958 -40.77 33.28 -55.24
CA ASP A 958 -40.75 34.55 -55.98
C ASP A 958 -39.52 35.38 -55.59
N VAL A 959 -38.35 34.82 -55.87
CA VAL A 959 -37.07 35.43 -55.51
C VAL A 959 -36.45 35.98 -56.79
N PRO A 960 -36.17 37.28 -56.86
CA PRO A 960 -35.42 37.79 -58.01
C PRO A 960 -33.97 37.32 -57.97
N ASP A 961 -33.44 37.00 -59.15
CA ASP A 961 -32.06 36.48 -59.25
C ASP A 961 -31.05 37.62 -59.44
N ILE A 962 -31.06 38.54 -58.48
CA ILE A 962 -30.14 39.67 -58.52
C ILE A 962 -28.71 39.18 -58.32
N THR A 963 -27.76 39.99 -58.78
CA THR A 963 -26.35 39.68 -58.61
C THR A 963 -25.95 39.78 -57.14
N PRO A 964 -25.03 38.94 -56.69
CA PRO A 964 -24.63 38.96 -55.27
C PRO A 964 -23.97 40.27 -54.88
N LEU A 965 -24.12 40.62 -53.61
CA LEU A 965 -23.56 41.87 -53.10
C LEU A 965 -22.04 41.84 -53.15
N ALA A 966 -21.43 40.77 -52.65
CA ALA A 966 -19.98 40.61 -52.66
C ALA A 966 -19.65 39.19 -53.04
N SER A 967 -18.45 38.99 -53.57
CA SER A 967 -18.02 37.69 -54.04
C SER A 967 -16.55 37.47 -53.67
N ILE A 968 -16.22 36.21 -53.42
CA ILE A 968 -14.84 35.80 -53.21
C ILE A 968 -14.47 34.81 -54.31
N GLU A 969 -13.48 35.16 -55.11
CA GLU A 969 -12.98 34.30 -56.18
C GLU A 969 -11.60 33.81 -55.77
N SER A 970 -11.46 32.48 -55.66
CA SER A 970 -10.21 31.88 -55.23
C SER A 970 -9.35 31.57 -56.45
N VAL A 971 -8.19 32.22 -56.54
CA VAL A 971 -7.21 31.86 -57.56
C VAL A 971 -6.71 30.44 -57.34
N ASN A 972 -6.32 30.14 -56.10
CA ASN A 972 -5.98 28.79 -55.68
C ASN A 972 -6.41 28.62 -54.24
N GLY A 973 -6.89 27.43 -53.92
CA GLY A 973 -7.46 27.14 -52.61
C GLY A 973 -8.97 27.17 -52.64
N THR A 974 -9.55 26.91 -51.47
CA THR A 974 -11.00 26.89 -51.29
C THR A 974 -11.36 27.88 -50.20
N VAL A 975 -11.98 28.99 -50.58
CA VAL A 975 -12.39 30.03 -49.65
C VAL A 975 -13.90 30.18 -49.71
N VAL A 976 -14.54 30.15 -48.56
CA VAL A 976 -16.00 30.21 -48.45
C VAL A 976 -16.38 31.56 -47.86
N LEU A 977 -17.21 32.30 -48.58
CA LEU A 977 -17.82 33.53 -48.05
C LEU A 977 -19.01 33.10 -47.21
N ASP A 978 -18.82 33.02 -45.89
CA ASP A 978 -19.81 32.38 -45.05
C ASP A 978 -20.98 33.29 -44.69
N TRP A 979 -20.74 34.58 -44.48
CA TRP A 979 -21.81 35.42 -43.98
C TRP A 979 -21.70 36.84 -44.53
N MET A 980 -22.87 37.45 -44.78
CA MET A 980 -22.99 38.86 -45.10
C MET A 980 -24.08 39.46 -44.24
N LYS A 981 -23.86 40.67 -43.74
CA LYS A 981 -24.85 41.34 -42.91
C LYS A 981 -24.59 42.84 -42.92
N LEU A 982 -25.42 43.57 -42.19
CA LEU A 982 -25.24 44.99 -41.95
C LEU A 982 -24.65 45.23 -40.57
N ALA A 983 -23.81 46.26 -40.46
CA ALA A 983 -23.11 46.53 -39.22
C ALA A 983 -24.09 46.86 -38.11
N ASP A 984 -23.72 46.49 -36.88
CA ASP A 984 -24.59 46.66 -35.72
C ASP A 984 -24.61 48.12 -35.25
N ASP A 985 -25.01 48.99 -36.16
CA ASP A 985 -25.19 50.41 -35.90
C ASP A 985 -25.93 51.00 -37.10
N GLY A 986 -26.07 52.32 -37.13
CA GLY A 986 -26.78 52.97 -38.20
C GLY A 986 -25.94 53.37 -39.39
N SER A 987 -24.68 52.94 -39.45
CA SER A 987 -23.80 53.37 -40.52
C SER A 987 -24.28 52.87 -41.87
N GLY A 988 -24.70 51.62 -41.94
CA GLY A 988 -25.07 51.01 -43.20
C GLY A 988 -23.96 50.26 -43.91
N ASP A 989 -22.83 50.03 -43.24
CA ASP A 989 -21.73 49.30 -43.85
C ASP A 989 -22.07 47.81 -43.96
N LEU A 990 -21.36 47.13 -44.85
CA LEU A 990 -21.56 45.71 -45.10
C LEU A 990 -20.47 44.91 -44.40
N ILE A 991 -20.87 43.96 -43.57
CA ILE A 991 -19.94 43.08 -42.86
C ILE A 991 -19.91 41.75 -43.58
N VAL A 992 -18.71 41.27 -43.90
CA VAL A 992 -18.49 40.02 -44.60
C VAL A 992 -17.60 39.13 -43.74
N ARG A 993 -17.98 37.86 -43.61
CA ARG A 993 -17.22 36.88 -42.87
C ARG A 993 -16.88 35.72 -43.79
N ALA A 994 -15.59 35.44 -43.96
CA ALA A 994 -15.11 34.40 -44.85
C ALA A 994 -14.03 33.60 -44.17
N TYR A 995 -13.74 32.41 -44.71
CA TYR A 995 -12.70 31.57 -44.13
C TYR A 995 -12.18 30.60 -45.19
N GLU A 996 -10.99 30.06 -44.92
CA GLU A 996 -10.38 29.07 -45.78
C GLU A 996 -10.87 27.68 -45.37
N ALA A 997 -11.36 26.90 -46.34
CA ALA A 997 -12.07 25.67 -46.05
C ALA A 997 -11.25 24.42 -46.30
N ALA A 998 -10.42 24.40 -47.36
CA ALA A 998 -9.70 23.18 -47.72
C ALA A 998 -8.71 22.77 -46.63
N GLY A 999 -7.98 23.74 -46.07
CA GLY A 999 -6.98 23.46 -45.07
C GLY A 999 -5.56 23.81 -45.46
N GLY A 1000 -5.31 24.36 -46.64
CA GLY A 1000 -4.00 24.81 -47.02
C GLY A 1000 -3.94 26.32 -47.19
N GLN A 1001 -2.97 26.81 -47.96
CA GLN A 1001 -2.89 28.24 -48.24
C GLN A 1001 -3.73 28.60 -49.44
N ALA A 1002 -4.40 29.74 -49.38
CA ALA A 1002 -5.30 30.16 -50.45
C ALA A 1002 -5.06 31.62 -50.80
N ASP A 1003 -5.25 31.94 -52.06
CA ASP A 1003 -5.23 33.32 -52.54
C ASP A 1003 -6.58 33.64 -53.16
N ALA A 1004 -7.08 34.84 -52.90
CA ALA A 1004 -8.45 35.16 -53.30
C ALA A 1004 -8.56 36.61 -53.75
N MET A 1005 -9.60 36.87 -54.53
CA MET A 1005 -9.94 38.19 -55.04
C MET A 1005 -11.33 38.57 -54.55
N LEU A 1006 -11.53 39.85 -54.25
CA LEU A 1006 -12.81 40.34 -53.77
C LEU A 1006 -13.52 41.13 -54.86
N HIS A 1007 -14.79 40.83 -55.09
CA HIS A 1007 -15.62 41.52 -56.06
C HIS A 1007 -16.90 41.99 -55.37
N VAL A 1008 -17.44 43.11 -55.85
CA VAL A 1008 -18.62 43.72 -55.24
C VAL A 1008 -19.65 44.02 -56.32
N CYS A 1009 -20.87 44.25 -55.87
CA CYS A 1009 -21.98 44.57 -56.76
C CYS A 1009 -21.82 45.98 -57.33
N PRO A 1010 -22.53 46.29 -58.43
CA PRO A 1010 -22.42 47.64 -58.99
C PRO A 1010 -22.77 48.76 -58.03
N ALA A 1011 -23.65 48.50 -57.05
CA ALA A 1011 -23.99 49.51 -56.07
C ALA A 1011 -22.75 49.90 -55.25
N LEU A 1012 -21.92 48.93 -54.90
CA LEU A 1012 -20.69 49.17 -54.14
C LEU A 1012 -19.53 49.57 -55.04
N ALA A 1013 -19.74 50.59 -55.88
CA ALA A 1013 -18.67 51.14 -56.70
C ALA A 1013 -18.04 52.32 -55.98
N GLY A 1014 -16.73 52.30 -55.87
CA GLY A 1014 -16.03 53.31 -55.10
C GLY A 1014 -16.07 53.11 -53.61
N ALA A 1015 -16.51 51.94 -53.14
CA ALA A 1015 -16.57 51.62 -51.73
C ALA A 1015 -15.21 51.16 -51.24
N SER A 1016 -14.96 51.39 -49.96
CA SER A 1016 -13.70 50.99 -49.33
C SER A 1016 -13.88 49.70 -48.55
N VAL A 1017 -12.78 48.97 -48.37
CA VAL A 1017 -12.79 47.73 -47.60
C VAL A 1017 -11.64 47.79 -46.59
N HIS A 1018 -11.89 47.29 -45.39
CA HIS A 1018 -10.82 47.17 -44.41
C HIS A 1018 -11.15 46.06 -43.43
N GLU A 1019 -10.12 45.54 -42.79
CA GLU A 1019 -10.28 44.40 -41.89
C GLU A 1019 -10.59 44.85 -40.48
N THR A 1020 -11.49 44.12 -39.83
CA THR A 1020 -11.82 44.34 -38.42
C THR A 1020 -11.72 43.02 -37.67
N ASN A 1021 -12.17 43.00 -36.42
CA ASN A 1021 -12.29 41.77 -35.66
C ASN A 1021 -13.71 41.25 -35.78
N VAL A 1022 -13.98 40.11 -35.13
CA VAL A 1022 -15.28 39.47 -35.25
C VAL A 1022 -16.41 40.32 -34.68
N LEU A 1023 -16.09 41.28 -33.81
CA LEU A 1023 -17.09 42.18 -33.25
C LEU A 1023 -17.12 43.53 -33.96
N GLU A 1024 -16.44 43.65 -35.10
CA GLU A 1024 -16.39 44.86 -35.93
C GLU A 1024 -15.72 46.03 -35.21
N GLY A 1025 -14.90 45.76 -34.19
CA GLY A 1025 -14.34 46.82 -33.39
C GLY A 1025 -13.09 47.47 -33.95
N ASP A 1026 -12.56 46.95 -35.05
CA ASP A 1026 -11.44 47.55 -35.79
C ASP A 1026 -10.11 47.41 -35.02
N ASP A 1027 -10.18 46.94 -33.78
CA ASP A 1027 -8.98 46.70 -32.98
C ASP A 1027 -8.71 45.20 -32.96
N LEU A 1028 -7.52 44.80 -33.40
CA LEU A 1028 -7.18 43.40 -33.54
C LEU A 1028 -5.77 43.16 -33.02
N ALA A 1029 -5.53 41.92 -32.57
CA ALA A 1029 -4.26 41.57 -31.97
C ALA A 1029 -3.15 41.56 -33.01
N ALA A 1030 -1.94 41.93 -32.57
CA ALA A 1030 -0.80 41.96 -33.48
C ALA A 1030 -0.30 40.56 -33.80
N ASP A 1031 -0.47 39.61 -32.88
CA ASP A 1031 0.02 38.26 -33.11
C ASP A 1031 -0.70 37.60 -34.27
N LEU A 1032 -2.01 37.80 -34.37
CA LEU A 1032 -2.80 37.09 -35.37
C LEU A 1032 -2.49 37.62 -36.77
N PRO A 1033 -2.51 36.76 -37.78
CA PRO A 1033 -2.37 37.24 -39.17
C PRO A 1033 -3.62 37.99 -39.62
N VAL A 1034 -3.45 38.76 -40.68
CA VAL A 1034 -4.47 39.69 -41.14
C VAL A 1034 -5.24 39.17 -42.34
N ALA A 1035 -4.54 38.66 -43.35
CA ALA A 1035 -5.07 38.15 -44.62
C ALA A 1035 -5.51 39.26 -45.57
N LEU A 1036 -5.51 40.52 -45.15
CA LEU A 1036 -5.75 41.65 -46.05
C LEU A 1036 -4.53 42.56 -45.94
N GLN A 1037 -3.51 42.26 -46.73
CA GLN A 1037 -2.29 43.06 -46.74
C GLN A 1037 -2.53 44.38 -47.46
N ASP A 1038 -1.70 45.36 -47.13
CA ASP A 1038 -1.73 46.77 -47.54
C ASP A 1038 -2.84 47.53 -46.82
N GLY A 1039 -3.70 46.86 -46.05
CA GLY A 1039 -4.66 47.56 -45.23
C GLY A 1039 -5.88 48.05 -45.96
N ARG A 1040 -6.32 49.27 -45.63
CA ARG A 1040 -7.49 49.86 -46.29
C ARG A 1040 -7.24 49.99 -47.79
N GLN A 1041 -8.21 49.56 -48.58
CA GLN A 1041 -8.08 49.50 -50.03
C GLN A 1041 -9.42 49.87 -50.65
N ASN A 1042 -9.55 49.59 -51.94
CA ASN A 1042 -10.83 49.64 -52.61
C ASN A 1042 -11.45 48.24 -52.61
N ALA A 1043 -12.78 48.20 -52.43
CA ALA A 1043 -13.46 46.92 -52.28
C ALA A 1043 -13.35 46.06 -53.55
N GLU A 1044 -13.39 46.68 -54.72
CA GLU A 1044 -13.34 45.94 -55.98
C GLU A 1044 -11.88 45.69 -56.35
N GLY A 1045 -11.51 44.41 -56.41
CA GLY A 1045 -10.16 44.04 -56.74
C GLY A 1045 -9.23 43.81 -55.56
N ALA A 1046 -9.78 43.72 -54.35
CA ALA A 1046 -8.95 43.50 -53.17
C ALA A 1046 -8.36 42.10 -53.18
N THR A 1047 -7.10 41.98 -52.78
CA THR A 1047 -6.38 40.72 -52.76
C THR A 1047 -6.30 40.19 -51.33
N LEU A 1048 -6.62 38.91 -51.15
CA LEU A 1048 -6.66 38.28 -49.85
C LEU A 1048 -5.76 37.05 -49.85
N HIS A 1049 -5.11 36.80 -48.71
CA HIS A 1049 -4.22 35.66 -48.55
C HIS A 1049 -4.58 34.92 -47.26
N PHE A 1050 -5.21 33.75 -47.40
CA PHE A 1050 -5.63 32.97 -46.25
C PHE A 1050 -4.63 31.86 -45.96
N GLY A 1051 -4.34 31.67 -44.67
CA GLY A 1051 -3.66 30.49 -44.21
C GLY A 1051 -4.68 29.41 -43.91
N PRO A 1052 -4.23 28.26 -43.42
CA PRO A 1052 -5.18 27.18 -43.09
C PRO A 1052 -6.21 27.60 -42.06
N PHE A 1053 -7.48 27.66 -42.47
CA PHE A 1053 -8.61 28.03 -41.61
C PHE A 1053 -8.40 29.42 -41.00
N GLN A 1054 -8.37 30.42 -41.88
CA GLN A 1054 -7.95 31.76 -41.49
C GLN A 1054 -9.06 32.56 -40.81
N LEU A 1055 -10.29 32.50 -41.34
CA LEU A 1055 -11.44 33.22 -40.77
C LEU A 1055 -11.20 34.74 -40.76
N ALA A 1056 -11.18 35.30 -41.97
CA ALA A 1056 -11.11 36.75 -42.12
C ALA A 1056 -12.49 37.39 -41.98
N THR A 1057 -12.50 38.64 -41.51
CA THR A 1057 -13.70 39.44 -41.35
C THR A 1057 -13.44 40.81 -41.95
N LEU A 1058 -14.28 41.24 -42.88
CA LEU A 1058 -14.10 42.49 -43.61
C LEU A 1058 -15.29 43.41 -43.39
N ARG A 1059 -15.01 44.72 -43.46
CA ARG A 1059 -16.02 45.76 -43.37
C ARG A 1059 -15.91 46.62 -44.62
N ILE A 1060 -17.03 46.80 -45.31
CA ILE A 1060 -17.10 47.53 -46.57
C ILE A 1060 -17.95 48.77 -46.35
N THR A 1061 -17.38 49.93 -46.64
CA THR A 1061 -18.00 51.23 -46.41
C THR A 1061 -18.35 51.86 -47.75
N ARG A 1062 -19.61 52.26 -47.90
CA ARG A 1062 -20.07 52.91 -49.11
C ARG A 1062 -19.46 54.29 -49.28
N PHE B 25 4.08 -16.56 17.91
CA PHE B 25 4.94 -17.60 18.46
C PHE B 25 5.83 -18.21 17.37
N LEU B 26 5.43 -18.02 16.12
CA LEU B 26 6.18 -18.47 14.96
C LEU B 26 6.56 -17.27 14.11
N LYS B 27 7.85 -17.13 13.80
CA LYS B 27 8.35 -16.01 13.02
C LYS B 27 8.80 -16.48 11.65
N PRO B 28 8.03 -16.22 10.58
CA PRO B 28 8.41 -16.73 9.26
C PRO B 28 9.74 -16.20 8.74
N GLU B 29 10.08 -14.95 9.05
CA GLU B 29 11.33 -14.37 8.53
C GLU B 29 12.54 -15.10 9.10
N GLN B 30 12.47 -15.47 10.38
CA GLN B 30 13.55 -16.24 10.98
C GLN B 30 13.70 -17.60 10.29
N GLN B 31 12.57 -18.22 9.95
CA GLN B 31 12.62 -19.49 9.23
C GLN B 31 13.26 -19.32 7.87
N LEU B 32 12.97 -18.21 7.18
CA LEU B 32 13.58 -17.98 5.88
C LEU B 32 15.09 -17.79 5.99
N GLU B 33 15.53 -17.00 6.96
CA GLU B 33 16.97 -16.82 7.18
C GLU B 33 17.66 -18.14 7.51
N ARG B 34 17.05 -18.93 8.40
CA ARG B 34 17.61 -20.22 8.78
C ARG B 34 17.68 -21.15 7.58
N CYS B 35 16.65 -21.15 6.74
CA CYS B 35 16.65 -21.97 5.53
C CYS B 35 17.76 -21.57 4.59
N ARG B 36 17.96 -20.27 4.38
CA ARG B 36 19.03 -19.82 3.50
C ARG B 36 20.39 -20.27 4.01
N ARG B 37 20.63 -20.10 5.31
CA ARG B 37 21.91 -20.53 5.88
C ARG B 37 22.10 -22.02 5.73
N ILE B 38 21.07 -22.81 6.02
CA ILE B 38 21.20 -24.27 5.96
C ILE B 38 21.45 -24.73 4.53
N VAL B 39 20.71 -24.17 3.57
CA VAL B 39 20.93 -24.56 2.18
C VAL B 39 22.34 -24.23 1.74
N ARG B 40 22.83 -23.04 2.09
CA ARG B 40 24.15 -22.63 1.62
C ARG B 40 25.27 -23.46 2.27
N GLN B 41 25.13 -23.79 3.55
CA GLN B 41 26.25 -24.36 4.29
C GLN B 41 26.19 -25.86 4.52
N ARG B 42 25.00 -26.44 4.73
CA ARG B 42 24.90 -27.82 5.19
C ARG B 42 24.30 -28.79 4.17
N VAL B 43 23.72 -28.31 3.08
CA VAL B 43 23.06 -29.16 2.10
C VAL B 43 23.78 -29.16 0.77
N ASP B 44 24.05 -27.98 0.22
CA ASP B 44 24.72 -27.88 -1.08
C ASP B 44 26.09 -28.54 -1.12
N PRO B 45 26.96 -28.44 -0.09
CA PRO B 45 28.23 -29.16 -0.16
C PRO B 45 28.10 -30.65 -0.34
N HIS B 46 27.04 -31.26 0.20
CA HIS B 46 26.87 -32.70 0.08
C HIS B 46 26.47 -33.13 -1.33
N ILE B 47 26.06 -32.21 -2.18
CA ILE B 47 25.92 -32.48 -3.61
C ILE B 47 27.31 -32.39 -4.22
N HIS B 48 27.68 -33.41 -5.00
CA HIS B 48 29.00 -33.51 -5.61
C HIS B 48 30.11 -33.47 -4.58
N PRO B 49 30.24 -34.50 -3.72
CA PRO B 49 31.42 -34.57 -2.85
C PRO B 49 32.60 -35.18 -3.59
N SER B 50 33.72 -34.45 -3.60
CA SER B 50 34.89 -34.87 -4.37
C SER B 50 35.47 -36.17 -3.84
N ILE B 51 35.93 -37.01 -4.75
CA ILE B 51 36.53 -38.29 -4.38
C ILE B 51 37.91 -38.45 -5.00
N ALA B 52 38.23 -37.62 -5.98
CA ALA B 52 39.55 -37.67 -6.60
C ALA B 52 39.89 -36.32 -7.21
N GLN B 53 41.19 -36.10 -7.41
CA GLN B 53 41.70 -34.86 -7.99
C GLN B 53 42.51 -35.18 -9.24
N LEU B 54 42.37 -34.34 -10.26
CA LEU B 54 42.94 -34.59 -11.57
C LEU B 54 44.25 -33.84 -11.75
N THR B 55 45.15 -34.44 -12.53
CA THR B 55 46.39 -33.80 -12.94
C THR B 55 46.16 -33.01 -14.22
N VAL B 56 46.74 -31.83 -14.30
CA VAL B 56 46.43 -30.86 -15.35
C VAL B 56 47.70 -30.49 -16.11
N GLU B 57 47.62 -30.51 -17.43
CA GLU B 57 48.71 -30.03 -18.27
C GLU B 57 48.14 -29.04 -19.29
N SER B 58 48.95 -28.06 -19.68
CA SER B 58 48.49 -26.90 -20.42
C SER B 58 49.26 -26.73 -21.72
N TYR B 59 48.57 -26.14 -22.70
CA TYR B 59 49.17 -25.75 -23.97
C TYR B 59 48.47 -24.50 -24.46
N ASP B 60 49.24 -23.45 -24.74
CA ASP B 60 48.68 -22.12 -25.00
C ASP B 60 48.65 -21.79 -26.49
N ILE B 61 47.62 -21.07 -26.91
CA ILE B 61 47.49 -20.54 -28.26
C ILE B 61 47.16 -19.06 -28.14
N PRO B 62 48.16 -18.19 -28.08
CA PRO B 62 47.87 -16.76 -27.90
C PRO B 62 47.14 -16.12 -29.06
N GLY B 63 47.25 -16.68 -30.26
CA GLY B 63 46.63 -16.11 -31.44
C GLY B 63 45.24 -16.63 -31.69
N GLU B 64 44.87 -16.72 -32.96
CA GLU B 64 43.57 -17.24 -33.33
C GLU B 64 43.47 -18.72 -33.01
N PRO B 65 42.27 -19.21 -32.66
CA PRO B 65 42.14 -20.61 -32.24
C PRO B 65 42.46 -21.59 -33.36
N MET B 66 42.98 -22.73 -32.97
CA MET B 66 43.24 -23.85 -33.86
C MET B 66 42.01 -24.75 -33.93
N PRO B 67 41.54 -25.12 -35.12
CA PRO B 67 40.38 -26.01 -35.20
C PRO B 67 40.66 -27.35 -34.53
N SER B 68 39.61 -27.92 -33.95
CA SER B 68 39.77 -29.17 -33.19
C SER B 68 40.32 -30.29 -34.06
N ASP B 69 39.95 -30.32 -35.34
CA ASP B 69 40.48 -31.33 -36.26
C ASP B 69 42.00 -31.24 -36.34
N GLU B 70 42.51 -30.04 -36.60
CA GLU B 70 43.96 -29.85 -36.71
C GLU B 70 44.66 -30.14 -35.40
N PHE B 71 44.07 -29.71 -34.28
CA PHE B 71 44.67 -29.95 -32.99
C PHE B 71 44.80 -31.45 -32.72
N PHE B 72 43.75 -32.20 -33.00
CA PHE B 72 43.80 -33.64 -32.72
C PHE B 72 44.72 -34.37 -33.69
N ALA B 73 44.77 -33.94 -34.95
CA ALA B 73 45.73 -34.54 -35.88
C ALA B 73 47.16 -34.30 -35.39
N LYS B 74 47.50 -33.06 -35.07
CA LYS B 74 48.84 -32.78 -34.57
C LYS B 74 49.12 -33.57 -33.30
N LEU B 75 48.14 -33.63 -32.38
CA LEU B 75 48.35 -34.31 -31.10
C LEU B 75 48.60 -35.79 -31.29
N ASP B 76 47.84 -36.44 -32.17
CA ASP B 76 48.04 -37.87 -32.34
C ASP B 76 49.31 -38.16 -33.14
N ARG B 77 49.80 -37.19 -33.92
CA ARG B 77 51.12 -37.35 -34.51
C ARG B 77 52.24 -36.72 -33.69
N GLY B 78 51.91 -36.07 -32.56
CA GLY B 78 52.92 -35.46 -31.71
C GLY B 78 52.75 -33.97 -31.55
N ASP B 79 53.83 -33.22 -31.73
CA ASP B 79 53.76 -31.78 -31.97
C ASP B 79 53.12 -30.97 -30.85
N ILE B 80 52.73 -31.63 -29.75
CA ILE B 80 52.11 -30.95 -28.62
C ILE B 80 52.89 -31.34 -27.36
N ASP B 81 53.19 -30.35 -26.52
CA ASP B 81 54.06 -30.54 -25.36
C ASP B 81 53.33 -30.70 -24.05
N PHE B 82 52.30 -29.89 -23.79
CA PHE B 82 51.47 -30.01 -22.59
C PHE B 82 52.31 -29.86 -21.32
N LYS B 83 52.82 -28.64 -21.13
CA LYS B 83 53.63 -28.33 -19.97
C LYS B 83 52.80 -28.47 -18.69
N PRO B 84 53.41 -28.92 -17.59
CA PRO B 84 52.62 -29.19 -16.37
C PRO B 84 51.95 -27.93 -15.84
N PHE B 85 50.81 -28.12 -15.18
CA PHE B 85 50.03 -27.01 -14.65
C PHE B 85 49.59 -27.34 -13.23
N MET B 86 49.55 -26.34 -12.36
CA MET B 86 49.16 -26.51 -10.98
C MET B 86 47.89 -25.72 -10.71
N LEU B 87 46.90 -26.37 -10.09
CA LEU B 87 45.64 -25.71 -9.80
C LEU B 87 45.86 -24.50 -8.90
N GLY B 88 45.12 -23.42 -9.18
CA GLY B 88 45.31 -22.17 -8.50
C GLY B 88 46.13 -21.15 -9.25
N SER B 89 46.63 -21.49 -10.44
CA SER B 89 47.42 -20.59 -11.26
C SER B 89 46.55 -19.97 -12.35
N GLU B 90 47.12 -18.98 -13.03
CA GLU B 90 46.43 -18.25 -14.08
C GLU B 90 46.89 -18.76 -15.45
N TRP B 91 45.97 -18.74 -16.41
CA TRP B 91 46.29 -19.45 -17.64
C TRP B 91 46.17 -18.63 -18.92
N GLY B 92 45.15 -17.78 -19.05
CA GLY B 92 44.75 -17.26 -20.34
C GLY B 92 45.31 -15.90 -20.72
N THR B 93 45.36 -15.66 -22.03
CA THR B 93 45.62 -14.33 -22.58
C THR B 93 44.27 -13.64 -22.86
N THR B 94 44.32 -12.53 -23.61
CA THR B 94 43.12 -11.71 -23.75
C THR B 94 42.04 -12.40 -24.56
N TRP B 95 42.39 -13.00 -25.70
CA TRP B 95 41.43 -13.76 -26.50
C TRP B 95 42.01 -15.10 -26.93
N GLY B 96 43.09 -15.54 -26.29
CA GLY B 96 43.72 -16.78 -26.67
C GLY B 96 42.99 -18.00 -26.15
N THR B 97 43.47 -19.16 -26.56
CA THR B 97 42.87 -20.44 -26.20
C THR B 97 43.87 -21.24 -25.39
N VAL B 98 43.38 -22.05 -24.46
CA VAL B 98 44.24 -22.95 -23.71
C VAL B 98 43.68 -24.35 -23.77
N TRP B 99 44.50 -25.30 -24.19
CA TRP B 99 44.12 -26.71 -24.20
C TRP B 99 44.70 -27.37 -22.95
N PHE B 100 43.83 -27.99 -22.16
CA PHE B 100 44.21 -28.69 -20.95
C PHE B 100 44.04 -30.18 -21.16
N ARG B 101 45.07 -30.94 -20.80
CA ARG B 101 44.95 -32.40 -20.70
C ARG B 101 44.72 -32.75 -19.23
N LEU B 102 43.62 -33.44 -18.97
CA LEU B 102 43.20 -33.80 -17.62
C LEU B 102 43.36 -35.29 -17.46
N THR B 103 44.14 -35.71 -16.47
CA THR B 103 44.41 -37.12 -16.22
C THR B 103 43.90 -37.49 -14.84
N GLY B 104 43.36 -38.70 -14.70
CA GLY B 104 42.87 -39.11 -13.41
C GLY B 104 42.76 -40.61 -13.31
N THR B 105 42.43 -41.06 -12.10
CA THR B 105 42.15 -42.46 -11.85
C THR B 105 41.05 -42.57 -10.80
N VAL B 106 40.14 -43.52 -11.01
CA VAL B 106 39.05 -43.75 -10.07
C VAL B 106 39.60 -44.56 -8.90
N PRO B 107 39.08 -44.39 -7.69
CA PRO B 107 39.49 -45.25 -6.58
C PRO B 107 39.01 -46.67 -6.79
N ALA B 108 39.51 -47.57 -5.93
CA ALA B 108 39.25 -48.99 -6.09
C ALA B 108 37.77 -49.31 -5.88
N GLY B 109 37.11 -49.75 -6.94
CA GLY B 109 35.73 -50.22 -6.85
C GLY B 109 34.77 -49.19 -6.30
N TYR B 110 34.90 -47.95 -6.72
CA TYR B 110 34.13 -46.89 -6.08
C TYR B 110 32.68 -46.78 -6.57
N PRO B 111 32.39 -46.90 -7.89
CA PRO B 111 31.04 -46.52 -8.36
C PRO B 111 29.94 -47.43 -7.82
N LYS B 112 29.58 -47.20 -6.55
CA LYS B 112 28.56 -47.98 -5.85
C LYS B 112 27.24 -47.20 -5.84
N GLY B 113 26.50 -47.32 -6.95
CA GLY B 113 25.19 -46.71 -7.03
C GLY B 113 25.17 -45.20 -7.06
N LYS B 114 26.17 -44.56 -7.68
CA LYS B 114 26.18 -43.12 -7.86
C LYS B 114 26.67 -42.78 -9.26
N PRO B 115 26.10 -41.75 -9.89
CA PRO B 115 26.47 -41.44 -11.27
C PRO B 115 27.92 -41.03 -11.47
N LEU B 116 28.61 -40.50 -10.45
CA LEU B 116 30.05 -40.21 -10.53
C LEU B 116 30.36 -39.19 -11.63
N GLU B 117 29.91 -37.96 -11.39
CA GLU B 117 30.11 -36.85 -12.33
C GLU B 117 31.53 -36.29 -12.24
N LEU B 118 31.75 -35.11 -12.83
CA LEU B 118 33.06 -34.50 -12.97
C LEU B 118 32.93 -32.99 -12.86
N ILE B 119 33.58 -32.39 -11.87
CA ILE B 119 33.45 -30.97 -11.58
C ILE B 119 34.71 -30.24 -12.06
N LEU B 120 34.52 -29.15 -12.81
CA LEU B 120 35.62 -28.37 -13.35
C LEU B 120 35.31 -26.89 -13.14
N ASP B 121 36.08 -26.23 -12.28
CA ASP B 121 35.95 -24.80 -12.05
C ASP B 121 37.10 -24.09 -12.73
N LEU B 122 36.78 -23.08 -13.54
CA LEU B 122 37.78 -22.33 -14.28
C LEU B 122 38.02 -20.94 -13.71
N GLY B 123 37.48 -20.64 -12.53
CA GLY B 123 37.59 -19.31 -11.96
C GLY B 123 36.46 -18.43 -12.44
N TRP B 124 35.24 -18.96 -12.39
CA TRP B 124 34.08 -18.25 -12.87
C TRP B 124 33.77 -17.07 -11.97
N TYR B 125 33.42 -15.94 -12.59
CA TYR B 125 32.83 -14.85 -11.83
C TYR B 125 31.39 -15.23 -11.48
N PRO B 126 31.01 -15.17 -10.20
CA PRO B 126 29.70 -15.69 -9.80
C PRO B 126 28.53 -14.89 -10.38
N HIS B 127 28.58 -13.57 -10.25
CA HIS B 127 27.43 -12.72 -10.59
C HIS B 127 27.41 -12.35 -12.07
N SER B 128 27.52 -13.35 -12.95
CA SER B 128 27.41 -13.15 -14.38
C SER B 128 27.40 -14.53 -15.04
N CYS B 129 27.29 -14.53 -16.37
CA CYS B 129 27.31 -15.74 -17.17
C CYS B 129 27.44 -15.36 -18.64
N GLY B 130 28.15 -16.19 -19.39
CA GLY B 130 28.20 -16.07 -20.84
C GLY B 130 28.84 -14.82 -21.37
N GLY B 131 29.55 -14.08 -20.52
CA GLY B 131 30.24 -12.89 -20.98
C GLY B 131 31.74 -13.04 -20.89
N HIS B 132 32.18 -14.19 -20.41
CA HIS B 132 33.60 -14.44 -20.14
C HIS B 132 33.87 -15.92 -20.37
N ILE B 133 34.98 -16.39 -19.80
CA ILE B 133 35.61 -17.67 -20.13
C ILE B 133 34.64 -18.84 -20.17
N GLU B 134 34.93 -19.81 -21.04
CA GLU B 134 34.13 -21.02 -21.14
C GLU B 134 35.01 -22.11 -21.75
N GLY B 135 34.42 -23.24 -22.14
CA GLY B 135 35.20 -24.27 -22.79
C GLY B 135 34.39 -25.53 -23.05
N LEU B 136 34.93 -26.35 -23.94
CA LEU B 136 34.41 -27.67 -24.26
C LEU B 136 35.30 -28.78 -23.73
N VAL B 137 34.72 -29.97 -23.61
CA VAL B 137 35.41 -31.17 -23.17
C VAL B 137 35.35 -32.20 -24.29
N TYR B 138 36.47 -32.89 -24.52
CA TYR B 138 36.61 -33.83 -25.60
C TYR B 138 37.19 -35.15 -25.11
N ARG B 139 36.87 -36.20 -25.87
CA ARG B 139 37.41 -37.56 -25.64
C ARG B 139 38.57 -37.62 -26.61
N ALA B 140 39.64 -38.35 -26.29
CA ALA B 140 40.83 -38.43 -27.12
C ALA B 140 40.49 -38.73 -28.57
N ASP B 141 39.33 -39.32 -28.82
CA ASP B 141 38.90 -39.61 -30.18
C ASP B 141 38.74 -38.31 -30.97
N GLY B 142 38.13 -37.30 -30.37
CA GLY B 142 37.89 -36.04 -31.05
C GLY B 142 36.44 -35.66 -31.09
N THR B 143 35.65 -36.21 -30.17
CA THR B 143 34.22 -35.95 -30.09
C THR B 143 33.91 -35.27 -28.76
N ALA B 144 33.04 -34.28 -28.81
CA ALA B 144 32.75 -33.46 -27.64
C ALA B 144 31.77 -34.18 -26.70
N ILE B 145 31.88 -33.83 -25.41
CA ILE B 145 30.98 -34.36 -24.38
C ILE B 145 29.97 -33.30 -23.95
N LYS B 146 30.45 -32.21 -23.37
CA LYS B 146 29.59 -31.17 -22.82
C LYS B 146 30.46 -29.96 -22.48
N ALA B 147 29.92 -28.77 -22.70
CA ALA B 147 30.64 -27.55 -22.37
C ALA B 147 30.55 -27.26 -20.88
N VAL B 148 31.42 -26.36 -20.42
CA VAL B 148 31.42 -25.89 -19.04
C VAL B 148 31.13 -24.39 -19.05
N HIS B 149 30.25 -23.96 -18.16
CA HIS B 149 29.71 -22.61 -18.10
C HIS B 149 29.68 -22.16 -16.66
N PRO B 150 29.55 -20.84 -16.41
CA PRO B 150 29.61 -20.35 -15.02
C PRO B 150 28.64 -21.02 -14.06
N LEU B 151 27.41 -21.31 -14.49
CA LEU B 151 26.47 -22.04 -13.66
C LEU B 151 26.24 -23.46 -14.13
N ASN B 152 26.98 -23.91 -15.14
CA ASN B 152 26.87 -25.26 -15.68
C ASN B 152 28.29 -25.79 -15.89
N TYR B 153 28.85 -26.40 -14.85
CA TYR B 153 30.23 -26.86 -14.91
C TYR B 153 30.37 -28.29 -14.38
N TRP B 154 29.41 -29.14 -14.72
CA TRP B 154 29.50 -30.57 -14.43
C TRP B 154 29.52 -31.33 -15.76
N VAL B 155 30.29 -32.40 -15.82
CA VAL B 155 30.46 -33.20 -17.02
C VAL B 155 30.15 -34.65 -16.65
N PRO B 156 29.26 -35.33 -17.35
CA PRO B 156 28.98 -36.74 -17.03
C PRO B 156 30.19 -37.61 -17.33
N PHE B 157 30.50 -38.51 -16.39
CA PHE B 157 31.65 -39.39 -16.54
C PHE B 157 31.24 -40.86 -16.62
N MET B 158 30.51 -41.38 -15.64
CA MET B 158 30.10 -42.78 -15.62
C MET B 158 28.64 -42.85 -15.21
N ASP B 159 28.18 -44.06 -14.91
CA ASP B 159 26.84 -44.30 -14.40
C ASP B 159 26.94 -45.11 -13.11
N ALA B 160 25.79 -45.41 -12.52
CA ALA B 160 25.77 -46.29 -11.36
C ALA B 160 26.21 -47.70 -11.74
N GLU B 161 25.80 -48.17 -12.92
CA GLU B 161 26.19 -49.50 -13.37
C GLU B 161 27.68 -49.57 -13.72
N GLY B 162 28.29 -48.43 -14.08
CA GLY B 162 29.69 -48.38 -14.41
C GLY B 162 30.00 -48.09 -15.86
N ASN B 163 29.02 -47.72 -16.68
CA ASN B 163 29.27 -47.40 -18.07
C ASN B 163 29.80 -45.98 -18.18
N ALA B 164 30.93 -45.82 -18.83
CA ALA B 164 31.63 -44.54 -18.89
C ALA B 164 31.49 -43.90 -20.26
N GLN B 165 31.88 -42.64 -20.34
CA GLN B 165 31.93 -41.92 -21.60
C GLN B 165 33.26 -42.09 -22.33
N VAL B 166 34.32 -42.43 -21.61
CA VAL B 166 35.67 -42.46 -22.17
C VAL B 166 36.31 -43.79 -21.81
N PRO B 167 37.33 -44.21 -22.57
CA PRO B 167 38.02 -45.47 -22.23
C PRO B 167 38.68 -45.38 -20.87
N VAL B 168 38.27 -46.27 -19.97
CA VAL B 168 38.88 -46.42 -18.66
C VAL B 168 39.49 -47.81 -18.58
N ALA B 169 40.72 -47.90 -18.10
CA ALA B 169 41.51 -49.11 -18.17
C ALA B 169 41.33 -49.95 -16.90
N GLU B 170 42.00 -51.11 -16.88
CA GLU B 170 41.98 -51.96 -15.70
C GLU B 170 42.58 -51.25 -14.50
N ASP B 171 43.61 -50.43 -14.73
CA ASP B 171 44.13 -49.58 -13.66
C ASP B 171 43.09 -48.57 -13.20
N GLY B 172 42.21 -48.14 -14.11
CA GLY B 172 41.26 -47.09 -13.82
C GLY B 172 41.67 -45.71 -14.30
N SER B 173 42.79 -45.61 -15.01
CA SER B 173 43.27 -44.32 -15.49
C SER B 173 42.47 -43.86 -16.70
N PHE B 174 42.33 -42.54 -16.82
CA PHE B 174 41.60 -41.94 -17.92
C PHE B 174 42.16 -40.55 -18.19
N THR B 175 41.99 -40.11 -19.44
CA THR B 175 42.42 -38.78 -19.88
C THR B 175 41.31 -38.12 -20.67
N LEU B 176 41.19 -36.80 -20.51
CA LEU B 176 40.25 -35.97 -21.24
C LEU B 176 40.98 -34.74 -21.73
N TYR B 177 40.37 -34.04 -22.69
CA TYR B 177 40.90 -32.77 -23.15
C TYR B 177 39.86 -31.68 -22.94
N LEU B 178 40.32 -30.47 -22.65
CA LEU B 178 39.44 -29.35 -22.36
C LEU B 178 39.96 -28.13 -23.11
N GLU B 179 39.17 -27.65 -24.06
CA GLU B 179 39.51 -26.43 -24.80
C GLU B 179 38.83 -25.27 -24.09
N ALA B 180 39.63 -24.37 -23.54
CA ALA B 180 39.13 -23.26 -22.74
C ALA B 180 39.36 -21.96 -23.51
N ALA B 181 38.28 -21.22 -23.73
CA ALA B 181 38.31 -19.91 -24.35
C ALA B 181 38.31 -18.85 -23.27
N SER B 182 39.27 -17.94 -23.37
CA SER B 182 39.47 -16.85 -22.42
C SER B 182 39.03 -15.55 -23.07
N ASN B 183 37.76 -15.21 -22.88
CA ASN B 183 37.21 -13.98 -23.43
C ASN B 183 37.02 -12.94 -22.34
N PRO B 184 37.34 -11.68 -22.61
CA PRO B 184 37.18 -10.64 -21.59
C PRO B 184 35.73 -10.34 -21.32
N LEU B 185 35.47 -9.83 -20.11
CA LEU B 185 34.15 -9.41 -19.70
C LEU B 185 33.98 -7.93 -20.05
N LEU B 186 33.18 -7.67 -21.09
CA LEU B 186 32.97 -6.30 -21.55
C LEU B 186 31.71 -5.66 -20.96
N LEU B 187 31.00 -6.37 -20.07
CA LEU B 187 29.87 -5.82 -19.32
C LEU B 187 30.05 -6.17 -17.85
N GLY B 188 30.79 -5.31 -17.14
CA GLY B 188 30.94 -5.47 -15.70
C GLY B 188 29.71 -4.99 -14.97
N VAL B 189 29.74 -5.15 -13.65
CA VAL B 189 28.60 -4.73 -12.84
C VAL B 189 28.49 -3.20 -12.83
N PRO B 190 29.57 -2.42 -12.98
CA PRO B 190 29.38 -1.06 -13.50
C PRO B 190 29.34 -1.09 -15.02
N PRO B 191 28.18 -0.89 -15.62
CA PRO B 191 28.05 -1.12 -17.06
C PRO B 191 28.53 0.06 -17.88
N PHE B 192 28.84 -0.24 -19.15
CA PHE B 192 29.19 0.76 -20.16
C PHE B 192 30.43 1.55 -19.76
N ILE B 193 31.55 0.84 -19.62
CA ILE B 193 32.84 1.44 -19.33
C ILE B 193 33.74 1.23 -20.55
N GLU B 194 34.35 2.31 -21.01
CA GLU B 194 35.17 2.27 -22.20
C GLU B 194 36.34 1.30 -22.03
N THR B 195 36.64 0.55 -23.09
CA THR B 195 37.72 -0.43 -23.05
C THR B 195 38.37 -0.51 -24.42
N GLU B 196 39.63 -0.96 -24.42
CA GLU B 196 40.38 -1.18 -25.64
C GLU B 196 40.62 -2.65 -25.94
N LEU B 197 39.93 -3.54 -25.24
CA LEU B 197 40.09 -4.98 -25.40
C LEU B 197 39.11 -5.58 -26.39
N GLY B 198 38.67 -4.82 -27.39
CA GLY B 198 37.68 -5.31 -28.31
C GLY B 198 38.13 -5.38 -29.76
N ASP B 199 39.40 -5.70 -30.00
CA ASP B 199 39.90 -5.86 -31.35
C ASP B 199 41.30 -6.48 -31.30
N HIS B 200 41.64 -7.20 -32.37
CA HIS B 200 43.00 -7.66 -32.67
C HIS B 200 43.68 -8.27 -31.43
N ALA B 201 43.16 -9.43 -31.03
CA ALA B 201 43.68 -10.20 -29.91
C ALA B 201 45.20 -10.10 -29.82
N THR B 202 45.69 -9.73 -28.65
CA THR B 202 47.06 -9.26 -28.49
C THR B 202 48.03 -10.32 -28.01
N GLY B 203 47.61 -11.21 -27.12
CA GLY B 203 48.50 -12.19 -26.54
C GLY B 203 49.12 -11.81 -25.22
N LYS B 204 48.51 -10.91 -24.46
CA LYS B 204 49.00 -10.51 -23.15
C LYS B 204 47.97 -10.84 -22.08
N PRO B 205 48.41 -11.16 -20.87
CA PRO B 205 47.45 -11.42 -19.78
C PRO B 205 46.81 -10.15 -19.26
N ASP B 206 45.80 -9.65 -19.99
CA ASP B 206 45.15 -8.40 -19.59
C ASP B 206 44.32 -8.59 -18.32
N GLU B 207 43.76 -9.77 -18.11
CA GLU B 207 43.03 -10.09 -16.89
C GLU B 207 42.98 -11.60 -16.70
N PRO B 208 44.02 -12.18 -16.10
CA PRO B 208 44.09 -13.64 -15.99
C PRO B 208 43.07 -14.19 -15.01
N TYR B 209 42.71 -15.45 -15.22
CA TYR B 209 41.77 -16.18 -14.36
C TYR B 209 42.46 -17.40 -13.80
N VAL B 210 42.08 -17.78 -12.58
CA VAL B 210 42.68 -18.92 -11.89
C VAL B 210 41.85 -20.17 -12.16
N PHE B 211 42.52 -21.31 -12.22
CA PHE B 211 41.82 -22.58 -12.43
C PHE B 211 41.19 -23.07 -11.12
N LYS B 212 42.04 -23.42 -10.15
CA LYS B 212 41.69 -23.59 -8.75
C LYS B 212 40.84 -24.83 -8.42
N SER B 213 40.32 -25.54 -9.42
CA SER B 213 39.52 -26.72 -9.09
C SER B 213 39.23 -27.65 -10.26
N ALA B 214 39.60 -28.92 -10.11
CA ALA B 214 39.27 -29.96 -11.08
C ALA B 214 39.18 -31.27 -10.32
N ASP B 215 37.96 -31.79 -10.13
CA ASP B 215 37.75 -32.92 -9.25
C ASP B 215 36.82 -33.94 -9.92
N LEU B 216 36.99 -35.20 -9.50
CA LEU B 216 36.07 -36.29 -9.84
C LEU B 216 35.27 -36.60 -8.59
N ALA B 217 33.94 -36.57 -8.72
CA ALA B 217 33.04 -36.63 -7.58
C ALA B 217 31.84 -37.50 -7.94
N GLU B 218 31.08 -37.88 -6.91
CA GLU B 218 29.84 -38.61 -7.08
C GLU B 218 28.66 -37.65 -6.97
N PHE B 219 27.53 -38.02 -7.57
CA PHE B 219 26.37 -37.16 -7.66
C PHE B 219 25.23 -37.77 -6.84
N ASP B 220 24.98 -37.19 -5.66
CA ASP B 220 23.90 -37.64 -4.79
C ASP B 220 22.65 -36.82 -5.11
N GLU B 221 21.64 -37.48 -5.68
CA GLU B 221 20.43 -36.80 -6.13
C GLU B 221 19.49 -36.45 -4.98
N ARG B 222 19.58 -37.14 -3.85
CA ARG B 222 18.70 -36.83 -2.72
C ARG B 222 18.94 -35.42 -2.21
N TYR B 223 20.21 -35.01 -2.13
CA TYR B 223 20.52 -33.69 -1.63
C TYR B 223 20.09 -32.61 -2.61
N GLU B 224 20.21 -32.87 -3.91
CA GLU B 224 19.71 -31.89 -4.88
C GLU B 224 18.19 -31.79 -4.82
N ASN B 225 17.50 -32.90 -4.62
CA ASN B 225 16.05 -32.85 -4.48
C ASN B 225 15.66 -32.04 -3.25
N TYR B 226 16.35 -32.25 -2.13
CA TYR B 226 16.05 -31.48 -0.93
C TYR B 226 16.35 -30.00 -1.13
N SER B 227 17.46 -29.69 -1.82
CA SER B 227 17.79 -28.29 -2.08
C SER B 227 16.72 -27.61 -2.94
N VAL B 228 16.27 -28.29 -3.99
CA VAL B 228 15.25 -27.72 -4.85
C VAL B 228 13.95 -27.55 -4.10
N ASP B 229 13.57 -28.53 -3.28
CA ASP B 229 12.35 -28.42 -2.49
C ASP B 229 12.41 -27.22 -1.54
N LEU B 230 13.53 -27.08 -0.83
CA LEU B 230 13.68 -25.96 0.09
C LEU B 230 13.63 -24.63 -0.64
N ASP B 231 14.31 -24.55 -1.79
CA ASP B 231 14.32 -23.31 -2.56
C ASP B 231 12.92 -22.95 -3.04
N VAL B 232 12.17 -23.94 -3.53
CA VAL B 232 10.82 -23.68 -4.02
C VAL B 232 9.91 -23.22 -2.88
N VAL B 233 9.99 -23.88 -1.72
CA VAL B 233 9.14 -23.49 -0.60
C VAL B 233 9.47 -22.07 -0.15
N SER B 234 10.76 -21.77 0.00
CA SER B 234 11.16 -20.44 0.47
C SER B 234 10.76 -19.36 -0.52
N SER B 235 10.92 -19.62 -1.82
CA SER B 235 10.55 -18.62 -2.83
C SER B 235 9.05 -18.45 -2.92
N LEU B 236 8.27 -19.53 -2.75
CA LEU B 236 6.83 -19.41 -2.69
C LEU B 236 6.40 -18.57 -1.49
N MET B 237 7.14 -18.67 -0.38
CA MET B 237 6.82 -17.87 0.80
C MET B 237 6.96 -16.37 0.55
N GLU B 238 7.73 -15.96 -0.45
CA GLU B 238 7.97 -14.54 -0.72
C GLU B 238 6.88 -13.90 -1.58
N PHE B 239 5.89 -14.66 -2.01
CA PHE B 239 4.80 -14.12 -2.80
C PHE B 239 3.44 -14.65 -2.35
N ALA B 240 3.35 -15.14 -1.11
CA ALA B 240 2.22 -15.96 -0.69
C ALA B 240 1.21 -15.19 0.15
N ASP B 241 1.19 -13.86 0.07
CA ASP B 241 0.11 -13.06 0.65
C ASP B 241 -0.02 -13.31 2.15
N LYS B 242 0.96 -12.76 2.89
CA LYS B 242 0.88 -12.74 4.35
C LYS B 242 -0.53 -12.44 4.81
N GLN B 243 -0.95 -13.11 5.89
CA GLN B 243 -2.32 -13.18 6.40
C GLN B 243 -3.18 -14.15 5.61
N SER B 244 -2.58 -15.07 4.87
CA SER B 244 -3.32 -16.14 4.22
C SER B 244 -2.91 -17.49 4.82
N PRO B 245 -3.81 -18.46 4.84
CA PRO B 245 -3.45 -19.78 5.39
C PRO B 245 -2.29 -20.44 4.67
N ARG B 246 -2.14 -20.21 3.37
CA ARG B 246 -1.05 -20.83 2.62
C ARG B 246 0.31 -20.39 3.13
N TYR B 247 0.45 -19.09 3.43
CA TYR B 247 1.70 -18.55 3.93
C TYR B 247 2.13 -19.24 5.23
N TRP B 248 1.20 -19.34 6.18
CA TRP B 248 1.54 -19.91 7.48
C TRP B 248 1.72 -21.41 7.42
N GLN B 249 0.95 -22.10 6.57
CA GLN B 249 1.19 -23.52 6.36
C GLN B 249 2.56 -23.77 5.78
N LEU B 250 2.97 -22.96 4.80
CA LEU B 250 4.31 -23.09 4.23
C LEU B 250 5.39 -22.82 5.28
N ALA B 251 5.18 -21.80 6.11
CA ALA B 251 6.16 -21.50 7.15
C ALA B 251 6.29 -22.64 8.15
N LYS B 252 5.16 -23.22 8.58
CA LYS B 252 5.21 -24.34 9.51
C LYS B 252 5.90 -25.55 8.88
N ALA B 253 5.60 -25.83 7.61
CA ALA B 253 6.26 -26.95 6.94
C ALA B 253 7.76 -26.72 6.84
N LEU B 254 8.18 -25.50 6.50
CA LEU B 254 9.60 -25.19 6.40
C LEU B 254 10.28 -25.38 7.75
N GLN B 255 9.66 -24.88 8.83
CA GLN B 255 10.27 -25.02 10.14
C GLN B 255 10.40 -26.48 10.54
N ARG B 256 9.35 -27.28 10.33
CA ARG B 256 9.41 -28.68 10.71
C ARG B 256 10.45 -29.43 9.89
N SER B 257 10.51 -29.15 8.59
CA SER B 257 11.51 -29.81 7.75
C SER B 257 12.92 -29.45 8.17
N LEU B 258 13.16 -28.19 8.49
CA LEU B 258 14.50 -27.78 8.93
C LEU B 258 14.84 -28.40 10.28
N ASN B 259 13.86 -28.58 11.16
CA ASN B 259 14.12 -29.27 12.42
C ASN B 259 14.45 -30.74 12.19
N ALA B 260 13.79 -31.38 11.24
CA ALA B 260 13.97 -32.80 11.02
C ALA B 260 15.29 -33.16 10.34
N TYR B 261 16.02 -32.19 9.80
CA TYR B 261 17.22 -32.46 9.02
C TYR B 261 18.45 -32.42 9.92
N ASP B 262 19.13 -33.54 10.06
CA ASP B 262 20.38 -33.64 10.80
C ASP B 262 21.51 -33.94 9.84
N GLU B 263 22.56 -33.13 9.89
CA GLU B 263 23.71 -33.33 9.01
C GLU B 263 24.61 -34.46 9.46
N ARG B 264 24.55 -34.84 10.73
CA ARG B 264 25.34 -35.97 11.21
C ARG B 264 24.85 -37.29 10.61
N ASN B 265 23.54 -37.43 10.45
CA ASN B 265 22.97 -38.65 9.90
C ASN B 265 22.59 -38.41 8.45
N PRO B 266 23.25 -39.07 7.48
CA PRO B 266 22.95 -38.81 6.07
C PRO B 266 21.51 -39.17 5.66
N GLU B 267 20.91 -40.21 6.24
CA GLU B 267 19.63 -40.67 5.74
C GLU B 267 18.48 -39.74 6.12
N SER B 268 18.68 -38.91 7.16
CA SER B 268 17.61 -38.03 7.61
C SER B 268 17.17 -37.06 6.53
N VAL B 269 18.00 -36.85 5.51
CA VAL B 269 17.63 -35.98 4.39
C VAL B 269 16.34 -36.46 3.74
N GLU B 270 16.04 -37.76 3.82
CA GLU B 270 14.77 -38.22 3.29
C GLU B 270 13.61 -37.87 4.22
N ALA B 271 13.81 -38.01 5.53
CA ALA B 271 12.74 -37.72 6.47
C ALA B 271 12.31 -36.26 6.38
N ALA B 272 13.28 -35.35 6.28
CA ALA B 272 12.96 -33.94 6.06
C ALA B 272 12.15 -33.76 4.78
N ARG B 273 12.50 -34.51 3.73
CA ARG B 273 11.76 -34.41 2.48
C ARG B 273 10.32 -34.85 2.66
N ALA B 274 10.04 -35.70 3.65
CA ALA B 274 8.67 -36.12 3.92
C ALA B 274 7.85 -35.04 4.61
N VAL B 275 8.48 -33.97 5.08
CA VAL B 275 7.73 -32.89 5.70
C VAL B 275 7.29 -31.85 4.67
N LEU B 276 8.11 -31.60 3.66
CA LEU B 276 7.75 -30.68 2.59
C LEU B 276 6.85 -31.31 1.55
N ALA B 277 6.59 -32.62 1.64
CA ALA B 277 5.76 -33.29 0.65
C ALA B 277 4.31 -32.82 0.73
N GLY B 278 3.82 -32.48 1.93
CA GLY B 278 2.43 -32.09 2.08
C GLY B 278 2.09 -30.80 1.37
N VAL B 279 2.95 -29.78 1.49
CA VAL B 279 2.65 -28.49 0.91
C VAL B 279 3.02 -28.42 -0.57
N LEU B 280 3.85 -29.33 -1.07
CA LEU B 280 4.23 -29.33 -2.47
C LEU B 280 3.29 -30.18 -3.33
N ALA B 281 2.36 -30.91 -2.73
CA ALA B 281 1.43 -31.75 -3.48
C ALA B 281 0.07 -31.09 -3.64
N LYS B 282 -0.08 -29.84 -3.24
CA LYS B 282 -1.34 -29.13 -3.37
C LYS B 282 -1.55 -28.69 -4.82
N PRO B 283 -2.73 -28.92 -5.39
CA PRO B 283 -2.94 -28.59 -6.81
C PRO B 283 -3.03 -27.09 -7.03
N ALA B 284 -2.91 -26.71 -8.30
CA ALA B 284 -2.96 -25.32 -8.69
C ALA B 284 -4.39 -24.79 -8.63
N ASN B 285 -4.51 -23.46 -8.52
CA ASN B 285 -5.82 -22.82 -8.49
C ASN B 285 -6.52 -22.97 -9.83
N ALA B 286 -7.85 -23.01 -9.78
CA ALA B 286 -8.64 -23.26 -10.98
C ALA B 286 -8.55 -22.12 -11.99
N SER B 287 -8.18 -20.92 -11.56
CA SER B 287 -8.09 -19.77 -12.44
C SER B 287 -6.66 -19.45 -12.85
N ALA B 288 -5.70 -20.32 -12.51
CA ALA B 288 -4.32 -20.09 -12.90
C ALA B 288 -4.15 -20.21 -14.41
N MET B 289 -3.10 -19.57 -14.91
CA MET B 289 -2.83 -19.61 -16.33
C MET B 289 -2.15 -20.92 -16.72
N ASN B 290 -2.18 -21.21 -18.02
CA ASN B 290 -1.56 -22.39 -18.60
C ASN B 290 -0.30 -21.96 -19.34
N VAL B 291 0.86 -22.30 -18.80
CA VAL B 291 2.14 -21.86 -19.32
C VAL B 291 2.78 -23.00 -20.10
N SER B 292 3.24 -22.70 -21.31
CA SER B 292 3.97 -23.65 -22.14
C SER B 292 5.42 -23.24 -22.16
N ALA B 293 6.30 -24.16 -21.77
CA ALA B 293 7.73 -23.87 -21.64
C ALA B 293 8.51 -24.62 -22.71
N ILE B 294 9.41 -23.91 -23.39
CA ILE B 294 10.29 -24.51 -24.39
C ILE B 294 11.71 -24.04 -24.10
N GLY B 295 12.67 -24.97 -24.19
CA GLY B 295 14.06 -24.62 -23.95
C GLY B 295 14.59 -23.72 -25.05
N HIS B 296 15.36 -22.71 -24.65
CA HIS B 296 15.84 -21.70 -25.57
C HIS B 296 17.22 -21.23 -25.14
N ALA B 297 18.02 -20.81 -26.11
CA ALA B 297 19.32 -20.22 -25.82
C ALA B 297 19.63 -19.23 -26.95
N HIS B 298 19.32 -17.98 -26.75
CA HIS B 298 19.62 -16.99 -27.79
C HIS B 298 21.11 -16.84 -27.91
N ILE B 299 21.57 -16.74 -29.11
CA ILE B 299 22.96 -16.49 -29.45
C ILE B 299 23.01 -15.35 -30.46
N ASP B 300 23.75 -14.33 -30.15
CA ASP B 300 23.94 -13.19 -31.08
C ASP B 300 25.05 -13.56 -32.04
N SER B 301 24.91 -13.38 -33.35
CA SER B 301 25.87 -13.77 -34.37
C SER B 301 27.21 -13.05 -34.16
N ALA B 302 27.17 -11.76 -33.85
CA ALA B 302 28.38 -11.02 -33.54
C ALA B 302 28.00 -9.82 -32.69
N TRP B 303 28.27 -9.91 -31.38
CA TRP B 303 28.01 -8.79 -30.48
C TRP B 303 28.90 -8.98 -29.26
N LEU B 304 29.91 -8.12 -29.12
CA LEU B 304 30.93 -8.17 -28.07
C LEU B 304 31.91 -9.32 -28.26
N TRP B 305 31.89 -9.99 -29.41
CA TRP B 305 32.85 -11.03 -29.75
C TRP B 305 32.82 -11.22 -31.25
N PRO B 306 33.92 -11.63 -31.87
CA PRO B 306 33.92 -11.90 -33.31
C PRO B 306 33.09 -13.13 -33.65
N VAL B 307 32.86 -13.29 -34.96
CA VAL B 307 32.06 -14.42 -35.43
C VAL B 307 32.76 -15.76 -35.16
N ARG B 308 34.10 -15.77 -35.25
CA ARG B 308 34.83 -16.99 -34.99
C ARG B 308 34.64 -17.49 -33.57
N GLU B 309 34.30 -16.60 -32.63
CA GLU B 309 33.91 -17.04 -31.31
C GLU B 309 32.45 -17.46 -31.26
N THR B 310 31.62 -16.88 -32.13
CA THR B 310 30.22 -17.27 -32.19
C THR B 310 30.07 -18.71 -32.62
N ARG B 311 30.91 -19.17 -33.55
CA ARG B 311 30.85 -20.57 -33.97
C ARG B 311 31.13 -21.50 -32.80
N ARG B 312 32.15 -21.19 -32.00
CA ARG B 312 32.46 -22.01 -30.84
C ARG B 312 31.33 -21.96 -29.81
N LYS B 313 30.73 -20.77 -29.63
CA LYS B 313 29.59 -20.65 -28.72
C LYS B 313 28.44 -21.53 -29.17
N VAL B 314 28.17 -21.57 -30.48
CA VAL B 314 27.09 -22.41 -31.00
C VAL B 314 27.39 -23.88 -30.72
N ALA B 315 28.63 -24.30 -30.97
CA ALA B 315 28.99 -25.69 -30.71
C ALA B 315 28.81 -26.05 -29.24
N ARG B 316 29.25 -25.17 -28.35
CA ARG B 316 29.11 -25.42 -26.91
C ARG B 316 27.65 -25.51 -26.50
N THR B 317 26.82 -24.60 -27.03
CA THR B 317 25.40 -24.60 -26.67
C THR B 317 24.72 -25.89 -27.12
N VAL B 318 25.00 -26.33 -28.35
CA VAL B 318 24.40 -27.57 -28.83
C VAL B 318 24.88 -28.76 -28.01
N SER B 319 26.15 -28.75 -27.60
CA SER B 319 26.65 -29.81 -26.74
C SER B 319 25.87 -29.86 -25.43
N ASN B 320 25.64 -28.69 -24.82
CA ASN B 320 24.87 -28.65 -23.57
C ASN B 320 23.46 -29.16 -23.77
N ALA B 321 22.81 -28.77 -24.87
CA ALA B 321 21.44 -29.21 -25.12
C ALA B 321 21.37 -30.72 -25.30
N LEU B 322 22.31 -31.29 -26.05
CA LEU B 322 22.31 -32.73 -26.27
C LEU B 322 22.57 -33.48 -24.97
N ALA B 323 23.49 -32.98 -24.15
CA ALA B 323 23.73 -33.62 -22.86
C ALA B 323 22.50 -33.58 -21.97
N LEU B 324 21.79 -32.44 -21.97
CA LEU B 324 20.58 -32.32 -21.17
C LEU B 324 19.50 -33.28 -21.66
N MET B 325 19.39 -33.45 -22.97
CA MET B 325 18.44 -34.44 -23.50
C MET B 325 18.82 -35.85 -23.07
N ASP B 326 20.12 -36.16 -23.06
CA ASP B 326 20.53 -37.48 -22.58
C ASP B 326 20.25 -37.67 -21.09
N ALA B 327 20.31 -36.60 -20.31
CA ALA B 327 20.14 -36.72 -18.86
C ALA B 327 18.70 -36.61 -18.40
N ASP B 328 17.77 -36.23 -19.28
CA ASP B 328 16.39 -36.01 -18.83
C ASP B 328 15.40 -36.15 -19.97
N PRO B 329 14.39 -37.00 -19.84
CA PRO B 329 13.28 -36.99 -20.79
C PRO B 329 12.37 -35.81 -20.53
N ASP B 330 11.34 -35.64 -21.35
CA ASP B 330 10.35 -34.57 -21.22
C ASP B 330 10.96 -33.18 -21.37
N PHE B 331 12.15 -33.08 -21.95
CA PHE B 331 12.82 -31.79 -22.17
C PHE B 331 12.95 -31.56 -23.67
N LYS B 332 12.58 -30.38 -24.11
CA LYS B 332 12.68 -29.99 -25.51
C LYS B 332 13.46 -28.69 -25.64
N TYR B 333 13.97 -28.45 -26.85
CA TYR B 333 14.89 -27.34 -27.08
C TYR B 333 14.68 -26.81 -28.48
N ALA B 334 14.61 -25.49 -28.62
CA ALA B 334 14.38 -24.82 -29.89
C ALA B 334 15.61 -24.02 -30.29
N MET B 335 15.99 -24.13 -31.57
CA MET B 335 17.11 -23.39 -32.12
C MET B 335 16.68 -22.73 -33.43
N SER B 336 17.23 -21.56 -33.72
CA SER B 336 16.61 -20.63 -34.67
C SER B 336 17.37 -20.41 -35.96
N SER B 337 18.63 -19.96 -35.90
CA SER B 337 19.27 -19.39 -37.09
C SER B 337 19.86 -20.48 -37.98
N ALA B 338 19.67 -20.31 -39.29
CA ALA B 338 20.20 -21.28 -40.25
C ALA B 338 21.70 -21.13 -40.47
N GLN B 339 22.23 -19.92 -40.37
CA GLN B 339 23.68 -19.72 -40.50
C GLN B 339 24.42 -20.48 -39.41
N GLN B 340 23.89 -20.47 -38.19
CA GLN B 340 24.51 -21.22 -37.10
C GLN B 340 24.46 -22.72 -37.37
N TYR B 341 23.35 -23.20 -37.93
CA TYR B 341 23.27 -24.60 -38.35
C TYR B 341 24.35 -24.93 -39.37
N ALA B 342 24.54 -24.06 -40.36
CA ALA B 342 25.55 -24.31 -41.39
C ALA B 342 26.95 -24.32 -40.79
N TRP B 343 27.24 -23.38 -39.88
CA TRP B 343 28.54 -23.35 -39.23
C TRP B 343 28.79 -24.63 -38.45
N LEU B 344 27.79 -25.06 -37.68
CA LEU B 344 27.94 -26.28 -36.88
C LEU B 344 28.13 -27.50 -37.79
N GLU B 345 27.37 -27.57 -38.88
CA GLU B 345 27.50 -28.70 -39.79
C GLU B 345 28.88 -28.75 -40.43
N GLU B 346 29.42 -27.59 -40.78
CA GLU B 346 30.75 -27.56 -41.38
C GLU B 346 31.85 -27.88 -40.38
N ASP B 347 31.67 -27.49 -39.12
CA ASP B 347 32.76 -27.56 -38.15
C ASP B 347 32.75 -28.81 -37.29
N HIS B 348 31.58 -29.29 -36.86
CA HIS B 348 31.47 -30.44 -35.96
C HIS B 348 30.46 -31.43 -36.53
N PRO B 349 30.88 -32.26 -37.49
CA PRO B 349 29.94 -33.21 -38.10
C PRO B 349 29.29 -34.18 -37.13
N ASP B 350 30.00 -34.61 -36.08
CA ASP B 350 29.41 -35.55 -35.13
C ASP B 350 28.31 -34.91 -34.29
N ILE B 351 28.53 -33.67 -33.83
CA ILE B 351 27.49 -32.94 -33.13
C ILE B 351 26.29 -32.75 -34.04
N PHE B 352 26.54 -32.46 -35.32
CA PHE B 352 25.45 -32.30 -36.28
C PHE B 352 24.67 -33.60 -36.45
N LYS B 353 25.36 -34.73 -36.49
CA LYS B 353 24.67 -36.02 -36.63
C LYS B 353 23.80 -36.32 -35.41
N ARG B 354 24.33 -36.09 -34.21
CA ARG B 354 23.54 -36.31 -33.00
C ARG B 354 22.34 -35.38 -32.96
N MET B 355 22.54 -34.12 -33.34
CA MET B 355 21.43 -33.16 -33.35
C MET B 355 20.38 -33.56 -34.38
N LYS B 356 20.80 -34.08 -35.53
CA LYS B 356 19.85 -34.55 -36.53
C LYS B 356 19.04 -35.72 -36.01
N ARG B 357 19.71 -36.64 -35.29
CA ARG B 357 18.99 -37.75 -34.69
C ARG B 357 17.94 -37.26 -33.69
N ARG B 358 18.30 -36.27 -32.88
CA ARG B 358 17.33 -35.70 -31.94
C ARG B 358 16.20 -34.97 -32.66
N ILE B 359 16.51 -34.31 -33.77
CA ILE B 359 15.48 -33.61 -34.54
C ILE B 359 14.47 -34.60 -35.09
N GLU B 360 14.95 -35.72 -35.62
CA GLU B 360 14.06 -36.67 -36.28
C GLU B 360 13.00 -37.22 -35.34
N GLU B 361 13.28 -37.25 -34.04
CA GLU B 361 12.32 -37.75 -33.06
C GLU B 361 11.55 -36.65 -32.35
N GLY B 362 11.62 -35.42 -32.85
CA GLY B 362 10.75 -34.35 -32.37
C GLY B 362 11.09 -33.77 -31.01
N ARG B 363 12.36 -33.81 -30.62
CA ARG B 363 12.79 -33.19 -29.38
C ARG B 363 13.67 -31.96 -29.59
N PHE B 364 14.25 -31.81 -30.78
CA PHE B 364 15.07 -30.66 -31.15
C PHE B 364 14.31 -29.93 -32.26
N ILE B 365 13.77 -28.76 -31.95
CA ILE B 365 12.87 -28.06 -32.85
C ILE B 365 13.62 -26.92 -33.53
N PRO B 366 13.81 -26.96 -34.85
CA PRO B 366 14.27 -25.76 -35.57
C PRO B 366 13.11 -24.80 -35.77
N VAL B 367 13.36 -23.52 -35.51
CA VAL B 367 12.33 -22.49 -35.59
C VAL B 367 12.85 -21.36 -36.47
N GLY B 368 11.94 -20.48 -36.88
CA GLY B 368 12.31 -19.29 -37.61
C GLY B 368 12.32 -19.45 -39.12
N GLY B 369 13.24 -20.27 -39.64
CA GLY B 369 13.39 -20.40 -41.08
C GLY B 369 13.93 -19.15 -41.75
N MET B 370 14.91 -18.50 -41.13
CA MET B 370 15.59 -17.36 -41.70
C MET B 370 17.09 -17.60 -41.64
N TRP B 371 17.83 -16.90 -42.50
CA TRP B 371 19.29 -17.04 -42.49
C TRP B 371 19.87 -16.58 -41.16
N VAL B 372 19.50 -15.38 -40.72
CA VAL B 372 19.83 -14.87 -39.41
C VAL B 372 18.60 -14.18 -38.84
N GLU B 373 18.71 -13.73 -37.59
CA GLU B 373 17.67 -12.90 -36.98
C GLU B 373 18.00 -11.45 -37.32
N ALA B 374 17.45 -10.99 -38.43
CA ALA B 374 17.78 -9.67 -38.96
C ALA B 374 16.99 -8.58 -38.24
N ASP B 375 17.41 -7.34 -38.47
CA ASP B 375 16.67 -6.19 -37.97
C ASP B 375 15.33 -6.06 -38.69
N GLY B 376 14.37 -5.48 -37.99
CA GLY B 376 13.03 -5.37 -38.53
C GLY B 376 12.74 -4.12 -39.33
N MET B 377 13.48 -3.05 -39.07
CA MET B 377 13.21 -1.75 -39.67
C MET B 377 14.14 -1.41 -40.83
N LEU B 378 15.44 -1.64 -40.66
CA LEU B 378 16.41 -1.11 -41.62
C LEU B 378 16.45 -1.87 -42.94
N PRO B 379 16.55 -3.21 -42.97
CA PRO B 379 16.72 -3.89 -44.25
C PRO B 379 15.53 -3.69 -45.17
N ALA B 380 15.81 -3.69 -46.48
CA ALA B 380 14.77 -3.53 -47.47
C ALA B 380 13.89 -4.78 -47.54
N GLY B 381 12.78 -4.66 -48.26
CA GLY B 381 11.86 -5.79 -48.37
C GLY B 381 12.50 -6.99 -49.05
N GLU B 382 13.33 -6.74 -50.07
CA GLU B 382 14.03 -7.83 -50.73
C GLU B 382 14.99 -8.53 -49.78
N SER B 383 15.61 -7.79 -48.87
CA SER B 383 16.44 -8.41 -47.84
C SER B 383 15.64 -9.40 -47.03
N LEU B 384 14.45 -9.01 -46.58
CA LEU B 384 13.62 -9.90 -45.77
C LEU B 384 13.20 -11.13 -46.57
N ILE B 385 12.79 -10.91 -47.83
CA ILE B 385 12.36 -12.03 -48.66
C ILE B 385 13.52 -13.00 -48.89
N ARG B 386 14.72 -12.48 -49.13
CA ARG B 386 15.86 -13.36 -49.36
C ARG B 386 16.28 -14.09 -48.10
N GLN B 387 16.21 -13.42 -46.94
CA GLN B 387 16.45 -14.12 -45.68
C GLN B 387 15.52 -15.31 -45.54
N ILE B 388 14.23 -15.08 -45.78
CA ILE B 388 13.24 -16.15 -45.65
C ILE B 388 13.56 -17.27 -46.65
N ALA B 389 13.84 -16.90 -47.90
CA ALA B 389 14.05 -17.89 -48.94
C ALA B 389 15.26 -18.77 -48.64
N TYR B 390 16.39 -18.15 -48.30
CA TYR B 390 17.60 -18.93 -48.04
C TYR B 390 17.45 -19.79 -46.78
N GLY B 391 16.85 -19.24 -45.72
CA GLY B 391 16.65 -20.04 -44.53
C GLY B 391 15.73 -21.23 -44.76
N ARG B 392 14.63 -21.00 -45.49
CA ARG B 392 13.71 -22.09 -45.77
C ARG B 392 14.36 -23.16 -46.65
N LYS B 393 15.14 -22.74 -47.64
CA LYS B 393 15.83 -23.71 -48.48
C LYS B 393 16.80 -24.55 -47.67
N TYR B 394 17.55 -23.91 -46.78
CA TYR B 394 18.48 -24.67 -45.94
C TYR B 394 17.73 -25.64 -45.04
N PHE B 395 16.65 -25.18 -44.40
CA PHE B 395 15.91 -26.05 -43.51
C PHE B 395 15.32 -27.25 -44.26
N LYS B 396 14.79 -27.02 -45.46
CA LYS B 396 14.20 -28.11 -46.23
C LYS B 396 15.26 -29.10 -46.70
N GLU B 397 16.39 -28.62 -47.19
CA GLU B 397 17.38 -29.51 -47.81
C GLU B 397 18.40 -30.07 -46.83
N HIS B 398 18.41 -29.63 -45.58
CA HIS B 398 19.39 -30.12 -44.62
C HIS B 398 18.81 -30.67 -43.32
N LEU B 399 17.59 -30.29 -42.95
CA LEU B 399 16.95 -30.82 -41.75
C LEU B 399 15.59 -31.44 -42.00
N GLY B 400 14.95 -31.18 -43.14
CA GLY B 400 13.63 -31.72 -43.42
C GLY B 400 12.54 -31.17 -42.53
N VAL B 401 12.60 -29.88 -42.21
CA VAL B 401 11.62 -29.23 -41.35
C VAL B 401 11.16 -27.95 -42.02
N GLU B 402 9.85 -27.70 -41.97
CA GLU B 402 9.27 -26.47 -42.50
C GLU B 402 8.63 -25.68 -41.38
N PRO B 403 9.25 -24.60 -40.92
CA PRO B 403 8.67 -23.83 -39.81
C PRO B 403 7.39 -23.11 -40.24
N LYS B 404 6.52 -22.89 -39.25
CA LYS B 404 5.24 -22.22 -39.47
C LYS B 404 5.16 -20.86 -38.81
N GLY B 405 6.23 -20.36 -38.24
CA GLY B 405 6.20 -19.09 -37.53
C GLY B 405 7.50 -18.34 -37.66
N VAL B 406 7.41 -17.02 -37.53
CA VAL B 406 8.58 -16.15 -37.58
C VAL B 406 9.09 -15.97 -36.16
N TRP B 407 10.35 -16.31 -35.94
CA TRP B 407 10.96 -16.33 -34.61
C TRP B 407 12.01 -15.24 -34.54
N LEU B 408 11.63 -14.08 -34.04
CA LEU B 408 12.52 -12.92 -33.91
C LEU B 408 12.37 -12.32 -32.52
N PRO B 409 12.87 -13.01 -31.50
CA PRO B 409 12.69 -12.51 -30.12
C PRO B 409 13.29 -11.15 -29.87
N ASP B 410 14.47 -10.75 -30.36
CA ASP B 410 15.17 -9.48 -30.06
C ASP B 410 15.35 -8.78 -31.36
N SER B 411 14.82 -7.61 -31.58
CA SER B 411 14.95 -6.72 -32.74
C SER B 411 14.44 -5.35 -32.35
N PHE B 412 15.10 -4.31 -32.85
CA PHE B 412 14.78 -2.93 -32.47
C PHE B 412 13.64 -2.38 -33.34
N GLY B 413 12.48 -3.01 -33.22
CA GLY B 413 11.29 -2.56 -33.92
C GLY B 413 11.06 -3.32 -35.22
N TYR B 414 9.82 -3.24 -35.69
CA TYR B 414 9.39 -3.97 -36.87
C TYR B 414 8.65 -3.03 -37.82
N THR B 415 8.83 -3.28 -39.13
CA THR B 415 8.54 -2.27 -40.13
C THR B 415 7.05 -2.05 -40.39
N GLY B 416 6.20 -3.04 -40.17
CA GLY B 416 4.81 -2.93 -40.52
C GLY B 416 4.44 -3.53 -41.86
N ALA B 417 5.43 -3.73 -42.73
CA ALA B 417 5.25 -4.56 -43.92
C ALA B 417 5.52 -6.03 -43.62
N TRP B 418 5.95 -6.34 -42.41
CA TRP B 418 6.21 -7.74 -42.03
C TRP B 418 4.98 -8.65 -42.13
N PRO B 419 3.78 -8.26 -41.68
CA PRO B 419 2.66 -9.22 -41.73
C PRO B 419 2.34 -9.73 -43.12
N GLN B 420 2.41 -8.87 -44.14
CA GLN B 420 2.07 -9.34 -45.48
C GLN B 420 3.16 -10.24 -46.04
N ILE B 421 4.43 -9.90 -45.81
CA ILE B 421 5.51 -10.75 -46.30
C ILE B 421 5.47 -12.11 -45.63
N ALA B 422 5.25 -12.13 -44.31
CA ALA B 422 5.16 -13.40 -43.60
C ALA B 422 3.94 -14.20 -44.05
N ARG B 423 2.81 -13.54 -44.29
CA ARG B 423 1.62 -14.25 -44.72
C ARG B 423 1.76 -14.80 -46.14
N ARG B 424 2.46 -14.08 -47.01
CA ARG B 424 2.62 -14.53 -48.39
C ARG B 424 3.79 -15.49 -48.55
N ALA B 425 4.51 -15.80 -47.49
CA ALA B 425 5.57 -16.80 -47.52
C ALA B 425 5.13 -18.14 -46.94
N GLY B 426 4.02 -18.18 -46.21
CA GLY B 426 3.53 -19.40 -45.63
C GLY B 426 3.57 -19.48 -44.12
N TYR B 427 3.97 -18.40 -43.43
CA TYR B 427 4.01 -18.40 -41.99
C TYR B 427 2.62 -18.16 -41.41
N GLU B 428 2.43 -18.59 -40.16
CA GLU B 428 1.14 -18.49 -39.51
C GLU B 428 1.17 -17.75 -38.17
N TRP B 429 2.32 -17.52 -37.57
CA TRP B 429 2.37 -16.78 -36.32
C TRP B 429 3.71 -16.07 -36.20
N PHE B 430 3.77 -15.12 -35.26
CA PHE B 430 4.91 -14.24 -35.06
C PHE B 430 5.25 -14.21 -33.58
N LEU B 431 6.54 -14.15 -33.26
CA LEU B 431 7.01 -14.13 -31.88
C LEU B 431 7.99 -12.98 -31.69
N THR B 432 7.85 -12.29 -30.55
CA THR B 432 8.69 -11.13 -30.25
C THR B 432 8.56 -10.82 -28.75
N GLN B 433 9.63 -10.29 -28.18
CA GLN B 433 9.59 -9.83 -26.80
C GLN B 433 10.28 -8.49 -26.59
N LYS B 434 10.74 -7.82 -27.65
CA LYS B 434 11.52 -6.60 -27.47
C LYS B 434 10.67 -5.41 -27.11
N ILE B 435 9.41 -5.39 -27.54
CA ILE B 435 8.53 -4.24 -27.33
C ILE B 435 8.28 -3.97 -25.85
N SER B 436 8.59 -4.94 -24.98
CA SER B 436 8.47 -4.73 -23.55
C SER B 436 9.50 -3.74 -23.01
N TRP B 437 10.48 -3.34 -23.81
CA TRP B 437 11.52 -2.42 -23.37
C TRP B 437 11.15 -0.96 -23.62
N ASN B 438 9.87 -0.66 -23.79
CA ASN B 438 9.45 0.69 -24.16
C ASN B 438 9.72 1.69 -23.04
N ASP B 439 10.08 2.91 -23.44
CA ASP B 439 10.31 3.98 -22.48
C ASP B 439 9.03 4.39 -21.77
N THR B 440 7.97 4.65 -22.54
CA THR B 440 6.81 5.38 -22.02
C THR B 440 5.56 4.52 -21.93
N THR B 441 5.14 3.90 -23.02
CA THR B 441 3.85 3.24 -23.09
C THR B 441 3.98 1.74 -22.89
N LYS B 442 2.88 1.14 -22.44
CA LYS B 442 2.74 -0.31 -22.37
C LYS B 442 1.87 -0.76 -23.53
N PHE B 443 2.37 -1.71 -24.30
CA PHE B 443 1.61 -2.18 -25.45
C PHE B 443 0.32 -2.83 -24.97
N PRO B 444 -0.81 -2.55 -25.62
CA PRO B 444 -2.11 -2.96 -25.08
C PRO B 444 -2.33 -4.46 -25.01
N HIS B 445 -1.59 -5.27 -25.79
CA HIS B 445 -1.88 -6.69 -25.89
C HIS B 445 -0.59 -7.51 -25.80
N HIS B 446 -0.75 -8.76 -25.38
CA HIS B 446 0.28 -9.78 -25.56
C HIS B 446 -0.06 -10.81 -26.62
N SER B 447 -1.34 -11.14 -26.81
CA SER B 447 -1.79 -12.02 -27.87
C SER B 447 -2.78 -11.26 -28.73
N PHE B 448 -2.47 -11.11 -30.01
CA PHE B 448 -3.30 -10.26 -30.85
C PHE B 448 -3.10 -10.61 -32.33
N MET B 449 -3.93 -9.99 -33.16
CA MET B 449 -3.73 -9.95 -34.61
C MET B 449 -2.96 -8.70 -34.98
N TRP B 450 -1.75 -8.89 -35.50
CA TRP B 450 -0.97 -7.81 -36.08
C TRP B 450 -1.33 -7.69 -37.55
N GLU B 451 -1.83 -6.53 -37.94
CA GLU B 451 -2.25 -6.23 -39.30
C GLU B 451 -1.32 -5.19 -39.89
N GLY B 452 -0.84 -5.44 -41.10
CA GLY B 452 0.09 -4.55 -41.74
C GLY B 452 -0.59 -3.36 -42.37
N ILE B 453 0.21 -2.58 -43.09
CA ILE B 453 -0.31 -1.40 -43.78
C ILE B 453 -1.22 -1.77 -44.95
N ASP B 454 -1.34 -3.05 -45.26
CA ASP B 454 -2.19 -3.53 -46.35
C ASP B 454 -3.50 -4.12 -45.87
N GLY B 455 -3.46 -4.94 -44.83
CA GLY B 455 -4.66 -5.58 -44.34
C GLY B 455 -4.46 -7.04 -43.94
N SER B 456 -3.32 -7.60 -44.31
CA SER B 456 -3.03 -8.98 -43.94
C SER B 456 -2.76 -9.08 -42.45
N ARG B 457 -3.38 -10.06 -41.81
CA ARG B 457 -3.28 -10.25 -40.37
C ARG B 457 -2.50 -11.52 -40.06
N ILE B 458 -1.66 -11.45 -39.03
CA ILE B 458 -0.96 -12.60 -38.51
C ILE B 458 -1.16 -12.63 -37.00
N PHE B 459 -1.00 -13.82 -36.42
CA PHE B 459 -1.21 -14.00 -34.98
C PHE B 459 0.12 -13.80 -34.26
N THR B 460 0.19 -12.75 -33.44
CA THR B 460 1.40 -12.38 -32.73
C THR B 460 1.22 -12.59 -31.24
N HIS B 461 2.27 -13.07 -30.57
CA HIS B 461 2.29 -13.29 -29.14
C HIS B 461 3.55 -12.68 -28.55
N PHE B 462 3.40 -11.95 -27.45
CA PHE B 462 4.52 -11.38 -26.70
C PHE B 462 4.65 -12.13 -25.39
N PRO B 463 5.70 -12.92 -25.17
CA PRO B 463 5.87 -13.64 -23.91
C PRO B 463 5.82 -12.68 -22.73
N PRO B 464 4.83 -12.84 -21.84
CA PRO B 464 4.66 -11.87 -20.74
C PRO B 464 5.74 -11.92 -19.68
N ALA B 465 6.65 -12.90 -19.74
CA ALA B 465 7.75 -12.94 -18.78
C ALA B 465 8.79 -11.87 -19.05
N ASP B 466 8.69 -11.15 -20.17
CA ASP B 466 9.54 -10.02 -20.51
C ASP B 466 10.98 -10.42 -20.78
N THR B 467 11.22 -11.69 -21.10
CA THR B 467 12.56 -12.14 -21.40
C THR B 467 12.50 -13.36 -22.32
N TYR B 468 13.55 -13.55 -23.10
CA TYR B 468 13.72 -14.76 -23.88
C TYR B 468 14.58 -15.80 -23.17
N ALA B 469 15.04 -15.51 -21.96
CA ALA B 469 15.92 -16.40 -21.20
C ALA B 469 15.51 -16.33 -19.73
N ALA B 470 14.63 -17.23 -19.32
CA ALA B 470 14.13 -17.27 -17.96
C ALA B 470 14.88 -18.29 -17.13
N TRP B 471 15.01 -18.01 -15.83
CA TRP B 471 15.72 -18.88 -14.90
C TRP B 471 14.80 -19.82 -14.14
N CYS B 472 13.50 -19.82 -14.47
CA CYS B 472 12.51 -20.73 -13.88
C CYS B 472 12.37 -20.50 -12.38
N LYS B 473 12.05 -19.26 -12.02
CA LYS B 473 11.82 -18.86 -10.65
C LYS B 473 10.35 -18.53 -10.44
N VAL B 474 9.91 -18.61 -9.18
CA VAL B 474 8.54 -18.25 -8.85
C VAL B 474 8.32 -16.76 -9.09
N GLN B 475 9.36 -15.95 -8.91
CA GLN B 475 9.26 -14.51 -9.19
C GLN B 475 8.89 -14.27 -10.65
N GLU B 476 9.56 -14.96 -11.57
CA GLU B 476 9.27 -14.77 -12.98
C GLU B 476 7.85 -15.21 -13.33
N LEU B 477 7.40 -16.34 -12.80
CA LEU B 477 6.06 -16.83 -13.09
C LEU B 477 5.00 -15.87 -12.55
N ASP B 478 5.19 -15.38 -11.32
CA ASP B 478 4.24 -14.45 -10.74
C ASP B 478 4.18 -13.14 -11.53
N TYR B 479 5.35 -12.60 -11.88
CA TYR B 479 5.40 -11.36 -12.65
C TYR B 479 4.72 -11.54 -13.99
N ALA B 480 4.99 -12.66 -14.67
CA ALA B 480 4.36 -12.93 -15.96
C ALA B 480 2.85 -13.04 -15.81
N GLU B 481 2.39 -13.71 -14.75
CA GLU B 481 0.95 -13.93 -14.61
C GLU B 481 0.22 -12.62 -14.34
N LYS B 482 0.81 -11.72 -13.57
CA LYS B 482 0.14 -10.44 -13.32
C LYS B 482 0.51 -9.37 -14.33
N ASN B 483 1.38 -9.67 -15.30
CA ASN B 483 1.71 -8.73 -16.35
C ASN B 483 0.91 -8.95 -17.64
N PHE B 484 0.29 -10.12 -17.79
CA PHE B 484 -0.48 -10.45 -18.98
C PHE B 484 -1.60 -9.44 -19.21
N GLN B 485 -1.72 -8.97 -20.45
CA GLN B 485 -2.68 -7.92 -20.80
C GLN B 485 -3.96 -8.46 -21.41
N ASP B 486 -4.16 -9.77 -21.41
CA ASP B 486 -5.34 -10.39 -22.01
C ASP B 486 -5.93 -11.42 -21.05
N LYS B 487 -6.05 -11.05 -19.78
CA LYS B 487 -6.60 -11.96 -18.79
C LYS B 487 -8.09 -12.21 -18.98
N ASP B 488 -8.78 -11.32 -19.70
CA ASP B 488 -10.22 -11.44 -19.87
C ASP B 488 -10.61 -12.32 -21.06
N LEU B 489 -9.68 -12.63 -21.96
CA LEU B 489 -10.00 -13.40 -23.15
C LEU B 489 -9.13 -14.65 -23.34
N SER B 490 -8.01 -14.77 -22.63
CA SER B 490 -7.11 -15.89 -22.83
C SER B 490 -6.39 -16.19 -21.52
N ASP B 491 -5.93 -17.43 -21.39
CA ASP B 491 -5.14 -17.83 -20.23
C ASP B 491 -3.98 -18.71 -20.65
N ARG B 492 -3.34 -18.37 -21.77
CA ARG B 492 -2.22 -19.13 -22.31
C ARG B 492 -1.08 -18.19 -22.62
N SER B 493 0.14 -18.61 -22.27
CA SER B 493 1.33 -17.84 -22.56
C SER B 493 2.50 -18.78 -22.74
N LEU B 494 3.55 -18.29 -23.40
CA LEU B 494 4.71 -19.10 -23.72
C LEU B 494 5.93 -18.63 -22.92
N LEU B 495 6.66 -19.58 -22.37
CA LEU B 495 7.84 -19.31 -21.56
C LEU B 495 9.08 -19.81 -22.28
N LEU B 496 10.08 -18.93 -22.43
CA LEU B 496 11.37 -19.27 -23.02
C LEU B 496 12.39 -19.26 -21.89
N PHE B 497 12.93 -20.41 -21.54
CA PHE B 497 13.82 -20.54 -20.40
C PHE B 497 15.18 -21.07 -20.81
N GLY B 498 16.22 -20.48 -20.23
CA GLY B 498 17.58 -20.82 -20.53
C GLY B 498 18.49 -19.64 -20.27
N PHE B 499 19.73 -19.77 -20.71
CA PHE B 499 20.70 -18.69 -20.68
C PHE B 499 20.95 -18.22 -22.10
N GLY B 500 20.94 -16.91 -22.30
CA GLY B 500 20.92 -16.35 -23.65
C GLY B 500 21.81 -15.14 -23.79
N ASP B 501 21.89 -14.67 -25.05
CA ASP B 501 22.66 -13.60 -25.67
C ASP B 501 24.13 -13.97 -25.87
N GLY B 502 24.61 -15.08 -25.32
CA GLY B 502 25.97 -15.51 -25.53
C GLY B 502 26.07 -17.03 -25.53
N GLY B 503 24.92 -17.70 -25.63
CA GLY B 503 24.88 -19.13 -25.53
C GLY B 503 24.55 -19.59 -24.12
N GLY B 504 25.01 -20.78 -23.76
CA GLY B 504 24.66 -21.36 -22.47
C GLY B 504 23.52 -22.34 -22.59
N GLY B 505 22.32 -21.90 -22.25
CA GLY B 505 21.13 -22.71 -22.41
C GLY B 505 20.56 -23.19 -21.10
N PRO B 506 19.49 -23.97 -21.17
CA PRO B 506 18.90 -24.52 -19.93
C PRO B 506 19.84 -25.49 -19.25
N THR B 507 19.69 -25.58 -17.93
CA THR B 507 20.49 -26.45 -17.09
C THR B 507 19.61 -27.53 -16.48
N ARG B 508 20.24 -28.42 -15.71
CA ARG B 508 19.50 -29.47 -15.02
C ARG B 508 18.64 -28.89 -13.89
N ASN B 509 19.15 -27.86 -13.21
CA ASN B 509 18.40 -27.24 -12.12
C ASN B 509 17.12 -26.59 -12.62
N MET B 510 17.16 -25.96 -13.80
CA MET B 510 15.97 -25.34 -14.36
C MET B 510 14.88 -26.37 -14.60
N MET B 511 15.23 -27.50 -15.20
CA MET B 511 14.25 -28.55 -15.44
C MET B 511 13.76 -29.14 -14.13
N GLU B 512 14.56 -29.23 -13.10
CA GLU B 512 14.17 -29.81 -11.79
C GLU B 512 13.28 -28.87 -11.05
N HIS B 513 13.37 -27.60 -11.33
CA HIS B 513 12.37 -26.68 -10.81
C HIS B 513 11.07 -26.73 -11.61
N LEU B 514 11.19 -26.80 -12.94
CA LEU B 514 10.00 -26.84 -13.78
C LEU B 514 9.16 -28.08 -13.50
N HIS B 515 9.79 -29.18 -13.10
CA HIS B 515 9.04 -30.37 -12.73
C HIS B 515 8.16 -30.11 -11.51
N ARG B 516 8.68 -29.37 -10.53
CA ARG B 516 7.87 -28.98 -9.39
C ARG B 516 6.72 -28.07 -9.83
N TYR B 517 7.00 -27.14 -10.73
CA TYR B 517 5.96 -26.15 -11.09
C TYR B 517 4.79 -26.74 -11.88
N GLU B 518 4.64 -28.06 -12.07
CA GLU B 518 3.61 -28.57 -12.96
C GLU B 518 2.21 -28.35 -12.40
N ASN B 519 1.99 -28.73 -11.14
CA ASN B 519 0.70 -28.54 -10.47
C ASN B 519 0.98 -28.11 -9.03
N LEU B 520 1.08 -26.79 -8.83
CA LEU B 520 1.46 -26.26 -7.54
C LEU B 520 0.58 -25.07 -7.19
N GLU B 521 0.15 -25.00 -5.94
CA GLU B 521 -0.70 -23.89 -5.50
C GLU B 521 0.12 -22.60 -5.43
N GLY B 522 -0.50 -21.50 -5.87
CA GLY B 522 0.16 -20.22 -5.91
C GLY B 522 1.04 -20.00 -7.12
N VAL B 523 1.09 -20.95 -8.04
CA VAL B 523 1.92 -20.86 -9.24
C VAL B 523 1.05 -21.22 -10.43
N SER B 524 1.43 -20.72 -11.60
CA SER B 524 0.78 -21.11 -12.84
C SER B 524 1.05 -22.59 -13.13
N LYS B 525 0.39 -23.12 -14.16
CA LYS B 525 0.54 -24.51 -14.55
C LYS B 525 1.49 -24.56 -15.74
N VAL B 526 2.67 -25.16 -15.54
CA VAL B 526 3.73 -25.19 -16.52
C VAL B 526 3.77 -26.55 -17.19
N SER B 527 4.05 -26.56 -18.49
CA SER B 527 4.16 -27.80 -19.24
C SER B 527 5.12 -27.60 -20.41
N ILE B 528 6.00 -28.56 -20.62
CA ILE B 528 6.92 -28.50 -21.75
C ILE B 528 6.14 -28.80 -23.02
N GLU B 529 6.21 -27.89 -23.99
CA GLU B 529 5.37 -27.99 -25.17
C GLU B 529 6.10 -27.41 -26.38
N GLU B 530 5.85 -28.01 -27.54
CA GLU B 530 6.33 -27.46 -28.80
C GLU B 530 5.64 -26.14 -29.09
N PRO B 531 6.36 -25.13 -29.60
CA PRO B 531 5.73 -23.83 -29.86
C PRO B 531 4.58 -23.88 -30.86
N ASN B 532 4.64 -24.78 -31.85
CA ASN B 532 3.53 -24.91 -32.79
C ASN B 532 2.24 -25.29 -32.07
N ASP B 533 2.33 -26.25 -31.16
CA ASP B 533 1.15 -26.68 -30.42
C ASP B 533 0.63 -25.56 -29.53
N PHE B 534 1.52 -24.83 -28.86
CA PHE B 534 1.09 -23.71 -28.04
C PHE B 534 0.35 -22.68 -28.87
N PHE B 535 0.90 -22.33 -30.03
CA PHE B 535 0.27 -21.31 -30.85
C PHE B 535 -1.08 -21.76 -31.37
N ASP B 536 -1.19 -23.03 -31.77
CA ASP B 536 -2.48 -23.57 -32.19
C ASP B 536 -3.51 -23.45 -31.06
N LYS B 537 -3.14 -23.92 -29.86
CA LYS B 537 -4.09 -23.92 -28.75
C LYS B 537 -4.49 -22.51 -28.35
N ALA B 538 -3.52 -21.60 -28.26
CA ALA B 538 -3.81 -20.23 -27.86
C ALA B 538 -4.69 -19.53 -28.89
N HIS B 539 -4.40 -19.69 -30.18
CA HIS B 539 -5.24 -19.07 -31.19
C HIS B 539 -6.65 -19.65 -31.16
N GLN B 540 -6.78 -20.96 -30.95
CA GLN B 540 -8.11 -21.56 -30.90
C GLN B 540 -8.90 -21.00 -29.72
N GLN B 541 -8.27 -20.91 -28.55
CA GLN B 541 -8.97 -20.37 -27.37
C GLN B 541 -9.36 -18.91 -27.58
N LEU B 542 -8.45 -18.11 -28.15
CA LEU B 542 -8.76 -16.70 -28.38
C LEU B 542 -9.90 -16.54 -29.36
N ALA B 543 -9.89 -17.30 -30.46
CA ALA B 543 -10.96 -17.20 -31.44
C ALA B 543 -12.28 -17.67 -30.88
N GLU B 544 -12.27 -18.70 -30.02
CA GLU B 544 -13.51 -19.20 -29.46
C GLU B 544 -14.11 -18.22 -28.45
N ASN B 545 -13.27 -17.67 -27.58
CA ASN B 545 -13.80 -16.76 -26.55
C ASN B 545 -14.17 -15.41 -27.13
N ALA B 546 -13.33 -14.85 -28.00
CA ALA B 546 -13.51 -13.46 -28.43
C ALA B 546 -14.63 -13.32 -29.45
N GLY B 547 -14.49 -13.95 -30.61
CA GLY B 547 -15.42 -13.79 -31.68
C GLY B 547 -15.19 -12.49 -32.45
N PRO B 548 -16.12 -11.55 -32.32
CA PRO B 548 -15.94 -10.25 -33.00
C PRO B 548 -14.96 -9.35 -32.25
N GLU B 549 -14.90 -9.48 -30.92
CA GLU B 549 -14.04 -8.64 -30.11
C GLU B 549 -12.64 -9.20 -30.03
N MET B 550 -12.01 -9.42 -31.18
CA MET B 550 -10.67 -9.99 -31.05
C MET B 550 -9.62 -8.89 -31.16
N PRO B 551 -8.59 -8.91 -30.32
CA PRO B 551 -7.60 -7.82 -30.33
C PRO B 551 -6.90 -7.70 -31.68
N VAL B 552 -6.86 -6.48 -32.21
CA VAL B 552 -6.22 -6.18 -33.47
C VAL B 552 -5.37 -4.92 -33.29
N TRP B 553 -4.16 -4.95 -33.84
CA TRP B 553 -3.29 -3.78 -33.91
C TRP B 553 -2.86 -3.60 -35.35
N LYS B 554 -3.12 -2.42 -35.92
CA LYS B 554 -2.78 -2.12 -37.30
C LYS B 554 -1.66 -1.10 -37.35
N GLY B 555 -0.67 -1.34 -38.21
CA GLY B 555 0.46 -0.46 -38.40
C GLY B 555 1.78 -1.18 -38.18
N GLU B 556 2.74 -0.47 -37.62
CA GLU B 556 4.06 -1.00 -37.31
C GLU B 556 4.17 -1.25 -35.81
N LEU B 557 5.29 -1.83 -35.40
CA LEU B 557 5.59 -2.08 -34.00
C LEU B 557 6.80 -1.23 -33.64
N TYR B 558 6.54 0.02 -33.26
CA TYR B 558 7.61 0.96 -32.95
C TYR B 558 8.14 0.70 -31.55
N LEU B 559 9.47 0.67 -31.42
CA LEU B 559 10.12 0.45 -30.14
C LEU B 559 10.60 1.77 -29.59
N GLU B 560 10.12 2.13 -28.39
CA GLU B 560 10.50 3.37 -27.73
C GLU B 560 11.77 3.14 -26.91
N LEU B 561 12.86 2.92 -27.63
CA LEU B 561 14.18 2.67 -27.06
C LEU B 561 15.17 2.53 -28.21
N HIS B 562 16.45 2.71 -27.89
CA HIS B 562 17.55 2.47 -28.83
C HIS B 562 17.37 3.26 -30.12
N ARG B 563 17.00 4.53 -29.98
CA ARG B 563 16.74 5.36 -31.15
C ARG B 563 18.01 5.81 -31.85
N GLY B 564 19.16 5.69 -31.21
CA GLY B 564 20.42 6.03 -31.83
C GLY B 564 20.98 4.98 -32.76
N THR B 565 20.30 3.84 -32.88
CA THR B 565 20.74 2.77 -33.75
C THR B 565 20.55 3.09 -35.23
N LEU B 566 19.82 4.15 -35.56
CA LEU B 566 19.64 4.55 -36.95
C LEU B 566 20.81 5.35 -37.49
N THR B 567 21.78 5.72 -36.64
CA THR B 567 22.85 6.62 -37.05
C THR B 567 24.22 6.05 -36.70
N SER B 568 24.28 5.19 -35.70
CA SER B 568 25.56 4.65 -35.26
C SER B 568 26.17 3.77 -36.34
N GLN B 569 27.48 3.94 -36.55
CA GLN B 569 28.25 3.18 -37.54
C GLN B 569 27.63 3.35 -38.94
N GLN B 570 27.71 4.59 -39.43
CA GLN B 570 27.05 4.96 -40.67
C GLN B 570 27.50 4.11 -41.85
N ASP B 571 28.73 3.57 -41.80
CA ASP B 571 29.21 2.74 -42.89
C ASP B 571 28.34 1.50 -43.09
N MET B 572 27.76 0.97 -42.02
CA MET B 572 26.91 -0.22 -42.14
C MET B 572 25.69 0.08 -43.00
N LYS B 573 24.97 1.16 -42.68
CA LYS B 573 23.78 1.52 -43.46
C LYS B 573 24.16 1.91 -44.87
N ARG B 574 25.25 2.66 -45.02
CA ARG B 574 25.75 3.03 -46.34
C ARG B 574 25.96 1.79 -47.20
N GLY B 575 26.72 0.82 -46.68
CA GLY B 575 27.02 -0.38 -47.43
C GLY B 575 25.79 -1.23 -47.69
N CYS B 576 24.88 -1.32 -46.73
CA CYS B 576 23.67 -2.10 -46.93
C CYS B 576 22.85 -1.56 -48.10
N ARG B 577 22.57 -0.25 -48.08
CA ARG B 577 21.77 0.32 -49.16
C ARG B 577 22.49 0.24 -50.49
N GLN B 578 23.80 0.51 -50.50
CA GLN B 578 24.54 0.47 -51.76
C GLN B 578 24.58 -0.95 -52.34
N GLU B 579 24.79 -1.95 -51.49
CA GLU B 579 24.86 -3.32 -51.99
C GLU B 579 23.51 -3.80 -52.50
N GLU B 580 22.42 -3.42 -51.83
CA GLU B 580 21.11 -3.75 -52.36
C GLU B 580 20.85 -3.07 -53.71
N SER B 581 21.19 -1.78 -53.81
CA SER B 581 20.95 -1.05 -55.04
C SER B 581 21.79 -1.59 -56.19
N LEU B 582 22.96 -2.14 -55.89
CA LEU B 582 23.78 -2.73 -56.93
C LEU B 582 23.34 -4.16 -57.27
N LEU B 583 22.87 -4.91 -56.27
CA LEU B 583 22.38 -6.26 -56.52
C LEU B 583 21.15 -6.24 -57.43
N ARG B 584 20.27 -5.26 -57.24
CA ARG B 584 19.09 -5.16 -58.10
C ARG B 584 19.51 -5.03 -59.56
N THR B 585 20.43 -4.11 -59.85
CA THR B 585 20.91 -3.91 -61.21
C THR B 585 21.60 -5.15 -61.75
N VAL B 586 22.44 -5.79 -60.93
CA VAL B 586 23.18 -6.95 -61.40
C VAL B 586 22.23 -8.08 -61.76
N GLU B 587 21.22 -8.32 -60.91
CA GLU B 587 20.26 -9.39 -61.20
C GLU B 587 19.44 -9.08 -62.43
N TYR B 588 19.02 -7.83 -62.60
CA TYR B 588 18.27 -7.48 -63.81
C TYR B 588 19.12 -7.67 -65.06
N LEU B 589 20.39 -7.27 -65.00
CA LEU B 589 21.27 -7.43 -66.16
C LEU B 589 21.52 -8.89 -66.46
N GLY B 590 21.67 -9.72 -65.43
CA GLY B 590 21.83 -11.15 -65.66
C GLY B 590 20.60 -11.77 -66.30
N ALA B 591 19.41 -11.39 -65.82
CA ALA B 591 18.19 -11.88 -66.42
C ALA B 591 18.09 -11.46 -67.88
N ALA B 592 18.42 -10.20 -68.18
CA ALA B 592 18.37 -9.73 -69.57
C ALA B 592 19.39 -10.43 -70.44
N ALA B 593 20.57 -10.74 -69.90
CA ALA B 593 21.63 -11.36 -70.70
C ALA B 593 21.32 -12.83 -70.97
N VAL B 594 20.72 -13.53 -70.01
CA VAL B 594 20.40 -14.93 -70.23
C VAL B 594 19.38 -15.08 -71.35
N LEU B 595 18.37 -14.20 -71.37
CA LEU B 595 17.36 -14.23 -72.41
C LEU B 595 17.89 -13.77 -73.77
N SER B 596 19.09 -13.19 -73.81
CA SER B 596 19.66 -12.72 -75.06
C SER B 596 20.77 -13.60 -75.60
N ASP B 597 21.36 -14.45 -74.77
CA ASP B 597 22.46 -15.31 -75.21
C ASP B 597 22.31 -16.70 -74.60
N PRO B 598 22.00 -17.71 -75.41
CA PRO B 598 21.95 -19.08 -74.88
C PRO B 598 23.30 -19.59 -74.40
N GLU B 599 24.40 -18.98 -74.85
CA GLU B 599 25.74 -19.41 -74.46
C GLU B 599 26.25 -18.71 -73.21
N TYR B 600 25.48 -17.82 -72.62
CA TYR B 600 25.88 -17.14 -71.39
C TYR B 600 25.45 -17.97 -70.18
N VAL B 601 26.33 -18.05 -69.18
CA VAL B 601 26.09 -18.83 -67.98
C VAL B 601 25.94 -17.86 -66.81
N TYR B 602 24.84 -17.97 -66.09
CA TYR B 602 24.55 -17.09 -64.97
C TYR B 602 25.40 -17.49 -63.76
N PRO B 603 26.15 -16.56 -63.18
CA PRO B 603 26.96 -16.92 -62.00
C PRO B 603 26.12 -17.09 -60.74
N ARG B 604 25.51 -18.26 -60.59
CA ARG B 604 24.56 -18.46 -59.50
C ARG B 604 25.27 -18.63 -58.15
N GLU B 605 26.33 -19.45 -58.09
CA GLU B 605 26.93 -19.77 -56.81
C GLU B 605 27.62 -18.57 -56.17
N GLU B 606 28.30 -17.74 -56.97
CA GLU B 606 28.98 -16.59 -56.42
C GLU B 606 27.99 -15.53 -55.94
N LEU B 607 26.90 -15.33 -56.67
CA LEU B 607 25.86 -14.43 -56.22
C LEU B 607 25.17 -14.96 -54.96
N ASP B 608 25.00 -16.28 -54.84
CA ASP B 608 24.47 -16.84 -53.61
C ASP B 608 25.41 -16.55 -52.43
N ARG B 609 26.72 -16.71 -52.65
CA ARG B 609 27.67 -16.42 -51.58
C ARG B 609 27.62 -14.96 -51.17
N ILE B 610 27.55 -14.05 -52.15
CA ILE B 610 27.47 -12.63 -51.83
C ILE B 610 26.20 -12.30 -51.08
N TRP B 611 25.07 -12.87 -51.52
CA TRP B 611 23.80 -12.65 -50.84
C TRP B 611 23.87 -13.13 -49.40
N LYS B 612 24.44 -14.31 -49.17
CA LYS B 612 24.53 -14.83 -47.81
C LYS B 612 25.42 -13.96 -46.94
N THR B 613 26.52 -13.44 -47.50
CA THR B 613 27.36 -12.53 -46.73
C THR B 613 26.59 -11.27 -46.33
N LEU B 614 25.83 -10.69 -47.27
CA LEU B 614 25.04 -9.51 -46.95
C LEU B 614 23.99 -9.81 -45.89
N LEU B 615 23.31 -10.94 -46.01
CA LEU B 615 22.28 -11.31 -45.04
C LEU B 615 22.88 -11.50 -43.65
N LEU B 616 24.06 -12.11 -43.57
CA LEU B 616 24.75 -12.20 -42.28
C LEU B 616 25.08 -10.83 -41.73
N ASN B 617 25.53 -9.92 -42.60
CA ASN B 617 25.82 -8.56 -42.16
C ASN B 617 24.57 -7.80 -41.74
N GLN B 618 23.37 -8.28 -42.08
CA GLN B 618 22.13 -7.63 -41.65
C GLN B 618 21.63 -8.12 -40.29
N PHE B 619 22.40 -8.39 -39.28
CA PHE B 619 21.96 -8.99 -38.02
C PHE B 619 21.58 -7.93 -37.01
N HIS B 620 20.79 -8.24 -35.98
CA HIS B 620 20.28 -7.33 -34.96
C HIS B 620 21.33 -6.67 -34.12
N ASP B 621 22.59 -6.90 -34.31
CA ASP B 621 23.60 -6.13 -33.57
C ASP B 621 24.69 -5.65 -34.53
N ILE B 622 24.67 -6.09 -35.77
CA ILE B 622 25.68 -5.57 -36.68
C ILE B 622 25.15 -4.39 -37.49
N LEU B 623 24.00 -4.57 -38.12
CA LEU B 623 23.40 -3.48 -38.89
C LEU B 623 23.08 -2.26 -38.03
N PRO B 624 22.49 -2.38 -36.84
CA PRO B 624 22.29 -1.19 -36.01
C PRO B 624 23.58 -0.49 -35.65
N GLY B 625 24.68 -1.23 -35.51
CA GLY B 625 25.96 -0.63 -35.20
C GLY B 625 26.24 -0.57 -33.72
N SER B 626 25.98 -1.68 -33.03
CA SER B 626 26.12 -1.74 -31.58
C SER B 626 27.00 -2.92 -31.16
N ALA B 627 28.11 -3.11 -31.85
CA ALA B 627 29.06 -4.17 -31.56
C ALA B 627 30.45 -3.58 -31.35
N ILE B 628 31.44 -4.44 -31.19
CA ILE B 628 32.81 -4.01 -30.94
C ILE B 628 33.49 -3.65 -32.26
N ALA B 629 34.66 -3.03 -32.18
CA ALA B 629 35.35 -2.56 -33.38
C ALA B 629 35.75 -3.70 -34.31
N TRP B 630 36.04 -4.87 -33.73
CA TRP B 630 36.41 -6.04 -34.53
C TRP B 630 35.32 -6.39 -35.54
N VAL B 631 34.08 -6.48 -35.05
CA VAL B 631 32.96 -6.90 -35.88
C VAL B 631 32.75 -5.92 -37.02
N HIS B 632 32.80 -4.63 -36.72
CA HIS B 632 32.51 -3.63 -37.75
C HIS B 632 33.67 -3.48 -38.73
N ARG B 633 34.91 -3.70 -38.28
CA ARG B 633 36.03 -3.74 -39.22
C ARG B 633 35.86 -4.89 -40.21
N GLU B 634 35.50 -6.07 -39.71
CA GLU B 634 35.26 -7.20 -40.61
C GLU B 634 34.12 -6.91 -41.57
N ALA B 635 33.04 -6.31 -41.07
CA ALA B 635 31.90 -6.02 -41.93
C ALA B 635 32.25 -5.00 -43.01
N ARG B 636 33.05 -3.99 -42.65
CA ARG B 636 33.48 -3.01 -43.64
C ARG B 636 34.32 -3.67 -44.73
N GLU B 637 35.21 -4.58 -44.34
CA GLU B 637 35.98 -5.29 -45.35
C GLU B 637 35.08 -6.11 -46.27
N ASP B 638 34.09 -6.80 -45.71
CA ASP B 638 33.15 -7.54 -46.54
C ASP B 638 32.41 -6.63 -47.51
N TYR B 639 31.95 -5.47 -47.02
CA TYR B 639 31.21 -4.55 -47.87
C TYR B 639 32.08 -4.07 -49.04
N ARG B 640 33.31 -3.66 -48.76
CA ARG B 640 34.19 -3.19 -49.81
C ARG B 640 34.43 -4.28 -50.86
N ARG B 641 34.79 -5.48 -50.39
CA ARG B 641 35.10 -6.57 -51.31
C ARG B 641 33.91 -6.91 -52.19
N ASP B 642 32.73 -7.08 -51.58
CA ASP B 642 31.56 -7.50 -52.34
C ASP B 642 31.07 -6.41 -53.28
N LEU B 643 31.18 -5.13 -52.89
CA LEU B 643 30.79 -4.06 -53.79
C LEU B 643 31.69 -4.02 -55.02
N LYS B 644 33.01 -4.16 -54.82
CA LYS B 644 33.90 -4.21 -55.97
C LYS B 644 33.57 -5.38 -56.89
N ARG B 645 33.35 -6.56 -56.30
CA ARG B 645 33.04 -7.74 -57.11
C ARG B 645 31.74 -7.56 -57.89
N LEU B 646 30.72 -6.99 -57.25
CA LEU B 646 29.45 -6.77 -57.93
C LEU B 646 29.59 -5.80 -59.08
N ALA B 647 30.37 -4.73 -58.89
CA ALA B 647 30.61 -3.81 -60.00
C ALA B 647 31.29 -4.52 -61.17
N GLU B 648 32.28 -5.36 -60.88
CA GLU B 648 32.95 -6.10 -61.96
C GLU B 648 31.98 -7.04 -62.69
N ILE B 649 31.12 -7.73 -61.93
CA ILE B 649 30.15 -8.64 -62.54
C ILE B 649 29.18 -7.87 -63.42
N ALA B 650 28.73 -6.69 -62.96
CA ALA B 650 27.85 -5.86 -63.77
C ALA B 650 28.53 -5.44 -65.06
N GLN B 651 29.82 -5.09 -64.99
CA GLN B 651 30.53 -4.74 -66.21
C GLN B 651 30.62 -5.92 -67.17
N ASP B 652 30.84 -7.13 -66.64
CA ASP B 652 30.87 -8.32 -67.49
C ASP B 652 29.54 -8.52 -68.20
N MET B 653 28.44 -8.38 -67.46
CA MET B 653 27.11 -8.55 -68.06
C MET B 653 26.83 -7.48 -69.10
N CYS B 654 27.26 -6.24 -68.84
CA CYS B 654 27.08 -5.18 -69.82
C CYS B 654 27.86 -5.47 -71.10
N ALA B 655 29.09 -5.99 -70.95
CA ALA B 655 29.86 -6.36 -72.13
C ALA B 655 29.17 -7.44 -72.94
N VAL B 656 28.61 -8.44 -72.25
CA VAL B 656 27.87 -9.50 -72.95
C VAL B 656 26.69 -8.93 -73.70
N LEU B 657 25.93 -8.04 -73.04
CA LEU B 657 24.74 -7.46 -73.67
C LEU B 657 25.11 -6.62 -74.88
N ARG B 658 26.19 -5.84 -74.78
CA ARG B 658 26.64 -5.07 -75.94
C ARG B 658 27.07 -5.98 -77.08
N LYS B 659 27.78 -7.07 -76.76
CA LYS B 659 28.23 -7.97 -77.81
C LYS B 659 27.05 -8.65 -78.50
N ALA B 660 25.95 -8.86 -77.76
CA ALA B 660 24.77 -9.49 -78.33
C ALA B 660 23.76 -8.50 -78.89
N ASN B 661 23.99 -7.19 -78.75
CA ASN B 661 23.08 -6.17 -79.25
C ASN B 661 23.87 -5.12 -80.03
N PRO B 662 24.28 -5.43 -81.26
CA PRO B 662 25.02 -4.44 -82.06
C PRO B 662 24.18 -3.28 -82.54
N GLN B 663 22.85 -3.36 -82.43
CA GLN B 663 21.96 -2.34 -82.98
C GLN B 663 21.75 -1.16 -82.03
N ALA B 664 21.87 -1.39 -80.73
CA ALA B 664 21.67 -0.31 -79.76
C ALA B 664 22.90 0.59 -79.71
N ASP B 665 22.69 1.81 -79.21
CA ASP B 665 23.77 2.77 -79.04
C ASP B 665 24.28 2.73 -77.60
N LEU B 666 25.60 2.81 -77.46
CA LEU B 666 26.22 2.77 -76.15
C LEU B 666 25.96 4.06 -75.39
N LEU B 667 26.01 3.95 -74.06
CA LEU B 667 25.85 5.09 -73.17
C LEU B 667 27.11 5.18 -72.32
N ALA B 668 27.80 6.33 -72.38
CA ALA B 668 29.06 6.47 -71.67
C ALA B 668 28.86 6.31 -70.16
N GLU B 669 27.87 7.00 -69.60
CA GLU B 669 27.51 6.88 -68.20
C GLU B 669 26.00 6.81 -68.12
N ALA B 670 25.46 5.81 -67.41
CA ALA B 670 24.03 5.64 -67.34
C ALA B 670 23.65 4.94 -66.04
N ARG B 671 22.39 5.13 -65.66
CA ARG B 671 21.81 4.46 -64.50
C ARG B 671 20.49 3.82 -64.89
N ILE B 672 20.21 2.67 -64.27
CA ILE B 672 18.93 1.98 -64.40
C ILE B 672 18.21 2.14 -63.08
N SER B 673 17.10 2.86 -63.10
CA SER B 673 16.36 3.23 -61.88
C SER B 673 14.93 2.73 -62.00
N GLN B 674 14.55 1.79 -61.14
CA GLN B 674 13.18 1.31 -61.14
C GLN B 674 12.22 2.44 -60.82
N PHE B 675 11.07 2.43 -61.46
CA PHE B 675 10.08 3.51 -61.39
C PHE B 675 10.72 4.88 -61.66
N ARG B 676 11.13 5.05 -62.91
CA ARG B 676 11.39 6.39 -63.41
C ARG B 676 10.11 6.93 -64.03
N ASN B 677 9.79 8.18 -63.70
CA ASN B 677 8.53 8.77 -64.14
C ASN B 677 8.50 8.92 -65.66
N ASP B 678 7.30 9.22 -66.17
CA ASP B 678 7.07 9.47 -67.59
C ASP B 678 7.20 8.21 -68.44
N GLY B 679 6.80 7.07 -67.89
CA GLY B 679 6.74 5.83 -68.65
C GLY B 679 8.07 5.32 -69.16
N ALA B 680 9.15 5.55 -68.42
CA ALA B 680 10.49 5.13 -68.80
C ALA B 680 11.20 4.50 -67.61
N SER B 681 10.51 3.58 -66.93
CA SER B 681 10.99 3.09 -65.64
C SER B 681 12.33 2.37 -65.74
N TRP B 682 12.38 1.21 -66.39
CA TRP B 682 13.57 0.38 -66.35
C TRP B 682 14.54 0.69 -67.49
N HIS B 683 14.37 1.81 -68.17
CA HIS B 683 15.33 2.25 -69.17
C HIS B 683 16.58 2.79 -68.49
N ALA B 684 17.73 2.58 -69.14
CA ALA B 684 18.99 3.14 -68.68
C ALA B 684 19.15 4.54 -69.27
N ASN B 685 19.43 5.51 -68.41
CA ASN B 685 19.47 6.91 -68.83
C ASN B 685 20.73 7.58 -68.33
N ARG B 686 21.17 8.59 -69.08
CA ARG B 686 22.43 9.28 -68.81
C ARG B 686 22.37 10.04 -67.48
N ILE B 687 23.56 10.33 -66.95
CA ILE B 687 23.66 11.22 -65.81
C ILE B 687 23.30 12.65 -66.23
N ASN B 688 23.71 13.04 -67.43
CA ASN B 688 23.48 14.39 -67.95
C ASN B 688 22.86 14.26 -69.33
N GLU B 689 21.60 14.64 -69.46
CA GLU B 689 20.88 14.50 -70.72
C GLU B 689 20.42 15.85 -71.24
N PRO B 690 20.38 16.03 -72.57
CA PRO B 690 20.02 17.33 -73.14
C PRO B 690 18.62 17.77 -72.75
N THR B 691 18.49 19.06 -72.46
CA THR B 691 17.23 19.64 -72.02
C THR B 691 16.95 20.94 -72.79
N ASP B 692 15.67 21.27 -72.89
CA ASP B 692 15.28 22.52 -73.52
C ASP B 692 15.61 23.72 -72.64
N ALA B 693 15.74 23.51 -71.34
CA ALA B 693 16.00 24.60 -70.41
C ALA B 693 17.38 25.21 -70.66
N LEU B 694 17.49 26.51 -70.40
CA LEU B 694 18.73 27.24 -70.58
C LEU B 694 19.62 27.06 -69.35
N SER B 695 20.83 27.62 -69.42
CA SER B 695 21.76 27.54 -68.30
C SER B 695 21.22 28.30 -67.10
N VAL B 696 21.58 27.83 -65.91
CA VAL B 696 21.10 28.44 -64.68
C VAL B 696 21.89 29.71 -64.41
N LEU B 697 21.18 30.83 -64.24
CA LEU B 697 21.80 32.11 -63.97
C LEU B 697 22.33 32.17 -62.54
N THR B 698 23.47 32.83 -62.37
CA THR B 698 24.04 33.08 -61.06
C THR B 698 24.31 34.57 -60.90
N GLN B 699 24.29 35.04 -59.65
CA GLN B 699 24.48 36.45 -59.39
C GLN B 699 24.96 36.62 -57.96
N THR B 700 25.87 37.57 -57.75
CA THR B 700 26.37 37.92 -56.42
C THR B 700 25.71 39.21 -55.97
N LEU B 701 25.11 39.17 -54.78
CA LEU B 701 24.35 40.30 -54.27
C LEU B 701 25.27 41.25 -53.51
N ASP B 702 24.67 42.18 -52.76
CA ASP B 702 25.43 43.29 -52.18
C ASP B 702 26.45 42.80 -51.16
N ASN B 703 26.06 41.85 -50.30
CA ASN B 703 26.89 41.50 -49.16
C ASN B 703 27.34 40.04 -49.20
N GLY B 704 27.78 39.58 -50.36
CA GLY B 704 28.27 38.22 -50.50
C GLY B 704 27.22 37.16 -50.73
N ARG B 705 25.95 37.54 -50.84
CA ARG B 705 24.89 36.57 -51.08
C ARG B 705 24.89 36.12 -52.54
N VAL B 706 24.39 34.91 -52.76
CA VAL B 706 24.33 34.31 -54.09
C VAL B 706 22.87 34.06 -54.45
N LEU B 707 22.52 34.30 -55.70
CA LEU B 707 21.14 34.15 -56.17
C LEU B 707 21.14 33.21 -57.38
N LEU B 708 20.74 31.96 -57.15
CA LEU B 708 20.59 30.99 -58.21
C LEU B 708 19.16 31.01 -58.71
N ALA B 709 18.98 30.84 -60.02
CA ALA B 709 17.64 30.90 -60.58
C ALA B 709 17.60 30.17 -61.91
N ASN B 710 16.95 29.00 -61.93
CA ASN B 710 16.53 28.39 -63.18
C ASN B 710 15.10 28.85 -63.47
N GLY B 711 14.44 28.19 -64.42
CA GLY B 711 13.10 28.61 -64.79
C GLY B 711 12.07 28.39 -63.69
N VAL B 712 12.31 27.41 -62.81
CA VAL B 712 11.28 26.99 -61.86
C VAL B 712 11.63 27.27 -60.41
N LEU B 713 12.89 27.53 -60.06
CA LEU B 713 13.28 27.74 -58.68
C LEU B 713 14.09 29.01 -58.55
N SER B 714 14.02 29.63 -57.37
CA SER B 714 14.82 30.81 -57.05
C SER B 714 15.41 30.62 -55.66
N VAL B 715 16.72 30.41 -55.60
CA VAL B 715 17.42 30.09 -54.36
C VAL B 715 18.28 31.28 -53.98
N THR B 716 18.21 31.67 -52.70
CA THR B 716 19.06 32.69 -52.14
C THR B 716 19.95 32.07 -51.07
N ILE B 717 21.26 32.26 -51.21
CA ILE B 717 22.25 31.69 -50.29
C ILE B 717 22.93 32.85 -49.58
N GLU B 718 22.87 32.84 -48.25
CA GLU B 718 23.46 33.89 -47.45
C GLU B 718 24.97 33.69 -47.32
N ALA B 719 25.63 34.68 -46.71
CA ALA B 719 27.07 34.65 -46.57
C ALA B 719 27.55 33.53 -45.66
N ASP B 720 26.66 32.90 -44.90
CA ASP B 720 27.01 31.79 -44.04
C ASP B 720 26.83 30.44 -44.71
N GLY B 721 26.45 30.43 -46.00
CA GLY B 721 26.24 29.18 -46.69
C GLY B 721 24.91 28.51 -46.41
N THR B 722 23.90 29.28 -46.04
CA THR B 722 22.59 28.75 -45.69
C THR B 722 21.53 29.32 -46.61
N ILE B 723 20.58 28.46 -47.01
CA ILE B 723 19.48 28.88 -47.87
C ILE B 723 18.49 29.68 -47.04
N SER B 724 18.29 30.94 -47.42
CA SER B 724 17.34 31.80 -46.72
C SER B 724 16.03 31.97 -47.47
N SER B 725 16.00 31.67 -48.76
CA SER B 725 14.79 31.83 -49.56
C SER B 725 14.81 30.82 -50.69
N LEU B 726 13.87 29.87 -50.66
CA LEU B 726 13.67 28.92 -51.75
C LEU B 726 12.28 29.18 -52.29
N LEU B 727 12.20 29.91 -53.39
CA LEU B 727 10.93 30.34 -53.97
C LEU B 727 10.58 29.49 -55.17
N ASP B 728 9.33 29.03 -55.21
CA ASP B 728 8.81 28.23 -56.30
C ASP B 728 7.99 29.11 -57.22
N GLU B 729 8.35 29.16 -58.49
CA GLU B 729 7.56 29.87 -59.48
C GLU B 729 6.33 29.04 -59.83
N GLU B 730 5.43 29.64 -60.61
CA GLU B 730 4.19 29.04 -61.10
C GLU B 730 3.32 28.50 -59.97
N HIS B 731 3.74 28.75 -58.72
CA HIS B 731 2.92 28.50 -57.55
C HIS B 731 2.98 29.62 -56.52
N GLY B 732 4.03 30.43 -56.50
CA GLY B 732 4.15 31.52 -55.57
C GLY B 732 4.50 31.13 -54.16
N ARG B 733 4.90 29.89 -53.93
CA ARG B 733 5.16 29.39 -52.58
C ARG B 733 6.58 29.70 -52.15
N GLU B 734 6.73 30.16 -50.91
CA GLU B 734 8.03 30.32 -50.29
C GLU B 734 8.26 29.10 -49.40
N LEU B 735 9.26 28.29 -49.75
CA LEU B 735 9.47 27.01 -49.11
C LEU B 735 10.33 27.08 -47.86
N VAL B 736 10.84 28.26 -47.51
CA VAL B 736 11.64 28.44 -46.31
C VAL B 736 10.95 29.50 -45.46
N PRO B 737 10.49 29.18 -44.25
CA PRO B 737 9.84 30.19 -43.41
C PRO B 737 10.81 31.31 -43.06
N ALA B 738 10.27 32.52 -42.94
CA ALA B 738 11.08 33.66 -42.55
C ALA B 738 11.62 33.46 -41.14
N GLY B 739 12.90 33.79 -40.95
CA GLY B 739 13.55 33.61 -39.68
C GLY B 739 14.22 32.27 -39.47
N THR B 740 14.20 31.40 -40.48
CA THR B 740 14.85 30.10 -40.40
C THR B 740 15.83 29.94 -41.55
N ARG B 741 16.86 29.12 -41.32
CA ARG B 741 17.89 28.86 -42.30
C ARG B 741 17.85 27.39 -42.70
N LEU B 742 17.82 27.14 -44.01
CA LEU B 742 17.81 25.78 -44.54
C LEU B 742 19.24 25.37 -44.88
N GLY B 743 19.61 24.16 -44.45
CA GLY B 743 20.96 23.70 -44.64
C GLY B 743 21.91 24.01 -43.52
N GLN B 744 21.41 24.31 -42.33
CA GLN B 744 22.26 24.66 -41.20
C GLN B 744 22.55 23.44 -40.34
N TYR B 745 23.80 23.30 -39.92
CA TYR B 745 24.24 22.15 -39.15
C TYR B 745 24.11 22.42 -37.65
N GLU B 746 23.73 21.38 -36.92
CA GLU B 746 23.54 21.44 -35.48
C GLU B 746 24.35 20.35 -34.81
N LEU B 747 24.97 20.69 -33.68
CA LEU B 747 25.72 19.74 -32.87
C LEU B 747 25.04 19.59 -31.51
N LEU B 748 24.73 18.35 -31.15
CA LEU B 748 24.08 18.02 -29.90
C LEU B 748 25.06 17.31 -28.98
N ARG B 749 24.83 17.44 -27.68
CA ARG B 749 25.63 16.75 -26.66
C ARG B 749 24.96 15.42 -26.37
N ASP B 750 25.56 14.34 -26.85
CA ASP B 750 25.01 13.00 -26.66
C ASP B 750 25.88 12.25 -25.67
N GLU B 751 25.52 12.32 -24.40
CA GLU B 751 26.18 11.58 -23.32
C GLU B 751 25.11 10.82 -22.55
N PRO B 752 24.63 9.70 -23.08
CA PRO B 752 23.55 8.98 -22.42
C PRO B 752 24.03 8.26 -21.17
N ALA B 753 23.06 7.99 -20.29
CA ALA B 753 23.33 7.28 -19.04
C ALA B 753 23.51 5.79 -19.25
N VAL B 754 22.80 5.20 -20.22
CA VAL B 754 22.85 3.77 -20.48
C VAL B 754 22.93 3.55 -21.98
N TRP B 755 23.55 2.44 -22.37
CA TRP B 755 23.59 2.00 -23.77
C TRP B 755 24.08 3.10 -24.69
N ASP B 756 25.36 3.46 -24.51
CA ASP B 756 25.92 4.64 -25.17
C ASP B 756 25.71 4.60 -26.68
N ALA B 757 26.11 3.51 -27.32
CA ALA B 757 25.98 3.41 -28.77
C ALA B 757 24.52 3.32 -29.19
N TRP B 758 23.69 2.67 -28.38
CA TRP B 758 22.30 2.42 -28.76
C TRP B 758 21.46 3.68 -28.71
N GLU B 759 21.73 4.59 -27.78
CA GLU B 759 20.74 5.57 -27.34
C GLU B 759 21.08 6.98 -27.80
N ILE B 760 20.04 7.69 -28.23
CA ILE B 760 19.98 9.13 -28.22
C ILE B 760 18.82 9.51 -27.31
N GLU B 761 19.01 10.53 -26.48
CA GLU B 761 18.05 10.81 -25.42
C GLU B 761 17.40 12.17 -25.61
N ARG B 762 16.34 12.41 -24.82
CA ARG B 762 15.57 13.64 -24.94
C ARG B 762 16.43 14.85 -24.60
N GLU B 763 17.27 14.74 -23.58
CA GLU B 763 18.08 15.87 -23.14
C GLU B 763 19.13 16.26 -24.16
N SER B 764 19.54 15.34 -25.04
CA SER B 764 20.47 15.69 -26.11
C SER B 764 19.87 16.77 -26.99
N LEU B 765 18.61 16.61 -27.36
CA LEU B 765 17.85 17.71 -27.93
C LEU B 765 17.70 18.80 -26.87
N LEU B 766 17.59 20.05 -27.32
CA LEU B 766 17.57 21.28 -26.52
C LEU B 766 18.97 21.69 -26.09
N MET B 767 20.01 20.93 -26.44
CA MET B 767 21.38 21.40 -26.25
C MET B 767 22.08 21.50 -27.60
N ALA B 768 21.39 22.12 -28.57
CA ALA B 768 21.90 22.25 -29.92
C ALA B 768 22.81 23.46 -30.04
N ASN B 769 23.87 23.33 -30.83
CA ASN B 769 24.79 24.41 -31.13
C ASN B 769 24.96 24.49 -32.64
N ALA B 770 24.48 25.59 -33.23
CA ALA B 770 24.61 25.78 -34.66
C ALA B 770 26.07 26.01 -35.03
N VAL B 771 26.48 25.44 -36.17
CA VAL B 771 27.84 25.54 -36.66
C VAL B 771 27.83 26.42 -37.91
N THR B 772 28.71 27.42 -37.94
CA THR B 772 28.68 28.45 -38.97
C THR B 772 29.80 28.25 -39.97
N GLY B 773 29.49 28.52 -41.24
CA GLY B 773 30.46 28.41 -42.31
C GLY B 773 30.51 29.63 -43.19
N SER B 774 31.06 29.48 -44.40
CA SER B 774 31.16 30.61 -45.34
C SER B 774 31.26 30.06 -46.75
N ILE B 775 30.93 30.92 -47.71
CA ILE B 775 30.96 30.55 -49.12
C ILE B 775 32.39 30.66 -49.64
N GLU B 776 32.82 29.67 -50.41
CA GLU B 776 34.16 29.64 -50.97
C GLU B 776 34.21 29.91 -52.47
N SER B 777 33.30 29.33 -53.25
CA SER B 777 33.36 29.51 -54.69
C SER B 777 32.00 29.23 -55.31
N VAL B 778 31.81 29.75 -56.52
CA VAL B 778 30.63 29.54 -57.33
C VAL B 778 31.09 29.09 -58.71
N ASN B 779 30.47 28.04 -59.24
CA ASN B 779 30.90 27.45 -60.50
C ASN B 779 29.69 27.07 -61.34
N THR B 780 29.94 26.87 -62.63
CA THR B 780 28.92 26.44 -63.58
C THR B 780 29.59 25.45 -64.54
N GLU B 781 29.42 24.16 -64.28
CA GLU B 781 30.12 23.15 -65.05
C GLU B 781 29.40 22.79 -66.35
N ASN B 782 28.18 22.27 -66.24
CA ASN B 782 27.40 21.84 -67.38
C ASN B 782 26.08 22.60 -67.44
N GLY B 783 26.14 23.91 -67.22
CA GLY B 783 24.95 24.71 -67.09
C GLY B 783 24.28 24.62 -65.73
N ALA B 784 24.89 23.92 -64.78
CA ALA B 784 24.34 23.75 -63.44
C ALA B 784 25.14 24.60 -62.46
N ALA B 785 24.43 25.36 -61.63
CA ALA B 785 25.08 26.24 -60.67
C ALA B 785 25.49 25.45 -59.43
N GLN B 786 26.75 25.59 -59.04
CA GLN B 786 27.30 24.90 -57.88
C GLN B 786 27.91 25.91 -56.93
N VAL B 787 27.58 25.80 -55.64
CA VAL B 787 28.09 26.68 -54.61
C VAL B 787 28.85 25.83 -53.60
N HIS B 788 30.06 26.24 -53.27
CA HIS B 788 30.94 25.51 -52.37
C HIS B 788 31.00 26.21 -51.02
N VAL B 789 30.73 25.46 -49.96
CA VAL B 789 30.66 26.00 -48.60
C VAL B 789 31.59 25.20 -47.70
N HIS B 790 32.32 25.90 -46.84
CA HIS B 790 33.20 25.27 -45.86
C HIS B 790 32.73 25.62 -44.46
N THR B 791 32.55 24.60 -43.62
CA THR B 791 32.12 24.76 -42.24
C THR B 791 33.11 24.05 -41.34
N ALA B 792 33.48 24.68 -40.23
CA ALA B 792 34.54 24.15 -39.39
C ALA B 792 34.15 24.21 -37.93
N ASP B 793 34.78 23.34 -37.15
CA ASP B 793 34.65 23.31 -35.71
C ASP B 793 36.02 23.20 -35.02
N GLY B 794 37.03 22.67 -35.70
CA GLY B 794 38.30 22.36 -35.10
C GLY B 794 38.53 20.86 -35.15
N ASP B 795 39.33 20.43 -36.14
CA ASP B 795 39.55 19.04 -36.54
C ASP B 795 38.31 18.41 -37.17
N THR B 796 37.19 19.13 -37.24
CA THR B 796 35.97 18.63 -37.88
C THR B 796 35.61 19.60 -38.99
N VAL B 797 35.81 19.17 -40.23
CA VAL B 797 35.60 20.02 -41.41
C VAL B 797 34.52 19.41 -42.27
N ILE B 798 33.55 20.23 -42.68
CA ILE B 798 32.49 19.83 -43.58
C ILE B 798 32.58 20.69 -44.83
N THR B 799 32.64 20.05 -46.00
CA THR B 799 32.59 20.74 -47.27
C THR B 799 31.30 20.36 -47.98
N THR B 800 30.49 21.36 -48.32
CA THR B 800 29.17 21.16 -48.87
C THR B 800 29.08 21.77 -50.26
N THR B 801 28.52 21.02 -51.19
CA THR B 801 28.23 21.49 -52.54
C THR B 801 26.73 21.58 -52.71
N ILE B 802 26.23 22.76 -53.08
CA ILE B 802 24.82 23.00 -53.33
C ILE B 802 24.64 23.17 -54.83
N THR B 803 23.78 22.34 -55.42
CA THR B 803 23.66 22.25 -56.88
C THR B 803 22.24 22.53 -57.31
N LEU B 804 22.11 23.36 -58.35
CA LEU B 804 20.85 23.60 -59.04
C LEU B 804 21.05 23.31 -60.52
N ARG B 805 20.14 22.53 -61.10
CA ARG B 805 20.22 22.07 -62.47
C ARG B 805 19.12 22.70 -63.32
N PRO B 806 19.33 22.81 -64.64
CA PRO B 806 18.34 23.47 -65.49
C PRO B 806 17.05 22.66 -65.62
N GLY B 807 15.93 23.32 -65.35
CA GLY B 807 14.62 22.71 -65.51
C GLY B 807 14.20 21.78 -64.40
N SER B 808 15.02 21.60 -63.37
CA SER B 808 14.73 20.64 -62.32
C SER B 808 13.98 21.31 -61.18
N HIS B 809 13.01 20.57 -60.62
CA HIS B 809 12.27 21.01 -59.45
C HIS B 809 13.00 20.72 -58.15
N THR B 810 14.21 20.18 -58.22
CA THR B 810 14.95 19.73 -57.05
C THR B 810 16.21 20.55 -56.83
N LEU B 811 16.63 20.62 -55.57
CA LEU B 811 17.86 21.27 -55.16
C LEU B 811 18.71 20.25 -54.42
N ASP B 812 19.98 20.10 -54.82
CA ASP B 812 20.80 19.00 -54.35
C ASP B 812 21.89 19.46 -53.40
N PHE B 813 22.20 18.62 -52.41
CA PHE B 813 23.25 18.87 -51.44
C PHE B 813 24.15 17.65 -51.37
N HIS B 814 25.46 17.88 -51.49
CA HIS B 814 26.48 16.86 -51.26
C HIS B 814 27.41 17.33 -50.15
N ALA B 815 27.85 16.41 -49.29
CA ALA B 815 28.65 16.78 -48.15
C ALA B 815 29.78 15.79 -47.93
N ASP B 816 30.98 16.32 -47.69
CA ASP B 816 32.14 15.53 -47.29
C ASP B 816 32.56 15.98 -45.89
N ILE B 817 32.54 15.06 -44.94
CA ILE B 817 32.72 15.38 -43.53
C ILE B 817 33.94 14.64 -43.01
N ASP B 818 34.74 15.33 -42.20
CA ASP B 818 35.85 14.72 -41.46
C ASP B 818 35.47 14.71 -39.99
N TRP B 819 34.92 13.58 -39.55
CA TRP B 819 34.41 13.45 -38.19
C TRP B 819 35.54 13.14 -37.24
N HIS B 820 35.81 14.07 -36.31
CA HIS B 820 36.82 13.92 -35.28
C HIS B 820 36.29 14.37 -33.93
N GLU B 821 35.00 14.15 -33.68
CA GLU B 821 34.36 14.60 -32.45
C GLU B 821 34.35 13.48 -31.42
N ARG B 822 33.81 13.78 -30.24
CA ARG B 822 33.68 12.80 -29.17
C ARG B 822 32.44 13.12 -28.37
N GLU B 823 31.49 12.18 -28.35
CA GLU B 823 30.21 12.34 -27.64
C GLU B 823 29.45 13.56 -28.14
N ARG B 824 29.39 13.70 -29.46
CA ARG B 824 28.60 14.74 -30.11
C ARG B 824 27.78 14.10 -31.21
N PHE B 825 26.67 14.76 -31.56
CA PHE B 825 25.75 14.23 -32.55
C PHE B 825 25.48 15.31 -33.58
N LEU B 826 25.42 14.94 -34.86
CA LEU B 826 25.36 15.91 -35.95
C LEU B 826 24.04 15.80 -36.69
N LYS B 827 23.38 16.94 -36.90
CA LYS B 827 22.15 17.00 -37.66
C LYS B 827 22.20 18.17 -38.63
N VAL B 828 21.31 18.16 -39.60
CA VAL B 828 21.13 19.26 -40.55
C VAL B 828 19.65 19.64 -40.57
N ASP B 829 19.37 20.94 -40.54
CA ASP B 829 18.01 21.44 -40.44
C ASP B 829 17.44 21.76 -41.81
N LEU B 830 16.18 21.38 -42.02
CA LEU B 830 15.49 21.59 -43.30
C LEU B 830 14.10 22.15 -43.04
N PRO B 831 13.99 23.43 -42.69
CA PRO B 831 12.68 24.06 -42.56
C PRO B 831 11.94 24.04 -43.89
N LEU B 832 10.62 23.83 -43.82
CA LEU B 832 9.84 23.60 -45.03
C LEU B 832 8.67 24.56 -45.22
N GLY B 833 8.15 25.17 -44.17
CA GLY B 833 7.09 26.15 -44.35
C GLY B 833 5.76 25.57 -44.78
N ILE B 834 5.44 24.35 -44.35
CA ILE B 834 4.16 23.72 -44.59
C ILE B 834 3.61 23.26 -43.25
N VAL B 835 2.38 23.65 -42.94
CA VAL B 835 1.74 23.29 -41.68
C VAL B 835 1.01 21.96 -41.89
N ALA B 836 1.58 20.89 -41.33
CA ALA B 836 1.00 19.56 -41.46
C ALA B 836 0.97 18.89 -40.10
N ASP B 837 -0.05 18.05 -39.89
CA ASP B 837 -0.18 17.34 -38.63
C ASP B 837 0.60 16.04 -38.60
N GLN B 838 0.75 15.38 -39.75
CA GLN B 838 1.48 14.13 -39.85
C GLN B 838 2.43 14.20 -41.03
N ALA B 839 3.45 13.34 -40.99
CA ALA B 839 4.43 13.22 -42.06
C ALA B 839 4.39 11.80 -42.63
N THR B 840 4.56 11.71 -43.94
CA THR B 840 4.55 10.44 -44.64
C THR B 840 5.98 10.02 -44.96
N TYR B 841 6.43 8.94 -44.36
CA TYR B 841 7.73 8.36 -44.64
C TYR B 841 7.57 7.12 -45.52
N ASP B 842 8.66 6.76 -46.17
CA ASP B 842 8.66 5.59 -47.04
C ASP B 842 8.90 4.33 -46.23
N CYS B 843 8.02 3.35 -46.39
CA CYS B 843 8.16 2.06 -45.73
C CYS B 843 8.91 1.12 -46.66
N GLN B 844 8.99 -0.16 -46.29
CA GLN B 844 9.67 -1.11 -47.17
C GLN B 844 8.89 -1.33 -48.46
N TYR B 845 7.59 -1.59 -48.35
CA TYR B 845 6.76 -1.86 -49.52
C TYR B 845 5.54 -0.97 -49.53
N GLY B 846 5.71 0.28 -49.11
CA GLY B 846 4.61 1.22 -49.11
C GLY B 846 4.95 2.52 -48.42
N LEU B 847 4.02 3.04 -47.63
CA LEU B 847 4.21 4.28 -46.91
C LEU B 847 3.74 4.11 -45.47
N ILE B 848 4.33 4.90 -44.58
CA ILE B 848 3.94 4.93 -43.18
C ILE B 848 3.72 6.40 -42.82
N ARG B 849 2.88 6.63 -41.82
CA ARG B 849 2.59 7.98 -41.36
C ARG B 849 2.89 8.11 -39.88
N ARG B 850 3.57 9.19 -39.52
CA ARG B 850 3.93 9.44 -38.13
C ARG B 850 3.58 10.87 -37.76
N PRO B 851 3.20 11.10 -36.50
CA PRO B 851 2.74 12.44 -36.11
C PRO B 851 3.86 13.45 -36.08
N ILE B 852 3.56 14.67 -36.53
CA ILE B 852 4.45 15.80 -36.35
C ILE B 852 4.11 16.56 -35.07
N VAL B 853 2.82 16.78 -34.84
CA VAL B 853 2.35 17.41 -33.61
C VAL B 853 2.22 16.33 -32.55
N LYS B 854 2.89 16.54 -31.41
CA LYS B 854 2.98 15.54 -30.36
C LYS B 854 2.21 16.04 -29.14
N ASN B 855 0.94 15.67 -29.06
CA ASN B 855 0.07 16.16 -27.99
C ASN B 855 0.26 15.38 -26.70
N THR B 856 0.36 14.06 -26.79
CA THR B 856 0.44 13.21 -25.62
C THR B 856 1.85 12.68 -25.43
N ALA B 857 2.05 11.98 -24.31
CA ALA B 857 3.38 11.44 -24.00
C ALA B 857 3.75 10.29 -24.92
N SER B 858 2.76 9.54 -25.40
CA SER B 858 3.05 8.48 -26.37
C SER B 858 3.60 9.05 -27.67
N ASP B 859 3.03 10.18 -28.12
CA ASP B 859 3.52 10.81 -29.34
C ASP B 859 4.96 11.29 -29.17
N GLU B 860 5.28 11.87 -28.02
CA GLU B 860 6.63 12.38 -27.80
C GLU B 860 7.66 11.28 -27.75
N ALA B 861 7.25 10.03 -27.52
CA ALA B 861 8.20 8.92 -27.53
C ALA B 861 8.71 8.62 -28.92
N LYS B 862 7.95 8.97 -29.95
CA LYS B 862 8.38 8.78 -31.34
C LYS B 862 9.06 10.03 -31.88
N TYR B 863 10.06 10.53 -31.16
CA TYR B 863 10.74 11.76 -31.53
C TYR B 863 11.92 11.55 -32.45
N GLU B 864 12.23 10.30 -32.79
CA GLU B 864 13.34 10.00 -33.70
C GLU B 864 12.99 8.72 -34.43
N SER B 865 12.44 8.85 -35.64
CA SER B 865 11.97 7.71 -36.40
C SER B 865 12.89 7.46 -37.59
N SER B 866 12.51 6.48 -38.41
CA SER B 866 13.32 6.05 -39.54
C SER B 866 12.67 6.49 -40.85
N THR B 867 13.49 6.95 -41.78
CA THR B 867 13.05 7.30 -43.13
C THR B 867 13.83 6.45 -44.13
N ASN B 868 13.12 5.86 -45.08
CA ASN B 868 13.74 4.96 -46.06
C ASN B 868 13.68 5.63 -47.43
N ARG B 869 14.74 6.35 -47.76
CA ARG B 869 15.03 6.98 -49.04
C ARG B 869 14.24 8.26 -49.30
N PHE B 870 13.22 8.58 -48.51
CA PHE B 870 12.55 9.87 -48.68
C PHE B 870 11.48 10.06 -47.62
N ALA B 871 11.04 11.31 -47.48
CA ALA B 871 9.90 11.70 -46.67
C ALA B 871 9.13 12.80 -47.38
N ILE B 872 7.82 12.85 -47.13
CA ILE B 872 6.93 13.82 -47.76
C ILE B 872 6.18 14.57 -46.67
N ILE B 873 6.09 15.89 -46.81
CA ILE B 873 5.31 16.73 -45.92
C ILE B 873 4.43 17.62 -46.78
N GLY B 874 3.12 17.54 -46.60
CA GLY B 874 2.21 18.27 -47.47
C GLY B 874 0.94 18.68 -46.75
N ASP B 875 0.42 19.83 -47.16
CA ASP B 875 -0.89 20.31 -46.74
C ASP B 875 -1.93 19.82 -47.77
N ALA B 876 -3.13 20.41 -47.73
CA ALA B 876 -4.20 19.96 -48.62
C ALA B 876 -3.80 20.09 -50.09
N GLY B 877 -3.13 21.18 -50.45
CA GLY B 877 -2.88 21.43 -51.86
C GLY B 877 -1.45 21.63 -52.29
N TYR B 878 -0.48 21.31 -51.42
CA TYR B 878 0.91 21.50 -51.76
C TYR B 878 1.76 20.62 -50.85
N ALA B 879 2.79 20.00 -51.43
CA ALA B 879 3.65 19.10 -50.68
C ALA B 879 5.10 19.29 -51.13
N ALA B 880 6.02 19.00 -50.22
CA ALA B 880 7.44 19.02 -50.50
C ALA B 880 8.09 17.77 -49.92
N ALA B 881 9.13 17.29 -50.60
CA ALA B 881 9.76 16.03 -50.22
C ALA B 881 11.24 16.22 -49.96
N VAL B 882 11.77 15.40 -49.05
CA VAL B 882 13.19 15.35 -48.74
C VAL B 882 13.69 13.97 -49.13
N ILE B 883 14.70 13.94 -50.00
CA ILE B 883 15.28 12.70 -50.52
C ILE B 883 16.65 12.55 -49.87
N ASN B 884 17.02 11.33 -49.50
CA ASN B 884 18.34 11.10 -48.92
C ASN B 884 19.02 9.92 -49.61
N GLY B 885 20.35 9.94 -49.59
CA GLY B 885 21.14 8.90 -50.22
C GLY B 885 21.35 7.68 -49.35
N SER B 886 21.91 7.85 -48.16
CA SER B 886 22.12 6.72 -47.25
C SER B 886 21.84 7.10 -45.80
N VAL B 887 20.92 8.01 -45.57
CA VAL B 887 20.55 8.44 -44.21
C VAL B 887 19.30 7.68 -43.79
N TYR B 888 19.20 7.41 -42.49
CA TYR B 888 18.05 6.64 -42.02
C TYR B 888 17.28 7.31 -40.89
N GLY B 889 17.95 8.03 -40.00
CA GLY B 889 17.29 8.66 -38.87
C GLY B 889 16.92 10.10 -39.16
N SER B 890 15.77 10.52 -38.62
CA SER B 890 15.27 11.87 -38.83
C SER B 890 14.24 12.20 -37.77
N ASP B 891 13.90 13.49 -37.67
CA ASP B 891 12.83 13.92 -36.78
C ASP B 891 12.12 15.12 -37.37
N ALA B 892 10.88 15.33 -36.93
CA ALA B 892 10.04 16.42 -37.40
C ALA B 892 9.35 17.08 -36.22
N SER B 893 9.26 18.40 -36.27
CA SER B 893 8.67 19.20 -35.20
C SER B 893 7.91 20.35 -35.83
N PRO B 894 6.99 20.97 -35.10
CA PRO B 894 6.31 22.16 -35.61
C PRO B 894 7.07 23.45 -35.33
N ILE B 895 6.94 24.39 -36.26
CA ILE B 895 7.47 25.74 -36.11
C ILE B 895 6.27 26.67 -36.03
N ALA B 896 6.09 27.28 -34.86
CA ALA B 896 4.98 28.18 -34.62
C ALA B 896 5.40 29.62 -34.92
N GLY B 897 4.59 30.31 -35.71
CA GLY B 897 4.94 31.64 -36.18
C GLY B 897 4.53 32.74 -35.24
N ASN B 898 4.90 33.96 -35.61
CA ASN B 898 4.60 35.16 -34.83
C ASN B 898 4.56 36.33 -35.80
N ALA B 899 3.35 36.79 -36.15
CA ALA B 899 3.21 37.86 -37.13
C ALA B 899 3.80 39.17 -36.64
N ALA B 900 4.09 39.28 -35.35
CA ALA B 900 4.76 40.45 -34.79
C ALA B 900 6.27 40.40 -34.96
N GLU B 901 6.81 39.36 -35.57
CA GLU B 901 8.25 39.27 -35.82
C GLU B 901 8.52 38.98 -37.29
N GLY B 902 7.62 38.24 -37.93
CA GLY B 902 7.77 37.88 -39.33
C GLY B 902 7.95 36.39 -39.58
N ARG B 903 8.21 35.59 -38.55
CA ARG B 903 8.31 34.15 -38.71
C ARG B 903 6.93 33.59 -39.01
N ASP B 904 6.80 32.87 -40.13
CA ASP B 904 5.47 32.54 -40.63
C ASP B 904 4.86 31.32 -39.94
N SER B 905 5.38 30.12 -40.26
CA SER B 905 4.95 28.85 -39.69
C SER B 905 5.72 27.74 -40.38
N GLY B 906 5.55 26.50 -39.95
CA GLY B 906 5.99 25.41 -40.83
C GLY B 906 6.39 24.18 -40.03
N THR B 907 7.22 23.37 -40.68
CA THR B 907 7.70 22.12 -40.11
C THR B 907 9.23 22.12 -40.14
N MET B 908 9.84 21.86 -38.99
CA MET B 908 11.28 21.68 -38.89
C MET B 908 11.59 20.20 -39.03
N PHE B 909 12.19 19.82 -40.15
CA PHE B 909 12.59 18.45 -40.42
C PHE B 909 14.11 18.37 -40.41
N ARG B 910 14.65 17.46 -39.61
CA ARG B 910 16.10 17.34 -39.44
C ARG B 910 16.54 15.91 -39.68
N LEU B 911 17.67 15.75 -40.37
CA LEU B 911 18.25 14.46 -40.67
C LEU B 911 19.46 14.20 -39.78
N SER B 912 19.54 12.97 -39.26
CA SER B 912 20.63 12.56 -38.39
C SER B 912 21.78 12.03 -39.24
N LEU B 913 22.97 12.62 -39.09
CA LEU B 913 24.10 12.28 -39.93
C LEU B 913 25.14 11.42 -39.24
N LEU B 914 25.66 11.86 -38.10
CA LEU B 914 26.77 11.17 -37.44
C LEU B 914 26.63 11.25 -35.93
N SER B 915 27.21 10.27 -35.26
CA SER B 915 27.30 10.26 -33.81
C SER B 915 28.69 9.76 -33.42
N ALA B 916 29.05 10.00 -32.15
CA ALA B 916 30.35 9.61 -31.62
C ALA B 916 30.19 8.88 -30.30
N PRO B 917 29.69 7.64 -30.34
CA PRO B 917 29.61 6.84 -29.12
C PRO B 917 30.99 6.39 -28.68
N THR B 918 31.04 5.80 -27.48
CA THR B 918 32.31 5.42 -26.90
C THR B 918 32.39 4.01 -26.34
N PHE B 919 31.28 3.41 -25.89
CA PHE B 919 31.44 2.19 -25.10
C PHE B 919 31.93 1.01 -25.93
N PRO B 920 31.17 0.47 -26.89
CA PRO B 920 31.66 -0.75 -27.55
C PRO B 920 32.83 -0.48 -28.47
N ASP B 921 32.76 0.58 -29.27
CA ASP B 921 33.89 1.03 -30.07
C ASP B 921 34.41 2.34 -29.50
N PRO B 922 35.60 2.38 -28.91
CA PRO B 922 36.07 3.63 -28.28
C PRO B 922 36.32 4.76 -29.27
N ARG B 923 36.52 4.45 -30.56
CA ARG B 923 36.73 5.45 -31.60
C ARG B 923 35.78 5.12 -32.74
N THR B 924 34.55 5.63 -32.66
CA THR B 924 33.49 5.27 -33.57
C THR B 924 33.35 6.33 -34.66
N ASP B 925 33.42 5.91 -35.92
CA ASP B 925 33.16 6.75 -37.08
C ASP B 925 34.09 7.96 -37.12
N ILE B 926 35.36 7.76 -36.76
CA ILE B 926 36.36 8.81 -36.82
C ILE B 926 37.02 8.74 -38.19
N GLY B 927 36.74 9.71 -39.04
CA GLY B 927 37.29 9.67 -40.38
C GLY B 927 36.39 10.35 -41.38
N SER B 928 36.48 9.92 -42.63
CA SER B 928 35.85 10.60 -43.76
C SER B 928 34.51 9.96 -44.10
N HIS B 929 33.49 10.80 -44.31
CA HIS B 929 32.16 10.33 -44.65
C HIS B 929 31.59 11.20 -45.78
N GLU B 930 30.72 10.59 -46.58
CA GLU B 930 30.05 11.26 -47.68
C GLU B 930 28.54 11.16 -47.52
N PHE B 931 27.84 12.24 -47.82
CA PHE B 931 26.39 12.30 -47.67
C PHE B 931 25.78 13.01 -48.85
N ASP B 932 24.58 12.58 -49.24
CA ASP B 932 23.85 13.19 -50.35
C ASP B 932 22.38 13.29 -49.98
N TRP B 933 21.79 14.44 -50.28
CA TRP B 933 20.35 14.59 -50.10
C TRP B 933 19.84 15.66 -51.04
N SER B 934 18.53 15.84 -51.06
CA SER B 934 17.89 16.73 -52.01
C SER B 934 16.54 17.17 -51.47
N VAL B 935 16.08 18.31 -51.96
CA VAL B 935 14.76 18.84 -51.62
C VAL B 935 13.97 18.99 -52.92
N VAL B 936 12.79 18.39 -52.96
CA VAL B 936 11.89 18.45 -54.11
C VAL B 936 10.72 19.34 -53.75
N ALA B 937 10.46 20.34 -54.59
CA ALA B 937 9.59 21.46 -54.22
C ALA B 937 8.11 21.11 -54.36
N ASP B 938 7.67 20.80 -55.58
CA ASP B 938 6.27 20.45 -55.85
C ASP B 938 6.20 18.94 -56.01
N ALA B 939 6.07 18.25 -54.88
CA ALA B 939 6.27 16.81 -54.83
C ALA B 939 4.96 16.08 -54.62
N THR B 940 4.79 14.98 -55.33
CA THR B 940 3.75 13.99 -55.10
C THR B 940 4.43 12.66 -54.76
N VAL B 941 3.63 11.60 -54.63
CA VAL B 941 4.20 10.29 -54.31
C VAL B 941 5.09 9.81 -55.44
N ASP B 942 4.57 9.88 -56.65
CA ASP B 942 5.30 9.49 -57.85
C ASP B 942 6.59 10.27 -58.02
N ARG B 943 6.57 11.57 -57.92
CA ARG B 943 7.76 12.39 -58.09
C ARG B 943 8.81 12.06 -57.04
N ALA B 944 8.39 11.83 -55.79
CA ALA B 944 9.31 11.43 -54.75
C ALA B 944 9.89 10.05 -55.04
N LEU B 945 9.08 9.13 -55.57
CA LEU B 945 9.60 7.83 -55.96
C LEU B 945 10.67 7.96 -57.04
N ASP B 946 10.43 8.81 -58.03
CA ASP B 946 11.42 9.07 -59.07
C ASP B 946 12.72 9.61 -58.47
N ALA B 947 12.59 10.64 -57.62
CA ALA B 947 13.79 11.24 -57.04
C ALA B 947 14.56 10.26 -56.19
N ALA B 948 13.85 9.44 -55.41
CA ALA B 948 14.53 8.48 -54.55
C ALA B 948 15.18 7.36 -55.36
N GLY B 949 14.52 6.90 -56.41
CA GLY B 949 15.09 5.84 -57.22
C GLY B 949 16.32 6.30 -57.99
N VAL B 950 16.28 7.51 -58.54
CA VAL B 950 17.41 7.99 -59.34
C VAL B 950 18.64 8.23 -58.47
N LEU B 951 18.44 8.78 -57.27
CA LEU B 951 19.57 9.10 -56.41
C LEU B 951 20.25 7.86 -55.87
N ASN B 952 19.58 6.70 -55.89
CA ASN B 952 20.12 5.49 -55.31
C ASN B 952 20.62 4.47 -56.33
N ALA B 953 20.30 4.65 -57.61
CA ALA B 953 20.74 3.70 -58.62
C ALA B 953 22.25 3.82 -58.84
N PRO B 954 22.95 2.71 -59.01
CA PRO B 954 24.39 2.78 -59.29
C PRO B 954 24.67 3.26 -60.71
N VAL B 955 25.91 3.69 -60.93
CA VAL B 955 26.35 4.25 -62.20
C VAL B 955 27.28 3.26 -62.87
N LEU B 956 26.97 2.89 -64.11
CA LEU B 956 27.75 1.95 -64.90
C LEU B 956 28.37 2.66 -66.10
N HIS B 957 29.06 1.88 -66.92
CA HIS B 957 29.73 2.41 -68.11
C HIS B 957 29.47 1.52 -69.31
N ASP B 958 29.22 2.14 -70.45
CA ASP B 958 29.01 1.44 -71.73
C ASP B 958 27.83 0.47 -71.62
N VAL B 959 26.66 1.04 -71.36
CA VAL B 959 25.44 0.27 -71.16
C VAL B 959 24.57 0.43 -72.42
N PRO B 960 24.22 -0.65 -73.11
CA PRO B 960 23.27 -0.53 -74.20
C PRO B 960 21.88 -0.21 -73.68
N ASP B 961 21.16 0.64 -74.41
CA ASP B 961 19.82 1.07 -74.00
C ASP B 961 18.73 0.15 -74.58
N ILE B 962 18.86 -1.14 -74.25
CA ILE B 962 17.90 -2.12 -74.71
C ILE B 962 16.54 -1.87 -74.05
N THR B 963 15.49 -2.38 -74.70
CA THR B 963 14.16 -2.26 -74.16
C THR B 963 14.00 -3.13 -72.91
N PRO B 964 13.21 -2.69 -71.94
CA PRO B 964 13.05 -3.46 -70.70
C PRO B 964 12.40 -4.81 -70.94
N LEU B 965 12.76 -5.76 -70.07
CA LEU B 965 12.22 -7.12 -70.20
C LEU B 965 10.72 -7.14 -69.97
N ALA B 966 10.26 -6.52 -68.89
CA ALA B 966 8.84 -6.45 -68.57
C ALA B 966 8.52 -5.05 -68.08
N SER B 967 7.26 -4.67 -68.23
CA SER B 967 6.82 -3.33 -67.88
C SER B 967 5.45 -3.40 -67.22
N ILE B 968 5.21 -2.48 -66.29
CA ILE B 968 3.91 -2.30 -65.66
C ILE B 968 3.42 -0.90 -66.03
N GLU B 969 2.28 -0.83 -66.71
CA GLU B 969 1.66 0.43 -67.07
C GLU B 969 0.39 0.58 -66.24
N SER B 970 0.33 1.64 -65.43
CA SER B 970 -0.80 1.89 -64.55
C SER B 970 -1.84 2.73 -65.27
N VAL B 971 -3.03 2.17 -65.48
CA VAL B 971 -4.14 2.96 -65.99
C VAL B 971 -4.54 4.03 -64.98
N ASN B 972 -4.69 3.63 -63.72
CA ASN B 972 -4.89 4.55 -62.61
C ASN B 972 -4.21 3.96 -61.39
N GLY B 973 -3.63 4.84 -60.58
CA GLY B 973 -2.84 4.43 -59.43
C GLY B 973 -1.36 4.49 -59.73
N THR B 974 -0.58 4.15 -58.71
CA THR B 974 0.89 4.14 -58.80
C THR B 974 1.38 2.74 -58.45
N VAL B 975 1.87 2.02 -59.45
CA VAL B 975 2.37 0.66 -59.29
C VAL B 975 3.85 0.65 -59.67
N VAL B 976 4.68 0.11 -58.79
CA VAL B 976 6.12 0.06 -58.98
C VAL B 976 6.54 -1.37 -59.25
N LEU B 977 7.20 -1.59 -60.38
CA LEU B 977 7.83 -2.88 -60.67
C LEU B 977 9.16 -2.90 -59.94
N ASP B 978 9.20 -3.52 -58.77
CA ASP B 978 10.35 -3.36 -57.90
C ASP B 978 11.52 -4.27 -58.26
N TRP B 979 11.25 -5.50 -58.72
CA TRP B 979 12.36 -6.42 -58.91
C TRP B 979 12.09 -7.36 -60.09
N MET B 980 13.16 -7.69 -60.81
CA MET B 980 13.17 -8.72 -61.84
C MET B 980 14.36 -9.63 -61.61
N LYS B 981 14.15 -10.93 -61.78
CA LYS B 981 15.25 -11.89 -61.60
C LYS B 981 14.92 -13.18 -62.34
N LEU B 982 15.82 -14.14 -62.24
CA LEU B 982 15.62 -15.49 -62.75
C LEU B 982 15.25 -16.43 -61.61
N ALA B 983 14.40 -17.40 -61.92
CA ALA B 983 13.91 -18.32 -60.90
C ALA B 983 15.05 -19.13 -60.30
N ASP B 984 14.91 -19.47 -59.02
CA ASP B 984 15.95 -20.17 -58.28
C ASP B 984 15.98 -21.65 -58.65
N ASP B 985 16.18 -21.91 -59.93
CA ASP B 985 16.34 -23.25 -60.48
C ASP B 985 16.83 -23.09 -61.91
N GLY B 986 16.91 -24.20 -62.64
CA GLY B 986 17.39 -24.17 -64.00
C GLY B 986 16.35 -23.93 -65.06
N SER B 987 15.12 -23.60 -64.68
CA SER B 987 14.04 -23.46 -65.65
C SER B 987 14.31 -22.30 -66.60
N GLY B 988 14.77 -21.18 -66.08
CA GLY B 988 14.95 -19.98 -66.89
C GLY B 988 13.78 -19.03 -66.91
N ASP B 989 12.79 -19.23 -66.04
CA ASP B 989 11.64 -18.34 -65.98
C ASP B 989 12.03 -17.00 -65.36
N LEU B 990 11.21 -15.99 -65.64
CA LEU B 990 11.43 -14.64 -65.14
C LEU B 990 10.52 -14.38 -63.96
N ILE B 991 11.09 -13.98 -62.84
CA ILE B 991 10.34 -13.63 -61.63
C ILE B 991 10.25 -12.12 -61.54
N VAL B 992 9.03 -11.61 -61.35
CA VAL B 992 8.77 -10.19 -61.25
C VAL B 992 8.08 -9.91 -59.92
N ARG B 993 8.53 -8.87 -59.22
CA ARG B 993 7.95 -8.46 -57.96
C ARG B 993 7.52 -7.01 -58.07
N ALA B 994 6.23 -6.74 -57.86
CA ALA B 994 5.66 -5.42 -57.98
C ALA B 994 4.75 -5.14 -56.81
N TYR B 995 4.43 -3.86 -56.60
CA TYR B 995 3.55 -3.49 -55.51
C TYR B 995 2.90 -2.14 -55.81
N GLU B 996 1.81 -1.87 -55.10
CA GLU B 996 1.11 -0.60 -55.20
C GLU B 996 1.72 0.39 -54.22
N ALA B 997 2.07 1.58 -54.71
CA ALA B 997 2.88 2.51 -53.95
C ALA B 997 2.08 3.68 -53.37
N ALA B 998 1.10 4.20 -54.11
CA ALA B 998 0.39 5.39 -53.66
C ALA B 998 -0.39 5.13 -52.37
N GLY B 999 -1.06 3.98 -52.28
CA GLY B 999 -1.87 3.65 -51.12
C GLY B 999 -3.35 3.49 -51.39
N GLY B 1000 -3.81 3.62 -52.63
CA GLY B 1000 -5.19 3.36 -52.96
C GLY B 1000 -5.35 2.16 -53.87
N GLN B 1001 -6.44 2.09 -54.61
CA GLN B 1001 -6.65 1.01 -55.56
C GLN B 1001 -6.04 1.38 -56.90
N ALA B 1002 -5.43 0.39 -57.56
CA ALA B 1002 -4.74 0.64 -58.83
C ALA B 1002 -5.10 -0.44 -59.83
N ASP B 1003 -5.15 -0.05 -61.09
CA ASP B 1003 -5.32 -0.98 -62.20
C ASP B 1003 -4.11 -0.87 -63.12
N ALA B 1004 -3.62 -2.01 -63.61
CA ALA B 1004 -2.36 -2.01 -64.34
C ALA B 1004 -2.40 -3.01 -65.48
N MET B 1005 -1.51 -2.78 -66.45
CA MET B 1005 -1.33 -3.62 -67.61
C MET B 1005 0.10 -4.13 -67.64
N LEU B 1006 0.29 -5.37 -68.09
CA LEU B 1006 1.61 -5.98 -68.15
C LEU B 1006 2.08 -6.07 -69.59
N HIS B 1007 3.31 -5.62 -69.84
CA HIS B 1007 3.92 -5.67 -71.15
C HIS B 1007 5.28 -6.36 -71.03
N VAL B 1008 5.68 -7.04 -72.11
CA VAL B 1008 6.91 -7.83 -72.12
C VAL B 1008 7.73 -7.48 -73.35
N CYS B 1009 9.00 -7.86 -73.30
CA CYS B 1009 9.92 -7.61 -74.40
C CYS B 1009 9.61 -8.52 -75.58
N PRO B 1010 10.10 -8.19 -76.78
CA PRO B 1010 9.84 -9.05 -77.94
C PRO B 1010 10.29 -10.48 -77.77
N ALA B 1011 11.34 -10.73 -76.96
CA ALA B 1011 11.78 -12.09 -76.72
C ALA B 1011 10.69 -12.91 -76.03
N LEU B 1012 9.98 -12.29 -75.09
CA LEU B 1012 8.89 -12.97 -74.37
C LEU B 1012 7.57 -12.88 -75.14
N ALA B 1013 7.58 -13.31 -76.40
CA ALA B 1013 6.37 -13.40 -77.19
C ALA B 1013 5.82 -14.81 -77.09
N GLY B 1014 4.54 -14.92 -76.77
CA GLY B 1014 3.94 -16.22 -76.53
C GLY B 1014 4.24 -16.81 -75.18
N ALA B 1015 4.80 -16.03 -74.26
CA ALA B 1015 5.12 -16.49 -72.91
C ALA B 1015 3.88 -16.42 -72.04
N SER B 1016 3.84 -17.29 -71.04
CA SER B 1016 2.72 -17.33 -70.09
C SER B 1016 3.10 -16.61 -68.80
N VAL B 1017 2.08 -16.15 -68.09
CA VAL B 1017 2.27 -15.49 -66.80
C VAL B 1017 1.31 -16.12 -65.79
N HIS B 1018 1.78 -16.30 -64.57
CA HIS B 1018 0.90 -16.76 -63.51
C HIS B 1018 1.46 -16.30 -62.17
N GLU B 1019 0.57 -16.24 -61.18
CA GLU B 1019 0.93 -15.72 -59.87
C GLU B 1019 1.45 -16.82 -58.97
N THR B 1020 2.48 -16.50 -58.20
CA THR B 1020 3.03 -17.40 -57.19
C THR B 1020 3.13 -16.67 -55.85
N ASN B 1021 3.79 -17.28 -54.88
CA ASN B 1021 4.09 -16.61 -53.62
C ASN B 1021 5.50 -16.04 -53.69
N VAL B 1022 5.92 -15.39 -52.60
CA VAL B 1022 7.21 -14.71 -52.59
C VAL B 1022 8.37 -15.68 -52.74
N LEU B 1023 8.16 -16.97 -52.46
CA LEU B 1023 9.20 -17.98 -52.62
C LEU B 1023 9.04 -18.76 -53.92
N GLU B 1024 8.17 -18.31 -54.83
CA GLU B 1024 7.93 -18.91 -56.13
C GLU B 1024 7.33 -20.31 -56.03
N GLY B 1025 6.72 -20.65 -54.90
CA GLY B 1025 6.24 -22.00 -54.68
C GLY B 1025 4.89 -22.33 -55.27
N ASP B 1026 4.19 -21.34 -55.84
CA ASP B 1026 2.94 -21.52 -56.58
C ASP B 1026 1.79 -21.86 -55.64
N ASP B 1027 2.08 -22.10 -54.37
CA ASP B 1027 1.04 -22.36 -53.37
C ASP B 1027 0.86 -21.11 -52.52
N LEU B 1028 -0.37 -20.60 -52.49
CA LEU B 1028 -0.66 -19.34 -51.83
C LEU B 1028 -1.95 -19.47 -51.02
N ALA B 1029 -2.05 -18.67 -49.97
CA ALA B 1029 -3.19 -18.74 -49.07
C ALA B 1029 -4.46 -18.24 -49.75
N ALA B 1030 -5.59 -18.84 -49.36
CA ALA B 1030 -6.86 -18.45 -49.95
C ALA B 1030 -7.35 -17.11 -49.40
N ASP B 1031 -6.97 -16.77 -48.18
CA ASP B 1031 -7.43 -15.51 -47.58
C ASP B 1031 -6.89 -14.31 -48.33
N LEU B 1032 -5.63 -14.37 -48.75
CA LEU B 1032 -4.99 -13.22 -49.36
C LEU B 1032 -5.55 -12.95 -50.74
N PRO B 1033 -5.66 -11.70 -51.15
CA PRO B 1033 -6.06 -11.39 -52.53
C PRO B 1033 -4.94 -11.73 -53.51
N VAL B 1034 -5.32 -11.86 -54.78
CA VAL B 1034 -4.43 -12.37 -55.81
C VAL B 1034 -3.86 -11.26 -56.68
N ALA B 1035 -4.69 -10.33 -57.15
CA ALA B 1035 -4.38 -9.22 -58.03
C ALA B 1035 -4.15 -9.65 -59.48
N LEU B 1036 -4.13 -10.95 -59.78
CA LEU B 1036 -4.10 -11.44 -61.16
C LEU B 1036 -5.32 -12.33 -61.33
N GLN B 1037 -6.45 -11.71 -61.67
CA GLN B 1037 -7.69 -12.44 -61.89
C GLN B 1037 -7.64 -13.19 -63.22
N ASP B 1038 -8.45 -14.24 -63.30
CA ASP B 1038 -8.56 -15.21 -64.38
C ASP B 1038 -7.38 -16.19 -64.36
N GLY B 1039 -6.37 -15.98 -63.52
CA GLY B 1039 -5.32 -16.96 -63.35
C GLY B 1039 -4.26 -16.94 -64.43
N ARG B 1040 -3.84 -18.13 -64.86
CA ARG B 1040 -2.82 -18.24 -65.91
C ARG B 1040 -3.33 -17.59 -67.19
N GLN B 1041 -2.49 -16.76 -67.80
CA GLN B 1041 -2.86 -15.97 -68.96
C GLN B 1041 -1.66 -15.90 -69.89
N ASN B 1042 -1.74 -14.98 -70.86
CA ASN B 1042 -0.59 -14.61 -71.66
C ASN B 1042 0.09 -13.40 -71.04
N ALA B 1043 1.42 -13.39 -71.09
CA ALA B 1043 2.18 -12.34 -70.42
C ALA B 1043 1.90 -10.96 -71.02
N GLU B 1044 1.72 -10.87 -72.33
CA GLU B 1044 1.48 -9.60 -72.99
C GLU B 1044 0.00 -9.25 -72.93
N GLY B 1045 -0.31 -8.15 -72.26
CA GLY B 1045 -1.69 -7.73 -72.10
C GLY B 1045 -2.38 -8.19 -70.84
N ALA B 1046 -1.64 -8.72 -69.87
CA ALA B 1046 -2.25 -9.18 -68.63
C ALA B 1046 -2.76 -7.99 -67.81
N THR B 1047 -3.93 -8.17 -67.20
CA THR B 1047 -4.57 -7.13 -66.41
C THR B 1047 -4.38 -7.42 -64.93
N LEU B 1048 -3.98 -6.40 -64.17
CA LEU B 1048 -3.69 -6.54 -62.75
C LEU B 1048 -4.52 -5.54 -61.96
N HIS B 1049 -4.95 -5.94 -60.76
CA HIS B 1049 -5.74 -5.10 -59.89
C HIS B 1049 -5.14 -5.12 -58.49
N PHE B 1050 -4.49 -4.03 -58.11
CA PHE B 1050 -3.84 -3.92 -56.81
C PHE B 1050 -4.73 -3.18 -55.82
N GLY B 1051 -4.78 -3.70 -54.60
CA GLY B 1051 -5.32 -2.95 -53.49
C GLY B 1051 -4.21 -2.14 -52.85
N PRO B 1052 -4.51 -1.43 -51.76
CA PRO B 1052 -3.48 -0.64 -51.08
C PRO B 1052 -2.30 -1.49 -50.62
N PHE B 1053 -1.13 -1.26 -51.20
CA PHE B 1053 0.12 -1.96 -50.87
C PHE B 1053 -0.05 -3.48 -51.04
N GLN B 1054 -0.28 -3.88 -52.29
CA GLN B 1054 -0.70 -5.25 -52.59
C GLN B 1054 0.48 -6.23 -52.62
N LEU B 1055 1.60 -5.85 -53.24
CA LEU B 1055 2.79 -6.70 -53.34
C LEU B 1055 2.48 -8.02 -54.06
N ALA B 1056 2.23 -7.87 -55.37
CA ALA B 1056 2.07 -9.02 -56.23
C ALA B 1056 3.43 -9.58 -56.68
N THR B 1057 3.45 -10.89 -56.94
CA THR B 1057 4.63 -11.60 -57.42
C THR B 1057 4.20 -12.48 -58.59
N LEU B 1058 4.85 -12.32 -59.73
CA LEU B 1058 4.49 -13.02 -60.96
C LEU B 1058 5.65 -13.87 -61.46
N ARG B 1059 5.31 -14.96 -62.14
CA ARG B 1059 6.27 -15.84 -62.78
C ARG B 1059 5.90 -15.94 -64.26
N ILE B 1060 6.88 -15.68 -65.12
CA ILE B 1060 6.71 -15.64 -66.56
C ILE B 1060 7.52 -16.77 -67.17
N THR B 1061 6.85 -17.65 -67.91
CA THR B 1061 7.44 -18.84 -68.49
C THR B 1061 7.53 -18.67 -70.01
N ARG B 1062 8.72 -18.88 -70.55
CA ARG B 1062 8.95 -18.78 -71.98
C ARG B 1062 8.24 -19.90 -72.73
N PHE C 25 -9.80 -2.01 -22.62
CA PHE C 25 -11.00 -2.07 -23.44
C PHE C 25 -12.21 -2.52 -22.63
N LEU C 26 -11.94 -3.14 -21.48
CA LEU C 26 -12.97 -3.58 -20.55
C LEU C 26 -12.76 -2.87 -19.21
N LYS C 27 -13.81 -2.22 -18.71
CA LYS C 27 -13.73 -1.49 -17.46
C LYS C 27 -14.55 -2.20 -16.39
N PRO C 28 -13.91 -2.87 -15.44
CA PRO C 28 -14.67 -3.62 -14.42
C PRO C 28 -15.58 -2.75 -13.54
N GLU C 29 -15.15 -1.52 -13.22
CA GLU C 29 -15.96 -0.68 -12.36
C GLU C 29 -17.28 -0.32 -13.01
N GLN C 30 -17.25 -0.06 -14.32
CA GLN C 30 -18.49 0.21 -15.04
C GLN C 30 -19.42 -1.00 -15.01
N GLN C 31 -18.86 -2.19 -15.13
CA GLN C 31 -19.66 -3.40 -15.04
C GLN C 31 -20.30 -3.53 -13.66
N LEU C 32 -19.55 -3.19 -12.61
CA LEU C 32 -20.12 -3.27 -11.27
C LEU C 32 -21.26 -2.27 -11.08
N GLU C 33 -21.08 -1.04 -11.54
CA GLU C 33 -22.16 -0.05 -11.45
C GLU C 33 -23.39 -0.50 -12.24
N ARG C 34 -23.19 -1.01 -13.44
CA ARG C 34 -24.28 -1.48 -14.27
C ARG C 34 -25.00 -2.65 -13.61
N CYS C 35 -24.25 -3.56 -13.00
CA CYS C 35 -24.85 -4.68 -12.29
C CYS C 35 -25.69 -4.21 -11.12
N ARG C 36 -25.19 -3.25 -10.35
CA ARG C 36 -25.97 -2.75 -9.22
C ARG C 36 -27.28 -2.13 -9.69
N ARG C 37 -27.21 -1.30 -10.74
CA ARG C 37 -28.44 -0.69 -11.26
C ARG C 37 -29.43 -1.73 -11.75
N ILE C 38 -28.93 -2.73 -12.49
CA ILE C 38 -29.82 -3.74 -13.06
C ILE C 38 -30.47 -4.57 -11.96
N VAL C 39 -29.69 -4.97 -10.96
CA VAL C 39 -30.26 -5.75 -9.87
C VAL C 39 -31.32 -4.96 -9.14
N ARG C 40 -31.05 -3.67 -8.87
CA ARG C 40 -32.00 -2.88 -8.09
C ARG C 40 -33.29 -2.61 -8.88
N GLN C 41 -33.18 -2.36 -10.19
CA GLN C 41 -34.32 -1.85 -10.94
C GLN C 41 -35.03 -2.88 -11.81
N ARG C 42 -34.32 -3.84 -12.41
CA ARG C 42 -34.90 -4.69 -13.44
C ARG C 42 -35.06 -6.16 -13.03
N VAL C 43 -34.47 -6.60 -11.93
CA VAL C 43 -34.50 -7.99 -11.53
C VAL C 43 -35.28 -8.20 -10.24
N ASP C 44 -34.95 -7.43 -9.20
CA ASP C 44 -35.63 -7.58 -7.92
C ASP C 44 -37.13 -7.35 -7.98
N PRO C 45 -37.65 -6.36 -8.73
CA PRO C 45 -39.12 -6.23 -8.81
C PRO C 45 -39.82 -7.47 -9.33
N HIS C 46 -39.20 -8.24 -10.21
CA HIS C 46 -39.83 -9.43 -10.76
C HIS C 46 -39.92 -10.56 -9.75
N ILE C 47 -39.20 -10.48 -8.65
CA ILE C 47 -39.42 -11.38 -7.51
C ILE C 47 -40.62 -10.84 -6.74
N HIS C 48 -41.57 -11.73 -6.44
CA HIS C 48 -42.81 -11.37 -5.77
C HIS C 48 -43.58 -10.30 -6.52
N PRO C 49 -44.12 -10.60 -7.72
CA PRO C 49 -45.03 -9.64 -8.36
C PRO C 49 -46.44 -9.78 -7.81
N SER C 50 -46.99 -8.67 -7.33
CA SER C 50 -48.29 -8.68 -6.68
C SER C 50 -49.40 -9.09 -7.64
N ILE C 51 -50.36 -9.86 -7.13
CA ILE C 51 -51.48 -10.30 -7.96
C ILE C 51 -52.81 -9.95 -7.28
N ALA C 52 -52.76 -9.61 -6.00
CA ALA C 52 -53.98 -9.22 -5.29
C ALA C 52 -53.64 -8.32 -4.11
N GLN C 53 -54.63 -7.56 -3.66
CA GLN C 53 -54.47 -6.65 -2.53
C GLN C 53 -55.48 -6.99 -1.45
N LEU C 54 -55.06 -6.90 -0.20
CA LEU C 54 -55.86 -7.35 0.93
C LEU C 54 -56.59 -6.19 1.60
N THR C 55 -57.76 -6.49 2.15
CA THR C 55 -58.50 -5.55 2.96
C THR C 55 -58.06 -5.66 4.41
N VAL C 56 -57.93 -4.52 5.08
CA VAL C 56 -57.29 -4.44 6.39
C VAL C 56 -58.26 -3.83 7.39
N GLU C 57 -58.38 -4.46 8.56
CA GLU C 57 -59.15 -3.90 9.66
C GLU C 57 -58.29 -3.94 10.92
N SER C 58 -58.51 -2.98 11.80
CA SER C 58 -57.60 -2.71 12.91
C SER C 58 -58.33 -2.74 14.25
N TYR C 59 -57.57 -3.10 15.28
CA TYR C 59 -58.05 -3.06 16.67
C TYR C 59 -56.86 -2.72 17.56
N ASP C 60 -57.00 -1.69 18.37
CA ASP C 60 -55.86 -1.13 19.10
C ASP C 60 -55.87 -1.55 20.57
N ILE C 61 -54.67 -1.77 21.11
CA ILE C 61 -54.45 -2.05 22.52
C ILE C 61 -53.37 -1.09 23.02
N PRO C 62 -53.74 0.11 23.48
CA PRO C 62 -52.71 1.07 23.91
C PRO C 62 -51.91 0.63 25.12
N GLY C 63 -52.45 -0.25 25.96
CA GLY C 63 -51.79 -0.67 27.17
C GLY C 63 -50.94 -1.91 26.98
N GLU C 64 -50.86 -2.72 28.02
CA GLU C 64 -50.09 -3.95 27.95
C GLU C 64 -50.76 -4.94 27.00
N PRO C 65 -49.97 -5.78 26.33
CA PRO C 65 -50.55 -6.68 25.32
C PRO C 65 -51.47 -7.71 25.93
N MET C 66 -52.47 -8.09 25.15
CA MET C 66 -53.40 -9.16 25.49
C MET C 66 -52.85 -10.49 24.99
N PRO C 67 -52.82 -11.53 25.82
CA PRO C 67 -52.33 -12.83 25.35
C PRO C 67 -53.19 -13.36 24.21
N SER C 68 -52.54 -14.08 23.29
CA SER C 68 -53.23 -14.57 22.10
C SER C 68 -54.41 -15.47 22.46
N ASP C 69 -54.29 -16.25 23.54
CA ASP C 69 -55.38 -17.10 23.98
C ASP C 69 -56.62 -16.26 24.30
N GLU C 70 -56.45 -15.23 25.12
CA GLU C 70 -57.57 -14.38 25.51
C GLU C 70 -58.13 -13.64 24.30
N PHE C 71 -57.25 -13.16 23.42
CA PHE C 71 -57.72 -12.44 22.24
C PHE C 71 -58.59 -13.33 21.37
N PHE C 72 -58.15 -14.57 21.15
CA PHE C 72 -58.92 -15.46 20.27
C PHE C 72 -60.21 -15.92 20.94
N ALA C 73 -60.19 -16.14 22.26
CA ALA C 73 -61.43 -16.46 22.95
C ALA C 73 -62.44 -15.34 22.83
N LYS C 74 -62.01 -14.10 23.11
CA LYS C 74 -62.91 -12.96 22.96
C LYS C 74 -63.40 -12.84 21.52
N LEU C 75 -62.49 -12.99 20.56
CA LEU C 75 -62.84 -12.82 19.15
C LEU C 75 -63.88 -13.83 18.70
N ASP C 76 -63.71 -15.10 19.08
CA ASP C 76 -64.67 -16.09 18.63
C ASP C 76 -65.97 -16.01 19.42
N ARG C 77 -65.97 -15.39 20.59
CA ARG C 77 -67.24 -15.07 21.23
C ARG C 77 -67.74 -13.65 20.92
N GLY C 78 -66.97 -12.86 20.18
CA GLY C 78 -67.39 -11.51 19.81
C GLY C 78 -66.43 -10.44 20.29
N ASP C 79 -66.96 -9.40 20.93
CA ASP C 79 -66.16 -8.50 21.76
C ASP C 79 -65.04 -7.77 21.03
N ILE C 80 -64.92 -7.96 19.71
CA ILE C 80 -63.90 -7.31 18.91
C ILE C 80 -64.58 -6.62 17.73
N ASP C 81 -64.19 -5.38 17.45
CA ASP C 81 -64.87 -4.55 16.47
C ASP C 81 -64.16 -4.48 15.13
N PHE C 82 -62.83 -4.33 15.11
CA PHE C 82 -62.04 -4.32 13.88
C PHE C 82 -62.49 -3.21 12.93
N LYS C 83 -62.24 -1.98 13.37
CA LYS C 83 -62.60 -0.81 12.57
C LYS C 83 -61.81 -0.79 11.28
N PRO C 84 -62.41 -0.32 10.17
CA PRO C 84 -61.72 -0.39 8.88
C PRO C 84 -60.43 0.40 8.86
N PHE C 85 -59.48 -0.06 8.02
CA PHE C 85 -58.17 0.56 7.94
C PHE C 85 -57.80 0.71 6.48
N MET C 86 -57.11 1.80 6.14
CA MET C 86 -56.68 2.06 4.78
C MET C 86 -55.17 2.09 4.72
N LEU C 87 -54.60 1.36 3.75
CA LEU C 87 -53.15 1.30 3.61
C LEU C 87 -52.57 2.69 3.37
N GLY C 88 -51.43 2.95 3.99
CA GLY C 88 -50.82 4.26 3.96
C GLY C 88 -51.07 5.10 5.18
N SER C 89 -51.83 4.60 6.15
CA SER C 89 -52.11 5.32 7.38
C SER C 89 -51.21 4.83 8.51
N GLU C 90 -51.25 5.55 9.62
CA GLU C 90 -50.43 5.25 10.79
C GLU C 90 -51.27 4.53 11.84
N TRP C 91 -50.62 3.63 12.58
CA TRP C 91 -51.43 2.75 13.41
C TRP C 91 -51.06 2.72 14.89
N GLY C 92 -49.78 2.75 15.24
CA GLY C 92 -49.34 2.34 16.55
C GLY C 92 -49.14 3.46 17.57
N THR C 93 -49.22 3.08 18.85
CA THR C 93 -48.81 3.95 19.95
C THR C 93 -47.36 3.61 20.32
N THR C 94 -46.90 4.11 21.47
CA THR C 94 -45.49 4.01 21.80
C THR C 94 -45.06 2.58 22.07
N TRP C 95 -45.83 1.83 22.86
CA TRP C 95 -45.54 0.42 23.12
C TRP C 95 -46.79 -0.43 22.98
N GLY C 96 -47.84 0.10 22.38
CA GLY C 96 -49.08 -0.63 22.25
C GLY C 96 -49.04 -1.67 21.16
N THR C 97 -50.12 -2.44 21.08
CA THR C 97 -50.24 -3.53 20.12
C THR C 97 -51.40 -3.23 19.19
N VAL C 98 -51.29 -3.66 17.94
CA VAL C 98 -52.40 -3.51 17.00
C VAL C 98 -52.67 -4.87 16.36
N TRP C 99 -53.92 -5.31 16.42
CA TRP C 99 -54.35 -6.53 15.76
C TRP C 99 -55.02 -6.16 14.45
N PHE C 100 -54.52 -6.73 13.36
CA PHE C 100 -55.05 -6.50 12.02
C PHE C 100 -55.73 -7.77 11.53
N ARG C 101 -56.94 -7.62 11.01
CA ARG C 101 -57.60 -8.68 10.27
C ARG C 101 -57.39 -8.42 8.79
N LEU C 102 -56.80 -9.39 8.10
CA LEU C 102 -56.46 -9.27 6.68
C LEU C 102 -57.37 -10.22 5.91
N THR C 103 -58.11 -9.67 4.95
CA THR C 103 -59.05 -10.44 4.16
C THR C 103 -58.65 -10.38 2.69
N GLY C 104 -58.81 -11.48 1.98
CA GLY C 104 -58.44 -11.48 0.58
C GLY C 104 -59.13 -12.58 -0.18
N THR C 105 -58.93 -12.56 -1.49
CA THR C 105 -59.42 -13.61 -2.37
C THR C 105 -58.40 -13.82 -3.49
N VAL C 106 -58.17 -15.08 -3.85
CA VAL C 106 -57.26 -15.42 -4.93
C VAL C 106 -57.99 -15.20 -6.26
N PRO C 107 -57.30 -14.82 -7.32
CA PRO C 107 -57.95 -14.74 -8.63
C PRO C 107 -58.34 -16.12 -9.13
N ALA C 108 -59.11 -16.13 -10.22
CA ALA C 108 -59.68 -17.37 -10.74
C ALA C 108 -58.58 -18.29 -11.27
N GLY C 109 -58.40 -19.43 -10.60
CA GLY C 109 -57.49 -20.46 -11.07
C GLY C 109 -56.06 -19.99 -11.25
N TYR C 110 -55.57 -19.19 -10.31
CA TYR C 110 -54.27 -18.56 -10.52
C TYR C 110 -53.07 -19.47 -10.23
N PRO C 111 -53.06 -20.28 -9.13
CA PRO C 111 -51.80 -20.93 -8.74
C PRO C 111 -51.29 -21.94 -9.77
N LYS C 112 -50.69 -21.41 -10.84
CA LYS C 112 -50.16 -22.21 -11.94
C LYS C 112 -48.64 -22.34 -11.78
N GLY C 113 -48.23 -23.30 -10.96
CA GLY C 113 -46.83 -23.59 -10.78
C GLY C 113 -46.01 -22.52 -10.11
N LYS C 114 -46.59 -21.80 -9.14
CA LYS C 114 -45.85 -20.82 -8.35
C LYS C 114 -46.28 -20.93 -6.89
N PRO C 115 -45.33 -20.75 -5.96
CA PRO C 115 -45.67 -20.94 -4.53
C PRO C 115 -46.70 -19.95 -3.98
N LEU C 116 -46.84 -18.76 -4.56
CA LEU C 116 -47.90 -17.83 -4.18
C LEU C 116 -47.79 -17.40 -2.70
N GLU C 117 -46.73 -16.63 -2.43
CA GLU C 117 -46.44 -16.14 -1.08
C GLU C 117 -47.32 -14.94 -0.73
N LEU C 118 -46.97 -14.25 0.35
CA LEU C 118 -47.78 -13.16 0.90
C LEU C 118 -46.85 -12.09 1.45
N ILE C 119 -46.93 -10.87 0.91
CA ILE C 119 -46.01 -9.79 1.27
C ILE C 119 -46.73 -8.80 2.17
N LEU C 120 -46.10 -8.43 3.28
CA LEU C 120 -46.66 -7.51 4.26
C LEU C 120 -45.59 -6.51 4.66
N ASP C 121 -45.78 -5.25 4.29
CA ASP C 121 -44.87 -4.18 4.70
C ASP C 121 -45.55 -3.35 5.78
N LEU C 122 -44.85 -3.13 6.88
CA LEU C 122 -45.39 -2.38 8.02
C LEU C 122 -44.77 -1.00 8.15
N GLY C 123 -44.01 -0.55 7.15
CA GLY C 123 -43.31 0.71 7.24
C GLY C 123 -41.96 0.54 7.90
N TRP C 124 -41.22 -0.48 7.46
CA TRP C 124 -39.93 -0.78 8.06
C TRP C 124 -38.92 0.31 7.73
N TYR C 125 -38.12 0.67 8.72
CA TYR C 125 -36.94 1.48 8.44
C TYR C 125 -35.90 0.60 7.76
N PRO C 126 -35.38 1.00 6.61
CA PRO C 126 -34.49 0.10 5.85
C PRO C 126 -33.18 -0.19 6.55
N HIS C 127 -32.50 0.84 7.03
CA HIS C 127 -31.13 0.70 7.54
C HIS C 127 -31.11 0.31 9.02
N SER C 128 -31.85 -0.73 9.36
CA SER C 128 -31.86 -1.28 10.72
C SER C 128 -32.67 -2.58 10.70
N CYS C 129 -32.76 -3.21 11.87
CA CYS C 129 -33.52 -4.43 12.05
C CYS C 129 -33.62 -4.72 13.54
N GLY C 130 -34.76 -5.28 13.94
CA GLY C 130 -34.93 -5.80 15.29
C GLY C 130 -34.87 -4.78 16.40
N GLY C 131 -34.96 -3.50 16.07
CA GLY C 131 -34.97 -2.47 17.09
C GLY C 131 -36.29 -1.75 17.14
N HIS C 132 -37.21 -2.14 16.27
CA HIS C 132 -38.47 -1.44 16.11
C HIS C 132 -39.53 -2.47 15.70
N ILE C 133 -40.63 -1.98 15.14
CA ILE C 133 -41.88 -2.71 14.96
C ILE C 133 -41.71 -4.10 14.35
N GLU C 134 -42.58 -5.03 14.74
CA GLU C 134 -42.57 -6.38 14.19
C GLU C 134 -43.96 -6.96 14.37
N GLY C 135 -44.11 -8.26 14.15
CA GLY C 135 -45.40 -8.89 14.38
C GLY C 135 -45.43 -10.34 13.95
N LEU C 136 -46.44 -11.04 14.45
CA LEU C 136 -46.74 -12.42 14.09
C LEU C 136 -48.01 -12.52 13.26
N VAL C 137 -48.14 -13.63 12.55
CA VAL C 137 -49.30 -13.95 11.73
C VAL C 137 -49.94 -15.21 12.26
N TYR C 138 -51.28 -15.22 12.31
CA TYR C 138 -52.04 -16.31 12.88
C TYR C 138 -53.16 -16.73 11.93
N ARG C 139 -53.57 -18.00 12.11
CA ARG C 139 -54.70 -18.59 11.40
C ARG C 139 -55.83 -18.46 12.37
N ALA C 140 -57.07 -18.27 11.92
CA ALA C 140 -58.23 -18.06 12.79
C ALA C 140 -58.29 -19.10 13.90
N ASP C 141 -57.65 -20.26 13.71
CA ASP C 141 -57.63 -21.28 14.75
C ASP C 141 -56.91 -20.77 15.99
N GLY C 142 -55.79 -20.10 15.81
CA GLY C 142 -55.02 -19.61 16.94
C GLY C 142 -53.61 -20.13 16.94
N THR C 143 -53.12 -20.54 15.78
CA THR C 143 -51.77 -21.08 15.63
C THR C 143 -50.97 -20.17 14.71
N ALA C 144 -49.71 -19.94 15.06
CA ALA C 144 -48.89 -18.98 14.33
C ALA C 144 -48.32 -19.61 13.06
N ILE C 145 -48.06 -18.74 12.08
CA ILE C 145 -47.44 -19.15 10.81
C ILE C 145 -45.98 -18.73 10.76
N LYS C 146 -45.71 -17.42 10.78
CA LYS C 146 -44.38 -16.89 10.63
C LYS C 146 -44.42 -15.40 10.97
N ALA C 147 -43.37 -14.92 11.62
CA ALA C 147 -43.27 -13.51 11.96
C ALA C 147 -42.85 -12.69 10.75
N VAL C 148 -43.04 -11.37 10.85
CA VAL C 148 -42.60 -10.43 9.83
C VAL C 148 -41.56 -9.50 10.46
N HIS C 149 -40.47 -9.27 9.73
CA HIS C 149 -39.30 -8.55 10.20
C HIS C 149 -38.84 -7.61 9.11
N PRO C 150 -38.00 -6.61 9.45
CA PRO C 150 -37.60 -5.62 8.43
C PRO C 150 -37.02 -6.20 7.16
N LEU C 151 -36.20 -7.24 7.25
CA LEU C 151 -35.68 -7.91 6.07
C LEU C 151 -36.31 -9.27 5.82
N ASN C 152 -37.31 -9.64 6.63
CA ASN C 152 -38.01 -10.93 6.50
C ASN C 152 -39.50 -10.64 6.65
N TYR C 153 -40.15 -10.33 5.53
CA TYR C 153 -41.56 -9.96 5.57
C TYR C 153 -42.36 -10.69 4.50
N TRP C 154 -42.06 -11.97 4.30
CA TRP C 154 -42.86 -12.83 3.43
C TRP C 154 -43.45 -13.95 4.28
N VAL C 155 -44.68 -14.34 3.96
CA VAL C 155 -45.40 -15.36 4.70
C VAL C 155 -45.88 -16.41 3.70
N PRO C 156 -45.58 -17.69 3.91
CA PRO C 156 -46.05 -18.72 2.97
C PRO C 156 -47.56 -18.83 3.01
N PHE C 157 -48.18 -18.91 1.83
CA PHE C 157 -49.62 -19.01 1.73
C PHE C 157 -50.08 -20.33 1.10
N MET C 158 -49.60 -20.67 -0.09
CA MET C 158 -50.00 -21.89 -0.77
C MET C 158 -48.75 -22.54 -1.37
N ASP C 159 -48.98 -23.53 -2.22
CA ASP C 159 -47.92 -24.19 -2.97
C ASP C 159 -48.26 -24.16 -4.45
N ALA C 160 -47.36 -24.74 -5.27
CA ALA C 160 -47.66 -24.88 -6.68
C ALA C 160 -48.84 -25.83 -6.90
N GLU C 161 -48.91 -26.91 -6.12
CA GLU C 161 -50.00 -27.86 -6.25
C GLU C 161 -51.33 -27.27 -5.77
N GLY C 162 -51.27 -26.29 -4.87
CA GLY C 162 -52.47 -25.65 -4.36
C GLY C 162 -52.77 -25.91 -2.90
N ASN C 163 -51.85 -26.51 -2.16
CA ASN C 163 -52.08 -26.76 -0.74
C ASN C 163 -51.78 -25.49 0.06
N ALA C 164 -52.75 -25.05 0.85
CA ALA C 164 -52.66 -23.78 1.56
C ALA C 164 -52.38 -24.01 3.04
N GLN C 165 -52.06 -22.91 3.72
CA GLN C 165 -51.89 -22.92 5.17
C GLN C 165 -53.19 -22.66 5.91
N VAL C 166 -54.17 -22.05 5.25
CA VAL C 166 -55.38 -21.58 5.91
C VAL C 166 -56.58 -22.07 5.10
N PRO C 167 -57.75 -22.15 5.74
CA PRO C 167 -58.96 -22.53 4.99
C PRO C 167 -59.29 -21.52 3.91
N VAL C 168 -59.29 -21.99 2.66
CA VAL C 168 -59.71 -21.21 1.51
C VAL C 168 -60.94 -21.85 0.90
N ALA C 169 -61.95 -21.03 0.62
CA ALA C 169 -63.25 -21.54 0.24
C ALA C 169 -63.39 -21.68 -1.27
N GLU C 170 -64.55 -22.16 -1.70
CA GLU C 170 -64.83 -22.28 -3.14
C GLU C 170 -64.79 -20.92 -3.81
N ASP C 171 -65.25 -19.88 -3.11
CA ASP C 171 -65.09 -18.52 -3.61
C ASP C 171 -63.62 -18.14 -3.72
N GLY C 172 -62.78 -18.68 -2.83
CA GLY C 172 -61.39 -18.30 -2.76
C GLY C 172 -61.07 -17.31 -1.68
N SER C 173 -62.04 -16.94 -0.85
CA SER C 173 -61.82 -15.96 0.20
C SER C 173 -61.07 -16.58 1.37
N PHE C 174 -60.27 -15.75 2.04
CA PHE C 174 -59.48 -16.19 3.18
C PHE C 174 -59.25 -15.01 4.10
N THR C 175 -59.03 -15.31 5.38
CA THR C 175 -58.73 -14.32 6.40
C THR C 175 -57.54 -14.77 7.24
N LEU C 176 -56.76 -13.78 7.67
CA LEU C 176 -55.61 -13.98 8.54
C LEU C 176 -55.64 -12.92 9.64
N TYR C 177 -54.89 -13.17 10.70
CA TYR C 177 -54.72 -12.18 11.74
C TYR C 177 -53.25 -11.84 11.90
N LEU C 178 -52.96 -10.59 12.23
CA LEU C 178 -51.59 -10.12 12.35
C LEU C 178 -51.47 -9.30 13.62
N GLU C 179 -50.69 -9.79 14.57
CA GLU C 179 -50.43 -9.05 15.81
C GLU C 179 -49.15 -8.25 15.60
N ALA C 180 -49.27 -6.92 15.60
CA ALA C 180 -48.16 -6.03 15.32
C ALA C 180 -47.75 -5.32 16.59
N ALA C 181 -46.49 -5.45 16.96
CA ALA C 181 -45.90 -4.76 18.09
C ALA C 181 -45.19 -3.52 17.60
N SER C 182 -45.52 -2.38 18.22
CA SER C 182 -44.99 -1.06 17.87
C SER C 182 -44.01 -0.65 18.96
N ASN C 183 -42.74 -0.98 18.76
CA ASN C 183 -41.71 -0.64 19.73
C ASN C 183 -40.84 0.49 19.19
N PRO C 184 -40.49 1.46 20.02
CA PRO C 184 -39.67 2.58 19.55
C PRO C 184 -38.25 2.14 19.24
N LEU C 185 -37.61 2.90 18.35
CA LEU C 185 -36.21 2.68 18.00
C LEU C 185 -35.34 3.51 18.93
N LEU C 186 -34.67 2.84 19.86
CA LEU C 186 -33.82 3.51 20.84
C LEU C 186 -32.36 3.56 20.43
N LEU C 187 -32.02 3.06 19.23
CA LEU C 187 -30.68 3.18 18.66
C LEU C 187 -30.82 3.68 17.22
N GLY C 188 -30.88 5.00 17.05
CA GLY C 188 -30.90 5.59 15.73
C GLY C 188 -29.52 5.61 15.12
N VAL C 189 -29.45 6.08 13.88
CA VAL C 189 -28.16 6.15 13.19
C VAL C 189 -27.25 7.19 13.84
N PRO C 190 -27.77 8.27 14.47
CA PRO C 190 -26.96 8.93 15.50
C PRO C 190 -27.15 8.22 16.83
N PRO C 191 -26.15 7.49 17.29
CA PRO C 191 -26.35 6.62 18.45
C PRO C 191 -26.24 7.37 19.77
N PHE C 192 -26.84 6.76 20.80
CA PHE C 192 -26.73 7.23 22.18
C PHE C 192 -27.30 8.65 22.34
N ILE C 193 -28.59 8.78 22.06
CA ILE C 193 -29.31 10.03 22.24
C ILE C 193 -30.34 9.82 23.35
N GLU C 194 -30.33 10.73 24.31
CA GLU C 194 -31.21 10.61 25.48
C GLU C 194 -32.67 10.61 25.05
N THR C 195 -33.47 9.76 25.71
CA THR C 195 -34.89 9.64 25.38
C THR C 195 -35.66 9.33 26.65
N GLU C 196 -36.95 9.66 26.62
CA GLU C 196 -37.86 9.37 27.72
C GLU C 196 -38.88 8.30 27.37
N LEU C 197 -38.68 7.59 26.26
CA LEU C 197 -39.61 6.56 25.80
C LEU C 197 -39.23 5.18 26.28
N GLY C 198 -38.60 5.06 27.44
CA GLY C 198 -38.15 3.77 27.92
C GLY C 198 -38.75 3.32 29.24
N ASP C 199 -40.03 3.66 29.48
CA ASP C 199 -40.71 3.23 30.69
C ASP C 199 -42.19 3.54 30.56
N HIS C 200 -43.01 2.73 31.24
CA HIS C 200 -44.44 2.98 31.49
C HIS C 200 -45.16 3.44 30.21
N ALA C 201 -45.28 2.49 29.29
CA ALA C 201 -45.97 2.71 28.02
C ALA C 201 -47.19 3.61 28.19
N THR C 202 -47.25 4.66 27.39
CA THR C 202 -48.13 5.79 27.64
C THR C 202 -49.45 5.73 26.88
N GLY C 203 -49.43 5.32 25.62
CA GLY C 203 -50.62 5.32 24.81
C GLY C 203 -50.77 6.50 23.87
N LYS C 204 -49.67 7.12 23.46
CA LYS C 204 -49.69 8.24 22.54
C LYS C 204 -48.86 7.94 21.31
N PRO C 205 -49.23 8.49 20.15
CA PRO C 205 -48.43 8.28 18.94
C PRO C 205 -47.14 9.09 18.97
N ASP C 206 -46.13 8.60 19.70
CA ASP C 206 -44.87 9.32 19.81
C ASP C 206 -44.09 9.30 18.50
N GLU C 207 -44.22 8.23 17.72
CA GLU C 207 -43.63 8.15 16.39
C GLU C 207 -44.35 7.11 15.56
N PRO C 208 -45.45 7.49 14.91
CA PRO C 208 -46.26 6.51 14.18
C PRO C 208 -45.58 6.01 12.92
N TYR C 209 -45.97 4.82 12.52
CA TYR C 209 -45.47 4.16 11.32
C TYR C 209 -46.62 3.88 10.36
N VAL C 210 -46.33 3.94 9.07
CA VAL C 210 -47.35 3.74 8.04
C VAL C 210 -47.35 2.27 7.62
N PHE C 211 -48.54 1.77 7.26
CA PHE C 211 -48.64 0.38 6.80
C PHE C 211 -48.21 0.27 5.34
N LYS C 212 -48.97 0.89 4.44
CA LYS C 212 -48.59 1.19 3.07
C LYS C 212 -48.49 -0.01 2.13
N SER C 213 -48.56 -1.25 2.63
CA SER C 213 -48.48 -2.38 1.71
C SER C 213 -48.89 -3.72 2.31
N ALA C 214 -49.86 -4.38 1.67
CA ALA C 214 -50.26 -5.74 2.03
C ALA C 214 -50.77 -6.40 0.77
N ASP C 215 -50.00 -7.34 0.21
CA ASP C 215 -50.31 -7.90 -1.10
C ASP C 215 -50.17 -9.41 -1.08
N LEU C 216 -50.91 -10.06 -1.97
CA LEU C 216 -50.77 -11.48 -2.27
C LEU C 216 -50.10 -11.59 -3.63
N ALA C 217 -48.99 -12.33 -3.68
CA ALA C 217 -48.11 -12.36 -4.84
C ALA C 217 -47.62 -13.77 -5.07
N GLU C 218 -47.05 -14.01 -6.25
CA GLU C 218 -46.42 -15.27 -6.58
C GLU C 218 -44.91 -15.15 -6.42
N PHE C 219 -44.25 -16.28 -6.20
CA PHE C 219 -42.82 -16.31 -5.90
C PHE C 219 -42.08 -17.00 -7.05
N ASP C 220 -41.41 -16.20 -7.87
CA ASP C 220 -40.63 -16.72 -8.99
C ASP C 220 -39.19 -16.92 -8.52
N GLU C 221 -38.78 -18.19 -8.44
CA GLU C 221 -37.46 -18.54 -7.91
C GLU C 221 -36.33 -18.28 -8.90
N ARG C 222 -36.63 -18.24 -10.19
CA ARG C 222 -35.57 -17.99 -11.18
C ARG C 222 -34.96 -16.61 -10.98
N TYR C 223 -35.79 -15.61 -10.71
CA TYR C 223 -35.27 -14.26 -10.53
C TYR C 223 -34.48 -14.13 -9.24
N GLU C 224 -34.89 -14.83 -8.18
CA GLU C 224 -34.09 -14.81 -6.96
C GLU C 224 -32.75 -15.51 -7.17
N ASN C 225 -32.74 -16.60 -7.93
CA ASN C 225 -31.48 -17.27 -8.23
C ASN C 225 -30.56 -16.35 -9.02
N TYR C 226 -31.10 -15.65 -10.01
CA TYR C 226 -30.27 -14.72 -10.79
C TYR C 226 -29.76 -13.58 -9.92
N SER C 227 -30.61 -13.06 -9.03
CA SER C 227 -30.18 -11.99 -8.14
C SER C 227 -29.05 -12.44 -7.22
N VAL C 228 -29.18 -13.63 -6.65
CA VAL C 228 -28.14 -14.14 -5.76
C VAL C 228 -26.85 -14.38 -6.53
N ASP C 229 -26.95 -14.93 -7.74
CA ASP C 229 -25.76 -15.15 -8.56
C ASP C 229 -25.04 -13.84 -8.87
N LEU C 230 -25.81 -12.83 -9.29
CA LEU C 230 -25.21 -11.53 -9.60
C LEU C 230 -24.57 -10.91 -8.37
N ASP C 231 -25.25 -10.99 -7.22
CA ASP C 231 -24.71 -10.43 -5.99
C ASP C 231 -23.41 -11.12 -5.60
N VAL C 232 -23.37 -12.45 -5.70
CA VAL C 232 -22.17 -13.19 -5.34
C VAL C 232 -21.01 -12.84 -6.27
N VAL C 233 -21.27 -12.77 -7.57
CA VAL C 233 -20.20 -12.45 -8.52
C VAL C 233 -19.66 -11.05 -8.25
N SER C 234 -20.56 -10.09 -8.08
CA SER C 234 -20.13 -8.70 -7.86
C SER C 234 -19.35 -8.56 -6.56
N SER C 235 -19.80 -9.23 -5.49
CA SER C 235 -19.10 -9.14 -4.22
C SER C 235 -17.76 -9.86 -4.26
N LEU C 236 -17.66 -10.98 -4.99
CA LEU C 236 -16.38 -11.63 -5.18
C LEU C 236 -15.42 -10.73 -5.94
N MET C 237 -15.94 -9.92 -6.87
CA MET C 237 -15.09 -8.99 -7.61
C MET C 237 -14.44 -7.94 -6.72
N GLU C 238 -15.00 -7.67 -5.54
CA GLU C 238 -14.48 -6.64 -4.65
C GLU C 238 -13.35 -7.13 -3.75
N PHE C 239 -12.98 -8.39 -3.83
CA PHE C 239 -11.88 -8.92 -3.04
C PHE C 239 -10.98 -9.83 -3.86
N ALA C 240 -10.99 -9.70 -5.19
CA ALA C 240 -10.42 -10.70 -6.07
C ALA C 240 -9.06 -10.31 -6.62
N ASP C 241 -8.35 -9.39 -5.97
CA ASP C 241 -6.94 -9.15 -6.28
C ASP C 241 -6.76 -8.72 -7.74
N LYS C 242 -7.19 -7.49 -8.02
CA LYS C 242 -6.92 -6.87 -9.32
C LYS C 242 -5.51 -7.20 -9.79
N GLN C 243 -5.39 -7.43 -11.10
CA GLN C 243 -4.20 -7.99 -11.76
C GLN C 243 -4.10 -9.50 -11.60
N SER C 244 -5.20 -10.17 -11.27
CA SER C 244 -5.23 -11.63 -11.27
C SER C 244 -6.21 -12.12 -12.33
N PRO C 245 -5.96 -13.31 -12.89
CA PRO C 245 -6.89 -13.83 -13.91
C PRO C 245 -8.31 -14.00 -13.40
N ARG C 246 -8.49 -14.33 -12.12
CA ARG C 246 -9.83 -14.52 -11.59
C ARG C 246 -10.66 -13.26 -11.66
N TYR C 247 -10.05 -12.12 -11.35
CA TYR C 247 -10.76 -10.83 -11.39
C TYR C 247 -11.29 -10.54 -12.78
N TRP C 248 -10.45 -10.70 -13.80
CA TRP C 248 -10.86 -10.35 -15.16
C TRP C 248 -11.81 -11.39 -15.74
N GLN C 249 -11.65 -12.66 -15.38
CA GLN C 249 -12.63 -13.66 -15.79
C GLN C 249 -13.99 -13.36 -15.19
N LEU C 250 -14.04 -12.98 -13.92
CA LEU C 250 -15.30 -12.61 -13.29
C LEU C 250 -15.91 -11.39 -13.95
N ALA C 251 -15.09 -10.39 -14.28
CA ALA C 251 -15.60 -9.20 -14.94
C ALA C 251 -16.19 -9.52 -16.31
N LYS C 252 -15.49 -10.35 -17.09
CA LYS C 252 -16.00 -10.74 -18.40
C LYS C 252 -17.31 -11.52 -18.28
N ALA C 253 -17.38 -12.44 -17.31
CA ALA C 253 -18.62 -13.20 -17.11
C ALA C 253 -19.76 -12.27 -16.73
N LEU C 254 -19.51 -11.32 -15.83
CA LEU C 254 -20.54 -10.38 -15.42
C LEU C 254 -21.04 -9.56 -16.62
N GLN C 255 -20.11 -9.06 -17.44
CA GLN C 255 -20.51 -8.27 -18.58
C GLN C 255 -21.35 -9.07 -19.57
N ARG C 256 -20.92 -10.31 -19.86
CA ARG C 256 -21.66 -11.13 -20.81
C ARG C 256 -23.04 -11.48 -20.27
N SER C 257 -23.12 -11.81 -18.98
CA SER C 257 -24.42 -12.13 -18.39
C SER C 257 -25.35 -10.94 -18.41
N LEU C 258 -24.84 -9.75 -18.11
CA LEU C 258 -25.68 -8.55 -18.15
C LEU C 258 -26.11 -8.23 -19.57
N ASN C 259 -25.27 -8.50 -20.56
CA ASN C 259 -25.68 -8.31 -21.95
C ASN C 259 -26.78 -9.29 -22.34
N ALA C 260 -26.69 -10.53 -21.87
CA ALA C 260 -27.64 -11.56 -22.27
C ALA C 260 -29.01 -11.42 -21.64
N TYR C 261 -29.17 -10.56 -20.64
CA TYR C 261 -30.43 -10.46 -19.91
C TYR C 261 -31.31 -9.37 -20.52
N ASP C 262 -32.47 -9.78 -21.04
CA ASP C 262 -33.46 -8.86 -21.58
C ASP C 262 -34.70 -8.90 -20.70
N GLU C 263 -35.14 -7.73 -20.25
CA GLU C 263 -36.31 -7.64 -19.40
C GLU C 263 -37.61 -7.79 -20.17
N ARG C 264 -37.60 -7.54 -21.48
CA ARG C 264 -38.80 -7.73 -22.28
C ARG C 264 -39.17 -9.20 -22.39
N ASN C 265 -38.16 -10.08 -22.51
CA ASN C 265 -38.41 -11.51 -22.63
C ASN C 265 -38.16 -12.17 -21.29
N PRO C 266 -39.18 -12.71 -20.62
CA PRO C 266 -38.97 -13.32 -19.30
C PRO C 266 -38.03 -14.52 -19.30
N GLU C 267 -38.01 -15.33 -20.35
CA GLU C 267 -37.25 -16.58 -20.29
C GLU C 267 -35.75 -16.33 -20.36
N SER C 268 -35.33 -15.19 -20.89
CA SER C 268 -33.90 -14.92 -21.05
C SER C 268 -33.16 -14.92 -19.72
N VAL C 269 -33.90 -14.78 -18.60
CA VAL C 269 -33.27 -14.82 -17.29
C VAL C 269 -32.53 -16.13 -17.09
N GLU C 270 -32.96 -17.21 -17.76
CA GLU C 270 -32.21 -18.46 -17.66
C GLU C 270 -30.93 -18.40 -18.49
N ALA C 271 -31.00 -17.83 -19.69
CA ALA C 271 -29.82 -17.77 -20.54
C ALA C 271 -28.70 -16.98 -19.88
N ALA C 272 -29.04 -15.85 -19.26
CA ALA C 272 -28.05 -15.10 -18.50
C ALA C 272 -27.46 -15.95 -17.39
N ARG C 273 -28.28 -16.77 -16.73
CA ARG C 273 -27.78 -17.64 -15.69
C ARG C 273 -26.78 -18.65 -16.23
N ALA C 274 -26.86 -18.98 -17.51
CA ALA C 274 -25.91 -19.89 -18.12
C ALA C 274 -24.56 -19.24 -18.36
N VAL C 275 -24.45 -17.92 -18.24
CA VAL C 275 -23.16 -17.27 -18.42
C VAL C 275 -22.38 -17.19 -17.11
N LEU C 276 -23.07 -17.02 -15.99
CA LEU C 276 -22.42 -17.01 -14.69
C LEU C 276 -22.15 -18.41 -14.15
N ALA C 277 -22.62 -19.45 -14.84
CA ALA C 277 -22.40 -20.81 -14.37
C ALA C 277 -20.94 -21.20 -14.43
N GLY C 278 -20.20 -20.69 -15.42
CA GLY C 278 -18.80 -21.08 -15.56
C GLY C 278 -17.92 -20.64 -14.41
N VAL C 279 -18.08 -19.39 -13.96
CA VAL C 279 -17.22 -18.87 -12.91
C VAL C 279 -17.69 -19.27 -11.52
N LEU C 280 -18.94 -19.71 -11.38
CA LEU C 280 -19.45 -20.13 -10.07
C LEU C 280 -19.24 -21.61 -9.80
N ALA C 281 -18.76 -22.37 -10.78
CA ALA C 281 -18.52 -23.80 -10.61
C ALA C 281 -17.06 -24.12 -10.36
N LYS C 282 -16.22 -23.11 -10.19
CA LYS C 282 -14.80 -23.32 -9.93
C LYS C 282 -14.59 -23.75 -8.48
N PRO C 283 -13.80 -24.79 -8.23
CA PRO C 283 -13.64 -25.28 -6.85
C PRO C 283 -12.80 -24.35 -6.01
N ALA C 284 -12.87 -24.57 -4.70
CA ALA C 284 -12.14 -23.75 -3.75
C ALA C 284 -10.65 -24.09 -3.77
N ASN C 285 -9.84 -23.15 -3.29
CA ASN C 285 -8.40 -23.36 -3.23
C ASN C 285 -8.07 -24.43 -2.19
N ALA C 286 -6.97 -25.14 -2.44
CA ALA C 286 -6.60 -26.27 -1.58
C ALA C 286 -6.21 -25.84 -0.18
N SER C 287 -5.82 -24.59 0.01
CA SER C 287 -5.41 -24.09 1.32
C SER C 287 -6.49 -23.27 2.01
N ALA C 288 -7.70 -23.26 1.46
CA ALA C 288 -8.79 -22.51 2.09
C ALA C 288 -9.20 -23.16 3.40
N MET C 289 -9.83 -22.36 4.26
CA MET C 289 -10.27 -22.87 5.55
C MET C 289 -11.58 -23.64 5.42
N ASN C 290 -11.87 -24.43 6.45
CA ASN C 290 -13.09 -25.22 6.53
C ASN C 290 -14.00 -24.56 7.55
N VAL C 291 -15.09 -23.95 7.07
CA VAL C 291 -16.00 -23.18 7.90
C VAL C 291 -17.25 -24.00 8.17
N SER C 292 -17.63 -24.08 9.45
CA SER C 292 -18.86 -24.74 9.87
C SER C 292 -19.87 -23.68 10.26
N ALA C 293 -21.04 -23.71 9.63
CA ALA C 293 -22.06 -22.68 9.84
C ALA C 293 -23.25 -23.29 10.56
N ILE C 294 -23.72 -22.59 11.60
CA ILE C 294 -24.91 -22.99 12.34
C ILE C 294 -25.81 -21.77 12.49
N GLY C 295 -27.11 -21.98 12.29
CA GLY C 295 -28.06 -20.88 12.42
C GLY C 295 -28.18 -20.42 13.86
N HIS C 296 -28.23 -19.11 14.04
CA HIS C 296 -28.22 -18.52 15.38
C HIS C 296 -29.07 -17.26 15.37
N ALA C 297 -29.64 -16.96 16.53
CA ALA C 297 -30.38 -15.71 16.71
C ALA C 297 -30.26 -15.32 18.19
N HIS C 298 -29.32 -14.49 18.51
CA HIS C 298 -29.19 -14.06 19.90
C HIS C 298 -30.36 -13.22 20.29
N ILE C 299 -30.85 -13.43 21.46
CA ILE C 299 -31.93 -12.66 22.06
C ILE C 299 -31.50 -12.24 23.46
N ASP C 300 -31.54 -10.97 23.73
CA ASP C 300 -31.22 -10.46 25.08
C ASP C 300 -32.48 -10.55 25.93
N SER C 301 -32.43 -11.07 27.15
CA SER C 301 -33.59 -11.29 28.01
C SER C 301 -34.29 -9.97 28.33
N ALA C 302 -33.52 -8.92 28.60
CA ALA C 302 -34.11 -7.60 28.82
C ALA C 302 -33.05 -6.56 28.53
N TRP C 303 -33.15 -5.90 27.37
CA TRP C 303 -32.20 -4.84 27.01
C TRP C 303 -32.88 -3.97 25.97
N LEU C 304 -33.25 -2.75 26.36
CA LEU C 304 -33.99 -1.79 25.55
C LEU C 304 -35.44 -2.18 25.34
N TRP C 305 -35.94 -3.18 26.07
CA TRP C 305 -37.34 -3.57 26.05
C TRP C 305 -37.62 -4.39 27.29
N PRO C 306 -38.85 -4.36 27.81
CA PRO C 306 -39.18 -5.19 28.97
C PRO C 306 -39.18 -6.68 28.63
N VAL C 307 -39.25 -7.49 29.69
CA VAL C 307 -39.25 -8.95 29.51
C VAL C 307 -40.51 -9.42 28.78
N ARG C 308 -41.65 -8.75 29.03
CA ARG C 308 -42.89 -9.14 28.37
C ARG C 308 -42.80 -8.98 26.86
N GLU C 309 -41.91 -8.11 26.37
CA GLU C 309 -41.64 -8.05 24.94
C GLU C 309 -40.63 -9.11 24.53
N THR C 310 -39.74 -9.52 25.44
CA THR C 310 -38.78 -10.56 25.13
C THR C 310 -39.49 -11.90 24.87
N ARG C 311 -40.56 -12.17 25.60
CA ARG C 311 -41.30 -13.41 25.35
C ARG C 311 -41.88 -13.42 23.94
N ARG C 312 -42.46 -12.30 23.51
CA ARG C 312 -43.00 -12.23 22.16
C ARG C 312 -41.89 -12.34 21.12
N LYS C 313 -40.73 -11.72 21.39
CA LYS C 313 -39.59 -11.84 20.48
C LYS C 313 -39.15 -13.28 20.34
N VAL C 314 -39.12 -14.03 21.45
CA VAL C 314 -38.74 -15.43 21.40
C VAL C 314 -39.73 -16.23 20.55
N ALA C 315 -41.02 -15.98 20.75
CA ALA C 315 -42.03 -16.68 19.97
C ALA C 315 -41.87 -16.40 18.48
N ARG C 316 -41.66 -15.13 18.13
CA ARG C 316 -41.48 -14.76 16.72
C ARG C 316 -40.24 -15.42 16.12
N THR C 317 -39.14 -15.43 16.87
CA THR C 317 -37.90 -16.03 16.36
C THR C 317 -38.08 -17.53 16.12
N VAL C 318 -38.72 -18.23 17.05
CA VAL C 318 -38.93 -19.66 16.85
C VAL C 318 -39.86 -19.91 15.67
N SER C 319 -40.86 -19.05 15.48
CA SER C 319 -41.72 -19.18 14.31
C SER C 319 -40.92 -19.05 13.02
N ASN C 320 -40.03 -18.06 12.96
CA ASN C 320 -39.19 -17.89 11.77
C ASN C 320 -38.31 -19.10 11.53
N ALA C 321 -37.71 -19.64 12.59
CA ALA C 321 -36.83 -20.80 12.44
C ALA C 321 -37.60 -22.01 11.93
N LEU C 322 -38.79 -22.25 12.48
CA LEU C 322 -39.58 -23.39 12.04
C LEU C 322 -40.02 -23.23 10.58
N ALA C 323 -40.42 -22.02 10.20
CA ALA C 323 -40.79 -21.79 8.81
C ALA C 323 -39.60 -22.03 7.87
N LEU C 324 -38.42 -21.58 8.27
CA LEU C 324 -37.23 -21.79 7.45
C LEU C 324 -36.90 -23.27 7.32
N MET C 325 -37.08 -24.03 8.40
CA MET C 325 -36.88 -25.48 8.31
C MET C 325 -37.89 -26.11 7.36
N ASP C 326 -39.13 -25.65 7.38
CA ASP C 326 -40.12 -26.17 6.44
C ASP C 326 -39.78 -25.81 5.01
N ALA C 327 -39.16 -24.65 4.77
CA ALA C 327 -38.89 -24.20 3.42
C ALA C 327 -37.56 -24.68 2.86
N ASP C 328 -36.70 -25.29 3.67
CA ASP C 328 -35.37 -25.67 3.19
C ASP C 328 -34.77 -26.79 4.01
N PRO C 329 -34.36 -27.90 3.38
CA PRO C 329 -33.55 -28.89 4.09
C PRO C 329 -32.13 -28.40 4.25
N ASP C 330 -31.28 -29.18 4.91
CA ASP C 330 -29.88 -28.87 5.13
C ASP C 330 -29.67 -27.60 5.96
N PHE C 331 -30.69 -27.15 6.67
CA PHE C 331 -30.59 -25.96 7.52
C PHE C 331 -30.78 -26.38 8.97
N LYS C 332 -29.90 -25.90 9.84
CA LYS C 332 -29.95 -26.19 11.27
C LYS C 332 -29.95 -24.89 12.06
N TYR C 333 -30.41 -24.97 13.29
CA TYR C 333 -30.62 -23.78 14.11
C TYR C 333 -30.35 -24.12 15.57
N ALA C 334 -29.62 -23.24 16.25
CA ALA C 334 -29.24 -23.45 17.65
C ALA C 334 -29.89 -22.39 18.53
N MET C 335 -30.44 -22.83 19.66
CA MET C 335 -31.06 -21.93 20.63
C MET C 335 -30.52 -22.26 22.02
N SER C 336 -30.41 -21.25 22.87
CA SER C 336 -29.52 -21.32 24.03
C SER C 336 -30.22 -21.32 25.38
N SER C 337 -31.01 -20.30 25.70
CA SER C 337 -31.41 -20.07 27.08
C SER C 337 -32.60 -20.93 27.48
N ALA C 338 -32.55 -21.48 28.70
CA ALA C 338 -33.62 -22.32 29.19
C ALA C 338 -34.83 -21.52 29.66
N GLN C 339 -34.61 -20.30 30.17
CA GLN C 339 -35.73 -19.46 30.56
C GLN C 339 -36.62 -19.13 29.37
N GLN C 340 -36.00 -18.88 28.21
CA GLN C 340 -36.77 -18.61 27.00
C GLN C 340 -37.56 -19.85 26.58
N TYR C 341 -36.96 -21.03 26.72
CA TYR C 341 -37.70 -22.27 26.46
C TYR C 341 -38.91 -22.38 27.37
N ALA C 342 -38.74 -22.09 28.66
CA ALA C 342 -39.85 -22.18 29.60
C ALA C 342 -40.95 -21.18 29.25
N TRP C 343 -40.57 -19.95 28.90
CA TRP C 343 -41.56 -18.95 28.51
C TRP C 343 -42.34 -19.40 27.28
N LEU C 344 -41.63 -19.91 26.27
CA LEU C 344 -42.30 -20.37 25.06
C LEU C 344 -43.22 -21.55 25.35
N GLU C 345 -42.78 -22.48 26.18
CA GLU C 345 -43.60 -23.63 26.52
C GLU C 345 -44.87 -23.21 27.25
N GLU C 346 -44.75 -22.24 28.14
CA GLU C 346 -45.93 -21.77 28.88
C GLU C 346 -46.88 -20.98 27.98
N ASP C 347 -46.36 -20.24 27.01
CA ASP C 347 -47.18 -19.29 26.27
C ASP C 347 -47.72 -19.83 24.96
N HIS C 348 -46.94 -20.61 24.20
CA HIS C 348 -47.33 -21.11 22.89
C HIS C 348 -47.09 -22.61 22.83
N PRO C 349 -48.01 -23.41 23.37
CA PRO C 349 -47.81 -24.87 23.38
C PRO C 349 -47.65 -25.49 22.00
N ASP C 350 -48.33 -24.97 20.97
CA ASP C 350 -48.22 -25.55 19.63
C ASP C 350 -46.84 -25.30 19.02
N ILE C 351 -46.31 -24.08 19.18
CA ILE C 351 -44.96 -23.79 18.73
C ILE C 351 -43.97 -24.69 19.47
N PHE C 352 -44.20 -24.91 20.77
CA PHE C 352 -43.33 -25.79 21.55
C PHE C 352 -43.39 -27.22 21.02
N LYS C 353 -44.57 -27.71 20.66
CA LYS C 353 -44.70 -29.06 20.13
C LYS C 353 -43.96 -29.21 18.80
N ARG C 354 -44.12 -28.23 17.90
CA ARG C 354 -43.42 -28.28 16.62
C ARG C 354 -41.91 -28.23 16.83
N MET C 355 -41.46 -27.37 17.75
CA MET C 355 -40.03 -27.27 18.03
C MET C 355 -39.50 -28.57 18.63
N LYS C 356 -40.29 -29.23 19.48
CA LYS C 356 -39.87 -30.51 20.03
C LYS C 356 -39.75 -31.56 18.94
N ARG C 357 -40.69 -31.56 18.00
CA ARG C 357 -40.60 -32.49 16.87
C ARG C 357 -39.34 -32.25 16.06
N ARG C 358 -39.00 -30.98 15.83
CA ARG C 358 -37.76 -30.68 15.11
C ARG C 358 -36.52 -31.07 15.91
N ILE C 359 -36.58 -30.90 17.23
CA ILE C 359 -35.45 -31.28 18.09
C ILE C 359 -35.21 -32.78 18.01
N GLU C 360 -36.27 -33.57 18.05
CA GLU C 360 -36.12 -35.02 18.11
C GLU C 360 -35.40 -35.57 16.89
N GLU C 361 -35.47 -34.87 15.75
CA GLU C 361 -34.81 -35.31 14.53
C GLU C 361 -33.48 -34.62 14.28
N GLY C 362 -32.96 -33.90 15.27
CA GLY C 362 -31.60 -33.38 15.19
C GLY C 362 -31.40 -32.18 14.30
N ARG C 363 -32.43 -31.36 14.09
CA ARG C 363 -32.28 -30.14 13.32
C ARG C 363 -32.40 -28.88 14.16
N PHE C 364 -32.96 -28.98 15.36
CA PHE C 364 -33.08 -27.88 16.30
C PHE C 364 -32.21 -28.23 17.51
N ILE C 365 -31.10 -27.53 17.68
CA ILE C 365 -30.09 -27.90 18.66
C ILE C 365 -30.21 -26.97 19.86
N PRO C 366 -30.56 -27.47 21.04
CA PRO C 366 -30.41 -26.68 22.27
C PRO C 366 -28.95 -26.68 22.72
N VAL C 367 -28.44 -25.50 23.07
CA VAL C 367 -27.06 -25.34 23.46
C VAL C 367 -27.01 -24.63 24.81
N GLY C 368 -25.83 -24.66 25.43
CA GLY C 368 -25.61 -23.92 26.65
C GLY C 368 -25.91 -24.69 27.92
N GLY C 369 -27.17 -25.02 28.15
CA GLY C 369 -27.57 -25.66 29.40
C GLY C 369 -27.45 -24.76 30.61
N MET C 370 -27.84 -23.50 30.48
CA MET C 370 -27.88 -22.56 31.58
C MET C 370 -29.25 -21.91 31.62
N TRP C 371 -29.62 -21.39 32.79
CA TRP C 371 -30.91 -20.71 32.91
C TRP C 371 -30.97 -19.48 32.01
N VAL C 372 -29.97 -18.62 32.10
CA VAL C 372 -29.79 -17.50 31.20
C VAL C 372 -28.32 -17.40 30.83
N GLU C 373 -28.00 -16.47 29.93
CA GLU C 373 -26.61 -16.16 29.61
C GLU C 373 -26.16 -15.08 30.58
N ALA C 374 -25.60 -15.51 31.70
CA ALA C 374 -25.25 -14.61 32.79
C ALA C 374 -23.91 -13.94 32.53
N ASP C 375 -23.64 -12.91 33.33
CA ASP C 375 -22.34 -12.25 33.29
C ASP C 375 -21.25 -13.18 33.80
N GLY C 376 -20.03 -12.97 33.31
CA GLY C 376 -18.93 -13.84 33.67
C GLY C 376 -18.14 -13.43 34.89
N MET C 377 -18.16 -12.15 35.22
CA MET C 377 -17.32 -11.60 36.29
C MET C 377 -18.07 -11.38 37.59
N LEU C 378 -19.26 -10.77 37.51
CA LEU C 378 -19.92 -10.30 38.74
C LEU C 378 -20.54 -11.41 39.57
N PRO C 379 -21.33 -12.34 39.02
CA PRO C 379 -22.01 -13.31 39.89
C PRO C 379 -21.04 -14.20 40.63
N ALA C 380 -21.44 -14.61 41.83
CA ALA C 380 -20.62 -15.49 42.65
C ALA C 380 -20.56 -16.88 42.04
N GLY C 381 -19.66 -17.71 42.58
CA GLY C 381 -19.52 -19.06 42.07
C GLY C 381 -20.77 -19.89 42.24
N GLU C 382 -21.48 -19.71 43.35
CA GLU C 382 -22.73 -20.42 43.56
C GLU C 382 -23.77 -20.01 42.54
N SER C 383 -23.77 -18.73 42.14
CA SER C 383 -24.66 -18.30 41.07
C SER C 383 -24.41 -19.09 39.79
N LEU C 384 -23.14 -19.24 39.41
CA LEU C 384 -22.82 -19.97 38.20
C LEU C 384 -23.22 -21.44 38.31
N ILE C 385 -22.94 -22.05 39.47
CA ILE C 385 -23.28 -23.45 39.66
C ILE C 385 -24.79 -23.65 39.60
N ARG C 386 -25.56 -22.74 40.19
CA ARG C 386 -27.01 -22.87 40.18
C ARG C 386 -27.58 -22.62 38.79
N GLN C 387 -27.01 -21.67 38.04
CA GLN C 387 -27.41 -21.49 36.65
C GLN C 387 -27.24 -22.80 35.89
N ILE C 388 -26.08 -23.41 36.02
CA ILE C 388 -25.80 -24.66 35.30
C ILE C 388 -26.78 -25.74 35.75
N ALA C 389 -27.00 -25.87 37.06
CA ALA C 389 -27.85 -26.93 37.58
C ALA C 389 -29.28 -26.80 37.09
N TYR C 390 -29.85 -25.60 37.21
CA TYR C 390 -31.24 -25.41 36.79
C TYR C 390 -31.41 -25.56 35.29
N GLY C 391 -30.48 -25.01 34.50
CA GLY C 391 -30.57 -25.18 33.06
C GLY C 391 -30.46 -26.62 32.63
N ARG C 392 -29.52 -27.37 33.21
CA ARG C 392 -29.36 -28.78 32.88
C ARG C 392 -30.59 -29.59 33.27
N LYS C 393 -31.16 -29.30 34.45
CA LYS C 393 -32.36 -30.01 34.86
C LYS C 393 -33.51 -29.75 33.89
N TYR C 394 -33.68 -28.48 33.48
CA TYR C 394 -34.75 -28.18 32.53
C TYR C 394 -34.51 -28.89 31.20
N PHE C 395 -33.28 -28.86 30.70
CA PHE C 395 -33.00 -29.49 29.42
C PHE C 395 -33.24 -30.99 29.48
N LYS C 396 -32.84 -31.63 30.58
CA LYS C 396 -33.03 -33.07 30.71
C LYS C 396 -34.50 -33.45 30.82
N GLU C 397 -35.27 -32.69 31.62
CA GLU C 397 -36.63 -33.08 31.90
C GLU C 397 -37.66 -32.55 30.91
N HIS C 398 -37.27 -31.65 30.01
CA HIS C 398 -38.23 -31.07 29.07
C HIS C 398 -37.85 -31.21 27.61
N LEU C 399 -36.58 -31.42 27.28
CA LEU C 399 -36.16 -31.62 25.90
C LEU C 399 -35.39 -32.91 25.66
N GLY C 400 -34.88 -33.56 26.71
CA GLY C 400 -34.11 -34.77 26.54
C GLY C 400 -32.77 -34.57 25.86
N VAL C 401 -32.10 -33.46 26.14
CA VAL C 401 -30.81 -33.13 25.53
C VAL C 401 -29.84 -32.76 26.63
N GLU C 402 -28.60 -33.23 26.51
CA GLU C 402 -27.53 -32.88 27.44
C GLU C 402 -26.43 -32.15 26.70
N PRO C 403 -26.30 -30.83 26.85
CA PRO C 403 -25.26 -30.10 26.14
C PRO C 403 -23.88 -30.45 26.66
N LYS C 404 -22.89 -30.32 25.76
CA LYS C 404 -21.50 -30.61 26.08
C LYS C 404 -20.61 -29.38 26.07
N GLY C 405 -21.18 -28.19 25.93
CA GLY C 405 -20.38 -26.98 25.85
C GLY C 405 -21.08 -25.80 26.47
N VAL C 406 -20.30 -24.83 26.92
CA VAL C 406 -20.82 -23.60 27.50
C VAL C 406 -20.95 -22.58 26.38
N TRP C 407 -22.16 -22.07 26.21
CA TRP C 407 -22.50 -21.17 25.10
C TRP C 407 -22.80 -19.79 25.66
N LEU C 408 -21.79 -18.93 25.67
CA LEU C 408 -21.90 -17.57 26.18
C LEU C 408 -21.27 -16.60 25.19
N PRO C 409 -21.92 -16.38 24.05
CA PRO C 409 -21.31 -15.52 23.01
C PRO C 409 -21.06 -14.10 23.46
N ASP C 410 -21.90 -13.40 24.24
CA ASP C 410 -21.77 -11.97 24.62
C ASP C 410 -21.73 -11.94 26.10
N SER C 411 -20.69 -11.47 26.76
CA SER C 411 -20.49 -11.26 28.18
C SER C 411 -19.28 -10.37 28.37
N PHE C 412 -19.35 -9.48 29.35
CA PHE C 412 -18.29 -8.49 29.58
C PHE C 412 -17.17 -9.06 30.44
N GLY C 413 -16.51 -10.09 29.90
CA GLY C 413 -15.38 -10.70 30.55
C GLY C 413 -15.76 -11.95 31.34
N TYR C 414 -14.75 -12.75 31.65
CA TYR C 414 -14.94 -14.04 32.32
C TYR C 414 -13.95 -14.16 33.47
N THR C 415 -14.40 -14.81 34.54
CA THR C 415 -13.74 -14.68 35.84
C THR C 415 -12.43 -15.42 35.97
N GLY C 416 -12.21 -16.48 35.20
CA GLY C 416 -11.03 -17.31 35.36
C GLY C 416 -11.22 -18.51 36.26
N ALA C 417 -12.28 -18.52 37.08
CA ALA C 417 -12.73 -19.73 37.74
C ALA C 417 -13.68 -20.53 36.88
N TRP C 418 -14.06 -20.00 35.72
CA TRP C 418 -14.95 -20.71 34.81
C TRP C 418 -14.44 -22.06 34.35
N PRO C 419 -13.16 -22.22 33.94
CA PRO C 419 -12.74 -23.53 33.42
C PRO C 419 -12.93 -24.68 34.39
N GLN C 420 -12.66 -24.47 35.68
CA GLN C 420 -12.82 -25.57 36.63
C GLN C 420 -14.28 -25.89 36.87
N ILE C 421 -15.13 -24.87 36.99
CA ILE C 421 -16.55 -25.13 37.20
C ILE C 421 -17.15 -25.84 36.00
N ALA C 422 -16.80 -25.40 34.79
CA ALA C 422 -17.30 -26.06 33.59
C ALA C 422 -16.77 -27.48 33.48
N ARG C 423 -15.51 -27.70 33.82
CA ARG C 423 -14.95 -29.05 33.74
C ARG C 423 -15.55 -29.99 34.77
N ARG C 424 -15.87 -29.49 35.96
CA ARG C 424 -16.43 -30.31 37.01
C ARG C 424 -17.94 -30.47 36.88
N ALA C 425 -18.56 -29.85 35.88
CA ALA C 425 -19.98 -30.04 35.61
C ALA C 425 -20.24 -30.99 34.45
N GLY C 426 -19.23 -31.26 33.62
CA GLY C 426 -19.40 -32.19 32.52
C GLY C 426 -19.28 -31.56 31.16
N TYR C 427 -18.94 -30.28 31.11
CA TYR C 427 -18.77 -29.60 29.84
C TYR C 427 -17.40 -29.91 29.24
N GLU C 428 -17.31 -29.76 27.91
CA GLU C 428 -16.09 -30.09 27.20
C GLU C 428 -15.54 -28.96 26.34
N TRP C 429 -16.30 -27.92 26.06
CA TRP C 429 -15.79 -26.80 25.27
C TRP C 429 -16.51 -25.53 25.65
N PHE C 430 -15.93 -24.40 25.24
CA PHE C 430 -16.39 -23.06 25.60
C PHE C 430 -16.47 -22.21 24.34
N LEU C 431 -17.47 -21.35 24.26
CA LEU C 431 -17.66 -20.48 23.10
C LEU C 431 -17.84 -19.04 23.57
N THR C 432 -17.21 -18.12 22.84
CA THR C 432 -17.25 -16.70 23.18
C THR C 432 -16.78 -15.89 21.99
N GLN C 433 -17.32 -14.68 21.85
CA GLN C 433 -16.85 -13.76 20.81
C GLN C 433 -16.69 -12.33 21.31
N LYS C 434 -16.86 -12.07 22.61
CA LYS C 434 -16.85 -10.69 23.08
C LYS C 434 -15.45 -10.12 23.17
N ILE C 435 -14.44 -10.96 23.39
CA ILE C 435 -13.07 -10.51 23.58
C ILE C 435 -12.52 -9.79 22.36
N SER C 436 -13.17 -9.96 21.20
CA SER C 436 -12.77 -9.24 20.00
C SER C 436 -13.03 -7.74 20.10
N TRP C 437 -13.74 -7.27 21.12
CA TRP C 437 -14.07 -5.87 21.27
C TRP C 437 -13.02 -5.11 22.08
N ASN C 438 -11.81 -5.64 22.19
CA ASN C 438 -10.80 -5.05 23.06
C ASN C 438 -10.33 -3.69 22.53
N ASP C 439 -10.04 -2.79 23.47
CA ASP C 439 -9.54 -1.47 23.12
C ASP C 439 -8.16 -1.54 22.49
N THR C 440 -7.23 -2.25 23.13
CA THR C 440 -5.82 -2.11 22.85
C THR C 440 -5.21 -3.36 22.22
N THR C 441 -5.33 -4.51 22.87
CA THR C 441 -4.60 -5.71 22.46
C THR C 441 -5.49 -6.64 21.64
N LYS C 442 -4.83 -7.46 20.84
CA LYS C 442 -5.46 -8.56 20.12
C LYS C 442 -5.14 -9.85 20.84
N PHE C 443 -6.16 -10.62 21.18
CA PHE C 443 -5.93 -11.86 21.89
C PHE C 443 -5.13 -12.81 21.01
N PRO C 444 -4.13 -13.49 21.56
CA PRO C 444 -3.19 -14.24 20.72
C PRO C 444 -3.80 -15.41 19.97
N HIS C 445 -4.94 -15.95 20.41
CA HIS C 445 -5.47 -17.18 19.84
C HIS C 445 -6.96 -17.05 19.57
N HIS C 446 -7.45 -17.86 18.63
CA HIS C 446 -8.87 -18.13 18.48
C HIS C 446 -9.28 -19.52 18.92
N SER C 447 -8.41 -20.52 18.78
CA SER C 447 -8.64 -21.86 19.27
C SER C 447 -7.52 -22.22 20.24
N PHE C 448 -7.87 -22.51 21.49
CA PHE C 448 -6.84 -22.70 22.50
C PHE C 448 -7.39 -23.48 23.68
N MET C 449 -6.49 -23.84 24.58
CA MET C 449 -6.83 -24.34 25.91
C MET C 449 -6.86 -23.19 26.90
N TRP C 450 -8.04 -22.91 27.44
CA TRP C 450 -8.19 -21.97 28.53
C TRP C 450 -8.03 -22.72 29.84
N GLU C 451 -7.04 -22.31 30.63
CA GLU C 451 -6.72 -22.91 31.91
C GLU C 451 -7.02 -21.92 33.02
N GLY C 452 -7.72 -22.38 34.05
CA GLY C 452 -8.11 -21.51 35.13
C GLY C 452 -7.00 -21.29 36.12
N ILE C 453 -7.35 -20.61 37.21
CA ILE C 453 -6.38 -20.34 38.26
C ILE C 453 -5.98 -21.60 39.02
N ASP C 454 -6.60 -22.73 38.73
CA ASP C 454 -6.28 -24.00 39.37
C ASP C 454 -5.44 -24.92 38.50
N GLY C 455 -5.77 -25.04 37.23
CA GLY C 455 -5.04 -25.92 36.35
C GLY C 455 -5.93 -26.70 35.39
N SER C 456 -7.23 -26.66 35.62
CA SER C 456 -8.16 -27.35 34.73
C SER C 456 -8.23 -26.63 33.40
N ARG C 457 -8.14 -27.39 32.31
CA ARG C 457 -8.14 -26.84 30.96
C ARG C 457 -9.43 -27.21 30.23
N ILE C 458 -9.94 -26.26 29.46
CA ILE C 458 -11.07 -26.50 28.58
C ILE C 458 -10.72 -25.97 27.21
N PHE C 459 -11.41 -26.49 26.20
CA PHE C 459 -11.14 -26.11 24.82
C PHE C 459 -12.04 -24.94 24.44
N THR C 460 -11.43 -23.78 24.17
CA THR C 460 -12.15 -22.56 23.87
C THR C 460 -11.91 -22.15 22.42
N HIS C 461 -12.96 -21.65 21.77
CA HIS C 461 -12.89 -21.18 20.40
C HIS C 461 -13.55 -19.81 20.31
N PHE C 462 -12.88 -18.87 19.62
CA PHE C 462 -13.42 -17.54 19.36
C PHE C 462 -13.75 -17.44 17.89
N PRO C 463 -15.02 -17.36 17.49
CA PRO C 463 -15.37 -17.24 16.08
C PRO C 463 -14.66 -16.05 15.44
N PRO C 464 -13.80 -16.30 14.45
CA PRO C 464 -12.99 -15.22 13.87
C PRO C 464 -13.79 -14.21 13.05
N ALA C 465 -15.07 -14.46 12.80
CA ALA C 465 -15.90 -13.50 12.08
C ALA C 465 -16.23 -12.28 12.92
N ASP C 466 -15.89 -12.30 14.21
CA ASP C 466 -16.06 -11.18 15.13
C ASP C 466 -17.52 -10.82 15.37
N THR C 467 -18.43 -11.76 15.15
CA THR C 467 -19.84 -11.50 15.40
C THR C 467 -20.55 -12.82 15.67
N TYR C 468 -21.64 -12.74 16.42
CA TYR C 468 -22.54 -13.87 16.62
C TYR C 468 -23.71 -13.87 15.66
N ALA C 469 -23.77 -12.87 14.75
CA ALA C 469 -24.89 -12.72 13.81
C ALA C 469 -24.31 -12.24 12.49
N ALA C 470 -23.99 -13.18 11.61
CA ALA C 470 -23.40 -12.89 10.32
C ALA C 470 -24.47 -12.86 9.23
N TRP C 471 -24.25 -12.03 8.21
CA TRP C 471 -25.18 -11.87 7.10
C TRP C 471 -24.81 -12.71 5.89
N CYS C 472 -23.77 -13.54 6.01
CA CYS C 472 -23.35 -14.47 4.96
C CYS C 472 -22.91 -13.72 3.70
N LYS C 473 -21.93 -12.84 3.89
CA LYS C 473 -21.34 -12.07 2.80
C LYS C 473 -19.90 -12.52 2.57
N VAL C 474 -19.41 -12.26 1.35
CA VAL C 474 -18.03 -12.57 1.03
C VAL C 474 -17.08 -11.72 1.87
N GLN C 475 -17.50 -10.49 2.21
CA GLN C 475 -16.69 -9.64 3.06
C GLN C 475 -16.45 -10.29 4.41
N GLU C 476 -17.49 -10.84 5.02
CA GLU C 476 -17.35 -11.48 6.33
C GLU C 476 -16.43 -12.70 6.25
N LEU C 477 -16.60 -13.53 5.22
CA LEU C 477 -15.76 -14.72 5.09
C LEU C 477 -14.30 -14.35 4.88
N ASP C 478 -14.03 -13.35 4.04
CA ASP C 478 -12.65 -12.94 3.80
C ASP C 478 -12.03 -12.36 5.06
N TYR C 479 -12.76 -11.50 5.75
CA TYR C 479 -12.25 -10.91 7.00
C TYR C 479 -11.97 -11.99 8.02
N ALA C 480 -12.87 -12.96 8.17
CA ALA C 480 -12.66 -14.04 9.12
C ALA C 480 -11.45 -14.86 8.74
N GLU C 481 -11.27 -15.14 7.45
CA GLU C 481 -10.17 -16.00 7.05
C GLU C 481 -8.82 -15.33 7.25
N LYS C 482 -8.73 -14.02 7.04
CA LYS C 482 -7.46 -13.34 7.29
C LYS C 482 -7.33 -12.81 8.71
N ASN C 483 -8.35 -12.98 9.55
CA ASN C 483 -8.26 -12.58 10.95
C ASN C 483 -7.89 -13.73 11.88
N PHE C 484 -8.01 -14.96 11.42
CA PHE C 484 -7.70 -16.14 12.24
C PHE C 484 -6.26 -16.10 12.72
N GLN C 485 -6.07 -16.37 14.02
CA GLN C 485 -4.77 -16.27 14.66
C GLN C 485 -4.06 -17.61 14.80
N ASP C 486 -4.59 -18.67 14.19
CA ASP C 486 -4.02 -20.00 14.30
C ASP C 486 -3.93 -20.65 12.92
N LYS C 487 -3.48 -19.88 11.93
CA LYS C 487 -3.36 -20.40 10.58
C LYS C 487 -2.27 -21.46 10.44
N ASP C 488 -1.31 -21.49 11.38
CA ASP C 488 -0.20 -22.43 11.29
C ASP C 488 -0.51 -23.79 11.91
N LEU C 489 -1.57 -23.91 12.69
CA LEU C 489 -1.88 -25.16 13.37
C LEU C 489 -3.28 -25.69 13.11
N SER C 490 -4.19 -24.87 12.58
CA SER C 490 -5.56 -25.30 12.39
C SER C 490 -6.15 -24.55 11.19
N ASP C 491 -7.18 -25.15 10.59
CA ASP C 491 -7.89 -24.52 9.49
C ASP C 491 -9.39 -24.72 9.63
N ARG C 492 -9.89 -24.63 10.86
CA ARG C 492 -11.30 -24.82 11.16
C ARG C 492 -11.81 -23.67 12.01
N SER C 493 -13.00 -23.17 11.67
CA SER C 493 -13.62 -22.09 12.43
C SER C 493 -15.14 -22.25 12.33
N LEU C 494 -15.83 -21.63 13.28
CA LEU C 494 -17.29 -21.73 13.37
C LEU C 494 -17.94 -20.40 13.02
N LEU C 495 -18.98 -20.46 12.22
CA LEU C 495 -19.71 -19.28 11.78
C LEU C 495 -21.12 -19.30 12.37
N LEU C 496 -21.50 -18.20 13.01
CA LEU C 496 -22.84 -18.02 13.56
C LEU C 496 -23.54 -16.97 12.70
N PHE C 497 -24.56 -17.37 11.96
CA PHE C 497 -25.21 -16.49 11.00
C PHE C 497 -26.69 -16.33 11.33
N GLY C 498 -27.16 -15.10 11.20
CA GLY C 498 -28.53 -14.75 11.51
C GLY C 498 -28.62 -13.30 11.92
N PHE C 499 -29.79 -12.93 12.41
CA PHE C 499 -30.03 -11.61 12.99
C PHE C 499 -30.18 -11.76 14.50
N GLY C 500 -29.50 -10.91 15.25
CA GLY C 500 -29.37 -11.10 16.69
C GLY C 500 -29.49 -9.81 17.47
N ASP C 501 -29.48 -9.98 18.80
CA ASP C 501 -29.63 -9.07 19.92
C ASP C 501 -31.09 -8.64 20.13
N GLY C 502 -32.00 -8.95 19.22
CA GLY C 502 -33.40 -8.64 19.41
C GLY C 502 -34.29 -9.68 18.76
N GLY C 503 -33.70 -10.82 18.40
CA GLY C 503 -34.41 -11.84 17.68
C GLY C 503 -34.19 -11.73 16.18
N GLY C 504 -35.16 -12.19 15.40
CA GLY C 504 -35.00 -12.23 13.96
C GLY C 504 -34.59 -13.60 13.48
N GLY C 505 -33.29 -13.77 13.21
CA GLY C 505 -32.75 -15.06 12.83
C GLY C 505 -32.36 -15.14 11.38
N PRO C 506 -31.88 -16.30 10.94
CA PRO C 506 -31.52 -16.48 9.55
C PRO C 506 -32.73 -16.38 8.63
N THR C 507 -32.47 -15.94 7.40
CA THR C 507 -33.49 -15.79 6.38
C THR C 507 -33.25 -16.77 5.24
N ARG C 508 -34.14 -16.75 4.26
CA ARG C 508 -33.98 -17.60 3.08
C ARG C 508 -32.81 -17.14 2.22
N ASN C 509 -32.59 -15.83 2.13
CA ASN C 509 -31.50 -15.30 1.34
C ASN C 509 -30.14 -15.73 1.89
N MET C 510 -30.00 -15.76 3.22
CA MET C 510 -28.75 -16.18 3.83
C MET C 510 -28.42 -17.62 3.44
N MET C 511 -29.39 -18.52 3.53
CA MET C 511 -29.16 -19.90 3.16
C MET C 511 -28.89 -20.02 1.66
N GLU C 512 -29.46 -19.21 0.82
CA GLU C 512 -29.28 -19.26 -0.65
C GLU C 512 -27.93 -18.73 -1.02
N HIS C 513 -27.37 -17.89 -0.20
CA HIS C 513 -25.97 -17.52 -0.40
C HIS C 513 -25.02 -18.60 0.11
N LEU C 514 -25.33 -19.16 1.29
CA LEU C 514 -24.47 -20.20 1.85
C LEU C 514 -24.39 -21.41 0.95
N HIS C 515 -25.45 -21.70 0.20
CA HIS C 515 -25.40 -22.81 -0.75
C HIS C 515 -24.37 -22.55 -1.84
N ARG C 516 -24.28 -21.31 -2.32
CA ARG C 516 -23.23 -20.96 -3.27
C ARG C 516 -21.86 -21.10 -2.64
N TYR C 517 -21.71 -20.68 -1.39
CA TYR C 517 -20.37 -20.66 -0.78
C TYR C 517 -19.80 -22.06 -0.50
N GLU C 518 -20.41 -23.18 -0.92
CA GLU C 518 -19.93 -24.49 -0.49
C GLU C 518 -18.57 -24.82 -1.09
N ASN C 519 -18.41 -24.66 -2.40
CA ASN C 519 -17.15 -24.92 -3.08
C ASN C 519 -16.96 -23.83 -4.13
N LEU C 520 -16.32 -22.73 -3.73
CA LEU C 520 -16.18 -21.58 -4.60
C LEU C 520 -14.76 -21.02 -4.48
N GLU C 521 -14.20 -20.66 -5.63
CA GLU C 521 -12.85 -20.11 -5.66
C GLU C 521 -12.83 -18.71 -5.05
N GLY C 522 -11.79 -18.44 -4.26
CA GLY C 522 -11.67 -17.17 -3.58
C GLY C 522 -12.45 -17.07 -2.28
N VAL C 523 -13.13 -18.13 -1.87
CA VAL C 523 -13.93 -18.15 -0.66
C VAL C 523 -13.56 -19.40 0.13
N SER C 524 -13.76 -19.35 1.44
CA SER C 524 -13.60 -20.53 2.27
C SER C 524 -14.64 -21.58 1.92
N LYS C 525 -14.52 -22.76 2.52
CA LYS C 525 -15.44 -23.86 2.29
C LYS C 525 -16.42 -23.92 3.45
N VAL C 526 -17.69 -23.63 3.15
CA VAL C 526 -18.73 -23.51 4.17
C VAL C 526 -19.57 -24.78 4.17
N SER C 527 -19.98 -25.21 5.36
CA SER C 527 -20.82 -26.39 5.51
C SER C 527 -21.68 -26.24 6.76
N ILE C 528 -22.96 -26.56 6.64
CA ILE C 528 -23.85 -26.53 7.80
C ILE C 528 -23.52 -27.71 8.69
N GLU C 529 -23.24 -27.43 9.96
CA GLU C 529 -22.75 -28.47 10.87
C GLU C 529 -23.21 -28.19 12.28
N GLU C 530 -23.48 -29.27 13.02
CA GLU C 530 -23.76 -29.16 14.44
C GLU C 530 -22.52 -28.70 15.18
N PRO C 531 -22.66 -27.81 16.18
CA PRO C 531 -21.47 -27.31 16.89
C PRO C 531 -20.68 -28.39 17.61
N ASN C 532 -21.33 -29.45 18.10
CA ASN C 532 -20.60 -30.55 18.73
C ASN C 532 -19.63 -31.19 17.75
N ASP C 533 -20.09 -31.45 16.53
CA ASP C 533 -19.23 -32.06 15.52
C ASP C 533 -18.07 -31.14 15.16
N PHE C 534 -18.35 -29.84 15.00
CA PHE C 534 -17.28 -28.90 14.70
C PHE C 534 -16.22 -28.91 15.79
N PHE C 535 -16.65 -28.87 17.05
CA PHE C 535 -15.69 -28.82 18.14
C PHE C 535 -14.88 -30.10 18.21
N ASP C 536 -15.51 -31.25 18.01
CA ASP C 536 -14.77 -32.50 17.97
C ASP C 536 -13.70 -32.47 16.88
N LYS C 537 -14.09 -32.09 15.66
CA LYS C 537 -13.15 -32.11 14.54
C LYS C 537 -12.02 -31.12 14.75
N ALA C 538 -12.33 -29.91 15.21
CA ALA C 538 -11.32 -28.89 15.41
C ALA C 538 -10.34 -29.30 16.51
N HIS C 539 -10.84 -29.83 17.62
CA HIS C 539 -9.95 -30.27 18.68
C HIS C 539 -9.07 -31.42 18.21
N GLN C 540 -9.63 -32.35 17.44
CA GLN C 540 -8.83 -33.46 16.93
C GLN C 540 -7.70 -32.97 16.03
N GLN C 541 -8.03 -32.05 15.12
CA GLN C 541 -7.00 -31.52 14.22
C GLN C 541 -5.93 -30.76 14.99
N LEU C 542 -6.34 -29.95 15.96
CA LEU C 542 -5.37 -29.18 16.75
C LEU C 542 -4.45 -30.11 17.53
N ALA C 543 -5.01 -31.13 18.18
CA ALA C 543 -4.20 -32.05 18.95
C ALA C 543 -3.27 -32.86 18.06
N GLU C 544 -3.71 -33.22 16.86
CA GLU C 544 -2.86 -34.00 15.97
C GLU C 544 -1.71 -33.16 15.42
N ASN C 545 -1.99 -31.93 15.00
CA ASN C 545 -0.93 -31.11 14.41
C ASN C 545 0.02 -30.57 15.47
N ALA C 546 -0.50 -30.11 16.60
CA ALA C 546 0.33 -29.38 17.57
C ALA C 546 1.20 -30.32 18.39
N GLY C 547 0.58 -31.21 19.16
CA GLY C 547 1.31 -32.06 20.06
C GLY C 547 1.69 -31.34 21.33
N PRO C 548 3.00 -31.09 21.52
CA PRO C 548 3.43 -30.34 22.71
C PRO C 548 3.19 -28.84 22.57
N GLU C 549 3.27 -28.32 21.34
CA GLU C 549 3.10 -26.90 21.10
C GLU C 549 1.63 -26.52 20.97
N MET C 550 0.83 -26.86 21.99
CA MET C 550 -0.57 -26.50 21.81
C MET C 550 -0.87 -25.19 22.52
N PRO C 551 -1.63 -24.29 21.90
CA PRO C 551 -1.88 -22.98 22.52
C PRO C 551 -2.59 -23.11 23.87
N VAL C 552 -2.04 -22.44 24.87
CA VAL C 552 -2.59 -22.43 26.22
C VAL C 552 -2.61 -20.99 26.72
N TRP C 553 -3.72 -20.60 27.36
CA TRP C 553 -3.82 -19.32 28.05
C TRP C 553 -4.28 -19.59 29.48
N LYS C 554 -3.51 -19.13 30.46
CA LYS C 554 -3.83 -19.33 31.86
C LYS C 554 -4.23 -18.02 32.50
N GLY C 555 -5.30 -18.05 33.29
CA GLY C 555 -5.79 -16.88 34.00
C GLY C 555 -7.26 -16.62 33.67
N GLU C 556 -7.61 -15.34 33.61
CA GLU C 556 -8.95 -14.90 33.27
C GLU C 556 -8.97 -14.36 31.85
N LEU C 557 -10.16 -14.01 31.38
CA LEU C 557 -10.36 -13.41 30.07
C LEU C 557 -10.87 -12.00 30.28
N TYR C 558 -9.94 -11.06 30.46
CA TYR C 558 -10.29 -9.68 30.74
C TYR C 558 -10.69 -8.97 29.45
N LEU C 559 -11.79 -8.23 29.50
CA LEU C 559 -12.29 -7.49 28.36
C LEU C 559 -11.91 -6.03 28.51
N GLU C 560 -11.16 -5.51 27.53
CA GLU C 560 -10.73 -4.11 27.54
C GLU C 560 -11.81 -3.25 26.88
N LEU C 561 -12.93 -3.14 27.58
CA LEU C 561 -14.09 -2.37 27.14
C LEU C 561 -15.14 -2.45 28.22
N HIS C 562 -16.08 -1.50 28.19
CA HIS C 562 -17.26 -1.50 29.07
C HIS C 562 -16.85 -1.59 30.54
N ARG C 563 -15.85 -0.80 30.92
CA ARG C 563 -15.35 -0.85 32.29
C ARG C 563 -16.27 -0.16 33.28
N GLY C 564 -17.21 0.65 32.81
CA GLY C 564 -18.17 1.29 33.69
C GLY C 564 -19.31 0.42 34.13
N THR C 565 -19.37 -0.81 33.64
CA THR C 565 -20.43 -1.74 34.01
C THR C 565 -20.29 -2.26 35.44
N LEU C 566 -19.17 -2.02 36.10
CA LEU C 566 -18.99 -2.43 37.48
C LEU C 566 -19.62 -1.47 38.47
N THR C 567 -20.11 -0.32 38.01
CA THR C 567 -20.59 0.72 38.91
C THR C 567 -21.99 1.19 38.55
N SER C 568 -22.36 1.04 37.28
CA SER C 568 -23.66 1.52 36.82
C SER C 568 -24.78 0.74 37.48
N GLN C 569 -25.82 1.46 37.92
CA GLN C 569 -26.99 0.88 38.58
C GLN C 569 -26.58 0.07 39.80
N GLN C 570 -26.05 0.80 40.79
CA GLN C 570 -25.48 0.17 41.97
C GLN C 570 -26.46 -0.72 42.71
N ASP C 571 -27.77 -0.44 42.59
CA ASP C 571 -28.76 -1.27 43.26
C ASP C 571 -28.72 -2.71 42.78
N MET C 572 -28.37 -2.94 41.52
CA MET C 572 -28.29 -4.30 40.99
C MET C 572 -27.24 -5.11 41.72
N LYS C 573 -26.01 -4.58 41.81
CA LYS C 573 -24.94 -5.28 42.50
C LYS C 573 -25.24 -5.42 43.99
N ARG C 574 -25.77 -4.36 44.59
CA ARG C 574 -26.18 -4.40 45.99
C ARG C 574 -27.12 -5.56 46.24
N GLY C 575 -28.20 -5.64 45.46
CA GLY C 575 -29.19 -6.68 45.64
C GLY C 575 -28.65 -8.06 45.34
N CYS C 576 -27.80 -8.19 44.31
CA CYS C 576 -27.23 -9.49 43.99
C CYS C 576 -26.42 -10.04 45.16
N ARG C 577 -25.49 -9.23 45.68
CA ARG C 577 -24.66 -9.72 46.78
C ARG C 577 -25.48 -9.97 48.02
N GLN C 578 -26.45 -9.09 48.33
CA GLN C 578 -27.25 -9.27 49.53
C GLN C 578 -28.11 -10.53 49.43
N GLU C 579 -28.71 -10.78 48.27
CA GLU C 579 -29.57 -11.95 48.12
C GLU C 579 -28.76 -13.24 48.18
N GLU C 580 -27.54 -13.25 47.60
CA GLU C 580 -26.70 -14.42 47.76
C GLU C 580 -26.32 -14.65 49.22
N SER C 581 -25.92 -13.58 49.91
CA SER C 581 -25.49 -13.72 51.30
C SER C 581 -26.64 -14.16 52.19
N LEU C 582 -27.87 -13.81 51.84
CA LEU C 582 -29.01 -14.26 52.62
C LEU C 582 -29.45 -15.68 52.24
N LEU C 583 -29.32 -16.04 50.96
CA LEU C 583 -29.65 -17.39 50.53
C LEU C 583 -28.74 -18.42 51.18
N ARG C 584 -27.46 -18.09 51.32
CA ARG C 584 -26.54 -19.03 51.97
C ARG C 584 -27.02 -19.35 53.38
N THR C 585 -27.34 -18.31 54.15
CA THR C 585 -27.81 -18.50 55.53
C THR C 585 -29.12 -19.27 55.56
N VAL C 586 -30.05 -18.93 54.67
CA VAL C 586 -31.35 -19.60 54.67
C VAL C 586 -31.20 -21.08 54.36
N GLU C 587 -30.38 -21.42 53.37
CA GLU C 587 -30.19 -22.82 53.03
C GLU C 587 -29.49 -23.58 54.15
N TYR C 588 -28.50 -22.97 54.79
CA TYR C 588 -27.84 -23.63 55.92
C TYR C 588 -28.83 -23.88 57.06
N LEU C 589 -29.67 -22.88 57.37
CA LEU C 589 -30.64 -23.02 58.45
C LEU C 589 -31.67 -24.09 58.11
N GLY C 590 -32.10 -24.16 56.85
CA GLY C 590 -33.03 -25.21 56.46
C GLY C 590 -32.42 -26.59 56.57
N ALA C 591 -31.16 -26.74 56.15
CA ALA C 591 -30.47 -28.01 56.31
C ALA C 591 -30.36 -28.41 57.77
N ALA C 592 -30.02 -27.45 58.64
CA ALA C 592 -29.90 -27.75 60.06
C ALA C 592 -31.26 -28.09 60.67
N ALA C 593 -32.33 -27.44 60.22
CA ALA C 593 -33.64 -27.69 60.80
C ALA C 593 -34.21 -29.03 60.36
N VAL C 594 -33.97 -29.43 59.11
CA VAL C 594 -34.46 -30.72 58.64
C VAL C 594 -33.83 -31.85 59.44
N LEU C 595 -32.53 -31.76 59.71
CA LEU C 595 -31.83 -32.78 60.48
C LEU C 595 -32.21 -32.76 61.95
N SER C 596 -32.92 -31.74 62.42
CA SER C 596 -33.31 -31.64 63.82
C SER C 596 -34.78 -31.93 64.06
N ASP C 597 -35.62 -31.85 63.03
CA ASP C 597 -37.05 -32.07 63.19
C ASP C 597 -37.58 -32.91 62.03
N PRO C 598 -37.97 -34.16 62.26
CA PRO C 598 -38.58 -34.95 61.19
C PRO C 598 -39.91 -34.40 60.73
N GLU C 599 -40.57 -33.56 61.52
CA GLU C 599 -41.86 -33.00 61.17
C GLU C 599 -41.76 -31.67 60.43
N TYR C 600 -40.56 -31.17 60.19
CA TYR C 600 -40.37 -29.94 59.45
C TYR C 600 -40.29 -30.24 57.96
N VAL C 601 -40.93 -29.39 57.16
CA VAL C 601 -40.98 -29.55 55.71
C VAL C 601 -40.19 -28.41 55.07
N TYR C 602 -39.22 -28.77 54.24
CA TYR C 602 -38.36 -27.79 53.59
C TYR C 602 -39.12 -27.10 52.46
N PRO C 603 -39.18 -25.77 52.44
CA PRO C 603 -39.89 -25.08 51.35
C PRO C 603 -39.11 -25.10 50.06
N ARG C 604 -39.20 -26.21 49.31
CA ARG C 604 -38.37 -26.38 48.13
C ARG C 604 -38.86 -25.54 46.95
N GLU C 605 -40.17 -25.54 46.68
CA GLU C 605 -40.67 -24.89 45.48
C GLU C 605 -40.53 -23.38 45.53
N GLU C 606 -40.77 -22.77 46.69
CA GLU C 606 -40.66 -21.32 46.81
C GLU C 606 -39.19 -20.88 46.70
N LEU C 607 -38.28 -21.63 47.30
CA LEU C 607 -36.86 -21.33 47.15
C LEU C 607 -36.40 -21.53 45.70
N ASP C 608 -36.94 -22.53 45.00
CA ASP C 608 -36.63 -22.68 43.59
C ASP C 608 -37.10 -21.47 42.79
N ARG C 609 -38.30 -20.97 43.09
CA ARG C 609 -38.81 -19.79 42.40
C ARG C 609 -37.94 -18.57 42.66
N ILE C 610 -37.53 -18.38 43.92
CA ILE C 610 -36.67 -17.25 44.25
C ILE C 610 -35.33 -17.36 43.56
N TRP C 611 -34.75 -18.56 43.55
CA TRP C 611 -33.47 -18.78 42.86
C TRP C 611 -33.59 -18.47 41.39
N LYS C 612 -34.67 -18.91 40.74
CA LYS C 612 -34.83 -18.65 39.32
C LYS C 612 -35.00 -17.16 39.05
N THR C 613 -35.72 -16.45 39.92
CA THR C 613 -35.84 -15.00 39.75
C THR C 613 -34.47 -14.33 39.84
N LEU C 614 -33.66 -14.72 40.82
CA LEU C 614 -32.32 -14.14 40.95
C LEU C 614 -31.46 -14.45 39.73
N LEU C 615 -31.50 -15.69 39.25
CA LEU C 615 -30.71 -16.08 38.09
C LEU C 615 -31.12 -15.29 36.86
N LEU C 616 -32.43 -15.07 36.68
CA LEU C 616 -32.88 -14.21 35.58
C LEU C 616 -32.35 -12.80 35.73
N ASN C 617 -32.36 -12.28 36.97
CA ASN C 617 -31.82 -10.95 37.21
C ASN C 617 -30.32 -10.87 37.00
N GLN C 618 -29.61 -12.01 36.94
CA GLN C 618 -28.18 -12.01 36.67
C GLN C 618 -27.84 -12.03 35.18
N PHE C 619 -28.48 -11.38 34.27
CA PHE C 619 -28.26 -11.50 32.83
C PHE C 619 -27.25 -10.49 32.34
N HIS C 620 -26.61 -10.68 31.19
CA HIS C 620 -25.56 -9.84 30.61
C HIS C 620 -25.98 -8.44 30.29
N ASP C 621 -27.18 -8.02 30.53
CA ASP C 621 -27.51 -6.60 30.34
C ASP C 621 -28.29 -6.10 31.55
N ILE C 622 -28.69 -6.97 32.46
CA ILE C 622 -29.38 -6.45 33.63
C ILE C 622 -28.43 -6.23 34.79
N LEU C 623 -27.63 -7.25 35.12
CA LEU C 623 -26.66 -7.11 36.20
C LEU C 623 -25.63 -6.02 35.93
N PRO C 624 -25.04 -5.91 34.74
CA PRO C 624 -24.13 -4.78 34.50
C PRO C 624 -24.79 -3.43 34.66
N GLY C 625 -26.08 -3.32 34.36
CA GLY C 625 -26.79 -2.07 34.51
C GLY C 625 -26.80 -1.23 33.26
N SER C 626 -27.07 -1.87 32.11
CA SER C 626 -27.03 -1.21 30.83
C SER C 626 -28.33 -1.41 30.06
N ALA C 627 -29.46 -1.26 30.74
CA ALA C 627 -30.78 -1.40 30.15
C ALA C 627 -31.59 -0.14 30.42
N ILE C 628 -32.86 -0.17 30.02
CA ILE C 628 -33.76 0.98 30.18
C ILE C 628 -34.30 1.01 31.60
N ALA C 629 -34.93 2.13 31.97
CA ALA C 629 -35.43 2.30 33.34
C ALA C 629 -36.49 1.27 33.70
N TRP C 630 -37.28 0.83 32.73
CA TRP C 630 -38.32 -0.16 32.97
C TRP C 630 -37.73 -1.45 33.55
N VAL C 631 -36.68 -1.95 32.91
CA VAL C 631 -36.07 -3.21 33.31
C VAL C 631 -35.53 -3.11 34.73
N HIS C 632 -34.83 -2.03 35.04
CA HIS C 632 -34.21 -1.89 36.34
C HIS C 632 -35.23 -1.61 37.44
N ARG C 633 -36.32 -0.92 37.12
CA ARG C 633 -37.41 -0.77 38.09
C ARG C 633 -38.01 -2.12 38.44
N GLU C 634 -38.27 -2.96 37.43
CA GLU C 634 -38.78 -4.29 37.70
C GLU C 634 -37.80 -5.11 38.53
N ALA C 635 -36.52 -5.01 38.20
CA ALA C 635 -35.50 -5.77 38.93
C ALA C 635 -35.41 -5.32 40.39
N ARG C 636 -35.51 -4.00 40.62
CA ARG C 636 -35.48 -3.49 41.99
C ARG C 636 -36.66 -3.99 42.80
N GLU C 637 -37.85 -4.01 42.18
CA GLU C 637 -39.02 -4.55 42.88
C GLU C 637 -38.82 -6.02 43.22
N ASP C 638 -38.27 -6.80 42.26
CA ASP C 638 -38.00 -8.20 42.52
C ASP C 638 -37.03 -8.38 43.68
N TYR C 639 -35.96 -7.58 43.70
CA TYR C 639 -34.97 -7.69 44.76
C TYR C 639 -35.59 -7.39 46.12
N ARG C 640 -36.35 -6.31 46.22
CA ARG C 640 -36.97 -5.96 47.49
C ARG C 640 -37.89 -7.07 47.99
N ARG C 641 -38.77 -7.54 47.10
CA ARG C 641 -39.75 -8.56 47.48
C ARG C 641 -39.05 -9.84 47.95
N ASP C 642 -38.07 -10.32 47.16
CA ASP C 642 -37.43 -11.58 47.50
C ASP C 642 -36.56 -11.46 48.74
N LEU C 643 -35.93 -10.31 48.97
CA LEU C 643 -35.15 -10.13 50.19
C LEU C 643 -36.04 -10.16 51.42
N LYS C 644 -37.19 -9.48 51.36
CA LYS C 644 -38.11 -9.54 52.49
C LYS C 644 -38.60 -10.97 52.74
N ARG C 645 -38.95 -11.68 51.68
CA ARG C 645 -39.42 -13.05 51.84
C ARG C 645 -38.36 -13.95 52.43
N LEU C 646 -37.11 -13.81 51.98
CA LEU C 646 -36.02 -14.63 52.51
C LEU C 646 -35.77 -14.35 53.98
N ALA C 647 -35.85 -13.07 54.39
CA ALA C 647 -35.71 -12.76 55.81
C ALA C 647 -36.81 -13.43 56.63
N GLU C 648 -38.05 -13.40 56.13
CA GLU C 648 -39.14 -14.05 56.85
C GLU C 648 -38.92 -15.56 56.95
N ILE C 649 -38.48 -16.19 55.86
CA ILE C 649 -38.23 -17.63 55.88
C ILE C 649 -37.13 -17.96 56.88
N ALA C 650 -36.08 -17.14 56.92
CA ALA C 650 -35.00 -17.36 57.89
C ALA C 650 -35.51 -17.26 59.31
N GLN C 651 -36.41 -16.30 59.58
CA GLN C 651 -36.99 -16.19 60.91
C GLN C 651 -37.81 -17.43 61.27
N ASP C 652 -38.58 -17.95 60.31
CA ASP C 652 -39.33 -19.17 60.55
C ASP C 652 -38.41 -20.33 60.90
N MET C 653 -37.33 -20.48 60.14
CA MET C 653 -36.39 -21.57 60.40
C MET C 653 -35.73 -21.42 61.77
N CYS C 654 -35.37 -20.18 62.15
CA CYS C 654 -34.80 -19.95 63.46
C CYS C 654 -35.79 -20.29 64.57
N ALA C 655 -37.06 -19.97 64.37
CA ALA C 655 -38.07 -20.33 65.38
C ALA C 655 -38.16 -21.83 65.52
N VAL C 656 -38.15 -22.56 64.40
CA VAL C 656 -38.19 -24.02 64.46
C VAL C 656 -36.98 -24.57 65.22
N LEU C 657 -35.80 -24.03 64.91
CA LEU C 657 -34.58 -24.51 65.57
C LEU C 657 -34.61 -24.23 67.07
N ARG C 658 -35.10 -23.05 67.47
CA ARG C 658 -35.22 -22.75 68.88
C ARG C 658 -36.21 -23.69 69.57
N LYS C 659 -37.33 -23.98 68.91
CA LYS C 659 -38.30 -24.91 69.49
C LYS C 659 -37.70 -26.30 69.67
N ALA C 660 -36.84 -26.72 68.73
CA ALA C 660 -36.24 -28.05 68.79
C ALA C 660 -34.95 -28.10 69.62
N ASN C 661 -34.45 -26.96 70.08
CA ASN C 661 -33.21 -26.91 70.87
C ASN C 661 -33.43 -26.07 72.11
N PRO C 662 -34.10 -26.63 73.13
CA PRO C 662 -34.32 -25.86 74.37
C PRO C 662 -33.07 -25.68 75.22
N GLN C 663 -31.99 -26.39 74.92
CA GLN C 663 -30.79 -26.33 75.74
C GLN C 663 -29.86 -25.19 75.37
N ALA C 664 -29.92 -24.71 74.12
CA ALA C 664 -29.06 -23.62 73.71
C ALA C 664 -29.60 -22.29 74.20
N ASP C 665 -28.71 -21.31 74.25
CA ASP C 665 -29.05 -19.95 74.68
C ASP C 665 -29.32 -19.08 73.46
N LEU C 666 -30.37 -18.28 73.54
CA LEU C 666 -30.73 -17.40 72.43
C LEU C 666 -29.72 -16.26 72.28
N LEU C 667 -29.65 -15.72 71.08
CA LEU C 667 -28.80 -14.59 70.76
C LEU C 667 -29.68 -13.47 70.23
N ALA C 668 -29.66 -12.32 70.90
CA ALA C 668 -30.54 -11.22 70.49
C ALA C 668 -30.23 -10.76 69.07
N GLU C 669 -28.95 -10.60 68.75
CA GLU C 669 -28.52 -10.22 67.41
C GLU C 669 -27.28 -11.04 67.09
N ALA C 670 -27.29 -11.73 65.94
CA ALA C 670 -26.18 -12.60 65.61
C ALA C 670 -26.05 -12.72 64.10
N ARG C 671 -24.85 -13.10 63.67
CA ARG C 671 -24.54 -13.34 62.27
C ARG C 671 -23.84 -14.70 62.14
N ILE C 672 -24.12 -15.39 61.04
CA ILE C 672 -23.44 -16.63 60.68
C ILE C 672 -22.55 -16.32 59.49
N SER C 673 -21.25 -16.42 59.69
CA SER C 673 -20.26 -16.02 58.69
C SER C 673 -19.31 -17.18 58.41
N GLN C 674 -19.38 -17.73 57.20
CA GLN C 674 -18.48 -18.81 56.85
C GLN C 674 -17.03 -18.34 56.90
N PHE C 675 -16.16 -19.23 57.36
CA PHE C 675 -14.74 -18.93 57.59
C PHE C 675 -14.56 -17.72 58.51
N ARG C 676 -14.93 -17.92 59.76
CA ARG C 676 -14.49 -17.05 60.84
C ARG C 676 -13.23 -17.64 61.45
N ASN C 677 -12.29 -16.77 61.83
CA ASN C 677 -11.02 -17.22 62.36
C ASN C 677 -11.20 -17.97 63.67
N ASP C 678 -10.10 -18.55 64.15
CA ASP C 678 -10.02 -19.20 65.46
C ASP C 678 -10.93 -20.41 65.56
N GLY C 679 -11.12 -21.11 64.45
CA GLY C 679 -11.88 -22.36 64.47
C GLY C 679 -13.34 -22.21 64.87
N ALA C 680 -13.97 -21.12 64.47
CA ALA C 680 -15.36 -20.84 64.80
C ALA C 680 -16.12 -20.37 63.57
N SER C 681 -15.94 -21.10 62.46
CA SER C 681 -16.43 -20.64 61.16
C SER C 681 -17.94 -20.49 61.12
N TRP C 682 -18.68 -21.60 61.20
CA TRP C 682 -20.12 -21.54 60.98
C TRP C 682 -20.91 -21.31 62.26
N HIS C 683 -20.25 -20.88 63.32
CA HIS C 683 -20.95 -20.49 64.54
C HIS C 683 -21.62 -19.13 64.35
N ALA C 684 -22.77 -18.96 64.98
CA ALA C 684 -23.46 -17.68 65.00
C ALA C 684 -22.93 -16.84 66.16
N ASN C 685 -22.52 -15.61 65.86
CA ASN C 685 -21.87 -14.77 66.85
C ASN C 685 -22.50 -13.39 66.89
N ARG C 686 -22.43 -12.76 68.06
CA ARG C 686 -23.08 -11.48 68.30
C ARG C 686 -22.46 -10.38 67.44
N ILE C 687 -23.25 -9.34 67.21
CA ILE C 687 -22.71 -8.14 66.58
C ILE C 687 -21.75 -7.43 67.52
N ASN C 688 -22.04 -7.46 68.81
CA ASN C 688 -21.21 -6.82 69.84
C ASN C 688 -20.94 -7.84 70.94
N GLU C 689 -19.68 -8.27 71.06
CA GLU C 689 -19.32 -9.31 72.01
C GLU C 689 -18.28 -8.80 73.00
N PRO C 690 -18.34 -9.27 74.25
CA PRO C 690 -17.42 -8.76 75.28
C PRO C 690 -15.97 -9.03 74.94
N THR C 691 -15.12 -8.04 75.24
CA THR C 691 -13.70 -8.10 74.94
C THR C 691 -12.89 -7.65 76.15
N ASP C 692 -11.65 -8.13 76.21
CA ASP C 692 -10.74 -7.71 77.27
C ASP C 692 -10.26 -6.28 77.05
N ALA C 693 -10.30 -5.79 75.82
CA ALA C 693 -9.81 -4.46 75.51
C ALA C 693 -10.67 -3.39 76.17
N LEU C 694 -10.02 -2.29 76.55
CA LEU C 694 -10.71 -1.18 77.20
C LEU C 694 -11.38 -0.29 76.15
N SER C 695 -12.09 0.72 76.63
CA SER C 695 -12.77 1.64 75.73
C SER C 695 -11.76 2.43 74.91
N VAL C 696 -12.18 2.83 73.72
CA VAL C 696 -11.31 3.55 72.81
C VAL C 696 -11.24 5.01 73.22
N LEU C 697 -10.02 5.50 73.45
CA LEU C 697 -9.82 6.87 73.87
C LEU C 697 -10.02 7.82 72.69
N THR C 698 -10.58 8.99 72.98
CA THR C 698 -10.74 10.05 72.00
C THR C 698 -10.16 11.34 72.55
N GLN C 699 -9.75 12.23 71.64
CA GLN C 699 -9.12 13.48 72.04
C GLN C 699 -9.24 14.48 70.91
N THR C 700 -9.47 15.74 71.27
CA THR C 700 -9.52 16.83 70.30
C THR C 700 -8.22 17.62 70.38
N LEU C 701 -7.59 17.80 69.22
CA LEU C 701 -6.27 18.44 69.16
C LEU C 701 -6.44 19.95 69.01
N ASP C 702 -5.34 20.63 68.69
CA ASP C 702 -5.32 22.09 68.75
C ASP C 702 -6.28 22.72 67.76
N ASN C 703 -6.35 22.20 66.54
CA ASN C 703 -7.08 22.89 65.48
C ASN C 703 -8.23 22.05 64.94
N GLY C 704 -9.00 21.43 65.83
CA GLY C 704 -10.15 20.65 65.42
C GLY C 704 -9.87 19.22 65.03
N ARG C 705 -8.62 18.77 65.13
CA ARG C 705 -8.28 17.40 64.77
C ARG C 705 -8.71 16.44 65.86
N VAL C 706 -8.97 15.19 65.47
CA VAL C 706 -9.41 14.15 66.39
C VAL C 706 -8.38 13.03 66.40
N LEU C 707 -8.11 12.48 67.57
CA LEU C 707 -7.10 11.44 67.74
C LEU C 707 -7.77 10.22 68.38
N LEU C 708 -8.06 9.22 67.57
CA LEU C 708 -8.60 7.96 68.05
C LEU C 708 -7.46 6.99 68.34
N ALA C 709 -7.57 6.23 69.42
CA ALA C 709 -6.49 5.34 69.80
C ALA C 709 -7.03 4.19 70.63
N ASN C 710 -7.13 3.01 70.03
CA ASN C 710 -7.31 1.78 70.79
C ASN C 710 -5.92 1.19 71.07
N GLY C 711 -5.89 -0.06 71.51
CA GLY C 711 -4.61 -0.68 71.82
C GLY C 711 -3.69 -0.84 70.63
N VAL C 712 -4.25 -1.09 69.45
CA VAL C 712 -3.44 -1.51 68.31
C VAL C 712 -3.40 -0.48 67.19
N LEU C 713 -4.27 0.53 67.17
CA LEU C 713 -4.28 1.50 66.09
C LEU C 713 -4.27 2.91 66.64
N SER C 714 -3.71 3.84 65.85
CA SER C 714 -3.71 5.25 66.20
C SER C 714 -4.12 6.05 64.97
N VAL C 715 -5.32 6.61 64.98
CA VAL C 715 -5.90 7.30 63.84
C VAL C 715 -5.94 8.79 64.13
N THR C 716 -5.53 9.59 63.15
CA THR C 716 -5.60 11.04 63.21
C THR C 716 -6.54 11.53 62.12
N ILE C 717 -7.56 12.29 62.50
CA ILE C 717 -8.55 12.80 61.57
C ILE C 717 -8.43 14.32 61.55
N GLU C 718 -8.20 14.87 60.35
CA GLU C 718 -8.02 16.29 60.17
C GLU C 718 -9.37 17.01 60.17
N ALA C 719 -9.30 18.34 60.15
CA ALA C 719 -10.51 19.16 60.20
C ALA C 719 -11.39 18.99 58.98
N ASP C 720 -10.88 18.39 57.90
CA ASP C 720 -11.64 18.16 56.70
C ASP C 720 -12.29 16.78 56.68
N GLY C 721 -12.16 16.01 57.76
CA GLY C 721 -12.74 14.68 57.81
C GLY C 721 -11.95 13.62 57.09
N THR C 722 -10.64 13.80 56.96
CA THR C 722 -9.79 12.87 56.24
C THR C 722 -8.72 12.31 57.16
N ILE C 723 -8.44 11.02 57.01
CA ILE C 723 -7.40 10.37 57.82
C ILE C 723 -6.04 10.79 57.30
N SER C 724 -5.25 11.43 58.16
CA SER C 724 -3.90 11.85 57.79
C SER C 724 -2.82 10.94 58.35
N SER C 725 -3.13 10.15 59.36
CA SER C 725 -2.14 9.27 59.97
C SER C 725 -2.85 8.04 60.53
N LEU C 726 -2.53 6.87 59.99
CA LEU C 726 -3.03 5.59 60.50
C LEU C 726 -1.79 4.80 60.93
N LEU C 727 -1.49 4.84 62.21
CA LEU C 727 -0.28 4.21 62.74
C LEU C 727 -0.61 2.88 63.39
N ASP C 728 0.18 1.87 63.05
CA ASP C 728 0.05 0.53 63.58
C ASP C 728 1.08 0.33 64.68
N GLU C 729 0.62 0.02 65.89
CA GLU C 729 1.53 -0.32 66.97
C GLU C 729 2.06 -1.73 66.75
N GLU C 730 3.04 -2.12 67.59
CA GLU C 730 3.68 -3.43 67.60
C GLU C 730 4.27 -3.79 66.23
N HIS C 731 4.22 -2.85 65.29
CA HIS C 731 4.95 -2.94 64.03
C HIS C 731 5.62 -1.65 63.61
N GLY C 732 5.17 -0.50 64.09
CA GLY C 732 5.78 0.77 63.75
C GLY C 732 5.47 1.29 62.37
N ARG C 733 4.49 0.70 61.68
CA ARG C 733 4.21 1.07 60.30
C ARG C 733 3.24 2.24 60.24
N GLU C 734 3.53 3.19 59.36
CA GLU C 734 2.62 4.28 59.04
C GLU C 734 1.89 3.89 57.76
N LEU C 735 0.58 3.68 57.86
CA LEU C 735 -0.20 3.13 56.75
C LEU C 735 -0.70 4.20 55.79
N VAL C 736 -0.45 5.48 56.06
CA VAL C 736 -0.87 6.56 55.18
C VAL C 736 0.38 7.34 54.80
N PRO C 737 0.76 7.38 53.51
CA PRO C 737 1.95 8.14 53.13
C PRO C 737 1.79 9.62 53.43
N ALA C 738 2.90 10.26 53.79
CA ALA C 738 2.87 11.69 54.04
C ALA C 738 2.50 12.45 52.78
N GLY C 739 1.64 13.45 52.93
CA GLY C 739 1.17 14.23 51.81
C GLY C 739 -0.07 13.69 51.12
N THR C 740 -0.66 12.62 51.64
CA THR C 740 -1.88 12.05 51.09
C THR C 740 -2.94 11.95 52.17
N ARG C 741 -4.20 12.01 51.75
CA ARG C 741 -5.34 11.94 52.65
C ARG C 741 -6.14 10.67 52.35
N LEU C 742 -6.42 9.90 53.40
CA LEU C 742 -7.21 8.68 53.28
C LEU C 742 -8.67 8.98 53.59
N GLY C 743 -9.56 8.50 52.73
CA GLY C 743 -10.96 8.80 52.87
C GLY C 743 -11.44 10.02 52.15
N GLN C 744 -10.71 10.49 51.14
CA GLN C 744 -11.07 11.69 50.41
C GLN C 744 -11.85 11.34 49.15
N TYR C 745 -12.91 12.09 48.89
CA TYR C 745 -13.79 11.82 47.76
C TYR C 745 -13.34 12.60 46.53
N GLU C 746 -13.48 11.97 45.37
CA GLU C 746 -13.08 12.53 44.10
C GLU C 746 -14.25 12.46 43.13
N LEU C 747 -14.43 13.53 42.35
CA LEU C 747 -15.46 13.60 41.32
C LEU C 747 -14.78 13.72 39.96
N LEU C 748 -15.13 12.82 39.06
CA LEU C 748 -14.60 12.78 37.70
C LEU C 748 -15.68 13.19 36.71
N ARG C 749 -15.24 13.73 35.58
CA ARG C 749 -16.13 14.10 34.48
C ARG C 749 -16.25 12.91 33.54
N ASP C 750 -17.39 12.23 33.58
CA ASP C 750 -17.61 11.04 32.76
C ASP C 750 -18.61 11.40 31.67
N GLU C 751 -18.09 11.82 30.50
CA GLU C 751 -18.89 12.11 29.32
C GLU C 751 -18.30 11.32 28.16
N PRO C 752 -18.56 10.03 28.08
CA PRO C 752 -17.96 9.21 27.04
C PRO C 752 -18.56 9.50 25.67
N ALA C 753 -17.78 9.17 24.64
CA ALA C 753 -18.22 9.34 23.26
C ALA C 753 -19.19 8.26 22.82
N VAL C 754 -19.03 7.04 23.32
CA VAL C 754 -19.87 5.91 22.93
C VAL C 754 -20.26 5.14 24.18
N TRP C 755 -21.42 4.49 24.12
CA TRP C 755 -21.88 3.58 25.17
C TRP C 755 -21.82 4.24 26.55
N ASP C 756 -22.68 5.25 26.72
CA ASP C 756 -22.61 6.12 27.89
C ASP C 756 -22.66 5.32 29.20
N ALA C 757 -23.66 4.45 29.34
CA ALA C 757 -23.79 3.68 30.57
C ALA C 757 -22.68 2.66 30.70
N TRP C 758 -22.22 2.10 29.59
CA TRP C 758 -21.24 1.02 29.63
C TRP C 758 -19.86 1.50 30.02
N GLU C 759 -19.48 2.71 29.63
CA GLU C 759 -18.09 3.09 29.54
C GLU C 759 -17.67 4.10 30.61
N ILE C 760 -16.49 3.87 31.16
CA ILE C 760 -15.66 4.89 31.78
C ILE C 760 -14.37 4.95 30.97
N GLU C 761 -13.88 6.15 30.71
CA GLU C 761 -12.79 6.33 29.76
C GLU C 761 -11.54 6.89 30.44
N ARG C 762 -10.43 6.83 29.70
CA ARG C 762 -9.15 7.28 30.24
C ARG C 762 -9.18 8.76 30.59
N GLU C 763 -9.80 9.57 29.74
CA GLU C 763 -9.82 11.02 29.96
C GLU C 763 -10.65 11.41 31.16
N SER C 764 -11.59 10.56 31.61
CA SER C 764 -12.31 10.84 32.84
C SER C 764 -11.34 10.91 34.02
N LEU C 765 -10.42 9.97 34.10
CA LEU C 765 -9.28 10.12 34.97
C LEU C 765 -8.43 11.29 34.49
N LEU C 766 -7.72 11.92 35.43
CA LEU C 766 -6.94 13.15 35.27
C LEU C 766 -7.85 14.38 35.27
N MET C 767 -9.16 14.21 35.40
CA MET C 767 -10.07 15.34 35.57
C MET C 767 -10.76 15.23 36.91
N ALA C 768 -10.00 14.93 37.96
CA ALA C 768 -10.54 14.70 39.29
C ALA C 768 -10.67 16.02 40.05
N ASN C 769 -11.74 16.12 40.84
CA ASN C 769 -11.97 17.27 41.71
C ASN C 769 -12.27 16.75 43.10
N ALA C 770 -11.38 17.04 44.05
CA ALA C 770 -11.57 16.62 45.43
C ALA C 770 -12.72 17.40 46.06
N VAL C 771 -13.51 16.71 46.88
CA VAL C 771 -14.67 17.30 47.55
C VAL C 771 -14.36 17.36 49.04
N THR C 772 -14.58 18.54 49.63
CA THR C 772 -14.14 18.82 50.98
C THR C 772 -15.31 18.82 51.97
N GLY C 773 -15.06 18.31 53.17
CA GLY C 773 -16.07 18.26 54.20
C GLY C 773 -15.61 18.80 55.54
N SER C 774 -16.30 18.44 56.62
CA SER C 774 -15.94 18.92 57.95
C SER C 774 -16.48 17.97 59.00
N ILE C 775 -15.89 18.04 60.20
CA ILE C 775 -16.31 17.20 61.31
C ILE C 775 -17.43 17.88 62.08
N GLU C 776 -18.46 17.10 62.43
CA GLU C 776 -19.60 17.59 63.20
C GLU C 776 -19.73 16.98 64.59
N SER C 777 -19.44 15.70 64.77
CA SER C 777 -19.64 15.13 66.09
C SER C 777 -18.71 13.94 66.32
N VAL C 778 -18.42 13.70 67.59
CA VAL C 778 -17.65 12.56 68.06
C VAL C 778 -18.45 11.89 69.17
N ASN C 779 -18.54 10.56 69.13
CA ASN C 779 -19.37 9.82 70.05
C ASN C 779 -18.66 8.54 70.47
N THR C 780 -19.18 7.94 71.54
CA THR C 780 -18.69 6.66 72.06
C THR C 780 -19.90 5.88 72.55
N GLU C 781 -20.43 4.99 71.70
CA GLU C 781 -21.67 4.30 72.03
C GLU C 781 -21.41 3.08 72.91
N ASN C 782 -20.65 2.10 72.41
CA ASN C 782 -20.37 0.87 73.13
C ASN C 782 -18.88 0.71 73.35
N GLY C 783 -18.21 1.80 73.73
CA GLY C 783 -16.77 1.79 73.83
C GLY C 783 -16.05 1.99 72.51
N ALA C 784 -16.79 2.24 71.43
CA ALA C 784 -16.22 2.41 70.10
C ALA C 784 -16.25 3.89 69.73
N ALA C 785 -15.10 4.41 69.28
CA ALA C 785 -15.01 5.79 68.87
C ALA C 785 -15.68 5.97 67.51
N GLN C 786 -16.53 6.98 67.39
CA GLN C 786 -17.34 7.19 66.20
C GLN C 786 -17.29 8.66 65.81
N VAL C 787 -16.94 8.93 64.56
CA VAL C 787 -16.75 10.28 64.07
C VAL C 787 -17.69 10.51 62.89
N HIS C 788 -18.40 11.64 62.91
CA HIS C 788 -19.39 11.98 61.90
C HIS C 788 -18.87 13.10 61.02
N VAL C 789 -18.94 12.92 59.71
CA VAL C 789 -18.42 13.87 58.73
C VAL C 789 -19.49 14.17 57.71
N HIS C 790 -19.61 15.43 57.32
CA HIS C 790 -20.53 15.84 56.27
C HIS C 790 -19.75 16.45 55.12
N THR C 791 -20.04 16.00 53.90
CA THR C 791 -19.41 16.51 52.69
C THR C 791 -20.49 16.93 51.71
N ALA C 792 -20.30 18.06 51.05
CA ALA C 792 -21.36 18.62 50.22
C ALA C 792 -20.82 19.10 48.89
N ASP C 793 -21.70 19.15 47.91
CA ASP C 793 -21.42 19.70 46.59
C ASP C 793 -22.52 20.64 46.12
N GLY C 794 -23.74 20.50 46.63
CA GLY C 794 -24.90 21.21 46.13
C GLY C 794 -25.90 20.22 45.55
N ASP C 795 -26.92 19.90 46.35
CA ASP C 795 -27.90 18.84 46.13
C ASP C 795 -27.29 17.46 46.27
N THR C 796 -25.98 17.34 46.48
CA THR C 796 -25.30 16.07 46.66
C THR C 796 -24.63 16.07 48.03
N VAL C 797 -25.19 15.33 48.97
CA VAL C 797 -24.73 15.32 50.35
C VAL C 797 -24.27 13.91 50.71
N ILE C 798 -23.08 13.82 51.30
CA ILE C 798 -22.53 12.56 51.78
C ILE C 798 -22.31 12.68 53.28
N THR C 799 -22.86 11.73 54.03
CA THR C 799 -22.62 11.65 55.47
C THR C 799 -21.82 10.39 55.75
N THR C 800 -20.66 10.55 56.38
CA THR C 800 -19.73 9.46 56.60
C THR C 800 -19.53 9.24 58.09
N THR C 801 -19.53 7.98 58.49
CA THR C 801 -19.27 7.56 59.86
C THR C 801 -17.98 6.75 59.88
N ILE C 802 -17.02 7.19 60.67
CA ILE C 802 -15.74 6.50 60.83
C ILE C 802 -15.72 5.88 62.22
N THR C 803 -15.49 4.56 62.28
CA THR C 803 -15.63 3.81 63.51
C THR C 803 -14.34 3.07 63.82
N LEU C 804 -13.93 3.15 65.09
CA LEU C 804 -12.83 2.35 65.64
C LEU C 804 -13.35 1.60 66.85
N ARG C 805 -13.09 0.30 66.90
CA ARG C 805 -13.60 -0.59 67.93
C ARG C 805 -12.46 -1.09 68.82
N PRO C 806 -12.75 -1.48 70.06
CA PRO C 806 -11.69 -1.90 70.98
C PRO C 806 -11.06 -3.22 70.56
N GLY C 807 -9.73 -3.22 70.45
CA GLY C 807 -8.98 -4.41 70.15
C GLY C 807 -8.97 -4.83 68.70
N SER C 808 -9.63 -4.08 67.82
CA SER C 808 -9.75 -4.46 66.42
C SER C 808 -8.61 -3.88 65.59
N HIS C 809 -8.12 -4.69 64.65
CA HIS C 809 -7.11 -4.25 63.69
C HIS C 809 -7.70 -3.50 62.52
N THR C 810 -9.01 -3.28 62.50
CA THR C 810 -9.71 -2.71 61.36
C THR C 810 -10.30 -1.34 61.70
N LEU C 811 -10.44 -0.52 60.66
CA LEU C 811 -11.08 0.79 60.75
C LEU C 811 -12.23 0.82 59.76
N ASP C 812 -13.42 1.20 60.22
CA ASP C 812 -14.63 1.04 59.43
C ASP C 812 -15.18 2.38 58.94
N PHE C 813 -15.73 2.37 57.73
CA PHE C 813 -16.36 3.53 57.12
C PHE C 813 -17.75 3.15 56.64
N HIS C 814 -18.74 3.96 57.00
CA HIS C 814 -20.09 3.86 56.49
C HIS C 814 -20.46 5.18 55.82
N ALA C 815 -21.23 5.11 54.73
CA ALA C 815 -21.55 6.32 53.98
C ALA C 815 -23.00 6.29 53.52
N ASP C 816 -23.68 7.41 53.69
CA ASP C 816 -25.01 7.63 53.16
C ASP C 816 -24.93 8.80 52.17
N ILE C 817 -25.28 8.54 50.92
CA ILE C 817 -25.08 9.49 49.84
C ILE C 817 -26.41 9.82 49.20
N ASP C 818 -26.62 11.10 48.89
CA ASP C 818 -27.76 11.58 48.13
C ASP C 818 -27.25 12.00 46.76
N TRP C 819 -27.31 11.09 45.80
CA TRP C 819 -26.77 11.32 44.47
C TRP C 819 -27.77 12.11 43.64
N HIS C 820 -27.37 13.34 43.26
CA HIS C 820 -28.16 14.22 42.41
C HIS C 820 -27.29 14.85 41.33
N GLU C 821 -26.29 14.13 40.86
CA GLU C 821 -25.36 14.64 39.86
C GLU C 821 -25.81 14.28 38.46
N ARG C 822 -25.03 14.73 37.47
CA ARG C 822 -25.31 14.41 36.07
C ARG C 822 -23.99 14.33 35.33
N GLU C 823 -23.69 13.16 34.78
CA GLU C 823 -22.45 12.91 34.04
C GLU C 823 -21.22 13.17 34.92
N ARG C 824 -21.28 12.66 36.15
CA ARG C 824 -20.15 12.72 37.07
C ARG C 824 -19.95 11.33 37.66
N PHE C 825 -18.72 11.06 38.11
CA PHE C 825 -18.36 9.76 38.63
C PHE C 825 -17.71 9.95 39.99
N LEU C 826 -18.03 9.09 40.95
CA LEU C 826 -17.62 9.29 42.34
C LEU C 826 -16.66 8.18 42.77
N LYS C 827 -15.53 8.57 43.36
CA LYS C 827 -14.57 7.63 43.90
C LYS C 827 -14.12 8.09 45.29
N VAL C 828 -13.51 7.16 46.02
CA VAL C 828 -12.91 7.46 47.31
C VAL C 828 -11.48 6.93 47.31
N ASP C 829 -10.54 7.74 47.81
CA ASP C 829 -9.13 7.43 47.75
C ASP C 829 -8.68 6.75 49.04
N LEU C 830 -7.84 5.72 48.89
CA LEU C 830 -7.32 4.95 50.03
C LEU C 830 -5.83 4.73 49.86
N PRO C 831 -5.01 5.76 50.09
CA PRO C 831 -3.56 5.57 50.07
C PRO C 831 -3.13 4.58 51.14
N LEU C 832 -2.13 3.76 50.82
CA LEU C 832 -1.76 2.65 51.68
C LEU C 832 -0.30 2.64 52.13
N GLY C 833 0.60 3.27 51.39
CA GLY C 833 1.98 3.33 51.83
C GLY C 833 2.73 2.02 51.77
N ILE C 834 2.41 1.16 50.82
CA ILE C 834 3.12 -0.08 50.58
C ILE C 834 3.51 -0.12 49.11
N VAL C 835 4.79 -0.36 48.84
CA VAL C 835 5.30 -0.42 47.48
C VAL C 835 5.17 -1.86 46.99
N ALA C 836 4.22 -2.09 46.09
CA ALA C 836 3.96 -3.40 45.55
C ALA C 836 3.82 -3.31 44.03
N ASP C 837 4.25 -4.36 43.35
CA ASP C 837 4.15 -4.40 41.90
C ASP C 837 2.80 -4.92 41.42
N GLN C 838 2.19 -5.84 42.16
CA GLN C 838 0.90 -6.40 41.80
C GLN C 838 -0.01 -6.37 43.00
N ALA C 839 -1.32 -6.43 42.74
CA ALA C 839 -2.34 -6.47 43.77
C ALA C 839 -3.13 -7.76 43.65
N THR C 840 -3.51 -8.31 44.80
CA THR C 840 -4.28 -9.54 44.87
C THR C 840 -5.73 -9.22 45.16
N TYR C 841 -6.61 -9.51 44.22
CA TYR C 841 -8.04 -9.36 44.39
C TYR C 841 -8.68 -10.72 44.61
N ASP C 842 -9.88 -10.70 45.17
CA ASP C 842 -10.61 -11.93 45.44
C ASP C 842 -11.37 -12.36 44.19
N CYS C 843 -11.17 -13.61 43.79
CA CYS C 843 -11.89 -14.18 42.66
C CYS C 843 -13.14 -14.87 43.17
N GLN C 844 -13.84 -15.60 42.30
CA GLN C 844 -15.03 -16.31 42.75
C GLN C 844 -14.67 -17.45 43.69
N TYR C 845 -13.71 -18.27 43.32
CA TYR C 845 -13.31 -19.42 44.11
C TYR C 845 -11.82 -19.43 44.36
N GLY C 846 -11.24 -18.25 44.55
CA GLY C 846 -9.82 -18.15 44.81
C GLY C 846 -9.32 -16.73 44.82
N LEU C 847 -8.16 -16.50 44.21
CA LEU C 847 -7.57 -15.17 44.15
C LEU C 847 -7.07 -14.93 42.73
N ILE C 848 -7.02 -13.65 42.36
CA ILE C 848 -6.48 -13.22 41.07
C ILE C 848 -5.48 -12.12 41.36
N ARG C 849 -4.52 -11.96 40.46
CA ARG C 849 -3.50 -10.92 40.61
C ARG C 849 -3.48 -10.02 39.39
N ARG C 850 -3.43 -8.71 39.63
CA ARG C 850 -3.41 -7.74 38.56
C ARG C 850 -2.31 -6.73 38.80
N PRO C 851 -1.70 -6.21 37.74
CA PRO C 851 -0.54 -5.32 37.91
C PRO C 851 -0.95 -3.97 38.47
N ILE C 852 -0.12 -3.46 39.38
CA ILE C 852 -0.23 -2.08 39.83
C ILE C 852 0.63 -1.15 38.99
N VAL C 853 1.85 -1.57 38.70
CA VAL C 853 2.75 -0.84 37.82
C VAL C 853 2.42 -1.22 36.38
N LYS C 854 2.13 -0.22 35.56
CA LYS C 854 1.67 -0.43 34.19
C LYS C 854 2.75 0.06 33.22
N ASN C 855 3.62 -0.84 32.82
CA ASN C 855 4.75 -0.48 31.97
C ASN C 855 4.35 -0.38 30.50
N THR C 856 3.56 -1.33 30.01
CA THR C 856 3.20 -1.39 28.61
C THR C 856 1.76 -0.94 28.40
N ALA C 857 1.37 -0.85 27.13
CA ALA C 857 0.02 -0.40 26.79
C ALA C 857 -1.02 -1.44 27.16
N SER C 858 -0.66 -2.72 27.13
CA SER C 858 -1.60 -3.76 27.56
C SER C 858 -1.93 -3.63 29.05
N ASP C 859 -0.92 -3.30 29.86
CA ASP C 859 -1.16 -3.12 31.29
C ASP C 859 -2.09 -1.94 31.54
N GLU C 860 -1.89 -0.84 30.82
CA GLU C 860 -2.71 0.34 31.03
C GLU C 860 -4.16 0.11 30.64
N ALA C 861 -4.44 -0.91 29.83
CA ALA C 861 -5.82 -1.21 29.48
C ALA C 861 -6.60 -1.77 30.66
N LYS C 862 -5.92 -2.37 31.62
CA LYS C 862 -6.56 -2.89 32.83
C LYS C 862 -6.55 -1.86 33.95
N TYR C 863 -7.02 -0.66 33.67
CA TYR C 863 -6.97 0.44 34.63
C TYR C 863 -8.22 0.51 35.51
N GLU C 864 -9.19 -0.37 35.30
CA GLU C 864 -10.39 -0.40 36.14
C GLU C 864 -10.87 -1.84 36.17
N SER C 865 -10.52 -2.56 37.23
CA SER C 865 -10.83 -3.97 37.35
C SER C 865 -11.89 -4.19 38.42
N SER C 866 -12.21 -5.44 38.67
CA SER C 866 -13.24 -5.84 39.60
C SER C 866 -12.64 -6.44 40.86
N THR C 867 -13.22 -6.08 42.00
CA THR C 867 -12.85 -6.66 43.29
C THR C 867 -14.08 -7.29 43.92
N ASN C 868 -13.94 -8.51 44.41
CA ASN C 868 -15.06 -9.25 44.97
C ASN C 868 -14.84 -9.41 46.47
N ARG C 869 -15.40 -8.46 47.23
CA ARG C 869 -15.47 -8.41 48.68
C ARG C 869 -14.17 -8.01 49.36
N PHE C 870 -13.03 -7.97 48.66
CA PHE C 870 -11.81 -7.47 49.28
C PHE C 870 -10.67 -7.44 48.28
N ALA C 871 -9.62 -6.71 48.66
CA ALA C 871 -8.35 -6.67 47.94
C ALA C 871 -7.22 -6.59 48.95
N ILE C 872 -6.07 -7.14 48.58
CA ILE C 872 -4.89 -7.19 49.44
C ILE C 872 -3.72 -6.56 48.70
N ILE C 873 -2.96 -5.72 49.39
CA ILE C 873 -1.73 -5.14 48.86
C ILE C 873 -0.64 -5.33 49.89
N GLY C 874 0.43 -6.00 49.52
CA GLY C 874 1.46 -6.34 50.49
C GLY C 874 2.84 -6.40 49.88
N ASP C 875 3.83 -6.02 50.66
CA ASP C 875 5.24 -6.19 50.32
C ASP C 875 5.71 -7.54 50.88
N ALA C 876 7.03 -7.74 50.94
CA ALA C 876 7.57 -9.02 51.39
C ALA C 876 7.11 -9.36 52.81
N GLY C 877 7.08 -8.37 53.70
CA GLY C 877 6.81 -8.67 55.10
C GLY C 877 5.65 -7.95 55.75
N TYR C 878 4.81 -7.29 54.97
CA TYR C 878 3.68 -6.56 55.54
C TYR C 878 2.63 -6.35 54.47
N ALA C 879 1.36 -6.51 54.85
CA ALA C 879 0.26 -6.37 53.91
C ALA C 879 -0.90 -5.67 54.58
N ALA C 880 -1.71 -4.99 53.77
CA ALA C 880 -2.93 -4.34 54.22
C ALA C 880 -4.05 -4.65 53.25
N ALA C 881 -5.27 -4.75 53.78
CA ALA C 881 -6.41 -5.16 52.97
C ALA C 881 -7.51 -4.12 53.02
N VAL C 882 -8.27 -4.03 51.93
CA VAL C 882 -9.44 -3.19 51.84
C VAL C 882 -10.65 -4.09 51.63
N ILE C 883 -11.63 -3.97 52.53
CA ILE C 883 -12.84 -4.78 52.53
C ILE C 883 -13.98 -3.87 52.07
N ASN C 884 -14.89 -4.40 51.27
CA ASN C 884 -16.04 -3.61 50.83
C ASN C 884 -17.32 -4.40 51.01
N GLY C 885 -18.42 -3.68 51.18
CA GLY C 885 -19.72 -4.28 51.39
C GLY C 885 -20.43 -4.68 50.11
N SER C 886 -20.65 -3.74 49.20
CA SER C 886 -21.30 -4.05 47.93
C SER C 886 -20.67 -3.29 46.76
N VAL C 887 -19.38 -3.01 46.83
CA VAL C 887 -18.66 -2.31 45.78
C VAL C 887 -17.97 -3.33 44.89
N TYR C 888 -17.85 -3.02 43.60
CA TYR C 888 -17.24 -3.98 42.69
C TYR C 888 -16.08 -3.41 41.88
N GLY C 889 -16.14 -2.14 41.49
CA GLY C 889 -15.10 -1.54 40.67
C GLY C 889 -14.06 -0.82 41.51
N SER C 890 -12.81 -0.88 41.06
CA SER C 890 -11.70 -0.26 41.77
C SER C 890 -10.51 -0.11 40.83
N ASP C 891 -9.54 0.69 41.26
CA ASP C 891 -8.29 0.83 40.51
C ASP C 891 -7.14 1.06 41.47
N ALA C 892 -5.93 0.74 41.00
CA ALA C 892 -4.72 0.88 41.79
C ALA C 892 -3.63 1.51 40.94
N SER C 893 -2.86 2.41 41.54
CA SER C 893 -1.80 3.13 40.87
C SER C 893 -0.63 3.30 41.82
N PRO C 894 0.56 3.57 41.32
CA PRO C 894 1.70 3.85 42.20
C PRO C 894 1.78 5.31 42.62
N ILE C 895 2.27 5.52 43.84
CA ILE C 895 2.55 6.84 44.38
C ILE C 895 4.07 6.92 44.55
N ALA C 896 4.70 7.78 43.75
CA ALA C 896 6.14 7.95 43.78
C ALA C 896 6.51 9.08 44.72
N GLY C 897 7.45 8.81 45.63
CA GLY C 897 7.80 9.74 46.67
C GLY C 897 8.86 10.75 46.25
N ASN C 898 9.14 11.67 47.18
CA ASN C 898 10.13 12.71 46.97
C ASN C 898 10.66 13.12 48.34
N ALA C 899 11.86 12.65 48.68
CA ALA C 899 12.42 12.93 50.00
C ALA C 899 12.69 14.41 50.22
N ALA C 900 12.67 15.21 49.16
CA ALA C 900 12.82 16.66 49.27
C ALA C 900 11.50 17.36 49.59
N GLU C 901 10.41 16.62 49.76
CA GLU C 901 9.13 17.19 50.14
C GLU C 901 8.55 16.49 51.35
N GLY C 902 8.84 15.20 51.49
CA GLY C 902 8.32 14.40 52.59
C GLY C 902 7.35 13.31 52.19
N ARG C 903 6.86 13.31 50.95
CA ARG C 903 5.98 12.25 50.49
C ARG C 903 6.80 10.98 50.31
N ASP C 904 6.36 9.90 50.97
CA ASP C 904 7.24 8.74 51.09
C ASP C 904 7.19 7.83 49.87
N SER C 905 6.07 7.11 49.68
CA SER C 905 5.84 6.20 48.57
C SER C 905 4.50 5.50 48.80
N GLY C 906 4.04 4.70 47.86
CA GLY C 906 2.99 3.76 48.21
C GLY C 906 2.11 3.43 47.03
N THR C 907 0.89 2.99 47.36
CA THR C 907 -0.11 2.59 46.37
C THR C 907 -1.38 3.39 46.61
N MET C 908 -1.88 4.04 45.55
CA MET C 908 -3.16 4.70 45.58
C MET C 908 -4.22 3.73 45.10
N PHE C 909 -5.08 3.29 46.01
CA PHE C 909 -6.19 2.39 45.71
C PHE C 909 -7.49 3.14 45.86
N ARG C 910 -8.32 3.12 44.82
CA ARG C 910 -9.57 3.88 44.82
C ARG C 910 -10.73 2.97 44.45
N LEU C 911 -11.85 3.15 45.15
CA LEU C 911 -13.07 2.40 44.93
C LEU C 911 -14.10 3.23 44.19
N SER C 912 -14.75 2.62 43.20
CA SER C 912 -15.77 3.27 42.40
C SER C 912 -17.12 3.13 43.09
N LEU C 913 -17.78 4.25 43.36
CA LEU C 913 -19.02 4.25 44.13
C LEU C 913 -20.25 4.47 43.27
N LEU C 914 -20.30 5.57 42.51
CA LEU C 914 -21.50 5.94 41.78
C LEU C 914 -21.13 6.58 40.46
N SER C 915 -22.06 6.47 39.50
CA SER C 915 -21.94 7.15 38.22
C SER C 915 -23.31 7.70 37.84
N ALA C 916 -23.32 8.62 36.87
CA ALA C 916 -24.55 9.26 36.42
C ALA C 916 -24.61 9.21 34.90
N PRO C 917 -24.85 8.03 34.32
CA PRO C 917 -25.05 7.94 32.87
C PRO C 917 -26.39 8.55 32.46
N THR C 918 -26.59 8.67 31.15
CA THR C 918 -27.77 9.33 30.64
C THR C 918 -28.51 8.59 29.53
N PHE C 919 -27.84 7.76 28.72
CA PHE C 919 -28.51 7.30 27.51
C PHE C 919 -29.67 6.35 27.79
N PRO C 920 -29.45 5.13 28.31
CA PRO C 920 -30.59 4.22 28.43
C PRO C 920 -31.55 4.64 29.52
N ASP C 921 -31.04 5.01 30.68
CA ASP C 921 -31.86 5.59 31.75
C ASP C 921 -31.51 7.06 31.88
N PRO C 922 -32.41 7.99 31.53
CA PRO C 922 -32.06 9.41 31.59
C PRO C 922 -31.80 9.94 33.00
N ARG C 923 -32.30 9.26 34.03
CA ARG C 923 -32.08 9.63 35.42
C ARG C 923 -31.62 8.39 36.16
N THR C 924 -30.31 8.15 36.15
CA THR C 924 -29.74 6.92 36.67
C THR C 924 -29.20 7.14 38.07
N ASP C 925 -29.66 6.32 39.02
CA ASP C 925 -29.15 6.29 40.38
C ASP C 925 -29.29 7.64 41.08
N ILE C 926 -30.41 8.33 40.84
CA ILE C 926 -30.70 9.60 41.48
C ILE C 926 -31.47 9.30 42.76
N GLY C 927 -30.84 9.48 43.90
CA GLY C 927 -31.50 9.15 45.15
C GLY C 927 -30.50 8.73 46.21
N SER C 928 -30.99 7.92 47.15
CA SER C 928 -30.25 7.59 48.37
C SER C 928 -29.52 6.26 48.21
N HIS C 929 -28.25 6.23 48.62
CA HIS C 929 -27.43 5.03 48.55
C HIS C 929 -26.65 4.87 49.84
N GLU C 930 -26.35 3.61 50.18
CA GLU C 930 -25.58 3.26 51.36
C GLU C 930 -24.36 2.45 50.97
N PHE C 931 -23.22 2.74 51.60
CA PHE C 931 -21.97 2.08 51.30
C PHE C 931 -21.23 1.75 52.59
N ASP C 932 -20.50 0.63 52.58
CA ASP C 932 -19.73 0.20 53.73
C ASP C 932 -18.40 -0.34 53.26
N TRP C 933 -17.32 0.04 53.94
CA TRP C 933 -16.02 -0.54 53.66
C TRP C 933 -15.15 -0.43 54.90
N SER C 934 -13.96 -1.02 54.80
CA SER C 934 -13.09 -1.11 55.96
C SER C 934 -11.65 -1.29 55.50
N VAL C 935 -10.72 -0.92 56.37
CA VAL C 935 -9.29 -1.08 56.12
C VAL C 935 -8.73 -1.95 57.24
N VAL C 936 -8.06 -3.04 56.85
CA VAL C 936 -7.44 -3.98 57.78
C VAL C 936 -5.93 -3.79 57.69
N ALA C 937 -5.30 -3.57 58.84
CA ALA C 937 -3.93 -3.06 58.89
C ALA C 937 -2.90 -4.16 58.66
N ASP C 938 -2.86 -5.15 59.55
CA ASP C 938 -1.91 -6.26 59.45
C ASP C 938 -2.67 -7.46 58.92
N ALA C 939 -2.78 -7.55 57.59
CA ALA C 939 -3.70 -8.46 56.95
C ALA C 939 -2.96 -9.60 56.26
N THR C 940 -3.50 -10.80 56.39
CA THR C 940 -3.13 -11.97 55.62
C THR C 940 -4.35 -12.42 54.81
N VAL C 941 -4.22 -13.55 54.12
CA VAL C 941 -5.35 -14.06 53.35
C VAL C 941 -6.49 -14.44 54.28
N ASP C 942 -6.19 -15.20 55.30
CA ASP C 942 -7.17 -15.61 56.29
C ASP C 942 -7.86 -14.45 56.96
N ARG C 943 -7.13 -13.47 57.44
CA ARG C 943 -7.72 -12.31 58.11
C ARG C 943 -8.63 -11.54 57.17
N ALA C 944 -8.23 -11.39 55.91
CA ALA C 944 -9.07 -10.72 54.93
C ALA C 944 -10.34 -11.54 54.66
N LEU C 945 -10.22 -12.87 54.62
CA LEU C 945 -11.41 -13.71 54.46
C LEU C 945 -12.36 -13.52 55.63
N ASP C 946 -11.83 -13.47 56.85
CA ASP C 946 -12.65 -13.22 58.02
C ASP C 946 -13.38 -11.90 57.91
N ALA C 947 -12.64 -10.83 57.60
CA ALA C 947 -13.24 -9.51 57.53
C ALA C 947 -14.30 -9.43 56.43
N ALA C 948 -14.02 -10.03 55.27
CA ALA C 948 -14.97 -9.99 54.17
C ALA C 948 -16.22 -10.80 54.48
N GLY C 949 -16.06 -11.97 55.10
CA GLY C 949 -17.22 -12.77 55.44
C GLY C 949 -18.10 -12.11 56.48
N VAL C 950 -17.50 -11.51 57.51
CA VAL C 950 -18.28 -10.92 58.59
C VAL C 950 -19.08 -9.72 58.08
N LEU C 951 -18.45 -8.89 57.23
CA LEU C 951 -19.12 -7.68 56.76
C LEU C 951 -20.28 -7.98 55.82
N ASN C 952 -20.35 -9.19 55.26
CA ASN C 952 -21.36 -9.53 54.29
C ASN C 952 -22.45 -10.46 54.81
N ALA C 953 -22.26 -11.05 55.98
CA ALA C 953 -23.27 -11.95 56.51
C ALA C 953 -24.51 -11.16 56.96
N PRO C 954 -25.71 -11.69 56.71
CA PRO C 954 -26.91 -11.00 57.18
C PRO C 954 -27.09 -11.12 58.68
N VAL C 955 -27.92 -10.24 59.22
CA VAL C 955 -28.16 -10.15 60.66
C VAL C 955 -29.56 -10.65 60.96
N LEU C 956 -29.67 -11.61 61.88
CA LEU C 956 -30.91 -12.22 62.27
C LEU C 956 -31.19 -11.92 63.75
N HIS C 957 -32.31 -12.44 64.25
CA HIS C 957 -32.71 -12.23 65.63
C HIS C 957 -33.16 -13.54 66.25
N ASP C 958 -32.80 -13.73 67.52
CA ASP C 958 -33.17 -14.90 68.30
C ASP C 958 -32.70 -16.20 67.62
N VAL C 959 -31.39 -16.31 67.50
CA VAL C 959 -30.74 -17.43 66.81
C VAL C 959 -30.10 -18.32 67.88
N PRO C 960 -30.46 -19.59 67.97
CA PRO C 960 -29.75 -20.49 68.87
C PRO C 960 -28.34 -20.76 68.36
N ASP C 961 -27.39 -20.86 69.28
CA ASP C 961 -25.98 -21.07 68.93
C ASP C 961 -25.63 -22.56 68.88
N ILE C 962 -26.39 -23.29 68.06
CA ILE C 962 -26.16 -24.72 67.90
C ILE C 962 -24.80 -24.97 67.24
N THR C 963 -24.29 -26.17 67.45
CA THR C 963 -23.03 -26.57 66.85
C THR C 963 -23.20 -26.74 65.33
N PRO C 964 -22.16 -26.41 64.56
CA PRO C 964 -22.29 -26.51 63.10
C PRO C 964 -22.48 -27.93 62.64
N LEU C 965 -23.17 -28.07 61.49
CA LEU C 965 -23.46 -29.38 60.94
C LEU C 965 -22.19 -30.10 60.53
N ALA C 966 -21.32 -29.42 59.79
CA ALA C 966 -20.05 -29.98 59.35
C ALA C 966 -18.97 -28.93 59.52
N SER C 967 -17.72 -29.39 59.61
CA SER C 967 -16.60 -28.51 59.82
C SER C 967 -15.41 -28.99 59.01
N ILE C 968 -14.59 -28.03 58.57
CA ILE C 968 -13.32 -28.32 57.91
C ILE C 968 -12.22 -27.73 58.77
N GLU C 969 -11.33 -28.58 59.25
CA GLU C 969 -10.18 -28.15 60.03
C GLU C 969 -8.92 -28.36 59.19
N SER C 970 -8.21 -27.26 58.94
CA SER C 970 -7.01 -27.30 58.11
C SER C 970 -5.79 -27.55 58.98
N VAL C 971 -5.12 -28.68 58.75
CA VAL C 971 -3.84 -28.92 59.41
C VAL C 971 -2.81 -27.91 58.93
N ASN C 972 -2.72 -27.74 57.61
CA ASN C 972 -1.92 -26.69 57.00
C ASN C 972 -2.63 -26.22 55.75
N GLY C 973 -2.55 -24.92 55.49
CA GLY C 973 -3.27 -24.29 54.40
C GLY C 973 -4.52 -23.59 54.89
N THR C 974 -5.22 -22.98 53.93
CA THR C 974 -6.46 -22.25 54.20
C THR C 974 -7.57 -22.86 53.35
N VAL C 975 -8.50 -23.55 53.99
CA VAL C 975 -9.62 -24.19 53.31
C VAL C 975 -10.91 -23.59 53.85
N VAL C 976 -11.79 -23.17 52.94
CA VAL C 976 -13.03 -22.50 53.28
C VAL C 976 -14.17 -23.45 52.96
N LEU C 977 -15.00 -23.76 53.95
CA LEU C 977 -16.25 -24.48 53.72
C LEU C 977 -17.27 -23.46 53.25
N ASP C 978 -17.48 -23.38 51.93
CA ASP C 978 -18.24 -22.27 51.39
C ASP C 978 -19.75 -22.47 51.47
N TRP C 979 -20.24 -23.70 51.29
CA TRP C 979 -21.68 -23.86 51.20
C TRP C 979 -22.12 -25.19 51.81
N MET C 980 -23.30 -25.16 52.45
CA MET C 980 -23.98 -26.35 52.93
C MET C 980 -25.44 -26.30 52.49
N LYS C 981 -25.97 -27.43 52.04
CA LYS C 981 -27.36 -27.48 51.60
C LYS C 981 -27.86 -28.91 51.66
N LEU C 982 -29.13 -29.09 51.27
CA LEU C 982 -29.73 -30.40 51.11
C LEU C 982 -29.77 -30.78 49.64
N ALA C 983 -29.63 -32.07 49.37
CA ALA C 983 -29.56 -32.55 48.00
C ALA C 983 -30.87 -32.26 47.26
N ASP C 984 -30.76 -32.02 45.95
CA ASP C 984 -31.90 -31.64 45.13
C ASP C 984 -32.76 -32.86 44.80
N ASP C 985 -33.24 -33.51 45.85
CA ASP C 985 -34.15 -34.65 45.77
C ASP C 985 -34.66 -34.91 47.19
N GLY C 986 -35.40 -35.99 47.36
CA GLY C 986 -35.99 -36.31 48.64
C GLY C 986 -35.13 -37.15 49.56
N SER C 987 -33.87 -37.39 49.20
CA SER C 987 -33.03 -38.29 49.98
C SER C 987 -32.77 -37.73 51.38
N GLY C 988 -32.49 -36.44 51.47
CA GLY C 988 -32.13 -35.82 52.73
C GLY C 988 -30.64 -35.77 53.01
N ASP C 989 -29.80 -36.06 52.02
CA ASP C 989 -28.36 -35.99 52.21
C ASP C 989 -27.89 -34.55 52.29
N LEU C 990 -26.71 -34.36 52.88
CA LEU C 990 -26.11 -33.05 53.05
C LEU C 990 -25.03 -32.82 51.99
N ILE C 991 -25.16 -31.73 51.24
CA ILE C 991 -24.18 -31.36 50.22
C ILE C 991 -23.30 -30.27 50.79
N VAL C 992 -21.98 -30.47 50.68
CA VAL C 992 -20.99 -29.53 51.19
C VAL C 992 -20.09 -29.12 50.03
N ARG C 993 -19.83 -27.82 49.92
CA ARG C 993 -18.95 -27.28 48.89
C ARG C 993 -17.84 -26.50 49.58
N ALA C 994 -16.59 -26.90 49.33
CA ALA C 994 -15.42 -26.30 49.95
C ALA C 994 -14.35 -26.07 48.90
N TYR C 995 -13.38 -25.21 49.23
CA TYR C 995 -12.30 -24.93 48.30
C TYR C 995 -11.08 -24.44 49.07
N GLU C 996 -9.93 -24.50 48.41
CA GLU C 996 -8.68 -24.00 48.96
C GLU C 996 -8.54 -22.53 48.61
N ALA C 997 -8.26 -21.70 49.61
CA ALA C 997 -8.34 -20.25 49.45
C ALA C 997 -6.98 -19.58 49.35
N ALA C 998 -5.97 -20.05 50.09
CA ALA C 998 -4.69 -19.36 50.12
C ALA C 998 -4.00 -19.40 48.75
N GLY C 999 -4.04 -20.55 48.08
CA GLY C 999 -3.39 -20.70 46.79
C GLY C 999 -2.27 -21.73 46.76
N GLY C 1000 -1.98 -22.42 47.86
CA GLY C 1000 -1.00 -23.49 47.85
C GLY C 1000 -1.63 -24.84 48.12
N GLN C 1001 -0.84 -25.80 48.60
CA GLN C 1001 -1.38 -27.11 48.94
C GLN C 1001 -1.88 -27.11 50.38
N ALA C 1002 -3.00 -27.78 50.62
CA ALA C 1002 -3.61 -27.80 51.94
C ALA C 1002 -4.02 -29.21 52.31
N ASP C 1003 -3.95 -29.50 53.61
CA ASP C 1003 -4.45 -30.75 54.16
C ASP C 1003 -5.52 -30.43 55.18
N ALA C 1004 -6.60 -31.21 55.19
CA ALA C 1004 -7.75 -30.86 56.00
C ALA C 1004 -8.41 -32.11 56.59
N MET C 1005 -9.15 -31.88 57.66
CA MET C 1005 -9.91 -32.92 58.34
C MET C 1005 -11.38 -32.54 58.33
N LEU C 1006 -12.25 -33.53 58.22
CA LEU C 1006 -13.70 -33.31 58.19
C LEU C 1006 -14.32 -33.75 59.50
N HIS C 1007 -15.14 -32.88 60.08
CA HIS C 1007 -15.87 -33.16 61.31
C HIS C 1007 -17.35 -32.89 61.08
N VAL C 1008 -18.20 -33.64 61.79
CA VAL C 1008 -19.65 -33.56 61.62
C VAL C 1008 -20.30 -33.42 62.99
N CYS C 1009 -21.57 -32.99 62.95
CA CYS C 1009 -22.34 -32.80 64.16
C CYS C 1009 -22.74 -34.15 64.76
N PRO C 1010 -23.14 -34.18 66.04
CA PRO C 1010 -23.53 -35.45 66.65
C PRO C 1010 -24.65 -36.17 65.92
N ALA C 1011 -25.54 -35.43 65.24
CA ALA C 1011 -26.60 -36.09 64.47
C ALA C 1011 -26.03 -36.96 63.36
N LEU C 1012 -24.96 -36.50 62.71
CA LEU C 1012 -24.31 -37.27 61.65
C LEU C 1012 -23.27 -38.24 62.20
N ALA C 1013 -23.68 -39.09 63.13
CA ALA C 1013 -22.82 -40.15 63.64
C ALA C 1013 -23.10 -41.42 62.86
N GLY C 1014 -22.04 -42.03 62.33
CA GLY C 1014 -22.20 -43.18 61.46
C GLY C 1014 -22.59 -42.84 60.04
N ALA C 1015 -22.52 -41.58 59.65
CA ALA C 1015 -22.84 -41.15 58.30
C ALA C 1015 -21.66 -41.35 57.38
N SER C 1016 -21.94 -41.59 56.11
CA SER C 1016 -20.92 -41.80 55.10
C SER C 1016 -20.68 -40.52 54.31
N VAL C 1017 -19.48 -40.39 53.76
CA VAL C 1017 -19.12 -39.26 52.92
C VAL C 1017 -18.52 -39.78 51.63
N HIS C 1018 -18.85 -39.13 50.51
CA HIS C 1018 -18.21 -39.47 49.25
C HIS C 1018 -18.25 -38.26 48.33
N GLU C 1019 -17.34 -38.25 47.37
CA GLU C 1019 -17.19 -37.11 46.47
C GLU C 1019 -18.09 -37.24 45.26
N THR C 1020 -18.68 -36.11 44.86
CA THR C 1020 -19.48 -36.03 43.64
C THR C 1020 -19.00 -34.87 42.79
N ASN C 1021 -19.73 -34.54 41.74
CA ASN C 1021 -19.46 -33.34 40.95
C ASN C 1021 -20.33 -32.20 41.46
N VAL C 1022 -20.20 -31.03 40.82
CA VAL C 1022 -20.92 -29.85 41.28
C VAL C 1022 -22.42 -30.00 41.14
N LEU C 1023 -22.90 -30.93 40.31
CA LEU C 1023 -24.32 -31.18 40.15
C LEU C 1023 -24.79 -32.40 40.95
N GLU C 1024 -23.94 -32.93 41.84
CA GLU C 1024 -24.24 -34.07 42.69
C GLU C 1024 -24.46 -35.36 41.91
N GLY C 1025 -23.97 -35.44 40.67
CA GLY C 1025 -24.26 -36.58 39.83
C GLY C 1025 -23.39 -37.79 40.03
N ASP C 1026 -22.36 -37.68 40.87
CA ASP C 1026 -21.51 -38.80 41.28
C ASP C 1026 -20.59 -39.26 40.14
N ASP C 1027 -20.79 -38.72 38.94
CA ASP C 1027 -19.93 -39.02 37.80
C ASP C 1027 -19.00 -37.84 37.58
N LEU C 1028 -17.69 -38.11 37.60
CA LEU C 1028 -16.68 -37.06 37.52
C LEU C 1028 -15.57 -37.49 36.58
N ALA C 1029 -14.92 -36.49 35.98
CA ALA C 1029 -13.89 -36.76 34.99
C ALA C 1029 -12.65 -37.36 35.64
N ALA C 1030 -11.97 -38.23 34.89
CA ALA C 1030 -10.78 -38.88 35.40
C ALA C 1030 -9.59 -37.93 35.45
N ASP C 1031 -9.55 -36.95 34.55
CA ASP C 1031 -8.42 -36.02 34.51
C ASP C 1031 -8.34 -35.20 35.79
N LEU C 1032 -9.48 -34.75 36.29
CA LEU C 1032 -9.49 -33.84 37.43
C LEU C 1032 -9.07 -34.56 38.71
N PRO C 1033 -8.36 -33.88 39.61
CA PRO C 1033 -8.07 -34.48 40.91
C PRO C 1033 -9.31 -34.56 41.79
N VAL C 1034 -9.23 -35.40 42.81
CA VAL C 1034 -10.38 -35.76 43.63
C VAL C 1034 -10.39 -35.02 44.96
N ALA C 1035 -9.27 -34.98 45.67
CA ALA C 1035 -9.06 -34.38 46.98
C ALA C 1035 -9.67 -35.21 48.11
N LEU C 1036 -10.42 -36.28 47.83
CA LEU C 1036 -10.87 -37.21 48.85
C LEU C 1036 -10.37 -38.59 48.43
N GLN C 1037 -9.15 -38.90 48.83
CA GLN C 1037 -8.54 -40.18 48.51
C GLN C 1037 -9.14 -41.28 49.38
N ASP C 1038 -9.04 -42.51 48.88
CA ASP C 1038 -9.60 -43.75 49.40
C ASP C 1038 -11.11 -43.83 49.12
N GLY C 1039 -11.73 -42.77 48.61
CA GLY C 1039 -13.11 -42.84 48.17
C GLY C 1039 -14.12 -42.75 49.29
N ARG C 1040 -15.17 -43.57 49.22
CA ARG C 1040 -16.21 -43.57 50.25
C ARG C 1040 -15.61 -43.92 51.60
N GLN C 1041 -15.96 -43.14 52.62
CA GLN C 1041 -15.36 -43.27 53.94
C GLN C 1041 -16.46 -43.00 54.97
N ASN C 1042 -16.04 -42.79 56.21
CA ASN C 1042 -16.92 -42.26 57.25
C ASN C 1042 -16.75 -40.76 57.32
N ALA C 1043 -17.87 -40.05 57.53
CA ALA C 1043 -17.85 -38.59 57.49
C ALA C 1043 -16.98 -38.00 58.59
N GLU C 1044 -16.94 -38.63 59.77
CA GLU C 1044 -16.17 -38.12 60.89
C GLU C 1044 -14.74 -38.62 60.79
N GLY C 1045 -13.80 -37.71 60.63
CA GLY C 1045 -12.39 -38.05 60.49
C GLY C 1045 -11.89 -38.19 59.07
N ALA C 1046 -12.67 -37.77 58.09
CA ALA C 1046 -12.23 -37.88 56.70
C ALA C 1046 -11.07 -36.93 56.41
N THR C 1047 -10.10 -37.42 55.64
CA THR C 1047 -8.90 -36.66 55.31
C THR C 1047 -9.02 -36.12 53.89
N LEU C 1048 -8.70 -34.84 53.72
CA LEU C 1048 -8.83 -34.15 52.43
C LEU C 1048 -7.50 -33.52 52.06
N HIS C 1049 -7.20 -33.52 50.76
CA HIS C 1049 -5.97 -32.95 50.24
C HIS C 1049 -6.30 -32.04 49.07
N PHE C 1050 -6.20 -30.72 49.30
CA PHE C 1050 -6.52 -29.74 48.28
C PHE C 1050 -5.25 -29.24 47.60
N GLY C 1051 -5.32 -29.11 46.28
CA GLY C 1051 -4.32 -28.37 45.54
C GLY C 1051 -4.73 -26.91 45.48
N PRO C 1052 -3.95 -26.08 44.79
CA PRO C 1052 -4.31 -24.66 44.67
C PRO C 1052 -5.68 -24.45 44.04
N PHE C 1053 -6.62 -23.91 44.82
CA PHE C 1053 -7.99 -23.62 44.38
C PHE C 1053 -8.68 -24.89 43.85
N GLN C 1054 -8.86 -25.84 44.75
CA GLN C 1054 -9.29 -27.19 44.36
C GLN C 1054 -10.79 -27.29 44.12
N LEU C 1055 -11.61 -26.68 44.99
CA LEU C 1055 -13.08 -26.72 44.86
C LEU C 1055 -13.61 -28.15 44.89
N ALA C 1056 -13.50 -28.75 46.08
CA ALA C 1056 -14.10 -30.05 46.33
C ALA C 1056 -15.59 -29.93 46.67
N THR C 1057 -16.34 -30.97 46.32
CA THR C 1057 -17.77 -31.09 46.60
C THR C 1057 -18.03 -32.46 47.19
N LEU C 1058 -18.65 -32.49 48.37
CA LEU C 1058 -18.88 -33.73 49.09
C LEU C 1058 -20.36 -33.94 49.34
N ARG C 1059 -20.75 -35.22 49.42
CA ARG C 1059 -22.11 -35.64 49.73
C ARG C 1059 -22.05 -36.53 50.95
N ILE C 1060 -22.85 -36.21 51.96
CA ILE C 1060 -22.88 -36.91 53.24
C ILE C 1060 -24.24 -37.56 53.39
N THR C 1061 -24.24 -38.88 53.57
CA THR C 1061 -25.46 -39.69 53.65
C THR C 1061 -25.64 -40.17 55.09
N ARG C 1062 -26.82 -39.94 55.64
CA ARG C 1062 -27.14 -40.36 56.98
C ARG C 1062 -27.26 -41.88 57.07
N PHE D 25 5.92 13.91 -19.58
CA PHE D 25 6.97 14.45 -20.43
C PHE D 25 8.31 14.46 -19.73
N LEU D 26 8.27 14.38 -18.40
CA LEU D 26 9.47 14.32 -17.57
C LEU D 26 9.45 13.02 -16.78
N LYS D 27 10.54 12.25 -16.87
CA LYS D 27 10.64 10.97 -16.19
C LYS D 27 11.66 11.06 -15.06
N PRO D 28 11.23 11.12 -13.80
CA PRO D 28 12.18 11.26 -12.70
C PRO D 28 13.18 10.11 -12.56
N GLU D 29 12.76 8.87 -12.86
CA GLU D 29 13.65 7.74 -12.71
C GLU D 29 14.83 7.84 -13.66
N GLN D 30 14.57 8.29 -14.89
CA GLN D 30 15.65 8.49 -15.85
C GLN D 30 16.63 9.55 -15.35
N GLN D 31 16.11 10.61 -14.73
CA GLN D 31 16.98 11.63 -14.17
C GLN D 31 17.84 11.06 -13.05
N LEU D 32 17.28 10.18 -12.23
CA LEU D 32 18.06 9.59 -11.15
C LEU D 32 19.17 8.69 -11.70
N GLU D 33 18.86 7.87 -12.70
CA GLU D 33 19.88 7.03 -13.32
C GLU D 33 20.99 7.88 -13.96
N ARG D 34 20.60 8.93 -14.67
CA ARG D 34 21.57 9.82 -15.30
C ARG D 34 22.44 10.50 -14.27
N CYS D 35 21.85 10.93 -13.15
CA CYS D 35 22.61 11.55 -12.08
C CYS D 35 23.62 10.59 -11.48
N ARG D 36 23.21 9.34 -11.25
CA ARG D 36 24.14 8.35 -10.69
C ARG D 36 25.32 8.14 -11.63
N ARG D 37 25.04 7.97 -12.93
CA ARG D 37 26.13 7.77 -13.88
C ARG D 37 27.06 8.97 -13.92
N ILE D 38 26.50 10.18 -13.95
CA ILE D 38 27.33 11.39 -14.05
C ILE D 38 28.19 11.56 -12.81
N VAL D 39 27.61 11.34 -11.63
CA VAL D 39 28.40 11.47 -10.40
C VAL D 39 29.53 10.45 -10.39
N ARG D 40 29.25 9.21 -10.78
CA ARG D 40 30.28 8.18 -10.70
C ARG D 40 31.39 8.41 -11.72
N GLN D 41 31.06 8.88 -12.92
CA GLN D 41 32.03 8.89 -14.01
C GLN D 41 32.63 10.25 -14.33
N ARG D 42 31.87 11.34 -14.21
CA ARG D 42 32.32 12.63 -14.73
C ARG D 42 32.61 13.68 -13.66
N VAL D 43 32.23 13.46 -12.41
CA VAL D 43 32.40 14.44 -11.35
C VAL D 43 33.39 13.98 -10.30
N ASP D 44 33.20 12.78 -9.77
CA ASP D 44 34.10 12.27 -8.73
C ASP D 44 35.56 12.18 -9.16
N PRO D 45 35.90 11.75 -10.39
CA PRO D 45 37.32 11.75 -10.77
C PRO D 45 37.99 13.11 -10.68
N HIS D 46 37.25 14.19 -10.92
CA HIS D 46 37.85 15.52 -10.87
C HIS D 46 38.15 15.97 -9.45
N ILE D 47 37.63 15.30 -8.44
CA ILE D 47 38.08 15.49 -7.06
C ILE D 47 39.37 14.69 -6.89
N HIS D 48 40.40 15.34 -6.35
CA HIS D 48 41.71 14.74 -6.18
C HIS D 48 42.30 14.26 -7.49
N PRO D 49 42.64 15.15 -8.43
CA PRO D 49 43.37 14.71 -9.62
C PRO D 49 44.86 14.61 -9.33
N SER D 50 45.44 13.44 -9.60
CA SER D 50 46.82 13.17 -9.26
C SER D 50 47.77 14.07 -10.04
N ILE D 51 48.84 14.51 -9.38
CA ILE D 51 49.83 15.37 -10.02
C ILE D 51 51.23 14.77 -9.87
N ALA D 52 51.39 13.82 -8.95
CA ALA D 52 52.68 13.18 -8.78
C ALA D 52 52.50 11.79 -8.20
N GLN D 53 53.51 10.96 -8.38
CA GLN D 53 53.50 9.58 -7.88
C GLN D 53 54.70 9.37 -6.97
N LEU D 54 54.49 8.62 -5.89
CA LEU D 54 55.48 8.46 -4.84
C LEU D 54 56.25 7.16 -5.00
N THR D 55 57.51 7.18 -4.58
CA THR D 55 58.35 5.99 -4.52
C THR D 55 58.17 5.32 -3.17
N VAL D 56 58.10 4.00 -3.18
CA VAL D 56 57.70 3.22 -2.01
C VAL D 56 58.79 2.22 -1.66
N GLU D 57 59.14 2.17 -0.37
CA GLU D 57 60.05 1.15 0.14
C GLU D 57 59.42 0.49 1.35
N SER D 58 59.73 -0.79 1.56
CA SER D 58 59.02 -1.64 2.50
C SER D 58 59.96 -2.27 3.51
N TYR D 59 59.41 -2.53 4.70
CA TYR D 59 60.10 -3.26 5.75
C TYR D 59 59.07 -4.05 6.53
N ASP D 60 59.27 -5.36 6.65
CA ASP D 60 58.25 -6.27 7.17
C ASP D 60 58.52 -6.66 8.62
N ILE D 61 57.46 -6.82 9.38
CA ILE D 61 57.50 -7.33 10.76
C ILE D 61 56.47 -8.45 10.86
N PRO D 62 56.86 -9.70 10.55
CA PRO D 62 55.87 -10.79 10.60
C PRO D 62 55.33 -11.08 11.99
N GLY D 63 56.06 -10.74 13.05
CA GLY D 63 55.62 -11.04 14.39
C GLY D 63 54.81 -9.93 15.03
N GLU D 64 54.94 -9.78 16.34
CA GLU D 64 54.22 -8.72 17.04
C GLU D 64 54.77 -7.36 16.64
N PRO D 65 53.92 -6.33 16.62
CA PRO D 65 54.36 -5.01 16.15
C PRO D 65 55.43 -4.40 17.05
N MET D 66 56.29 -3.63 16.43
CA MET D 66 57.32 -2.85 17.09
C MET D 66 56.76 -1.47 17.45
N PRO D 67 56.91 -1.03 18.70
CA PRO D 67 56.41 0.31 19.06
C PRO D 67 57.09 1.39 18.24
N SER D 68 56.33 2.46 17.95
CA SER D 68 56.83 3.52 17.09
C SER D 68 58.09 4.16 17.65
N ASP D 69 58.18 4.26 18.99
CA ASP D 69 59.39 4.81 19.60
C ASP D 69 60.62 4.00 19.23
N GLU D 70 60.54 2.67 19.42
CA GLU D 70 61.67 1.81 19.10
C GLU D 70 61.99 1.83 17.62
N PHE D 71 60.95 1.83 16.77
CA PHE D 71 61.18 1.85 15.33
C PHE D 71 61.92 3.11 14.93
N PHE D 72 61.50 4.26 15.45
CA PHE D 72 62.14 5.50 15.05
C PHE D 72 63.55 5.62 15.63
N ALA D 73 63.77 5.13 16.85
CA ALA D 73 65.13 5.10 17.39
C ALA D 73 66.05 4.25 16.52
N LYS D 74 65.63 3.03 16.20
CA LYS D 74 66.45 2.18 15.35
C LYS D 74 66.67 2.84 13.99
N LEU D 75 65.62 3.41 13.41
CA LEU D 75 65.73 4.02 12.09
C LEU D 75 66.71 5.18 12.08
N ASP D 76 66.67 6.05 13.10
CA ASP D 76 67.59 7.17 13.11
C ASP D 76 69.01 6.72 13.39
N ARG D 77 69.19 5.60 14.10
CA ARG D 77 70.53 5.04 14.23
C ARG D 77 70.89 4.04 13.15
N GLY D 78 69.94 3.68 12.28
CA GLY D 78 70.21 2.75 11.20
C GLY D 78 69.30 1.54 11.21
N ASP D 79 69.87 0.34 11.11
CA ASP D 79 69.20 -0.90 11.47
C ASP D 79 67.93 -1.20 10.67
N ILE D 80 67.61 -0.35 9.70
CA ILE D 80 66.43 -0.53 8.85
C ILE D 80 66.88 -0.47 7.39
N ASP D 81 66.38 -1.41 6.58
CA ASP D 81 66.85 -1.57 5.21
C ASP D 81 65.93 -0.96 4.16
N PHE D 82 64.61 -1.14 4.29
CA PHE D 82 63.63 -0.55 3.40
C PHE D 82 63.86 -0.98 1.95
N LYS D 83 63.63 -2.28 1.72
CA LYS D 83 63.79 -2.84 0.39
C LYS D 83 62.79 -2.22 -0.59
N PRO D 84 63.17 -2.03 -1.85
CA PRO D 84 62.28 -1.32 -2.78
C PRO D 84 60.97 -2.05 -2.99
N PHE D 85 59.92 -1.28 -3.28
CA PHE D 85 58.58 -1.82 -3.46
C PHE D 85 57.95 -1.21 -4.70
N MET D 86 57.17 -1.99 -5.43
CA MET D 86 56.50 -1.53 -6.64
C MET D 86 55.00 -1.59 -6.43
N LEU D 87 54.32 -0.50 -6.79
CA LEU D 87 52.87 -0.44 -6.63
C LEU D 87 52.20 -1.54 -7.45
N GLY D 88 51.16 -2.14 -6.87
CA GLY D 88 50.49 -3.28 -7.47
C GLY D 88 50.91 -4.62 -6.93
N SER D 89 51.84 -4.65 -5.98
CA SER D 89 52.30 -5.88 -5.37
C SER D 89 51.62 -6.09 -4.02
N GLU D 90 51.82 -7.28 -3.47
CA GLU D 90 51.22 -7.67 -2.20
C GLU D 90 52.26 -7.56 -1.08
N TRP D 91 51.78 -7.21 0.11
CA TRP D 91 52.76 -6.84 1.13
C TRP D 91 52.65 -7.61 2.45
N GLY D 92 51.45 -7.87 2.94
CA GLY D 92 51.26 -8.23 4.33
C GLY D 92 51.18 -9.71 4.64
N THR D 93 51.50 -10.05 5.89
CA THR D 93 51.24 -11.38 6.43
C THR D 93 49.89 -11.35 7.16
N THR D 94 49.61 -12.41 7.94
CA THR D 94 48.27 -12.56 8.51
C THR D 94 47.97 -11.49 9.55
N TRP D 95 48.89 -11.23 10.48
CA TRP D 95 48.72 -10.17 11.47
C TRP D 95 49.97 -9.32 11.59
N GLY D 96 50.88 -9.40 10.62
CA GLY D 96 52.12 -8.65 10.69
C GLY D 96 51.94 -7.20 10.32
N THR D 97 53.02 -6.45 10.48
CA THR D 97 53.03 -5.02 10.22
C THR D 97 54.00 -4.74 9.08
N VAL D 98 53.70 -3.72 8.27
CA VAL D 98 54.61 -3.30 7.22
C VAL D 98 54.85 -1.81 7.34
N TRP D 99 56.11 -1.41 7.41
CA TRP D 99 56.49 -0.01 7.43
C TRP D 99 56.90 0.39 6.02
N PHE D 100 56.25 1.42 5.48
CA PHE D 100 56.53 1.94 4.15
C PHE D 100 57.18 3.31 4.28
N ARG D 101 58.28 3.52 3.57
CA ARG D 101 58.85 4.84 3.39
C ARG D 101 58.39 5.38 2.04
N LEU D 102 57.73 6.54 2.06
CA LEU D 102 57.16 7.15 0.88
C LEU D 102 57.96 8.40 0.55
N THR D 103 58.50 8.46 -0.65
CA THR D 103 59.33 9.58 -1.07
C THR D 103 58.69 10.26 -2.26
N GLY D 104 58.77 11.58 -2.33
CA GLY D 104 58.18 12.28 -3.44
C GLY D 104 58.78 13.65 -3.62
N THR D 105 58.36 14.30 -4.70
CA THR D 105 58.74 15.68 -4.97
C THR D 105 57.56 16.39 -5.64
N VAL D 106 57.34 17.64 -5.24
CA VAL D 106 56.27 18.45 -5.82
C VAL D 106 56.76 18.98 -7.17
N PRO D 107 55.88 19.18 -8.14
CA PRO D 107 56.29 19.82 -9.39
C PRO D 107 56.66 21.27 -9.16
N ALA D 108 57.23 21.89 -10.20
CA ALA D 108 57.76 23.24 -10.09
C ALA D 108 56.64 24.25 -9.87
N GLY D 109 56.63 24.87 -8.69
CA GLY D 109 55.70 25.95 -8.39
C GLY D 109 54.24 25.57 -8.54
N TYR D 110 53.88 24.38 -8.08
CA TYR D 110 52.53 23.88 -8.37
C TYR D 110 51.44 24.45 -7.45
N PRO D 111 51.66 24.58 -6.11
CA PRO D 111 50.51 24.87 -5.24
C PRO D 111 49.88 26.23 -5.50
N LYS D 112 49.09 26.31 -6.56
CA LYS D 112 48.42 27.54 -6.98
C LYS D 112 46.96 27.50 -6.52
N GLY D 113 46.74 27.87 -5.27
CA GLY D 113 45.40 27.96 -4.73
C GLY D 113 44.66 26.65 -4.58
N LYS D 114 45.36 25.57 -4.24
CA LYS D 114 44.73 24.28 -3.96
C LYS D 114 45.39 23.65 -2.75
N PRO D 115 44.62 22.97 -1.90
CA PRO D 115 45.20 22.40 -0.67
C PRO D 115 46.25 21.33 -0.89
N LEU D 116 46.25 20.61 -2.02
CA LEU D 116 47.31 19.67 -2.36
C LEU D 116 47.43 18.53 -1.33
N GLU D 117 46.40 17.68 -1.32
CA GLU D 117 46.32 16.56 -0.39
C GLU D 117 47.20 15.39 -0.86
N LEU D 118 47.02 14.23 -0.24
CA LEU D 118 47.82 13.03 -0.50
C LEU D 118 46.93 11.81 -0.44
N ILE D 119 46.89 11.03 -1.52
CA ILE D 119 45.98 9.89 -1.64
C ILE D 119 46.79 8.60 -1.51
N LEU D 120 46.33 7.69 -0.66
CA LEU D 120 47.01 6.42 -0.41
C LEU D 120 45.98 5.30 -0.42
N ASP D 121 46.04 4.43 -1.41
CA ASP D 121 45.16 3.27 -1.48
C ASP D 121 45.97 2.03 -1.12
N LEU D 122 45.47 1.23 -0.18
CA LEU D 122 46.15 0.04 0.29
C LEU D 122 45.49 -1.24 -0.21
N GLY D 123 44.56 -1.14 -1.15
CA GLY D 123 43.83 -2.31 -1.60
C GLY D 123 42.62 -2.56 -0.74
N TRP D 124 41.86 -1.50 -0.46
CA TRP D 124 40.71 -1.62 0.40
C TRP D 124 39.61 -2.42 -0.26
N TYR D 125 38.97 -3.28 0.52
CA TYR D 125 37.73 -3.88 0.08
C TYR D 125 36.62 -2.83 0.13
N PRO D 126 35.91 -2.58 -0.95
CA PRO D 126 34.95 -1.47 -0.97
C PRO D 126 33.78 -1.64 -0.01
N HIS D 127 33.14 -2.81 -0.04
CA HIS D 127 31.89 -3.03 0.70
C HIS D 127 32.14 -3.46 2.14
N SER D 128 32.98 -2.71 2.85
CA SER D 128 33.24 -2.95 4.27
C SER D 128 34.09 -1.79 4.79
N CYS D 129 34.40 -1.86 6.08
CA CYS D 129 35.25 -0.86 6.74
C CYS D 129 35.61 -1.38 8.12
N GLY D 130 36.83 -1.06 8.55
CA GLY D 130 37.25 -1.30 9.93
C GLY D 130 37.33 -2.75 10.33
N GLY D 131 37.30 -3.67 9.38
CA GLY D 131 37.43 -5.08 9.70
C GLY D 131 38.70 -5.67 9.14
N HIS D 132 39.48 -4.83 8.46
CA HIS D 132 40.67 -5.29 7.76
C HIS D 132 41.69 -4.14 7.77
N ILE D 133 42.66 -4.22 6.85
CA ILE D 133 43.89 -3.44 6.88
C ILE D 133 43.68 -1.95 7.11
N GLU D 134 44.65 -1.32 7.77
CA GLU D 134 44.61 0.13 8.01
C GLU D 134 46.04 0.59 8.23
N GLY D 135 46.21 1.83 8.69
CA GLY D 135 47.55 2.30 8.99
C GLY D 135 47.57 3.77 9.38
N LEU D 136 48.68 4.16 9.99
CA LEU D 136 48.99 5.54 10.36
C LEU D 136 50.10 6.11 9.50
N VAL D 137 50.16 7.44 9.46
CA VAL D 137 51.18 8.19 8.73
C VAL D 137 51.96 9.03 9.73
N TYR D 138 53.28 9.08 9.55
CA TYR D 138 54.19 9.74 10.47
C TYR D 138 55.15 10.64 9.72
N ARG D 139 55.63 11.65 10.45
CA ARG D 139 56.66 12.58 9.96
C ARG D 139 57.93 12.01 10.52
N ALA D 140 59.06 12.15 9.83
CA ALA D 140 60.33 11.57 10.25
C ALA D 140 60.64 11.88 11.71
N ASP D 141 60.05 12.94 12.25
CA ASP D 141 60.25 13.29 13.65
C ASP D 141 59.72 12.17 14.56
N GLY D 142 58.56 11.63 14.25
CA GLY D 142 57.97 10.60 15.07
C GLY D 142 56.60 10.96 15.58
N THR D 143 55.94 11.90 14.90
CA THR D 143 54.61 12.37 15.28
C THR D 143 53.63 12.03 14.17
N ALA D 144 52.44 11.58 14.56
CA ALA D 144 51.45 11.11 13.60
C ALA D 144 50.71 12.28 12.94
N ILE D 145 50.24 12.03 11.72
CA ILE D 145 49.44 13.01 10.97
C ILE D 145 47.97 12.61 10.95
N LYS D 146 47.67 11.47 10.35
CA LYS D 146 46.29 11.03 10.17
C LYS D 146 46.32 9.58 9.68
N ALA D 147 45.37 8.79 10.14
CA ALA D 147 45.26 7.40 9.71
C ALA D 147 44.60 7.30 8.35
N VAL D 148 44.74 6.14 7.71
CA VAL D 148 44.09 5.84 6.45
C VAL D 148 43.13 4.68 6.67
N HIS D 149 41.93 4.80 6.13
CA HIS D 149 40.82 3.88 6.34
C HIS D 149 40.13 3.62 5.02
N PRO D 150 39.32 2.56 4.93
CA PRO D 150 38.71 2.22 3.63
C PRO D 150 37.95 3.34 2.96
N LEU D 151 37.21 4.15 3.72
CA LEU D 151 36.53 5.31 3.16
C LEU D 151 37.18 6.63 3.55
N ASN D 152 38.31 6.58 4.26
CA ASN D 152 39.03 7.77 4.69
C ASN D 152 40.51 7.52 4.41
N TYR D 153 40.96 7.87 3.21
CA TYR D 153 42.34 7.60 2.81
C TYR D 153 42.97 8.82 2.15
N TRP D 154 42.71 10.00 2.70
CA TRP D 154 43.38 11.22 2.28
C TRP D 154 44.16 11.76 3.47
N VAL D 155 45.34 12.32 3.21
CA VAL D 155 46.22 12.84 4.23
C VAL D 155 46.57 14.27 3.85
N PRO D 156 46.37 15.25 4.74
CA PRO D 156 46.73 16.64 4.41
C PRO D 156 48.24 16.80 4.24
N PHE D 157 48.64 17.50 3.19
CA PHE D 157 50.05 17.71 2.91
C PHE D 157 50.45 19.17 3.00
N MET D 158 49.80 20.06 2.25
CA MET D 158 50.13 21.48 2.25
C MET D 158 48.85 22.28 2.29
N ASP D 159 48.96 23.58 2.05
CA ASP D 159 47.82 24.48 1.95
C ASP D 159 47.91 25.24 0.63
N ALA D 160 46.93 26.11 0.40
CA ALA D 160 46.99 26.99 -0.76
C ALA D 160 48.14 27.96 -0.65
N GLU D 161 48.40 28.47 0.55
CA GLU D 161 49.50 29.40 0.75
C GLU D 161 50.85 28.72 0.62
N GLY D 162 50.91 27.41 0.88
CA GLY D 162 52.14 26.66 0.77
C GLY D 162 52.69 26.13 2.08
N ASN D 163 51.96 26.22 3.18
CA ASN D 163 52.43 25.70 4.45
C ASN D 163 52.21 24.20 4.52
N ALA D 164 53.26 23.45 4.79
CA ALA D 164 53.24 22.00 4.74
C ALA D 164 53.23 21.41 6.14
N GLN D 165 52.96 20.10 6.19
CA GLN D 165 53.04 19.34 7.43
C GLN D 165 54.43 18.79 7.70
N VAL D 166 55.25 18.63 6.67
CA VAL D 166 56.54 17.97 6.79
C VAL D 166 57.60 18.85 6.14
N PRO D 167 58.87 18.66 6.52
CA PRO D 167 59.94 19.45 5.90
C PRO D 167 60.04 19.17 4.41
N VAL D 168 59.86 20.22 3.61
CA VAL D 168 60.03 20.16 2.17
C VAL D 168 61.18 21.10 1.79
N ALA D 169 62.08 20.60 0.97
CA ALA D 169 63.34 21.28 0.69
C ALA D 169 63.21 22.19 -0.54
N GLU D 170 64.32 22.88 -0.85
CA GLU D 170 64.35 23.73 -2.03
C GLU D 170 64.14 22.92 -3.29
N ASP D 171 64.66 21.69 -3.32
CA ASP D 171 64.35 20.79 -4.43
C ASP D 171 62.87 20.45 -4.47
N GLY D 172 62.22 20.41 -3.30
CA GLY D 172 60.84 19.98 -3.20
C GLY D 172 60.66 18.55 -2.76
N SER D 173 61.74 17.86 -2.41
CA SER D 173 61.66 16.47 -2.01
C SER D 173 61.14 16.36 -0.58
N PHE D 174 60.42 15.27 -0.31
CA PHE D 174 59.86 15.01 1.00
C PHE D 174 59.74 13.51 1.21
N THR D 175 59.74 13.10 2.48
CA THR D 175 59.56 11.71 2.86
C THR D 175 58.56 11.61 4.00
N LEU D 176 57.78 10.54 3.97
CA LEU D 176 56.82 10.20 5.03
C LEU D 176 57.00 8.73 5.38
N TYR D 177 56.46 8.35 6.53
CA TYR D 177 56.43 6.94 6.91
C TYR D 177 54.99 6.51 7.12
N LEU D 178 54.70 5.24 6.80
CA LEU D 178 53.35 4.71 6.89
C LEU D 178 53.42 3.34 7.54
N GLU D 179 52.84 3.23 8.73
CA GLU D 179 52.75 1.95 9.42
C GLU D 179 51.42 1.31 9.05
N ALA D 180 51.46 0.19 8.35
CA ALA D 180 50.28 -0.48 7.83
C ALA D 180 50.07 -1.79 8.60
N ALA D 181 48.90 -1.92 9.19
CA ALA D 181 48.47 -3.12 9.88
C ALA D 181 47.63 -3.96 8.94
N SER D 182 48.01 -5.23 8.82
CA SER D 182 47.36 -6.20 7.94
C SER D 182 46.57 -7.16 8.80
N ASN D 183 45.30 -6.84 9.02
CA ASN D 183 44.43 -7.69 9.82
C ASN D 183 43.44 -8.42 8.94
N PRO D 184 43.18 -9.70 9.18
CA PRO D 184 42.23 -10.44 8.35
C PRO D 184 40.80 -9.98 8.56
N LEU D 185 39.99 -10.20 7.53
CA LEU D 185 38.57 -9.89 7.58
C LEU D 185 37.82 -11.13 8.08
N LEU D 186 37.35 -11.06 9.32
CA LEU D 186 36.65 -12.18 9.94
C LEU D 186 35.14 -12.09 9.81
N LEU D 187 34.63 -11.05 9.13
CA LEU D 187 33.20 -10.92 8.81
C LEU D 187 33.07 -10.60 7.32
N GLY D 188 33.05 -11.63 6.49
CA GLY D 188 32.82 -11.46 5.07
C GLY D 188 31.36 -11.22 4.78
N VAL D 189 31.05 -10.98 3.51
CA VAL D 189 29.66 -10.74 3.12
C VAL D 189 28.84 -12.02 3.27
N PRO D 190 29.38 -13.23 3.16
CA PRO D 190 28.73 -14.36 3.81
C PRO D 190 29.17 -14.45 5.26
N PRO D 191 28.31 -14.11 6.20
CA PRO D 191 28.75 -13.96 7.59
C PRO D 191 28.82 -15.29 8.32
N PHE D 192 29.61 -15.28 9.40
CA PHE D 192 29.72 -16.40 10.34
C PHE D 192 30.23 -17.66 9.64
N ILE D 193 31.45 -17.57 9.12
CA ILE D 193 32.14 -18.69 8.50
C ILE D 193 33.34 -19.04 9.36
N GLU D 194 33.46 -20.31 9.70
CA GLU D 194 34.52 -20.77 10.58
C GLU D 194 35.89 -20.48 9.98
N THR D 195 36.83 -20.06 10.84
CA THR D 195 38.18 -19.72 10.39
C THR D 195 39.16 -20.08 11.49
N GLU D 196 40.41 -20.28 11.07
CA GLU D 196 41.51 -20.56 11.99
C GLU D 196 42.51 -19.42 12.08
N LEU D 197 42.15 -18.25 11.55
CA LEU D 197 43.04 -17.09 11.54
C LEU D 197 42.82 -16.17 12.73
N GLY D 198 42.40 -16.70 13.87
CA GLY D 198 42.10 -15.87 15.02
C GLY D 198 42.94 -16.14 16.24
N ASP D 199 44.21 -16.49 16.06
CA ASP D 199 45.12 -16.71 17.18
C ASP D 199 46.54 -16.85 16.65
N HIS D 200 47.50 -16.46 17.51
CA HIS D 200 48.93 -16.74 17.34
C HIS D 200 49.41 -16.44 15.91
N ALA D 201 49.42 -15.15 15.60
CA ALA D 201 49.87 -14.64 14.30
C ALA D 201 51.05 -15.43 13.77
N THR D 202 50.91 -15.92 12.54
CA THR D 202 51.76 -16.97 12.02
C THR D 202 52.93 -16.48 11.17
N GLY D 203 52.74 -15.43 10.38
CA GLY D 203 53.77 -14.96 9.49
C GLY D 203 53.70 -15.48 8.08
N LYS D 204 52.53 -15.91 7.62
CA LYS D 204 52.34 -16.38 6.26
C LYS D 204 51.33 -15.51 5.53
N PRO D 205 51.48 -15.36 4.22
CA PRO D 205 50.49 -14.58 3.45
C PRO D 205 49.18 -15.34 3.26
N ASP D 206 48.34 -15.34 4.29
CA ASP D 206 47.08 -16.08 4.21
C ASP D 206 46.10 -15.42 3.24
N GLU D 207 46.15 -14.10 3.12
CA GLU D 207 45.33 -13.38 2.16
C GLU D 207 45.97 -12.02 1.87
N PRO D 208 46.92 -11.96 0.94
CA PRO D 208 47.65 -10.72 0.69
C PRO D 208 46.78 -9.67 0.03
N TYR D 209 47.16 -8.40 0.23
CA TYR D 209 46.48 -7.25 -0.35
C TYR D 209 47.47 -6.46 -1.20
N VAL D 210 46.97 -5.86 -2.27
CA VAL D 210 47.80 -5.10 -3.19
C VAL D 210 47.79 -3.63 -2.79
N PHE D 211 48.93 -2.96 -3.03
CA PHE D 211 49.02 -1.53 -2.72
C PHE D 211 48.35 -0.70 -3.81
N LYS D 212 48.92 -0.72 -5.01
CA LYS D 212 48.30 -0.28 -6.25
C LYS D 212 48.09 1.22 -6.40
N SER D 213 48.31 2.01 -5.35
CA SER D 213 48.12 3.46 -5.51
C SER D 213 48.69 4.31 -4.39
N ALA D 214 49.56 5.25 -4.75
CA ALA D 214 50.09 6.24 -3.80
C ALA D 214 50.42 7.49 -4.61
N ASP D 215 49.63 8.55 -4.45
CA ASP D 215 49.74 9.72 -5.29
C ASP D 215 49.69 11.00 -4.47
N LEU D 216 50.28 12.05 -5.03
CA LEU D 216 50.15 13.41 -4.53
C LEU D 216 49.26 14.16 -5.50
N ALA D 217 48.19 14.77 -4.97
CA ALA D 217 47.14 15.35 -5.78
C ALA D 217 46.68 16.66 -5.16
N GLU D 218 45.93 17.44 -5.93
CA GLU D 218 45.30 18.66 -5.45
C GLU D 218 43.84 18.40 -5.12
N PHE D 219 43.29 19.22 -4.24
CA PHE D 219 41.94 19.02 -3.73
C PHE D 219 41.04 20.17 -4.21
N ASP D 220 40.21 19.89 -5.21
CA ASP D 220 39.27 20.87 -5.74
C ASP D 220 37.95 20.73 -5.00
N GLU D 221 37.61 21.75 -4.20
CA GLU D 221 36.42 21.71 -3.35
C GLU D 221 35.13 21.95 -4.13
N ARG D 222 35.21 22.60 -5.28
CA ARG D 222 33.99 22.85 -6.06
C ARG D 222 33.35 21.54 -6.51
N TYR D 223 34.17 20.59 -6.93
CA TYR D 223 33.63 19.31 -7.40
C TYR D 223 33.06 18.50 -6.25
N GLU D 224 33.67 18.57 -5.07
CA GLU D 224 33.08 17.88 -3.92
C GLU D 224 31.77 18.51 -3.51
N ASN D 225 31.68 19.85 -3.58
CA ASN D 225 30.42 20.51 -3.27
C ASN D 225 29.34 20.09 -4.25
N TYR D 226 29.66 20.04 -5.54
CA TYR D 226 28.68 19.60 -6.53
C TYR D 226 28.27 18.15 -6.31
N SER D 227 29.24 17.29 -5.97
CA SER D 227 28.91 15.89 -5.71
C SER D 227 27.97 15.75 -4.52
N VAL D 228 28.25 16.48 -3.44
CA VAL D 228 27.40 16.40 -2.26
C VAL D 228 26.02 16.94 -2.56
N ASP D 229 25.93 18.04 -3.31
CA ASP D 229 24.63 18.60 -3.68
C ASP D 229 23.81 17.60 -4.50
N LEU D 230 24.45 16.99 -5.50
CA LEU D 230 23.75 16.02 -6.33
C LEU D 230 23.29 14.82 -5.52
N ASP D 231 24.16 14.34 -4.64
CA ASP D 231 23.81 13.19 -3.80
C ASP D 231 22.63 13.51 -2.89
N VAL D 232 22.64 14.70 -2.28
CA VAL D 232 21.55 15.09 -1.39
C VAL D 232 20.24 15.21 -2.15
N VAL D 233 20.27 15.84 -3.32
CA VAL D 233 19.05 16.01 -4.10
C VAL D 233 18.49 14.65 -4.52
N SER D 234 19.36 13.78 -5.02
CA SER D 234 18.90 12.47 -5.48
C SER D 234 18.35 11.63 -4.33
N SER D 235 19.01 11.68 -3.16
CA SER D 235 18.52 10.91 -2.03
C SER D 235 17.23 11.47 -1.46
N LEU D 236 17.07 12.80 -1.49
CA LEU D 236 15.80 13.39 -1.09
C LEU D 236 14.69 12.97 -2.02
N MET D 237 15.00 12.79 -3.31
CA MET D 237 14.00 12.34 -4.28
C MET D 237 13.46 10.95 -3.96
N GLU D 238 14.20 10.14 -3.20
CA GLU D 238 13.79 8.78 -2.90
C GLU D 238 12.85 8.67 -1.71
N PHE D 239 12.53 9.77 -1.06
CA PHE D 239 11.61 9.76 0.07
C PHE D 239 10.62 10.92 0.00
N ALA D 240 10.41 11.49 -1.18
CA ALA D 240 9.75 12.78 -1.31
C ALA D 240 8.29 12.67 -1.74
N ASP D 241 7.66 11.51 -1.55
CA ASP D 241 6.21 11.39 -1.70
C ASP D 241 5.76 11.77 -3.12
N LYS D 242 6.08 10.89 -4.06
CA LYS D 242 5.57 11.03 -5.42
C LYS D 242 4.12 11.48 -5.41
N GLN D 243 3.77 12.36 -6.37
CA GLN D 243 2.52 13.12 -6.43
C GLN D 243 2.53 14.32 -5.50
N SER D 244 3.69 14.78 -5.05
CA SER D 244 3.80 16.02 -4.30
C SER D 244 4.61 17.04 -5.10
N PRO D 245 4.33 18.33 -4.92
CA PRO D 245 5.09 19.34 -5.67
C PRO D 245 6.58 19.30 -5.39
N ARG D 246 6.99 18.92 -4.18
CA ARG D 246 8.41 18.87 -3.85
C ARG D 246 9.15 17.86 -4.71
N TYR D 247 8.56 16.69 -4.94
CA TYR D 247 9.18 15.66 -5.75
C TYR D 247 9.46 16.16 -7.16
N TRP D 248 8.46 16.79 -7.79
CA TRP D 248 8.62 17.21 -9.18
C TRP D 248 9.51 18.44 -9.29
N GLN D 249 9.47 19.33 -8.30
CA GLN D 249 10.42 20.44 -8.30
C GLN D 249 11.84 19.95 -8.18
N LEU D 250 12.08 18.97 -7.31
CA LEU D 250 13.42 18.39 -7.19
C LEU D 250 13.85 17.72 -8.48
N ALA D 251 12.93 16.99 -9.14
CA ALA D 251 13.28 16.33 -10.40
C ALA D 251 13.64 17.36 -11.47
N LYS D 252 12.86 18.43 -11.58
CA LYS D 252 13.15 19.46 -12.57
C LYS D 252 14.50 20.13 -12.29
N ALA D 253 14.78 20.42 -11.01
CA ALA D 253 16.07 21.02 -10.66
C ALA D 253 17.22 20.09 -11.00
N LEU D 254 17.07 18.80 -10.71
CA LEU D 254 18.11 17.83 -11.02
C LEU D 254 18.36 17.78 -12.53
N GLN D 255 17.29 17.74 -13.32
CA GLN D 255 17.46 17.66 -14.76
C GLN D 255 18.13 18.91 -15.31
N ARG D 256 17.73 20.09 -14.85
CA ARG D 256 18.34 21.32 -15.34
C ARG D 256 19.80 21.40 -14.94
N SER D 257 20.12 21.02 -13.70
CA SER D 257 21.51 21.05 -13.25
C SER D 257 22.37 20.08 -14.05
N LEU D 258 21.86 18.89 -14.33
CA LEU D 258 22.62 17.93 -15.12
C LEU D 258 22.79 18.41 -16.56
N ASN D 259 21.81 19.11 -17.10
CA ASN D 259 21.97 19.69 -18.44
C ASN D 259 23.02 20.78 -18.45
N ALA D 260 23.08 21.59 -17.39
CA ALA D 260 23.99 22.73 -17.35
C ALA D 260 25.45 22.35 -17.13
N TYR D 261 25.74 21.10 -16.77
CA TYR D 261 27.09 20.69 -16.41
C TYR D 261 27.81 20.14 -17.64
N ASP D 262 28.87 20.80 -18.06
CA ASP D 262 29.72 20.34 -19.15
C ASP D 262 31.09 19.99 -18.61
N GLU D 263 31.54 18.77 -18.91
CA GLU D 263 32.84 18.32 -18.44
C GLU D 263 34.00 18.91 -19.23
N ARG D 264 33.74 19.37 -20.46
CA ARG D 264 34.79 20.01 -21.24
C ARG D 264 35.21 21.34 -20.63
N ASN D 265 34.25 22.09 -20.09
CA ASN D 265 34.53 23.38 -19.49
C ASN D 265 34.55 23.24 -17.98
N PRO D 266 35.70 23.42 -17.32
CA PRO D 266 35.76 23.23 -15.86
C PRO D 266 34.88 24.20 -15.07
N GLU D 267 34.71 25.44 -15.53
CA GLU D 267 34.04 26.43 -14.68
C GLU D 267 32.53 26.20 -14.63
N SER D 268 31.97 25.47 -15.61
CA SER D 268 30.54 25.26 -15.64
C SER D 268 30.03 24.53 -14.40
N VAL D 269 30.92 23.87 -13.67
CA VAL D 269 30.54 23.20 -12.44
C VAL D 269 29.90 24.18 -11.45
N GLU D 270 30.26 25.47 -11.54
CA GLU D 270 29.60 26.44 -10.68
C GLU D 270 28.20 26.77 -11.19
N ALA D 271 28.04 26.90 -12.51
CA ALA D 271 26.73 27.24 -13.05
C ALA D 271 25.70 26.17 -12.72
N ALA D 272 26.09 24.90 -12.84
CA ALA D 272 25.21 23.81 -12.42
C ALA D 272 24.85 23.94 -10.95
N ARG D 273 25.82 24.33 -10.12
CA ARG D 273 25.53 24.51 -8.71
C ARG D 273 24.51 25.61 -8.47
N ALA D 274 24.39 26.56 -9.39
CA ALA D 274 23.39 27.61 -9.26
C ALA D 274 21.98 27.12 -9.57
N VAL D 275 21.84 25.92 -10.14
CA VAL D 275 20.52 25.39 -10.41
C VAL D 275 19.96 24.62 -9.22
N LEU D 276 20.82 23.92 -8.48
CA LEU D 276 20.40 23.20 -7.29
C LEU D 276 20.29 24.10 -6.07
N ALA D 277 20.68 25.38 -6.19
CA ALA D 277 20.62 26.29 -5.05
C ALA D 277 19.18 26.58 -4.65
N GLY D 278 18.26 26.62 -5.62
CA GLY D 278 16.88 26.96 -5.30
C GLY D 278 16.19 25.95 -4.42
N VAL D 279 16.37 24.66 -4.71
CA VAL D 279 15.67 23.61 -3.96
C VAL D 279 16.39 23.27 -2.67
N LEU D 280 17.66 23.63 -2.53
CA LEU D 280 18.41 23.33 -1.30
C LEU D 280 18.31 24.45 -0.27
N ALA D 281 17.71 25.58 -0.61
CA ALA D 281 17.58 26.70 0.31
C ALA D 281 16.19 26.78 0.93
N LYS D 282 15.34 25.78 0.69
CA LYS D 282 14.01 25.76 1.26
C LYS D 282 14.07 25.37 2.73
N PRO D 283 13.38 26.09 3.61
CA PRO D 283 13.47 25.79 5.05
C PRO D 283 12.75 24.52 5.41
N ALA D 284 13.04 24.02 6.61
CA ALA D 284 12.45 22.80 7.11
C ALA D 284 11.00 23.03 7.52
N ASN D 285 10.23 21.94 7.57
CA ASN D 285 8.83 22.02 7.99
C ASN D 285 8.74 22.39 9.46
N ALA D 286 7.64 23.06 9.81
CA ALA D 286 7.48 23.57 11.17
C ALA D 286 7.31 22.45 12.20
N SER D 287 6.90 21.26 11.77
CA SER D 287 6.70 20.14 12.67
C SER D 287 7.84 19.14 12.65
N ALA D 288 8.94 19.45 11.98
CA ALA D 288 10.08 18.56 11.93
C ALA D 288 10.74 18.46 13.31
N MET D 289 11.44 17.36 13.52
CA MET D 289 12.12 17.14 14.78
C MET D 289 13.43 17.93 14.84
N ASN D 290 13.94 18.09 16.06
CA ASN D 290 15.19 18.78 16.33
C ASN D 290 16.24 17.73 16.69
N VAL D 291 17.20 17.51 15.79
CA VAL D 291 18.19 16.46 15.93
C VAL D 291 19.51 17.08 16.38
N SER D 292 20.10 16.51 17.42
CA SER D 292 21.41 16.91 17.91
C SER D 292 22.42 15.85 17.52
N ALA D 293 23.46 16.25 16.81
CA ALA D 293 24.46 15.32 16.28
C ALA D 293 25.79 15.52 16.99
N ILE D 294 26.39 14.41 17.42
CA ILE D 294 27.70 14.43 18.05
C ILE D 294 28.56 13.35 17.39
N GLY D 295 29.82 13.69 17.11
CA GLY D 295 30.71 12.72 16.49
C GLY D 295 31.05 11.60 17.44
N HIS D 296 31.07 10.38 16.90
CA HIS D 296 31.26 9.19 17.72
C HIS D 296 32.04 8.16 16.92
N ALA D 297 32.78 7.33 17.64
CA ALA D 297 33.48 6.20 17.02
C ALA D 297 33.60 5.10 18.07
N HIS D 298 32.68 4.18 18.07
CA HIS D 298 32.76 3.09 19.04
C HIS D 298 33.95 2.22 18.73
N ILE D 299 34.64 1.82 19.74
CA ILE D 299 35.76 0.90 19.66
C ILE D 299 35.56 -0.20 20.69
N ASP D 300 35.58 -1.42 20.26
CA ASP D 300 35.47 -2.58 21.17
C ASP D 300 36.85 -2.88 21.72
N SER D 301 37.04 -3.07 23.03
CA SER D 301 38.33 -3.28 23.66
C SER D 301 39.02 -4.53 23.12
N ALA D 302 38.27 -5.61 22.94
CA ALA D 302 38.81 -6.82 22.34
C ALA D 302 37.67 -7.61 21.73
N TRP D 303 37.53 -7.56 20.41
CA TRP D 303 36.50 -8.33 19.72
C TRP D 303 36.96 -8.50 18.28
N LEU D 304 37.32 -9.73 17.91
CA LEU D 304 37.87 -10.09 16.60
C LEU D 304 39.28 -9.58 16.39
N TRP D 305 39.94 -9.08 17.44
CA TRP D 305 41.33 -8.67 17.38
C TRP D 305 41.86 -8.61 18.80
N PRO D 306 43.14 -8.83 19.02
CA PRO D 306 43.71 -8.71 20.36
C PRO D 306 43.73 -7.27 20.84
N VAL D 307 44.02 -7.11 22.14
CA VAL D 307 44.05 -5.78 22.74
C VAL D 307 45.19 -4.95 22.16
N ARG D 308 46.32 -5.58 21.84
CA ARG D 308 47.44 -4.85 21.28
C ARG D 308 47.09 -4.21 19.95
N GLU D 309 46.10 -4.74 19.23
CA GLU D 309 45.59 -4.06 18.05
C GLU D 309 44.57 -2.99 18.41
N THR D 310 43.88 -3.16 19.55
CA THR D 310 42.93 -2.15 19.99
C THR D 310 43.64 -0.85 20.34
N ARG D 311 44.83 -0.94 20.92
CA ARG D 311 45.58 0.28 21.22
C ARG D 311 45.91 1.05 19.95
N ARG D 312 46.36 0.36 18.91
CA ARG D 312 46.66 1.01 17.65
C ARG D 312 45.40 1.59 17.02
N LYS D 313 44.27 0.86 17.13
CA LYS D 313 43.00 1.38 16.62
C LYS D 313 42.61 2.67 17.32
N VAL D 314 42.81 2.73 18.64
CA VAL D 314 42.49 3.94 19.40
C VAL D 314 43.36 5.10 18.93
N ALA D 315 44.65 4.84 18.75
CA ALA D 315 45.55 5.90 18.28
C ALA D 315 45.12 6.42 16.92
N ARG D 316 44.79 5.51 16.00
CA ARG D 316 44.36 5.92 14.66
C ARG D 316 43.08 6.73 14.71
N THR D 317 42.12 6.30 15.53
CA THR D 317 40.85 7.02 15.62
C THR D 317 41.05 8.43 16.17
N VAL D 318 41.87 8.58 17.20
CA VAL D 318 42.11 9.91 17.74
C VAL D 318 42.83 10.79 16.72
N SER D 319 43.75 10.19 15.95
CA SER D 319 44.40 10.94 14.89
C SER D 319 43.39 11.47 13.88
N ASN D 320 42.45 10.61 13.46
CA ASN D 320 41.43 11.04 12.52
C ASN D 320 40.57 12.16 13.09
N ALA D 321 40.19 12.05 14.37
CA ALA D 321 39.35 13.07 14.98
C ALA D 321 40.08 14.40 15.05
N LEU D 322 41.35 14.39 15.44
CA LEU D 322 42.12 15.62 15.53
C LEU D 322 42.30 16.26 14.15
N ALA D 323 42.56 15.45 13.14
CA ALA D 323 42.68 15.99 11.79
C ALA D 323 41.38 16.62 11.32
N LEU D 324 40.25 15.96 11.63
CA LEU D 324 38.95 16.52 11.25
C LEU D 324 38.67 17.84 11.96
N MET D 325 39.07 17.93 13.23
CA MET D 325 38.92 19.21 13.93
C MET D 325 39.79 20.29 13.29
N ASP D 326 41.00 19.94 12.86
CA ASP D 326 41.83 20.92 12.18
C ASP D 326 41.24 21.34 10.85
N ALA D 327 40.53 20.44 10.16
CA ALA D 327 40.01 20.75 8.83
C ALA D 327 38.63 21.38 8.84
N ASP D 328 37.96 21.45 9.99
CA ASP D 328 36.59 21.95 10.00
C ASP D 328 36.18 22.46 11.37
N PRO D 329 35.73 23.71 11.48
CA PRO D 329 35.10 24.15 12.73
C PRO D 329 33.70 23.58 12.85
N ASP D 330 33.02 23.86 13.95
CA ASP D 330 31.65 23.42 14.21
C ASP D 330 31.52 21.90 14.29
N PHE D 331 32.63 21.19 14.48
CA PHE D 331 32.62 19.73 14.59
C PHE D 331 33.08 19.34 15.99
N LYS D 332 32.33 18.45 16.62
CA LYS D 332 32.65 17.96 17.95
C LYS D 332 32.71 16.44 17.94
N TYR D 333 33.38 15.88 18.95
CA TYR D 333 33.66 14.45 18.98
C TYR D 333 33.66 13.97 20.42
N ALA D 334 33.00 12.84 20.67
CA ALA D 334 32.88 12.27 22.01
C ALA D 334 33.63 10.94 22.08
N MET D 335 34.38 10.76 23.17
CA MET D 335 35.10 9.52 23.41
C MET D 335 34.83 9.06 24.84
N SER D 336 34.81 7.74 25.05
CA SER D 336 34.14 7.16 26.21
C SER D 336 35.05 6.50 27.22
N SER D 337 35.84 5.50 26.82
CA SER D 337 36.46 4.60 27.80
C SER D 337 37.74 5.19 28.38
N ALA D 338 37.90 5.03 29.69
CA ALA D 338 39.09 5.54 30.36
C ALA D 338 40.32 4.67 30.13
N GLN D 339 40.14 3.36 29.97
CA GLN D 339 41.27 2.48 29.67
C GLN D 339 41.92 2.87 28.35
N GLN D 340 41.11 3.22 27.35
CA GLN D 340 41.65 3.65 26.07
C GLN D 340 42.41 4.96 26.22
N TYR D 341 41.90 5.88 27.06
CA TYR D 341 42.64 7.10 27.35
C TYR D 341 43.99 6.79 27.97
N ALA D 342 44.03 5.86 28.93
CA ALA D 342 45.29 5.49 29.57
C ALA D 342 46.26 4.88 28.58
N TRP D 343 45.78 3.99 27.71
CA TRP D 343 46.63 3.39 26.70
C TRP D 343 47.22 4.45 25.77
N LEU D 344 46.37 5.38 25.31
CA LEU D 344 46.85 6.43 24.41
C LEU D 344 47.86 7.32 25.12
N GLU D 345 47.61 7.66 26.37
CA GLU D 345 48.53 8.52 27.11
C GLU D 345 49.88 7.84 27.30
N GLU D 346 49.87 6.54 27.56
CA GLU D 346 51.14 5.82 27.73
C GLU D 346 51.89 5.65 26.41
N ASP D 347 51.17 5.50 25.30
CA ASP D 347 51.80 5.11 24.05
C ASP D 347 52.14 6.28 23.14
N HIS D 348 51.28 7.29 23.04
CA HIS D 348 51.47 8.42 22.13
C HIS D 348 51.30 9.72 22.90
N PRO D 349 52.33 10.17 23.61
CA PRO D 349 52.20 11.40 24.41
C PRO D 349 51.84 12.64 23.60
N ASP D 350 52.31 12.76 22.35
CA ASP D 350 52.00 13.94 21.55
C ASP D 350 50.53 13.98 21.15
N ILE D 351 49.98 12.83 20.74
CA ILE D 351 48.56 12.75 20.44
C ILE D 351 47.75 13.09 21.69
N PHE D 352 48.21 12.61 22.85
CA PHE D 352 47.53 12.93 24.11
C PHE D 352 47.56 14.42 24.40
N LYS D 353 48.69 15.08 24.15
CA LYS D 353 48.79 16.52 24.38
C LYS D 353 47.85 17.30 23.46
N ARG D 354 47.81 16.94 22.18
CA ARG D 354 46.90 17.61 21.25
C ARG D 354 45.45 17.38 21.65
N MET D 355 45.12 16.16 22.06
CA MET D 355 43.76 15.85 22.48
C MET D 355 43.40 16.62 23.75
N LYS D 356 44.34 16.79 24.67
CA LYS D 356 44.09 17.57 25.87
C LYS D 356 43.84 19.03 25.52
N ARG D 357 44.61 19.57 24.57
CA ARG D 357 44.37 20.93 24.12
C ARG D 357 42.97 21.09 23.53
N ARG D 358 42.54 20.12 22.73
CA ARG D 358 41.18 20.17 22.18
C ARG D 358 40.12 20.03 23.26
N ILE D 359 40.40 19.20 24.28
CA ILE D 359 39.44 19.03 25.38
C ILE D 359 39.26 20.33 26.13
N GLU D 360 40.36 21.04 26.40
CA GLU D 360 40.29 22.24 27.22
C GLU D 360 39.40 23.31 26.60
N GLU D 361 39.24 23.31 25.28
CA GLU D 361 38.40 24.28 24.60
C GLU D 361 37.02 23.75 24.26
N GLY D 362 36.64 22.60 24.80
CA GLY D 362 35.26 22.15 24.70
C GLY D 362 34.85 21.58 23.36
N ARG D 363 35.79 21.02 22.59
CA ARG D 363 35.47 20.38 21.33
C ARG D 363 35.66 18.87 21.37
N PHE D 364 36.42 18.36 22.32
CA PHE D 364 36.65 16.93 22.52
C PHE D 364 36.01 16.57 23.87
N ILE D 365 34.91 15.83 23.83
CA ILE D 365 34.10 15.59 25.02
C ILE D 365 34.38 14.18 25.52
N PRO D 366 34.95 14.02 26.71
CA PRO D 366 34.97 12.69 27.36
C PRO D 366 33.61 12.40 27.98
N VAL D 367 33.11 11.18 27.75
CA VAL D 367 31.81 10.77 28.23
C VAL D 367 31.96 9.47 29.00
N GLY D 368 30.90 9.11 29.73
CA GLY D 368 30.86 7.83 30.41
C GLY D 368 31.40 7.85 31.83
N GLY D 369 32.70 8.08 31.98
CA GLY D 369 33.33 7.99 33.29
C GLY D 369 33.37 6.59 33.86
N MET D 370 33.68 5.60 33.03
CA MET D 370 33.86 4.23 33.46
C MET D 370 35.18 3.72 32.92
N TRP D 371 35.72 2.68 33.57
CA TRP D 371 36.97 2.10 33.11
C TRP D 371 36.83 1.52 31.70
N VAL D 372 35.81 0.69 31.50
CA VAL D 372 35.44 0.19 30.19
C VAL D 372 33.92 0.24 30.08
N GLU D 373 33.41 -0.10 28.90
CA GLU D 373 31.97 -0.28 28.70
C GLU D 373 31.64 -1.73 29.04
N ALA D 374 31.30 -1.96 30.30
CA ALA D 374 31.10 -3.31 30.81
C ALA D 374 29.71 -3.82 30.46
N ASP D 375 29.52 -5.12 30.65
CA ASP D 375 28.21 -5.72 30.48
C ASP D 375 27.26 -5.24 31.57
N GLY D 376 25.96 -5.24 31.26
CA GLY D 376 24.98 -4.72 32.18
C GLY D 376 24.38 -5.74 33.14
N MET D 377 24.41 -7.01 32.75
CA MET D 377 23.74 -8.06 33.51
C MET D 377 24.69 -8.90 34.36
N LEU D 378 25.83 -9.32 33.78
CA LEU D 378 26.64 -10.33 34.45
C LEU D 378 27.45 -9.78 35.62
N PRO D 379 28.18 -8.68 35.51
CA PRO D 379 29.04 -8.25 36.62
C PRO D 379 28.25 -7.93 37.87
N ALA D 380 28.87 -8.18 39.03
CA ALA D 380 28.25 -7.89 40.31
C ALA D 380 28.15 -6.38 40.53
N GLY D 381 27.40 -6.01 41.57
CA GLY D 381 27.22 -4.59 41.86
C GLY D 381 28.53 -3.91 42.21
N GLU D 382 29.40 -4.62 42.94
CA GLU D 382 30.71 -4.05 43.27
C GLU D 382 31.54 -3.83 42.03
N SER D 383 31.42 -4.70 41.02
CA SER D 383 32.09 -4.47 39.75
C SER D 383 31.67 -3.16 39.14
N LEU D 384 30.36 -2.89 39.11
CA LEU D 384 29.87 -1.65 38.52
C LEU D 384 30.35 -0.44 39.31
N ILE D 385 30.30 -0.53 40.64
CA ILE D 385 30.73 0.59 41.47
C ILE D 385 32.23 0.86 41.26
N ARG D 386 33.03 -0.19 41.16
CA ARG D 386 34.47 0.00 40.97
C ARG D 386 34.78 0.53 39.58
N GLN D 387 34.05 0.08 38.56
CA GLN D 387 34.20 0.67 37.23
C GLN D 387 33.97 2.17 37.30
N ILE D 388 32.87 2.58 37.92
CA ILE D 388 32.54 4.00 38.02
C ILE D 388 33.64 4.74 38.78
N ALA D 389 34.08 4.18 39.91
CA ALA D 389 35.05 4.86 40.75
C ALA D 389 36.37 5.07 40.03
N TYR D 390 36.89 4.01 39.42
CA TYR D 390 38.19 4.12 38.74
C TYR D 390 38.10 5.04 37.52
N GLY D 391 37.02 4.94 36.74
CA GLY D 391 36.88 5.83 35.60
C GLY D 391 36.76 7.28 36.00
N ARG D 392 35.98 7.57 37.04
CA ARG D 392 35.83 8.94 37.51
C ARG D 392 37.14 9.47 38.06
N LYS D 393 37.89 8.66 38.80
CA LYS D 393 39.18 9.11 39.31
C LYS D 393 40.13 9.44 38.17
N TYR D 394 40.17 8.58 37.14
CA TYR D 394 41.04 8.87 36.00
C TYR D 394 40.63 10.15 35.30
N PHE D 395 39.32 10.32 35.07
CA PHE D 395 38.86 11.52 34.38
C PHE D 395 39.17 12.78 35.16
N LYS D 396 39.01 12.73 36.48
CA LYS D 396 39.28 13.91 37.30
C LYS D 396 40.76 14.23 37.34
N GLU D 397 41.62 13.21 37.49
CA GLU D 397 43.04 13.47 37.70
C GLU D 397 43.85 13.57 36.42
N HIS D 398 43.27 13.26 35.26
CA HIS D 398 44.02 13.29 34.01
C HIS D 398 43.41 14.15 32.93
N LEU D 399 42.11 14.44 32.97
CA LEU D 399 41.48 15.31 31.99
C LEU D 399 40.74 16.49 32.59
N GLY D 400 40.45 16.48 33.89
CA GLY D 400 39.72 17.57 34.51
C GLY D 400 38.28 17.68 34.06
N VAL D 401 37.61 16.56 33.83
CA VAL D 401 36.23 16.53 33.37
C VAL D 401 35.44 15.60 34.27
N GLU D 402 34.22 16.00 34.62
CA GLU D 402 33.31 15.17 35.39
C GLU D 402 32.06 14.88 34.58
N PRO D 403 31.91 13.66 34.04
CA PRO D 403 30.72 13.36 33.24
C PRO D 403 29.46 13.33 34.09
N LYS D 404 28.33 13.64 33.44
CA LYS D 404 27.03 13.65 34.09
C LYS D 404 26.09 12.56 33.60
N GLY D 405 26.57 11.65 32.77
CA GLY D 405 25.71 10.62 32.21
C GLY D 405 26.45 9.33 32.00
N VAL D 406 25.70 8.23 32.01
CA VAL D 406 26.26 6.90 31.77
C VAL D 406 26.16 6.61 30.28
N TRP D 407 27.30 6.32 29.66
CA TRP D 407 27.40 6.15 28.21
C TRP D 407 27.72 4.70 27.92
N LEU D 408 26.69 3.90 27.65
CA LEU D 408 26.82 2.48 27.35
C LEU D 408 25.99 2.14 26.13
N PRO D 409 26.42 2.58 24.95
CA PRO D 409 25.61 2.35 23.74
C PRO D 409 25.37 0.88 23.42
N ASP D 410 26.30 -0.06 23.57
CA ASP D 410 26.17 -1.49 23.17
C ASP D 410 26.37 -2.30 24.40
N SER D 411 25.43 -3.09 24.88
CA SER D 411 25.47 -4.01 26.00
C SER D 411 24.26 -4.93 25.90
N PHE D 412 24.46 -6.19 26.25
CA PHE D 412 23.41 -7.20 26.11
C PHE D 412 22.47 -7.21 27.32
N GLY D 413 21.79 -6.09 27.51
CA GLY D 413 20.81 -5.96 28.56
C GLY D 413 21.38 -5.29 29.81
N TYR D 414 20.47 -4.80 30.64
CA TYR D 414 20.82 -4.05 31.84
C TYR D 414 20.05 -4.59 33.04
N THR D 415 20.71 -4.56 34.19
CA THR D 415 20.29 -5.38 35.32
C THR D 415 19.04 -4.88 36.04
N GLY D 416 18.76 -3.59 36.00
CA GLY D 416 17.67 -3.04 36.77
C GLY D 416 18.06 -2.45 38.11
N ALA D 417 19.23 -2.82 38.63
CA ALA D 417 19.85 -2.10 39.73
C ALA D 417 20.69 -0.92 39.26
N TRP D 418 20.83 -0.76 37.94
CA TRP D 418 21.60 0.35 37.39
C TRP D 418 21.07 1.73 37.79
N PRO D 419 19.75 2.02 37.75
CA PRO D 419 19.31 3.39 38.06
C PRO D 419 19.72 3.87 39.43
N GLN D 420 19.67 3.01 40.46
CA GLN D 420 20.02 3.47 41.80
C GLN D 420 21.52 3.69 41.93
N ILE D 421 22.33 2.80 41.34
CA ILE D 421 23.78 2.97 41.41
C ILE D 421 24.20 4.23 40.68
N ALA D 422 23.63 4.46 39.49
CA ALA D 422 23.95 5.67 38.74
C ALA D 422 23.48 6.92 39.48
N ARG D 423 22.30 6.87 40.10
CA ARG D 423 21.80 8.04 40.81
C ARG D 423 22.61 8.33 42.07
N ARG D 424 23.10 7.30 42.75
CA ARG D 424 23.87 7.49 43.97
C ARG D 424 25.34 7.76 43.70
N ALA D 425 25.76 7.76 42.44
CA ALA D 425 27.12 8.13 42.07
C ALA D 425 27.24 9.55 41.54
N GLY D 426 26.12 10.18 41.19
CA GLY D 426 26.13 11.53 40.67
C GLY D 426 25.74 11.69 39.22
N TYR D 427 25.34 10.62 38.55
CA TYR D 427 24.94 10.71 37.16
C TYR D 427 23.50 11.22 37.05
N GLU D 428 23.18 11.79 35.89
CA GLU D 428 21.87 12.38 35.67
C GLU D 428 21.12 11.83 34.45
N TRP D 429 21.78 11.12 33.55
CA TRP D 429 21.08 10.55 32.41
C TRP D 429 21.81 9.29 31.95
N PHE D 430 21.11 8.51 31.11
CA PHE D 430 21.56 7.21 30.64
C PHE D 430 21.37 7.15 29.14
N LEU D 431 22.31 6.49 28.45
CA LEU D 431 22.27 6.36 27.00
C LEU D 431 22.45 4.90 26.61
N THR D 432 21.67 4.46 25.63
CA THR D 432 21.70 3.07 25.17
C THR D 432 20.99 2.98 23.84
N GLN D 433 21.44 2.04 23.00
CA GLN D 433 20.76 1.77 21.74
C GLN D 433 20.62 0.29 21.43
N LYS D 434 21.00 -0.60 22.36
CA LYS D 434 20.99 -2.03 22.04
C LYS D 434 19.60 -2.63 22.06
N ILE D 435 18.69 -2.07 22.86
CA ILE D 435 17.35 -2.63 23.01
C ILE D 435 16.57 -2.62 21.71
N SER D 436 17.02 -1.86 20.71
CA SER D 436 16.39 -1.87 19.40
C SER D 436 16.59 -3.18 18.66
N TRP D 437 17.45 -4.07 19.15
CA TRP D 437 17.72 -5.34 18.50
C TRP D 437 16.79 -6.45 18.96
N ASN D 438 15.64 -6.12 19.53
CA ASN D 438 14.76 -7.12 20.13
C ASN D 438 14.16 -8.03 19.06
N ASP D 439 13.99 -9.29 19.43
CA ASP D 439 13.37 -10.27 18.53
C ASP D 439 11.90 -9.94 18.28
N THR D 440 11.13 -9.72 19.34
CA THR D 440 9.68 -9.76 19.27
C THR D 440 9.04 -8.39 19.49
N THR D 441 9.33 -7.74 20.62
CA THR D 441 8.61 -6.54 21.01
C THR D 441 9.38 -5.28 20.66
N LYS D 442 8.63 -4.20 20.52
CA LYS D 442 9.19 -2.87 20.38
C LYS D 442 9.05 -2.14 21.71
N PHE D 443 10.15 -1.62 22.21
CA PHE D 443 10.11 -0.93 23.50
C PHE D 443 9.22 0.30 23.38
N PRO D 444 8.35 0.54 24.37
CA PRO D 444 7.32 1.58 24.21
C PRO D 444 7.84 3.00 24.09
N HIS D 445 9.07 3.28 24.54
CA HIS D 445 9.55 4.65 24.61
C HIS D 445 10.98 4.75 24.07
N HIS D 446 11.32 5.96 23.61
CA HIS D 446 12.72 6.33 23.39
C HIS D 446 13.26 7.31 24.41
N SER D 447 12.42 8.19 24.96
CA SER D 447 12.80 9.10 26.03
C SER D 447 11.89 8.85 27.22
N PHE D 448 12.45 8.47 28.35
CA PHE D 448 11.62 8.06 29.47
C PHE D 448 12.40 8.15 30.78
N MET D 449 11.68 7.94 31.87
CA MET D 449 12.26 7.70 33.19
C MET D 449 12.40 6.20 33.41
N TRP D 450 13.64 5.73 33.52
CA TRP D 450 13.93 4.37 33.92
C TRP D 450 14.02 4.32 35.43
N GLU D 451 13.17 3.51 36.04
CA GLU D 451 13.09 3.36 37.49
C GLU D 451 13.53 1.94 37.85
N GLY D 452 14.42 1.84 38.84
CA GLY D 452 14.95 0.56 39.23
C GLY D 452 14.01 -0.20 40.14
N ILE D 453 14.50 -1.33 40.64
CA ILE D 453 13.71 -2.16 41.54
C ILE D 453 13.51 -1.49 42.90
N ASP D 454 14.12 -0.34 43.13
CA ASP D 454 13.99 0.40 44.38
C ASP D 454 13.04 1.59 44.27
N GLY D 455 13.16 2.37 43.21
CA GLY D 455 12.33 3.55 43.06
C GLY D 455 13.08 4.75 42.50
N SER D 456 14.40 4.66 42.45
CA SER D 456 15.20 5.75 41.91
C SER D 456 15.01 5.83 40.41
N ARG D 457 14.78 7.04 39.90
CA ARG D 457 14.52 7.27 38.49
C ARG D 457 15.68 8.02 37.86
N ILE D 458 16.02 7.64 36.63
CA ILE D 458 16.99 8.35 35.83
C ILE D 458 16.39 8.59 34.46
N PHE D 459 16.92 9.59 33.76
CA PHE D 459 16.40 9.97 32.46
C PHE D 459 17.17 9.21 31.38
N THR D 460 16.47 8.33 30.65
CA THR D 460 17.07 7.48 29.65
C THR D 460 16.57 7.87 28.26
N HIS D 461 17.46 7.83 27.28
CA HIS D 461 17.15 8.12 25.90
C HIS D 461 17.71 7.03 25.00
N PHE D 462 16.89 6.56 24.07
CA PHE D 462 17.32 5.59 23.05
C PHE D 462 17.39 6.28 21.71
N PRO D 463 18.57 6.47 21.13
CA PRO D 463 18.67 7.12 19.82
C PRO D 463 17.81 6.41 18.79
N PRO D 464 16.81 7.10 18.23
CA PRO D 464 15.86 6.42 17.32
C PRO D 464 16.45 6.03 15.99
N ALA D 465 17.69 6.44 15.68
CA ALA D 465 18.32 6.02 14.44
C ALA D 465 18.73 4.56 14.46
N ASP D 466 18.64 3.89 15.61
CA ASP D 466 18.90 2.47 15.77
C ASP D 466 20.36 2.11 15.56
N THR D 467 21.27 3.07 15.68
CA THR D 467 22.68 2.79 15.52
C THR D 467 23.49 3.80 16.31
N TYR D 468 24.69 3.40 16.72
CA TYR D 468 25.65 4.31 17.32
C TYR D 468 26.65 4.86 16.31
N ALA D 469 26.51 4.48 15.02
CA ALA D 469 27.44 4.89 13.97
C ALA D 469 26.62 5.14 12.71
N ALA D 470 26.21 6.39 12.51
CA ALA D 470 25.40 6.77 11.37
C ALA D 470 26.26 7.37 10.27
N TRP D 471 25.83 7.17 9.02
CA TRP D 471 26.55 7.65 7.85
C TRP D 471 26.02 8.98 7.34
N CYS D 472 25.06 9.58 8.04
CA CYS D 472 24.51 10.90 7.71
C CYS D 472 23.83 10.89 6.34
N LYS D 473 22.86 10.00 6.20
CA LYS D 473 22.06 9.87 5.00
C LYS D 473 20.63 10.31 5.28
N VAL D 474 19.92 10.70 4.21
CA VAL D 474 18.52 11.06 4.34
C VAL D 474 17.69 9.85 4.75
N GLN D 475 18.10 8.65 4.33
CA GLN D 475 17.41 7.44 4.74
C GLN D 475 17.43 7.28 6.26
N GLU D 476 18.58 7.49 6.88
CA GLU D 476 18.69 7.35 8.32
C GLU D 476 17.84 8.39 9.05
N LEU D 477 17.86 9.64 8.58
CA LEU D 477 17.09 10.68 9.23
C LEU D 477 15.59 10.41 9.11
N ASP D 478 15.13 9.99 7.93
CA ASP D 478 13.73 9.69 7.75
C ASP D 478 13.28 8.51 8.61
N TYR D 479 14.09 7.44 8.63
CA TYR D 479 13.76 6.28 9.45
C TYR D 479 13.70 6.65 10.92
N ALA D 480 14.67 7.44 11.39
CA ALA D 480 14.67 7.87 12.78
C ALA D 480 13.45 8.71 13.09
N GLU D 481 13.06 9.61 12.18
CA GLU D 481 11.95 10.51 12.46
C GLU D 481 10.64 9.74 12.53
N LYS D 482 10.45 8.73 11.69
CA LYS D 482 9.21 7.96 11.76
C LYS D 482 9.30 6.76 12.69
N ASN D 483 10.45 6.53 13.32
CA ASN D 483 10.58 5.46 14.30
C ASN D 483 10.43 5.94 15.75
N PHE D 484 10.53 7.25 15.98
CA PHE D 484 10.43 7.80 17.32
C PHE D 484 9.08 7.46 17.95
N GLN D 485 9.13 7.00 19.21
CA GLN D 485 7.94 6.52 19.91
C GLN D 485 7.34 7.56 20.85
N ASP D 486 7.81 8.81 20.80
CA ASP D 486 7.32 9.86 21.67
C ASP D 486 7.04 11.12 20.87
N LYS D 487 6.38 10.96 19.71
CA LYS D 487 6.07 12.10 18.87
C LYS D 487 5.02 13.02 19.49
N ASP D 488 4.24 12.52 20.45
CA ASP D 488 3.18 13.31 21.05
C ASP D 488 3.64 14.17 22.22
N LEU D 489 4.83 13.92 22.76
CA LEU D 489 5.30 14.65 23.93
C LEU D 489 6.67 15.30 23.74
N SER D 490 7.43 14.91 22.72
CA SER D 490 8.77 15.45 22.55
C SER D 490 9.12 15.46 21.06
N ASP D 491 10.05 16.33 20.70
CA ASP D 491 10.54 16.40 19.33
C ASP D 491 12.05 16.57 19.30
N ARG D 492 12.75 15.88 20.20
CA ARG D 492 14.20 15.95 20.31
C ARG D 492 14.78 14.55 20.34
N SER D 493 15.87 14.36 19.60
CA SER D 493 16.57 13.09 19.57
C SER D 493 18.04 13.33 19.31
N LEU D 494 18.86 12.35 19.67
CA LEU D 494 20.31 12.46 19.55
C LEU D 494 20.83 11.53 18.46
N LEU D 495 21.72 12.04 17.64
CA LEU D 495 22.32 11.30 16.54
C LEU D 495 23.80 11.08 16.80
N LEU D 496 24.24 9.83 16.71
CA LEU D 496 25.64 9.45 16.85
C LEU D 496 26.12 9.03 15.47
N PHE D 497 27.03 9.81 14.88
CA PHE D 497 27.47 9.59 13.51
C PHE D 497 28.96 9.35 13.45
N GLY D 498 29.36 8.38 12.63
CA GLY D 498 30.74 7.99 12.48
C GLY D 498 30.83 6.55 12.05
N PHE D 499 32.04 6.03 12.07
CA PHE D 499 32.31 4.61 11.84
C PHE D 499 32.72 3.97 13.15
N GLY D 500 32.14 2.82 13.45
CA GLY D 500 32.26 2.23 14.78
C GLY D 500 32.45 0.73 14.75
N ASP D 501 32.67 0.20 15.95
CA ASP D 501 32.97 -1.17 16.39
C ASP D 501 34.42 -1.57 16.11
N GLY D 502 35.18 -0.79 15.35
CA GLY D 502 36.57 -1.09 15.11
C GLY D 502 37.39 0.18 14.95
N GLY D 503 36.80 1.31 15.34
CA GLY D 503 37.43 2.59 15.15
C GLY D 503 36.96 3.26 13.88
N GLY D 504 37.80 4.12 13.29
CA GLY D 504 37.40 4.88 12.13
C GLY D 504 36.97 6.28 12.50
N GLY D 505 35.66 6.50 12.58
CA GLY D 505 35.13 7.77 13.03
C GLY D 505 34.50 8.57 11.92
N PRO D 506 34.02 9.77 12.24
CA PRO D 506 33.43 10.63 11.22
C PRO D 506 34.46 11.08 10.20
N THR D 507 33.97 11.33 8.98
CA THR D 507 34.80 11.77 7.87
C THR D 507 34.42 13.19 7.47
N ARG D 508 35.12 13.72 6.48
CA ARG D 508 34.82 15.05 5.97
C ARG D 508 33.49 15.05 5.20
N ASN D 509 33.20 13.97 4.48
CA ASN D 509 31.96 13.87 3.73
C ASN D 509 30.74 13.89 4.64
N MET D 510 30.83 13.22 5.79
CA MET D 510 29.72 13.21 6.74
C MET D 510 29.40 14.62 7.22
N MET D 511 30.42 15.38 7.59
CA MET D 511 30.19 16.75 8.04
C MET D 511 29.67 17.61 6.89
N GLU D 512 30.06 17.38 5.66
CA GLU D 512 29.63 18.19 4.49
C GLU D 512 28.21 17.85 4.13
N HIS D 513 27.76 16.69 4.48
CA HIS D 513 26.33 16.40 4.35
C HIS D 513 25.54 17.01 5.50
N LEU D 514 26.07 16.91 6.73
CA LEU D 514 25.37 17.45 7.89
C LEU D 514 25.19 18.96 7.77
N HIS D 515 26.12 19.64 7.11
CA HIS D 515 25.96 21.07 6.90
C HIS D 515 24.76 21.38 6.02
N ARG D 516 24.52 20.56 4.99
CA ARG D 516 23.32 20.70 4.19
C ARG D 516 22.08 20.43 5.03
N TYR D 517 22.13 19.41 5.88
CA TYR D 517 20.91 19.02 6.61
C TYR D 517 20.46 20.04 7.67
N GLU D 518 21.04 21.24 7.79
CA GLU D 518 20.71 22.12 8.91
C GLU D 518 19.28 22.65 8.81
N ASN D 519 18.90 23.18 7.65
CA ASN D 519 17.55 23.70 7.43
C ASN D 519 17.13 23.29 6.02
N LEU D 520 16.52 22.12 5.89
CA LEU D 520 16.18 21.58 4.59
C LEU D 520 14.78 20.98 4.64
N GLU D 521 14.01 21.24 3.58
CA GLU D 521 12.66 20.72 3.51
C GLU D 521 12.67 19.21 3.30
N GLY D 522 11.76 18.51 3.99
CA GLY D 522 11.71 17.07 3.93
C GLY D 522 12.68 16.35 4.83
N VAL D 523 13.48 17.08 5.61
CA VAL D 523 14.48 16.51 6.50
C VAL D 523 14.29 17.16 7.87
N SER D 524 14.73 16.44 8.91
CA SER D 524 14.75 17.00 10.25
C SER D 524 15.77 18.14 10.32
N LYS D 525 15.80 18.82 11.46
CA LYS D 525 16.72 19.94 11.67
C LYS D 525 17.89 19.42 12.51
N VAL D 526 19.07 19.37 11.89
CA VAL D 526 20.26 18.80 12.51
C VAL D 526 21.15 19.92 13.03
N SER D 527 21.78 19.70 14.18
CA SER D 527 22.68 20.67 14.76
C SER D 527 23.73 19.93 15.59
N ILE D 528 24.99 20.33 15.45
CA ILE D 528 26.05 19.75 16.25
C ILE D 528 25.95 20.28 17.67
N GLU D 529 25.87 19.37 18.64
CA GLU D 529 25.58 19.77 20.01
C GLU D 529 26.27 18.82 20.98
N GLU D 530 26.71 19.37 22.11
CA GLU D 530 27.22 18.55 23.20
C GLU D 530 26.10 17.71 23.80
N PRO D 531 26.36 16.45 24.14
CA PRO D 531 25.29 15.60 24.68
C PRO D 531 24.68 16.11 25.98
N ASN D 532 25.46 16.79 26.83
CA ASN D 532 24.90 17.36 28.05
C ASN D 532 23.81 18.37 27.73
N ASP D 533 24.07 19.25 26.76
CA ASP D 533 23.08 20.25 26.37
C ASP D 533 21.84 19.60 25.79
N PHE D 534 22.01 18.59 24.94
CA PHE D 534 20.87 17.88 24.38
C PHE D 534 20.02 17.28 25.47
N PHE D 535 20.65 16.61 26.44
CA PHE D 535 19.89 15.96 27.49
C PHE D 535 19.16 16.97 28.35
N ASP D 536 19.80 18.09 28.68
CA ASP D 536 19.13 19.15 29.41
C ASP D 536 17.88 19.63 28.66
N LYS D 537 18.05 19.96 27.37
CA LYS D 537 16.93 20.51 26.61
C LYS D 537 15.80 19.51 26.46
N ALA D 538 16.14 18.25 26.17
CA ALA D 538 15.11 17.23 25.97
C ALA D 538 14.36 16.96 27.27
N HIS D 539 15.07 16.86 28.40
CA HIS D 539 14.38 16.65 29.66
C HIS D 539 13.50 17.83 30.02
N GLN D 540 13.96 19.06 29.76
CA GLN D 540 13.15 20.22 30.04
C GLN D 540 11.86 20.21 29.22
N GLN D 541 11.99 19.92 27.93
CA GLN D 541 10.80 19.88 27.07
C GLN D 541 9.84 18.79 27.50
N LEU D 542 10.36 17.61 27.83
CA LEU D 542 9.50 16.50 28.26
C LEU D 542 8.78 16.84 29.54
N ALA D 543 9.49 17.41 30.53
CA ALA D 543 8.86 17.75 31.79
C ALA D 543 7.84 18.85 31.62
N GLU D 544 8.09 19.81 30.72
CA GLU D 544 7.14 20.90 30.53
C GLU D 544 5.86 20.41 29.83
N ASN D 545 6.02 19.59 28.79
CA ASN D 545 4.83 19.15 28.04
C ASN D 545 4.05 18.09 28.82
N ALA D 546 4.73 17.13 29.44
CA ALA D 546 4.05 15.97 30.01
C ALA D 546 3.37 16.31 31.33
N GLY D 547 4.14 16.70 32.33
CA GLY D 547 3.63 16.92 33.66
C GLY D 547 3.42 15.62 34.41
N PRO D 548 2.17 15.25 34.66
CA PRO D 548 1.89 13.98 35.34
C PRO D 548 2.04 12.79 34.40
N GLU D 549 1.74 12.98 33.12
CA GLU D 549 1.79 11.89 32.15
C GLU D 549 3.19 11.71 31.61
N MET D 550 4.16 11.51 32.49
CA MET D 550 5.50 11.36 31.91
C MET D 550 5.86 9.89 31.79
N PRO D 551 6.46 9.47 30.68
CA PRO D 551 6.75 8.05 30.48
C PRO D 551 7.68 7.50 31.55
N VAL D 552 7.28 6.37 32.14
CA VAL D 552 8.05 5.69 33.17
C VAL D 552 8.08 4.21 32.84
N TRP D 553 9.25 3.60 32.99
CA TRP D 553 9.42 2.16 32.89
C TRP D 553 10.13 1.66 34.14
N LYS D 554 9.51 0.72 34.85
CA LYS D 554 10.07 0.19 36.08
C LYS D 554 10.51 -1.25 35.87
N GLY D 555 11.70 -1.57 36.37
CA GLY D 555 12.25 -2.92 36.28
C GLY D 555 13.62 -2.91 35.61
N GLU D 556 13.90 -3.95 34.84
CA GLU D 556 15.14 -4.09 34.11
C GLU D 556 14.90 -3.81 32.63
N LEU D 557 15.97 -3.81 31.86
CA LEU D 557 15.92 -3.63 30.41
C LEU D 557 16.39 -4.93 29.77
N TYR D 558 15.46 -5.87 29.59
CA TYR D 558 15.79 -7.17 29.05
C TYR D 558 15.92 -7.09 27.54
N LEU D 559 16.99 -7.69 27.01
CA LEU D 559 17.25 -7.71 25.58
C LEU D 559 16.83 -9.05 25.01
N GLU D 560 15.90 -9.03 24.05
CA GLU D 560 15.41 -10.25 23.41
C GLU D 560 16.32 -10.59 22.23
N LEU D 561 17.54 -10.99 22.57
CA LEU D 561 18.57 -11.35 21.61
C LEU D 561 19.79 -11.81 22.38
N HIS D 562 20.67 -12.56 21.70
CA HIS D 562 21.97 -12.96 22.24
C HIS D 562 21.83 -13.67 23.59
N ARG D 563 20.87 -14.59 23.67
CA ARG D 563 20.61 -15.28 24.92
C ARG D 563 21.65 -16.33 25.24
N GLY D 564 22.46 -16.74 24.27
CA GLY D 564 23.51 -17.69 24.51
C GLY D 564 24.76 -17.13 25.14
N THR D 565 24.79 -15.81 25.36
CA THR D 565 25.94 -15.16 25.97
C THR D 565 26.07 -15.47 27.45
N LEU D 566 25.06 -16.07 28.08
CA LEU D 566 25.15 -16.44 29.48
C LEU D 566 25.88 -17.75 29.70
N THR D 567 26.24 -18.47 28.64
CA THR D 567 26.81 -19.80 28.77
C THR D 567 28.11 -19.94 27.98
N SER D 568 28.26 -19.13 26.94
CA SER D 568 29.44 -19.25 26.09
C SER D 568 30.70 -18.87 26.85
N GLN D 569 31.76 -19.67 26.68
CA GLN D 569 33.05 -19.46 27.33
C GLN D 569 32.89 -19.42 28.85
N GLN D 570 32.50 -20.58 29.39
CA GLN D 570 32.16 -20.69 30.80
C GLN D 570 33.30 -20.24 31.71
N ASP D 571 34.55 -20.37 31.25
CA ASP D 571 35.68 -19.96 32.07
C ASP D 571 35.63 -18.48 32.42
N MET D 572 35.08 -17.65 31.54
CA MET D 572 34.99 -16.23 31.81
C MET D 572 34.10 -15.95 33.03
N LYS D 573 32.90 -16.52 33.03
CA LYS D 573 31.98 -16.33 34.16
C LYS D 573 32.54 -16.96 35.42
N ARG D 574 33.11 -18.16 35.29
CA ARG D 574 33.75 -18.82 36.42
C ARG D 574 34.78 -17.92 37.07
N GLY D 575 35.71 -17.40 36.27
CA GLY D 575 36.76 -16.55 36.79
C GLY D 575 36.25 -15.24 37.35
N CYS D 576 35.25 -14.65 36.70
CA CYS D 576 34.69 -13.39 37.20
C CYS D 576 34.12 -13.57 38.60
N ARG D 577 33.25 -14.57 38.77
CA ARG D 577 32.64 -14.76 40.09
C ARG D 577 33.68 -15.15 41.12
N GLN D 578 34.63 -16.02 40.76
CA GLN D 578 35.63 -16.44 41.73
C GLN D 578 36.53 -15.29 42.15
N GLU D 579 36.93 -14.44 41.20
CA GLU D 579 37.80 -13.32 41.54
C GLU D 579 37.08 -12.29 42.40
N GLU D 580 35.79 -12.04 42.12
CA GLU D 580 35.04 -11.15 43.01
C GLU D 580 34.91 -11.73 44.41
N SER D 581 34.59 -13.03 44.51
CA SER D 581 34.42 -13.65 45.81
C SER D 581 35.71 -13.68 46.60
N LEU D 582 36.85 -13.73 45.91
CA LEU D 582 38.13 -13.70 46.61
C LEU D 582 38.56 -12.28 46.95
N LEU D 583 38.24 -11.31 46.09
CA LEU D 583 38.56 -9.92 46.36
C LEU D 583 37.82 -9.41 47.60
N ARG D 584 36.56 -9.83 47.76
CA ARG D 584 35.81 -9.41 48.95
C ARG D 584 36.54 -9.85 50.22
N THR D 585 36.93 -11.12 50.27
CA THR D 585 37.64 -11.63 51.45
C THR D 585 38.97 -10.93 51.65
N VAL D 586 39.72 -10.72 50.57
CA VAL D 586 41.04 -10.10 50.70
C VAL D 586 40.91 -8.68 51.23
N GLU D 587 39.94 -7.91 50.71
CA GLU D 587 39.76 -6.55 51.19
C GLU D 587 39.30 -6.52 52.64
N TYR D 588 38.41 -7.42 53.03
CA TYR D 588 37.99 -7.46 54.43
C TYR D 588 39.16 -7.80 55.34
N LEU D 589 39.99 -8.76 54.93
CA LEU D 589 41.14 -9.14 55.75
C LEU D 589 42.14 -8.01 55.84
N GLY D 590 42.36 -7.28 54.76
CA GLY D 590 43.25 -6.13 54.81
C GLY D 590 42.74 -5.04 55.74
N ALA D 591 41.43 -4.76 55.68
CA ALA D 591 40.84 -3.79 56.58
C ALA D 591 41.00 -4.23 58.03
N ALA D 592 40.76 -5.51 58.31
CA ALA D 592 40.91 -6.01 59.68
C ALA D 592 42.35 -5.96 60.15
N ALA D 593 43.30 -6.21 59.25
CA ALA D 593 44.71 -6.25 59.64
C ALA D 593 45.25 -4.84 59.87
N VAL D 594 44.81 -3.87 59.08
CA VAL D 594 45.29 -2.50 59.28
C VAL D 594 44.86 -1.98 60.64
N LEU D 595 43.62 -2.25 61.03
CA LEU D 595 43.12 -1.82 62.33
C LEU D 595 43.74 -2.59 63.49
N SER D 596 44.46 -3.68 63.21
CA SER D 596 45.07 -4.48 64.27
C SER D 596 46.58 -4.28 64.37
N ASP D 597 47.23 -3.75 63.34
CA ASP D 597 48.67 -3.58 63.35
C ASP D 597 49.04 -2.25 62.71
N PRO D 598 49.52 -1.28 63.49
CA PRO D 598 49.98 -0.02 62.88
C PRO D 598 51.20 -0.19 61.98
N GLU D 599 51.93 -1.29 62.12
CA GLU D 599 53.12 -1.52 61.32
C GLU D 599 52.83 -2.28 60.02
N TYR D 600 51.58 -2.64 59.77
CA TYR D 600 51.21 -3.31 58.54
C TYR D 600 50.89 -2.29 57.46
N VAL D 601 51.35 -2.57 56.24
CA VAL D 601 51.16 -1.68 55.10
C VAL D 601 50.22 -2.36 54.11
N TYR D 602 49.15 -1.67 53.75
CA TYR D 602 48.14 -2.21 52.85
C TYR D 602 48.67 -2.18 51.41
N PRO D 603 48.66 -3.30 50.70
CA PRO D 603 49.14 -3.29 49.32
C PRO D 603 48.15 -2.63 48.37
N ARG D 604 48.17 -1.30 48.31
CA ARG D 604 47.16 -0.58 47.54
C ARG D 604 47.41 -0.66 46.03
N GLU D 605 48.65 -0.46 45.59
CA GLU D 605 48.91 -0.37 44.16
C GLU D 605 48.70 -1.69 43.44
N GLU D 606 49.11 -2.80 44.06
CA GLU D 606 48.94 -4.10 43.43
C GLU D 606 47.47 -4.50 43.35
N LEU D 607 46.71 -4.21 44.40
CA LEU D 607 45.27 -4.45 44.36
C LEU D 607 44.58 -3.56 43.33
N ASP D 608 45.04 -2.33 43.16
CA ASP D 608 44.50 -1.47 42.11
C ASP D 608 44.79 -2.07 40.73
N ARG D 609 46.00 -2.60 40.53
CA ARG D 609 46.32 -3.22 39.25
C ARG D 609 45.44 -4.44 38.98
N ILE D 610 45.24 -5.28 40.01
CA ILE D 610 44.40 -6.46 39.86
C ILE D 610 42.96 -6.06 39.55
N TRP D 611 42.45 -5.06 40.26
CA TRP D 611 41.09 -4.57 40.01
C TRP D 611 40.94 -4.07 38.59
N LYS D 612 41.91 -3.31 38.10
CA LYS D 612 41.82 -2.79 36.75
C LYS D 612 41.87 -3.91 35.72
N THR D 613 42.70 -4.93 35.96
CA THR D 613 42.71 -6.08 35.05
C THR D 613 41.35 -6.76 35.00
N LEU D 614 40.73 -6.98 36.17
CA LEU D 614 39.41 -7.60 36.21
C LEU D 614 38.37 -6.74 35.48
N LEU D 615 38.40 -5.43 35.72
CA LEU D 615 37.43 -4.55 35.08
C LEU D 615 37.60 -4.56 33.57
N LEU D 616 38.84 -4.59 33.08
CA LEU D 616 39.06 -4.72 31.65
C LEU D 616 38.49 -6.04 31.13
N ASN D 617 38.69 -7.13 31.89
CA ASN D 617 38.13 -8.42 31.49
C ASN D 617 36.61 -8.44 31.53
N GLN D 618 35.96 -7.47 32.19
CA GLN D 618 34.51 -7.41 32.21
C GLN D 618 33.92 -6.63 31.03
N PHE D 619 34.37 -6.68 29.81
CA PHE D 619 33.92 -5.84 28.71
C PHE D 619 32.79 -6.51 27.94
N HIS D 620 31.98 -5.77 27.18
CA HIS D 620 30.81 -6.24 26.44
C HIS D 620 31.09 -7.25 25.38
N ASP D 621 32.30 -7.67 25.16
CA ASP D 621 32.53 -8.77 24.21
C ASP D 621 33.48 -9.79 24.83
N ILE D 622 34.06 -9.50 25.98
CA ILE D 622 34.91 -10.52 26.58
C ILE D 622 34.16 -11.35 27.59
N LEU D 623 33.48 -10.69 28.54
CA LEU D 623 32.70 -11.42 29.53
C LEU D 623 31.59 -12.25 28.92
N PRO D 624 30.80 -11.76 27.96
CA PRO D 624 29.81 -12.65 27.32
C PRO D 624 30.42 -13.85 26.65
N GLY D 625 31.64 -13.72 26.12
CA GLY D 625 32.30 -14.84 25.48
C GLY D 625 32.06 -14.91 24.00
N SER D 626 32.17 -13.76 23.33
CA SER D 626 31.88 -13.65 21.91
C SER D 626 33.04 -13.02 21.15
N ALA D 627 34.25 -13.45 21.45
CA ALA D 627 35.46 -12.96 20.80
C ALA D 627 36.25 -14.13 20.24
N ILE D 628 37.43 -13.85 19.70
CA ILE D 628 38.28 -14.87 19.10
C ILE D 628 39.05 -15.61 20.17
N ALA D 629 39.69 -16.72 19.80
CA ALA D 629 40.40 -17.55 20.77
C ALA D 629 41.55 -16.81 21.43
N TRP D 630 42.19 -15.89 20.71
CA TRP D 630 43.30 -15.12 21.25
C TRP D 630 42.88 -14.35 22.51
N VAL D 631 41.75 -13.64 22.41
CA VAL D 631 41.29 -12.80 23.51
C VAL D 631 41.00 -13.65 24.74
N HIS D 632 40.31 -14.76 24.54
CA HIS D 632 39.91 -15.59 25.68
C HIS D 632 41.08 -16.34 26.28
N ARG D 633 42.07 -16.71 25.47
CA ARG D 633 43.30 -17.29 26.01
C ARG D 633 44.02 -16.30 26.91
N GLU D 634 44.14 -15.05 26.45
CA GLU D 634 44.76 -14.03 27.28
C GLU D 634 43.96 -13.80 28.57
N ALA D 635 42.63 -13.77 28.46
CA ALA D 635 41.81 -13.56 29.65
C ALA D 635 41.94 -14.71 30.63
N ARG D 636 42.02 -15.94 30.13
CA ARG D 636 42.19 -17.09 31.02
C ARG D 636 43.52 -17.02 31.75
N GLU D 637 44.59 -16.63 31.05
CA GLU D 637 45.87 -16.47 31.71
C GLU D 637 45.80 -15.40 32.78
N ASP D 638 45.15 -14.27 32.48
CA ASP D 638 44.99 -13.22 33.48
C ASP D 638 44.24 -13.72 34.71
N TYR D 639 43.15 -14.47 34.49
CA TYR D 639 42.36 -14.97 35.61
C TYR D 639 43.20 -15.89 36.49
N ARG D 640 43.92 -16.83 35.88
CA ARG D 640 44.74 -17.76 36.65
C ARG D 640 45.78 -17.01 37.48
N ARG D 641 46.51 -16.10 36.84
CA ARG D 641 47.58 -15.37 37.53
C ARG D 641 47.02 -14.57 38.70
N ASP D 642 45.95 -13.81 38.46
CA ASP D 642 45.42 -12.94 39.50
C ASP D 642 44.79 -13.73 40.63
N LEU D 643 44.14 -14.86 40.33
CA LEU D 643 43.58 -15.68 41.39
C LEU D 643 44.67 -16.25 42.29
N LYS D 644 45.76 -16.74 41.69
CA LYS D 644 46.85 -17.24 42.52
C LYS D 644 47.44 -16.12 43.38
N ARG D 645 47.64 -14.94 42.80
CA ARG D 645 48.20 -13.83 43.56
C ARG D 645 47.28 -13.43 44.71
N LEU D 646 45.97 -13.38 44.47
CA LEU D 646 45.04 -13.00 45.52
C LEU D 646 45.02 -14.02 46.65
N ALA D 647 45.10 -15.31 46.31
CA ALA D 647 45.19 -16.31 47.36
C ALA D 647 46.44 -16.13 48.21
N GLU D 648 47.58 -15.84 47.57
CA GLU D 648 48.81 -15.60 48.33
C GLU D 648 48.68 -14.37 49.24
N ILE D 649 48.09 -13.30 48.72
CA ILE D 649 47.92 -12.09 49.52
C ILE D 649 47.02 -12.36 50.72
N ALA D 650 45.94 -13.13 50.51
CA ALA D 650 45.06 -13.49 51.61
C ALA D 650 45.81 -14.30 52.67
N GLN D 651 46.67 -15.22 52.24
CA GLN D 651 47.46 -15.97 53.22
C GLN D 651 48.39 -15.05 54.00
N ASP D 652 49.00 -14.07 53.33
CA ASP D 652 49.86 -13.11 54.03
C ASP D 652 49.07 -12.35 55.10
N MET D 653 47.88 -11.88 54.74
CA MET D 653 47.05 -11.14 55.69
C MET D 653 46.62 -12.02 56.85
N CYS D 654 46.30 -13.28 56.57
CA CYS D 654 45.94 -14.21 57.65
C CYS D 654 47.10 -14.43 58.60
N ALA D 655 48.32 -14.56 58.04
CA ALA D 655 49.49 -14.71 58.90
C ALA D 655 49.69 -13.50 59.79
N VAL D 656 49.50 -12.29 59.23
CA VAL D 656 49.63 -11.07 60.03
C VAL D 656 48.60 -11.06 61.15
N LEU D 657 47.35 -11.41 60.82
CA LEU D 657 46.29 -11.39 61.82
C LEU D 657 46.55 -12.40 62.93
N ARG D 658 47.03 -13.60 62.58
CA ARG D 658 47.38 -14.58 63.60
C ARG D 658 48.52 -14.09 64.48
N LYS D 659 49.53 -13.46 63.87
CA LYS D 659 50.66 -12.97 64.66
C LYS D 659 50.22 -11.86 65.61
N ALA D 660 49.20 -11.10 65.24
CA ALA D 660 48.70 -10.02 66.08
C ALA D 660 47.57 -10.43 67.00
N ASN D 661 47.08 -11.67 66.90
CA ASN D 661 45.99 -12.16 67.73
C ASN D 661 46.36 -13.53 68.32
N PRO D 662 47.23 -13.55 69.33
CA PRO D 662 47.60 -14.84 69.95
C PRO D 662 46.49 -15.49 70.76
N GLN D 663 45.41 -14.76 71.05
CA GLN D 663 44.36 -15.26 71.92
C GLN D 663 43.33 -16.12 71.18
N ALA D 664 43.13 -15.87 69.89
CA ALA D 664 42.16 -16.64 69.13
C ALA D 664 42.71 -18.01 68.77
N ASP D 665 41.80 -18.93 68.46
CA ASP D 665 42.16 -20.27 68.04
C ASP D 665 42.17 -20.37 66.52
N LEU D 666 43.18 -21.07 65.99
CA LEU D 666 43.30 -21.23 64.56
C LEU D 666 42.24 -22.17 64.02
N LEU D 667 41.93 -21.98 62.73
CA LEU D 667 40.98 -22.84 62.03
C LEU D 667 41.71 -23.45 60.85
N ALA D 668 41.74 -24.79 60.79
CA ALA D 668 42.49 -25.47 59.74
C ALA D 668 41.94 -25.11 58.36
N GLU D 669 40.63 -25.19 58.18
CA GLU D 669 39.97 -24.78 56.95
C GLU D 669 38.74 -23.99 57.33
N ALA D 670 38.56 -22.81 56.74
CA ALA D 670 37.44 -21.96 57.09
C ALA D 670 37.08 -21.06 55.92
N ARG D 671 35.84 -20.58 55.95
CA ARG D 671 35.33 -19.63 54.97
C ARG D 671 34.68 -18.46 55.69
N ILE D 672 34.81 -17.28 55.10
CA ILE D 672 34.14 -16.07 55.55
C ILE D 672 33.07 -15.76 54.53
N SER D 673 31.81 -15.85 54.94
CA SER D 673 30.66 -15.71 54.04
C SER D 673 29.76 -14.59 54.54
N GLN D 674 29.65 -13.52 53.77
CA GLN D 674 28.75 -12.44 54.15
C GLN D 674 27.32 -12.94 54.22
N PHE D 675 26.57 -12.43 55.20
CA PHE D 675 25.22 -12.88 55.51
C PHE D 675 25.16 -14.40 55.68
N ARG D 676 25.80 -14.86 56.75
CA ARG D 676 25.52 -16.19 57.26
C ARG D 676 24.39 -16.09 58.28
N ASN D 677 23.42 -16.99 58.16
CA ASN D 677 22.23 -16.94 59.01
C ASN D 677 22.60 -17.17 60.47
N ASP D 678 21.63 -16.90 61.35
CA ASP D 678 21.75 -17.12 62.79
C ASP D 678 22.72 -16.16 63.45
N GLY D 679 22.78 -14.92 62.96
CA GLY D 679 23.56 -13.87 63.60
C GLY D 679 25.06 -14.11 63.63
N ALA D 680 25.60 -14.78 62.62
CA ALA D 680 27.02 -15.09 62.54
C ALA D 680 27.54 -14.79 61.15
N SER D 681 27.22 -13.60 60.63
CA SER D 681 27.46 -13.30 59.23
C SER D 681 28.93 -13.32 58.86
N TRP D 682 29.74 -12.39 59.37
CA TRP D 682 31.10 -12.24 58.90
C TRP D 682 32.10 -13.07 59.71
N HIS D 683 31.62 -14.02 60.50
CA HIS D 683 32.50 -14.94 61.19
C HIS D 683 33.06 -15.97 60.22
N ALA D 684 34.30 -16.39 60.46
CA ALA D 684 34.92 -17.45 59.69
C ALA D 684 34.56 -18.79 60.31
N ASN D 685 34.06 -19.71 59.49
CA ASN D 685 33.54 -20.98 59.99
C ASN D 685 34.10 -22.14 59.18
N ARG D 686 34.20 -23.30 59.85
CA ARG D 686 34.82 -24.48 59.26
C ARG D 686 34.00 -25.01 58.08
N ILE D 687 34.68 -25.79 57.24
CA ILE D 687 33.98 -26.52 56.20
C ILE D 687 33.13 -27.63 56.82
N ASN D 688 33.64 -28.26 57.87
CA ASN D 688 32.95 -29.37 58.55
C ASN D 688 32.93 -29.07 60.04
N GLU D 689 31.74 -28.80 60.57
CA GLU D 689 31.61 -28.42 61.97
C GLU D 689 30.73 -29.43 62.72
N PRO D 690 31.02 -29.67 64.00
CA PRO D 690 30.27 -30.69 64.75
C PRO D 690 28.78 -30.36 64.83
N THR D 691 27.96 -31.40 64.71
CA THR D 691 26.51 -31.26 64.73
C THR D 691 25.90 -32.31 65.64
N ASP D 692 24.71 -31.99 66.15
CA ASP D 692 23.98 -32.94 66.98
C ASP D 692 23.40 -34.08 66.14
N ALA D 693 23.20 -33.85 64.84
CA ALA D 693 22.61 -34.86 63.98
C ALA D 693 23.53 -36.06 63.83
N LEU D 694 22.91 -37.23 63.68
CA LEU D 694 23.64 -38.48 63.53
C LEU D 694 24.08 -38.67 62.08
N SER D 695 24.82 -39.75 61.83
CA SER D 695 25.30 -40.04 60.48
C SER D 695 24.12 -40.34 59.56
N VAL D 696 24.31 -40.03 58.28
CA VAL D 696 23.26 -40.21 57.30
C VAL D 696 23.19 -41.69 56.90
N LEU D 697 22.01 -42.27 57.04
CA LEU D 697 21.82 -43.67 56.71
C LEU D 697 21.78 -43.87 55.20
N THR D 698 22.31 -44.99 54.74
CA THR D 698 22.26 -45.37 53.35
C THR D 698 21.72 -46.79 53.24
N GLN D 699 21.12 -47.09 52.08
CA GLN D 699 20.51 -48.40 51.87
C GLN D 699 20.39 -48.67 50.39
N THR D 700 20.61 -49.92 50.00
CA THR D 700 20.46 -50.35 48.62
C THR D 700 19.14 -51.12 48.49
N LEU D 701 18.32 -50.71 47.53
CA LEU D 701 16.98 -51.28 47.37
C LEU D 701 17.05 -52.48 46.44
N ASP D 702 15.88 -52.95 46.00
CA ASP D 702 15.79 -54.23 45.30
C ASP D 702 16.55 -54.21 43.98
N ASN D 703 16.43 -53.13 43.22
CA ASN D 703 16.94 -53.14 41.84
C ASN D 703 18.02 -52.08 41.64
N GLY D 704 18.95 -51.98 42.57
CA GLY D 704 20.06 -51.05 42.44
C GLY D 704 19.79 -49.64 42.89
N ARG D 705 18.59 -49.36 43.42
CA ARG D 705 18.26 -48.02 43.89
C ARG D 705 18.92 -47.75 45.25
N VAL D 706 19.17 -46.47 45.51
CA VAL D 706 19.81 -46.04 46.74
C VAL D 706 18.85 -45.13 47.50
N LEU D 707 18.82 -45.29 48.82
CA LEU D 707 17.90 -44.52 49.67
C LEU D 707 18.73 -43.78 50.72
N LEU D 708 18.92 -42.49 50.52
CA LEU D 708 19.60 -41.63 51.48
C LEU D 708 18.57 -41.01 52.40
N ALA D 709 18.92 -40.90 53.69
CA ALA D 709 17.95 -40.36 54.65
C ALA D 709 18.68 -39.80 55.85
N ASN D 710 18.71 -38.48 55.98
CA ASN D 710 19.02 -37.84 57.25
C ASN D 710 17.72 -37.59 57.99
N GLY D 711 17.77 -36.76 59.04
CA GLY D 711 16.58 -36.51 59.82
C GLY D 711 15.51 -35.72 59.09
N VAL D 712 15.90 -34.92 58.10
CA VAL D 712 15.00 -33.97 57.48
C VAL D 712 14.69 -34.27 56.01
N LEU D 713 15.51 -35.07 55.33
CA LEU D 713 15.31 -35.32 53.91
C LEU D 713 15.32 -36.82 53.64
N SER D 714 14.59 -37.23 52.59
CA SER D 714 14.58 -38.62 52.15
C SER D 714 14.74 -38.63 50.64
N VAL D 715 15.90 -39.07 50.16
CA VAL D 715 16.25 -39.03 48.74
C VAL D 715 16.27 -40.45 48.21
N THR D 716 15.65 -40.65 47.05
CA THR D 716 15.67 -41.92 46.34
C THR D 716 16.38 -41.72 45.01
N ILE D 717 17.42 -42.52 44.76
CA ILE D 717 18.21 -42.43 43.56
C ILE D 717 18.01 -43.72 42.76
N GLU D 718 17.56 -43.58 41.52
CA GLU D 718 17.28 -44.70 40.65
C GLU D 718 18.58 -45.25 40.06
N ALA D 719 18.45 -46.38 39.36
CA ALA D 719 19.61 -47.05 38.78
C ALA D 719 20.27 -46.23 37.69
N ASP D 720 19.62 -45.19 37.18
CA ASP D 720 20.18 -44.32 36.17
C ASP D 720 20.89 -43.10 36.76
N GLY D 721 20.97 -43.01 38.08
CA GLY D 721 21.62 -41.89 38.71
C GLY D 721 20.77 -40.64 38.79
N THR D 722 19.44 -40.78 38.82
CA THR D 722 18.53 -39.66 38.83
C THR D 722 17.66 -39.72 40.08
N ILE D 723 17.41 -38.56 40.67
CA ILE D 723 16.57 -38.46 41.86
C ILE D 723 15.12 -38.61 41.44
N SER D 724 14.44 -39.64 41.96
CA SER D 724 13.05 -39.86 41.66
C SER D 724 12.12 -39.45 42.78
N SER D 725 12.63 -39.27 43.99
CA SER D 725 11.80 -38.89 45.12
C SER D 725 12.64 -38.10 46.11
N LEU D 726 12.32 -36.83 46.29
CA LEU D 726 12.94 -35.99 47.31
C LEU D 726 11.84 -35.59 48.28
N LEU D 727 11.76 -36.28 49.41
CA LEU D 727 10.68 -36.08 50.37
C LEU D 727 11.18 -35.26 51.55
N ASP D 728 10.39 -34.26 51.92
CA ASP D 728 10.68 -33.39 53.04
C ASP D 728 9.85 -33.84 54.25
N GLU D 729 10.52 -34.18 55.34
CA GLU D 729 9.82 -34.50 56.58
C GLU D 729 9.33 -33.20 57.22
N GLU D 730 8.53 -33.36 58.28
CA GLU D 730 7.96 -32.27 59.07
C GLU D 730 7.16 -31.29 58.21
N HIS D 731 7.01 -31.60 56.93
CA HIS D 731 6.10 -30.89 56.05
C HIS D 731 5.30 -31.81 55.14
N GLY D 732 5.77 -33.03 54.87
CA GLY D 732 5.04 -33.96 54.03
C GLY D 732 5.09 -33.68 52.55
N ARG D 733 5.96 -32.77 52.11
CA ARG D 733 6.00 -32.36 50.72
C ARG D 733 6.88 -33.29 49.90
N GLU D 734 6.40 -33.64 48.71
CA GLU D 734 7.19 -34.37 47.73
C GLU D 734 7.71 -33.35 46.72
N LEU D 735 9.02 -33.14 46.71
CA LEU D 735 9.63 -32.07 45.93
C LEU D 735 9.91 -32.46 44.49
N VAL D 736 9.65 -33.70 44.09
CA VAL D 736 9.86 -34.15 42.73
C VAL D 736 8.52 -34.67 42.21
N PRO D 737 7.94 -34.07 41.18
CA PRO D 737 6.67 -34.57 40.66
C PRO D 737 6.81 -35.98 40.12
N ALA D 738 5.74 -36.76 40.27
CA ALA D 738 5.74 -38.12 39.74
C ALA D 738 5.86 -38.09 38.23
N GLY D 739 6.68 -38.99 37.69
CA GLY D 739 6.92 -39.05 36.26
C GLY D 739 8.06 -38.18 35.77
N THR D 740 8.77 -37.50 36.64
CA THR D 740 9.90 -36.67 36.27
C THR D 740 11.14 -37.10 37.05
N ARG D 741 12.30 -36.87 36.46
CA ARG D 741 13.58 -37.22 37.06
C ARG D 741 14.38 -35.95 37.33
N LEU D 742 14.87 -35.82 38.56
CA LEU D 742 15.68 -34.67 38.96
C LEU D 742 17.16 -35.03 38.81
N GLY D 743 17.91 -34.13 38.19
CA GLY D 743 19.31 -34.39 37.92
C GLY D 743 19.59 -35.04 36.59
N GLN D 744 18.68 -34.95 35.63
CA GLN D 744 18.85 -35.58 34.34
C GLN D 744 19.43 -34.59 33.34
N TYR D 745 20.40 -35.04 32.55
CA TYR D 745 21.08 -34.20 31.58
C TYR D 745 20.39 -34.24 30.23
N GLU D 746 20.35 -33.08 29.57
CA GLU D 746 19.73 -32.93 28.27
C GLU D 746 20.73 -32.31 27.30
N LEU D 747 20.72 -32.80 26.07
CA LEU D 747 21.54 -32.29 24.99
C LEU D 747 20.65 -31.72 23.89
N LEU D 748 20.89 -30.45 23.55
CA LEU D 748 20.14 -29.75 22.53
C LEU D 748 21.01 -29.53 21.30
N ARG D 749 20.36 -29.44 20.14
CA ARG D 749 21.03 -29.15 18.88
C ARG D 749 21.05 -27.63 18.69
N ASP D 750 22.21 -27.02 18.88
CA ASP D 750 22.34 -25.56 18.77
C ASP D 750 23.12 -25.26 17.50
N GLU D 751 22.40 -25.04 16.40
CA GLU D 751 22.98 -24.63 15.12
C GLU D 751 22.23 -23.39 14.65
N PRO D 752 22.54 -22.23 15.21
CA PRO D 752 21.80 -21.02 14.86
C PRO D 752 22.16 -20.53 13.47
N ALA D 753 21.23 -19.75 12.90
CA ALA D 753 21.42 -19.16 11.58
C ALA D 753 22.35 -17.96 11.62
N VAL D 754 22.34 -17.19 12.69
CA VAL D 754 23.16 -15.98 12.81
C VAL D 754 23.78 -15.96 14.19
N TRP D 755 24.95 -15.31 14.28
CA TRP D 755 25.62 -15.06 15.55
C TRP D 755 25.77 -16.34 16.38
N ASP D 756 26.59 -17.25 15.85
CA ASP D 756 26.68 -18.60 16.40
C ASP D 756 26.98 -18.59 17.90
N ALA D 757 28.04 -17.87 18.29
CA ALA D 757 28.41 -17.85 19.70
C ALA D 757 27.39 -17.10 20.53
N TRP D 758 26.77 -16.07 19.96
CA TRP D 758 25.88 -15.21 20.72
C TRP D 758 24.55 -15.89 21.04
N GLU D 759 24.06 -16.74 20.15
CA GLU D 759 22.64 -17.08 20.11
C GLU D 759 22.37 -18.51 20.55
N ILE D 760 21.31 -18.67 21.34
CA ILE D 760 20.56 -19.89 21.46
C ILE D 760 19.14 -19.58 20.98
N GLU D 761 18.55 -20.49 20.21
CA GLU D 761 17.31 -20.19 19.51
C GLU D 761 16.17 -21.07 20.01
N ARG D 762 14.95 -20.68 19.61
CA ARG D 762 13.75 -21.39 20.04
C ARG D 762 13.76 -22.84 19.57
N GLU D 763 14.18 -23.07 18.33
CA GLU D 763 14.15 -24.40 17.76
C GLU D 763 15.13 -25.35 18.45
N SER D 764 16.19 -24.83 19.06
CA SER D 764 17.11 -25.69 19.81
C SER D 764 16.37 -26.41 20.93
N LEU D 765 15.54 -25.67 21.67
CA LEU D 765 14.55 -26.32 22.53
C LEU D 765 13.57 -27.09 21.66
N LEU D 766 13.06 -28.19 22.20
CA LEU D 766 12.21 -29.19 21.55
C LEU D 766 13.03 -30.17 20.71
N MET D 767 14.36 -30.04 20.67
CA MET D 767 15.20 -31.10 20.12
C MET D 767 16.13 -31.63 21.20
N ALA D 768 15.57 -31.89 22.38
CA ALA D 768 16.33 -32.37 23.52
C ALA D 768 16.51 -33.89 23.47
N ASN D 769 17.69 -34.34 23.90
CA ASN D 769 18.00 -35.76 23.99
C ASN D 769 18.55 -36.03 25.39
N ALA D 770 17.83 -36.81 26.17
CA ALA D 770 18.27 -37.16 27.51
C ALA D 770 19.46 -38.11 27.44
N VAL D 771 20.41 -37.91 28.36
CA VAL D 771 21.64 -38.69 28.42
C VAL D 771 21.58 -39.54 29.69
N THR D 772 21.84 -40.84 29.54
CA THR D 772 21.63 -41.81 30.61
C THR D 772 22.94 -42.26 31.23
N GLY D 773 22.93 -42.46 32.55
CA GLY D 773 24.11 -42.90 33.28
C GLY D 773 23.84 -44.08 34.19
N SER D 774 24.72 -44.30 35.17
CA SER D 774 24.58 -45.43 36.09
C SER D 774 25.34 -45.12 37.38
N ILE D 775 24.97 -45.84 38.43
CA ILE D 775 25.59 -45.67 39.73
C ILE D 775 26.80 -46.59 39.83
N GLU D 776 27.91 -46.07 40.37
CA GLU D 776 29.12 -46.83 40.57
C GLU D 776 29.52 -47.03 42.02
N SER D 777 29.33 -46.04 42.89
CA SER D 777 29.78 -46.23 44.26
C SER D 777 28.97 -45.38 45.22
N VAL D 778 28.90 -45.84 46.46
CA VAL D 778 28.28 -45.15 47.58
C VAL D 778 29.28 -45.11 48.72
N ASN D 779 29.43 -43.95 49.36
CA ASN D 779 30.43 -43.75 50.37
C ASN D 779 29.88 -42.90 51.51
N THR D 780 30.59 -42.93 52.63
CA THR D 780 30.25 -42.13 53.81
C THR D 780 31.57 -41.67 54.42
N GLU D 781 31.98 -40.45 54.08
CA GLU D 781 33.29 -39.96 54.51
C GLU D 781 33.26 -39.39 55.92
N ASN D 782 32.47 -38.34 56.13
CA ASN D 782 32.38 -37.67 57.43
C ASN D 782 30.94 -37.71 57.94
N GLY D 783 30.30 -38.87 57.81
CA GLY D 783 28.90 -38.98 58.14
C GLY D 783 27.96 -38.51 57.05
N ALA D 784 28.49 -38.13 55.89
CA ALA D 784 27.69 -37.61 54.78
C ALA D 784 27.59 -38.68 53.70
N ALA D 785 26.36 -38.94 53.25
CA ALA D 785 26.14 -39.92 52.20
C ALA D 785 26.55 -39.33 50.86
N GLN D 786 27.32 -40.09 50.09
CA GLN D 786 27.92 -39.61 48.85
C GLN D 786 27.73 -40.66 47.77
N VAL D 787 27.16 -40.26 46.64
CA VAL D 787 26.83 -41.18 45.56
C VAL D 787 27.54 -40.72 44.30
N HIS D 788 28.19 -41.66 43.61
CA HIS D 788 28.97 -41.37 42.42
C HIS D 788 28.26 -41.91 41.19
N VAL D 789 28.11 -41.07 40.17
CA VAL D 789 27.38 -41.39 38.95
C VAL D 789 28.27 -41.07 37.76
N HIS D 790 28.25 -41.95 36.75
CA HIS D 790 28.97 -41.71 35.50
C HIS D 790 27.97 -41.67 34.35
N THR D 791 28.07 -40.65 33.51
CA THR D 791 27.23 -40.49 32.34
C THR D 791 28.10 -40.28 31.12
N ALA D 792 27.76 -40.91 30.02
CA ALA D 792 28.64 -40.91 28.85
C ALA D 792 27.84 -40.66 27.59
N ASP D 793 28.56 -40.15 26.58
CA ASP D 793 28.02 -39.94 25.24
C ASP D 793 28.98 -40.46 24.17
N GLY D 794 30.27 -40.54 24.47
CA GLY D 794 31.29 -40.83 23.48
C GLY D 794 32.23 -39.64 23.34
N ASP D 795 33.38 -39.73 24.00
CA ASP D 795 34.36 -38.66 24.20
C ASP D 795 33.85 -37.58 25.14
N THR D 796 32.61 -37.66 25.60
CA THR D 796 32.03 -36.69 26.53
C THR D 796 31.60 -37.44 27.78
N VAL D 797 32.34 -37.27 28.87
CA VAL D 797 32.12 -38.00 30.10
C VAL D 797 31.80 -37.00 31.21
N ILE D 798 30.74 -37.28 31.95
CA ILE D 798 30.33 -36.48 33.10
C ILE D 798 30.36 -37.37 34.33
N THR D 799 31.07 -36.93 35.36
CA THR D 799 31.09 -37.61 36.65
C THR D 799 30.40 -36.72 37.67
N THR D 800 29.37 -37.24 38.31
CA THR D 800 28.54 -36.47 39.22
C THR D 800 28.60 -37.06 40.62
N THR D 801 28.73 -36.18 41.61
CA THR D 801 28.72 -36.55 43.02
C THR D 801 27.49 -35.93 43.67
N ILE D 802 26.66 -36.76 44.27
CA ILE D 802 25.46 -36.32 44.98
C ILE D 802 25.71 -36.51 46.47
N THR D 803 25.55 -35.43 47.23
CA THR D 803 25.93 -35.41 48.63
C THR D 803 24.75 -35.00 49.50
N LEU D 804 24.56 -35.75 50.59
CA LEU D 804 23.62 -35.40 51.65
C LEU D 804 24.36 -35.37 52.97
N ARG D 805 24.18 -34.29 53.73
CA ARG D 805 24.89 -34.04 54.96
C ARG D 805 23.95 -34.12 56.17
N PRO D 806 24.47 -34.42 57.36
CA PRO D 806 23.60 -34.60 58.52
C PRO D 806 22.96 -33.29 58.96
N GLY D 807 21.64 -33.29 59.08
CA GLY D 807 20.90 -32.15 59.59
C GLY D 807 20.68 -31.04 58.59
N SER D 808 21.13 -31.19 57.34
CA SER D 808 21.04 -30.14 56.35
C SER D 808 19.75 -30.25 55.56
N HIS D 809 19.14 -29.11 55.26
CA HIS D 809 17.97 -29.04 54.40
C HIS D 809 18.31 -29.04 52.93
N THR D 810 19.60 -29.16 52.58
CA THR D 810 20.07 -29.01 51.21
C THR D 810 20.62 -30.33 50.69
N LEU D 811 20.55 -30.49 49.37
CA LEU D 811 21.14 -31.62 48.66
C LEU D 811 22.09 -31.08 47.62
N ASP D 812 23.33 -31.59 47.60
CA ASP D 812 24.40 -30.98 46.82
C ASP D 812 24.79 -31.84 45.62
N PHE D 813 25.12 -31.18 44.52
CA PHE D 813 25.59 -31.83 43.30
C PHE D 813 26.90 -31.19 42.86
N HIS D 814 27.89 -32.03 42.57
CA HIS D 814 29.14 -31.61 41.97
C HIS D 814 29.34 -32.38 40.66
N ALA D 815 29.90 -31.71 39.65
CA ALA D 815 30.03 -32.34 38.35
C ALA D 815 31.38 -32.00 37.73
N ASP D 816 32.03 -33.03 37.17
CA ASP D 816 33.24 -32.87 36.39
C ASP D 816 32.94 -33.36 34.98
N ILE D 817 33.09 -32.47 33.99
CA ILE D 817 32.66 -32.73 32.63
C ILE D 817 33.85 -32.62 31.70
N ASP D 818 33.94 -33.55 30.74
CA ASP D 818 34.91 -33.51 29.66
C ASP D 818 34.15 -33.18 28.39
N TRP D 819 34.10 -31.90 28.04
CA TRP D 819 33.33 -31.43 26.90
C TRP D 819 34.14 -31.63 25.62
N HIS D 820 33.62 -32.50 24.74
CA HIS D 820 34.21 -32.78 23.43
C HIS D 820 33.14 -32.80 22.35
N GLU D 821 32.11 -31.98 22.50
CA GLU D 821 31.01 -31.95 21.56
C GLU D 821 31.22 -30.89 20.49
N ARG D 822 30.27 -30.80 19.56
CA ARG D 822 30.32 -29.79 18.50
C ARG D 822 28.90 -29.41 18.15
N GLU D 823 28.57 -28.13 18.34
CA GLU D 823 27.23 -27.59 18.06
C GLU D 823 26.16 -28.33 18.87
N ARG D 824 26.45 -28.54 20.15
CA ARG D 824 25.50 -29.11 21.09
C ARG D 824 25.47 -28.24 22.34
N PHE D 825 24.34 -28.30 23.06
CA PHE D 825 24.14 -27.47 24.23
C PHE D 825 23.72 -28.37 25.38
N LEU D 826 24.24 -28.12 26.58
CA LEU D 826 24.05 -29.02 27.71
C LEU D 826 23.24 -28.36 28.81
N LYS D 827 22.21 -29.05 29.29
CA LYS D 827 21.40 -28.56 30.40
C LYS D 827 21.17 -29.70 31.39
N VAL D 828 20.74 -29.32 32.59
CA VAL D 828 20.34 -30.27 33.63
C VAL D 828 18.96 -29.88 34.13
N ASP D 829 18.09 -30.88 34.29
CA ASP D 829 16.70 -30.65 34.64
C ASP D 829 16.51 -30.76 36.15
N LEU D 830 15.71 -29.85 36.70
CA LEU D 830 15.42 -29.80 38.14
C LEU D 830 13.93 -29.59 38.37
N PRO D 831 13.12 -30.64 38.17
CA PRO D 831 11.70 -30.53 38.50
C PRO D 831 11.50 -30.26 39.98
N LEU D 832 10.50 -29.45 40.30
CA LEU D 832 10.34 -28.96 41.66
C LEU D 832 8.98 -29.25 42.28
N GLY D 833 7.93 -29.44 41.49
CA GLY D 833 6.65 -29.79 42.06
C GLY D 833 5.95 -28.68 42.82
N ILE D 834 6.16 -27.43 42.41
CA ILE D 834 5.48 -26.28 42.98
C ILE D 834 4.85 -25.50 41.84
N VAL D 835 3.55 -25.23 41.95
CA VAL D 835 2.82 -24.50 40.92
C VAL D 835 2.94 -23.01 41.23
N ALA D 836 3.74 -22.30 40.45
CA ALA D 836 3.96 -20.88 40.64
C ALA D 836 3.84 -20.17 39.29
N ASP D 837 3.35 -18.93 39.34
CA ASP D 837 3.20 -18.14 38.13
C ASP D 837 4.46 -17.38 37.76
N GLN D 838 5.25 -16.97 38.75
CA GLN D 838 6.48 -16.24 38.52
C GLN D 838 7.59 -16.85 39.36
N ALA D 839 8.83 -16.59 38.94
CA ALA D 839 10.01 -17.05 39.66
C ALA D 839 10.84 -15.85 40.09
N THR D 840 11.43 -15.95 41.27
CA THR D 840 12.24 -14.89 41.84
C THR D 840 13.72 -15.25 41.68
N TYR D 841 14.43 -14.47 40.88
CA TYR D 841 15.86 -14.62 40.71
C TYR D 841 16.59 -13.54 41.49
N ASP D 842 17.87 -13.79 41.75
CA ASP D 842 18.69 -12.85 42.48
C ASP D 842 19.25 -11.80 41.54
N CYS D 843 19.05 -10.54 41.88
CA CYS D 843 19.59 -9.43 41.10
C CYS D 843 20.94 -9.04 41.68
N GLN D 844 21.51 -7.94 41.21
CA GLN D 844 22.80 -7.50 41.76
C GLN D 844 22.66 -7.04 43.19
N TYR D 845 21.68 -6.19 43.47
CA TYR D 845 21.48 -5.63 44.80
C TYR D 845 20.05 -5.83 45.26
N GLY D 846 19.46 -6.97 44.91
CA GLY D 846 18.10 -7.25 45.32
C GLY D 846 17.55 -8.49 44.67
N LEU D 847 16.29 -8.43 44.24
CA LEU D 847 15.63 -9.56 43.60
C LEU D 847 14.89 -9.06 42.37
N ILE D 848 14.72 -9.96 41.40
CA ILE D 848 13.96 -9.68 40.19
C ILE D 848 12.96 -10.82 40.03
N ARG D 849 11.85 -10.54 39.35
CA ARG D 849 10.82 -11.55 39.12
C ARG D 849 10.56 -11.68 37.63
N ARG D 850 10.49 -12.92 37.18
CA ARG D 850 10.24 -13.20 35.76
C ARG D 850 9.15 -14.25 35.62
N PRO D 851 8.33 -14.16 34.57
CA PRO D 851 7.19 -15.07 34.45
C PRO D 851 7.62 -16.51 34.16
N ILE D 852 6.93 -17.45 34.79
CA ILE D 852 7.05 -18.86 34.43
C ILE D 852 6.02 -19.25 33.39
N VAL D 853 4.79 -18.80 33.57
CA VAL D 853 3.72 -19.01 32.60
C VAL D 853 3.82 -17.93 31.54
N LYS D 854 3.92 -18.35 30.28
CA LYS D 854 4.16 -17.43 29.17
C LYS D 854 2.91 -17.40 28.29
N ASN D 855 2.02 -16.45 28.56
CA ASN D 855 0.75 -16.38 27.86
C ASN D 855 0.89 -15.68 26.51
N THR D 856 1.63 -14.58 26.46
CA THR D 856 1.75 -13.79 25.25
C THR D 856 3.11 -14.00 24.60
N ALA D 857 3.27 -13.39 23.42
CA ALA D 857 4.52 -13.53 22.68
C ALA D 857 5.66 -12.80 23.35
N SER D 858 5.37 -11.70 24.05
CA SER D 858 6.41 -10.99 24.79
C SER D 858 6.98 -11.86 25.91
N ASP D 859 6.11 -12.60 26.59
CA ASP D 859 6.57 -13.49 27.66
C ASP D 859 7.47 -14.58 27.10
N GLU D 860 7.10 -15.16 25.96
CA GLU D 860 7.89 -16.25 25.38
C GLU D 860 9.26 -15.77 24.93
N ALA D 861 9.45 -14.47 24.74
CA ALA D 861 10.77 -13.96 24.36
C ALA D 861 11.76 -14.06 25.51
N LYS D 862 11.29 -14.08 26.74
CA LYS D 862 12.15 -14.23 27.91
C LYS D 862 12.27 -15.70 28.33
N TYR D 863 12.63 -16.55 27.38
CA TYR D 863 12.70 -17.99 27.63
C TYR D 863 14.06 -18.44 28.12
N GLU D 864 15.03 -17.54 28.25
CA GLU D 864 16.35 -17.89 28.75
C GLU D 864 16.90 -16.65 29.45
N SER D 865 16.76 -16.60 30.77
CA SER D 865 17.15 -15.44 31.55
C SER D 865 18.40 -15.77 32.37
N SER D 866 18.81 -14.79 33.18
CA SER D 866 20.02 -14.90 33.98
C SER D 866 19.66 -15.07 35.46
N THR D 867 20.40 -15.95 36.13
CA THR D 867 20.28 -16.14 37.57
C THR D 867 21.63 -15.86 38.21
N ASN D 868 21.63 -15.09 39.29
CA ASN D 868 22.86 -14.68 39.96
C ASN D 868 22.91 -15.34 41.33
N ARG D 869 23.54 -16.51 41.38
CA ARG D 869 23.86 -17.30 42.56
C ARG D 869 22.67 -18.05 43.14
N PHE D 870 21.43 -17.79 42.72
CA PHE D 870 20.31 -18.59 43.20
C PHE D 870 19.02 -18.15 42.53
N ALA D 871 18.01 -19.02 42.64
CA ALA D 871 16.64 -18.75 42.24
C ALA D 871 15.70 -19.39 43.24
N ILE D 872 14.52 -18.78 43.41
CA ILE D 872 13.51 -19.24 44.35
C ILE D 872 12.20 -19.45 43.61
N ILE D 873 11.53 -20.56 43.88
CA ILE D 873 10.21 -20.85 43.33
C ILE D 873 9.31 -21.27 44.49
N GLY D 874 8.23 -20.55 44.70
CA GLY D 874 7.39 -20.82 45.87
C GLY D 874 5.93 -20.51 45.62
N ASP D 875 5.08 -21.29 46.25
CA ASP D 875 3.64 -21.04 46.28
C ASP D 875 3.34 -20.19 47.53
N ALA D 876 2.06 -20.12 47.91
CA ALA D 876 1.66 -19.29 49.04
C ALA D 876 2.37 -19.71 50.33
N GLY D 877 2.50 -21.02 50.55
CA GLY D 877 3.02 -21.47 51.84
C GLY D 877 4.23 -22.37 51.82
N TYR D 878 4.90 -22.49 50.68
CA TYR D 878 6.07 -23.35 50.59
C TYR D 878 6.92 -22.92 49.40
N ALA D 879 8.24 -22.93 49.59
CA ALA D 879 9.15 -22.50 48.55
C ALA D 879 10.38 -23.39 48.55
N ALA D 880 11.00 -23.52 47.38
CA ALA D 880 12.25 -24.25 47.22
C ALA D 880 13.21 -23.42 46.37
N ALA D 881 14.50 -23.56 46.66
CA ALA D 881 15.51 -22.74 46.01
C ALA D 881 16.55 -23.60 45.32
N VAL D 882 17.11 -23.07 44.23
CA VAL D 882 18.21 -23.69 43.51
C VAL D 882 19.40 -22.76 43.61
N ILE D 883 20.51 -23.28 44.13
CA ILE D 883 21.74 -22.53 44.33
C ILE D 883 22.74 -23.02 43.30
N ASN D 884 23.53 -22.10 42.75
CA ASN D 884 24.55 -22.49 41.78
C ASN D 884 25.88 -21.84 42.12
N GLY D 885 26.96 -22.50 41.70
CA GLY D 885 28.30 -22.03 41.97
C GLY D 885 28.80 -20.99 40.99
N SER D 886 28.82 -21.31 39.70
CA SER D 886 29.26 -20.36 38.68
C SER D 886 28.41 -20.44 37.42
N VAL D 887 27.14 -20.77 37.56
CA VAL D 887 26.21 -20.86 36.43
C VAL D 887 25.43 -19.56 36.33
N TYR D 888 25.08 -19.16 35.11
CA TYR D 888 24.37 -17.90 34.95
C TYR D 888 23.07 -18.02 34.17
N GLY D 889 23.00 -18.90 33.17
CA GLY D 889 21.81 -19.04 32.35
C GLY D 889 20.89 -20.14 32.85
N SER D 890 19.59 -19.91 32.72
CA SER D 890 18.59 -20.86 33.18
C SER D 890 17.25 -20.56 32.51
N ASP D 891 16.33 -21.51 32.62
CA ASP D 891 14.97 -21.30 32.14
C ASP D 891 13.99 -22.05 33.02
N ALA D 892 12.73 -21.60 32.99
CA ALA D 892 11.66 -22.18 33.78
C ALA D 892 10.42 -22.33 32.93
N SER D 893 9.72 -23.44 33.10
CA SER D 893 8.53 -23.76 32.34
C SER D 893 7.53 -24.45 33.25
N PRO D 894 6.26 -24.49 32.89
CA PRO D 894 5.28 -25.23 33.67
C PRO D 894 5.20 -26.70 33.28
N ILE D 895 4.91 -27.54 34.28
CA ILE D 895 4.66 -28.96 34.10
C ILE D 895 3.20 -29.19 34.45
N ALA D 896 2.40 -29.53 33.45
CA ALA D 896 0.97 -29.77 33.63
C ALA D 896 0.72 -31.24 33.89
N GLY D 897 -0.05 -31.53 34.95
CA GLY D 897 -0.25 -32.88 35.39
C GLY D 897 -1.42 -33.58 34.70
N ASN D 898 -1.58 -34.84 35.06
CA ASN D 898 -2.66 -35.67 34.51
C ASN D 898 -2.95 -36.76 35.53
N ALA D 899 -4.06 -36.60 36.26
CA ALA D 899 -4.39 -37.55 37.33
C ALA D 899 -4.70 -38.94 36.79
N ALA D 900 -4.90 -39.07 35.48
CA ALA D 900 -5.08 -40.36 34.85
C ALA D 900 -3.77 -41.08 34.54
N GLU D 901 -2.63 -40.47 34.87
CA GLU D 901 -1.34 -41.11 34.67
C GLU D 901 -0.53 -41.10 35.95
N GLY D 902 -0.71 -40.08 36.78
CA GLY D 902 0.01 -39.94 38.02
C GLY D 902 0.95 -38.75 38.10
N ARG D 903 1.24 -38.10 36.97
CA ARG D 903 2.07 -36.91 36.98
C ARG D 903 1.30 -35.77 37.64
N ASP D 904 1.88 -35.17 38.68
CA ASP D 904 1.09 -34.28 39.53
C ASP D 904 0.98 -32.86 38.96
N SER D 905 2.07 -32.11 39.00
CA SER D 905 2.17 -30.74 38.50
C SER D 905 3.55 -30.20 38.83
N GLY D 906 3.89 -29.00 38.37
CA GLY D 906 5.02 -28.33 38.98
C GLY D 906 5.71 -27.39 38.01
N THR D 907 6.98 -27.14 38.31
CA THR D 907 7.82 -26.24 37.52
C THR D 907 9.07 -26.98 37.09
N MET D 908 9.35 -26.96 35.79
CA MET D 908 10.59 -27.48 35.24
C MET D 908 11.60 -26.34 35.17
N PHE D 909 12.62 -26.41 36.02
CA PHE D 909 13.69 -25.43 36.04
C PHE D 909 14.97 -26.09 35.56
N ARG D 910 15.61 -25.50 34.56
CA ARG D 910 16.81 -26.08 33.96
C ARG D 910 17.93 -25.06 33.93
N LEU D 911 19.14 -25.53 34.23
CA LEU D 911 20.34 -24.69 34.24
C LEU D 911 21.19 -24.98 33.00
N SER D 912 21.69 -23.92 32.38
CA SER D 912 22.52 -24.01 31.19
C SER D 912 23.98 -24.18 31.62
N LEU D 913 24.63 -25.25 31.15
CA LEU D 913 25.98 -25.57 31.58
C LEU D 913 27.04 -25.27 30.54
N LEU D 914 26.90 -25.81 29.32
CA LEU D 914 27.95 -25.70 28.32
C LEU D 914 27.34 -25.58 26.93
N SER D 915 28.08 -24.94 26.04
CA SER D 915 27.72 -24.86 24.63
C SER D 915 28.98 -25.07 23.80
N ALA D 916 28.78 -25.35 22.51
CA ALA D 916 29.87 -25.61 21.58
C ALA D 916 29.70 -24.78 20.32
N PRO D 917 29.89 -23.46 20.41
CA PRO D 917 29.84 -22.62 19.21
C PRO D 917 31.06 -22.86 18.33
N THR D 918 31.02 -22.29 17.13
CA THR D 918 32.08 -22.52 16.17
C THR D 918 32.65 -21.28 15.49
N PHE D 919 31.89 -20.18 15.36
CA PHE D 919 32.38 -19.13 14.46
C PHE D 919 33.60 -18.41 15.00
N PRO D 920 33.53 -17.65 16.10
CA PRO D 920 34.72 -16.88 16.48
C PRO D 920 35.83 -17.75 17.02
N ASP D 921 35.50 -18.70 17.89
CA ASP D 921 36.46 -19.70 18.34
C ASP D 921 36.07 -21.05 17.75
N PRO D 922 36.86 -21.62 16.82
CA PRO D 922 36.45 -22.88 16.19
C PRO D 922 36.41 -24.06 17.15
N ARG D 923 37.11 -24.00 18.28
CA ARG D 923 37.11 -25.05 19.29
C ARG D 923 36.84 -24.40 20.63
N THR D 924 35.56 -24.25 20.97
CA THR D 924 35.14 -23.49 22.14
C THR D 924 34.84 -24.43 23.29
N ASP D 925 35.49 -24.20 24.43
CA ASP D 925 35.22 -24.91 25.68
C ASP D 925 35.41 -26.42 25.53
N ILE D 926 36.44 -26.81 24.80
CA ILE D 926 36.77 -28.23 24.62
C ILE D 926 37.77 -28.60 25.72
N GLY D 927 37.31 -29.37 26.69
CA GLY D 927 38.21 -29.70 27.79
C GLY D 927 37.42 -29.94 29.07
N SER D 928 38.10 -29.72 30.20
CA SER D 928 37.59 -30.10 31.51
C SER D 928 36.91 -28.92 32.19
N HIS D 929 35.73 -29.16 32.76
CA HIS D 929 34.97 -28.14 33.47
C HIS D 929 34.42 -28.71 34.76
N GLU D 930 34.25 -27.83 35.75
CA GLU D 930 33.71 -28.18 37.05
C GLU D 930 32.47 -27.33 37.35
N PHE D 931 31.46 -27.97 37.92
CA PHE D 931 30.20 -27.31 38.23
C PHE D 931 29.71 -27.73 39.60
N ASP D 932 29.05 -26.81 40.29
CA ASP D 932 28.50 -27.07 41.61
C ASP D 932 27.13 -26.42 41.72
N TRP D 933 26.16 -27.16 42.28
CA TRP D 933 24.87 -26.58 42.56
C TRP D 933 24.21 -27.36 43.70
N SER D 934 23.05 -26.86 44.12
CA SER D 934 22.39 -27.43 45.28
C SER D 934 20.91 -27.11 45.23
N VAL D 935 20.12 -27.92 45.92
CA VAL D 935 18.68 -27.71 46.04
C VAL D 935 18.36 -27.57 47.53
N VAL D 936 17.69 -26.48 47.88
CA VAL D 936 17.28 -26.19 49.25
C VAL D 936 15.77 -26.37 49.33
N ALA D 937 15.32 -27.19 50.29
CA ALA D 937 13.96 -27.71 50.30
C ALA D 937 12.96 -26.70 50.85
N ASP D 938 13.12 -26.32 52.12
CA ASP D 938 12.22 -25.36 52.77
C ASP D 938 12.94 -24.03 52.82
N ALA D 939 12.82 -23.26 51.73
CA ALA D 939 13.67 -22.10 51.51
C ALA D 939 12.88 -20.81 51.64
N THR D 940 13.49 -19.83 52.28
CA THR D 940 13.04 -18.45 52.30
C THR D 940 14.14 -17.59 51.66
N VAL D 941 13.95 -16.27 51.70
CA VAL D 941 14.96 -15.38 51.11
C VAL D 941 16.27 -15.48 51.89
N ASP D 942 16.18 -15.39 53.19
CA ASP D 942 17.33 -15.50 54.07
C ASP D 942 18.06 -16.82 53.91
N ARG D 943 17.38 -17.93 53.93
CA ARG D 943 18.02 -19.24 53.79
C ARG D 943 18.72 -19.37 52.45
N ALA D 944 18.09 -18.87 51.39
CA ALA D 944 18.74 -18.87 50.07
C ALA D 944 19.97 -17.98 50.07
N LEU D 945 19.91 -16.83 50.74
CA LEU D 945 21.09 -15.98 50.84
C LEU D 945 22.23 -16.69 51.56
N ASP D 946 21.92 -17.39 52.64
CA ASP D 946 22.93 -18.19 53.34
C ASP D 946 23.54 -19.23 52.42
N ALA D 947 22.69 -20.00 51.74
CA ALA D 947 23.20 -21.06 50.88
C ALA D 947 24.05 -20.51 49.75
N ALA D 948 23.63 -19.39 49.15
CA ALA D 948 24.40 -18.81 48.06
C ALA D 948 25.71 -18.23 48.54
N GLY D 949 25.71 -17.58 49.70
CA GLY D 949 26.94 -17.00 50.22
C GLY D 949 27.96 -18.05 50.60
N VAL D 950 27.51 -19.13 51.24
CA VAL D 950 28.45 -20.15 51.70
C VAL D 950 29.07 -20.89 50.51
N LEU D 951 28.28 -21.19 49.48
CA LEU D 951 28.79 -21.94 48.36
C LEU D 951 29.79 -21.14 47.52
N ASN D 952 29.81 -19.81 47.65
CA ASN D 952 30.66 -18.98 46.84
C ASN D 952 31.87 -18.40 47.58
N ALA D 953 31.91 -18.52 48.90
CA ALA D 953 33.04 -17.98 49.65
C ALA D 953 34.28 -18.83 49.42
N PRO D 954 35.45 -18.21 49.28
CA PRO D 954 36.68 -18.99 49.11
C PRO D 954 37.11 -19.66 50.41
N VAL D 955 37.99 -20.65 50.28
CA VAL D 955 38.46 -21.45 51.39
C VAL D 955 39.91 -21.10 51.66
N LEU D 956 40.21 -20.73 52.91
CA LEU D 956 41.54 -20.35 53.34
C LEU D 956 42.07 -21.36 54.35
N HIS D 957 43.27 -21.08 54.87
CA HIS D 957 43.92 -21.97 55.82
C HIS D 957 44.49 -21.15 56.97
N ASP D 958 44.35 -21.67 58.20
CA ASP D 958 44.90 -21.06 59.40
C ASP D 958 44.37 -19.64 59.59
N VAL D 959 43.05 -19.55 59.74
CA VAL D 959 42.36 -18.27 59.87
C VAL D 959 41.96 -18.08 61.33
N PRO D 960 42.40 -17.03 62.00
CA PRO D 960 41.89 -16.75 63.34
C PRO D 960 40.44 -16.31 63.30
N ASP D 961 39.66 -16.78 64.26
CA ASP D 961 38.23 -16.48 64.31
C ASP D 961 37.95 -15.19 65.12
N ILE D 962 38.59 -14.12 64.67
CA ILE D 962 38.40 -12.82 65.32
C ILE D 962 36.97 -12.33 65.13
N THR D 963 36.56 -11.44 66.02
CA THR D 963 35.23 -10.85 65.92
C THR D 963 35.15 -9.92 64.71
N PRO D 964 33.98 -9.84 64.07
CA PRO D 964 33.85 -9.00 62.88
C PRO D 964 34.05 -7.52 63.19
N LEU D 965 34.53 -6.79 62.19
CA LEU D 965 34.79 -5.36 62.36
C LEU D 965 33.50 -4.60 62.60
N ALA D 966 32.49 -4.83 61.76
CA ALA D 966 31.20 -4.18 61.89
C ALA D 966 30.11 -5.20 61.64
N SER D 967 28.93 -4.94 62.20
CA SER D 967 27.82 -5.87 62.10
C SER D 967 26.53 -5.09 61.89
N ILE D 968 25.61 -5.71 61.15
CA ILE D 968 24.26 -5.18 60.97
C ILE D 968 23.29 -6.19 61.56
N GLU D 969 22.53 -5.75 62.57
CA GLU D 969 21.51 -6.58 63.20
C GLU D 969 20.15 -6.03 62.81
N SER D 970 19.34 -6.87 62.15
CA SER D 970 18.03 -6.45 61.68
C SER D 970 16.99 -6.75 62.74
N VAL D 971 16.35 -5.71 63.26
CA VAL D 971 15.21 -5.89 64.14
C VAL D 971 14.06 -6.56 63.39
N ASN D 972 13.74 -6.03 62.22
CA ASN D 972 12.79 -6.65 61.29
C ASN D 972 13.26 -6.37 59.88
N GLY D 973 13.07 -7.35 59.01
CA GLY D 973 13.57 -7.28 57.64
C GLY D 973 14.85 -8.08 57.48
N THR D 974 15.35 -8.07 56.25
CA THR D 974 16.58 -8.77 55.88
C THR D 974 17.55 -7.76 55.30
N VAL D 975 18.61 -7.46 56.04
CA VAL D 975 19.63 -6.51 55.61
C VAL D 975 20.96 -7.23 55.53
N VAL D 976 21.64 -7.09 54.40
CA VAL D 976 22.90 -7.77 54.13
C VAL D 976 24.02 -6.74 54.16
N LEU D 977 25.01 -6.96 55.00
CA LEU D 977 26.24 -6.16 54.99
C LEU D 977 27.12 -6.73 53.89
N ASP D 978 27.10 -6.12 52.71
CA ASP D 978 27.70 -6.74 51.54
C ASP D 978 29.21 -6.54 51.47
N TRP D 979 29.72 -5.38 51.89
CA TRP D 979 31.14 -5.12 51.66
C TRP D 979 31.73 -4.28 52.79
N MET D 980 32.98 -4.56 53.12
CA MET D 980 33.80 -3.75 54.01
C MET D 980 35.15 -3.51 53.35
N LYS D 981 35.66 -2.29 53.47
CA LYS D 981 36.97 -1.97 52.89
C LYS D 981 37.55 -0.75 53.59
N LEU D 982 38.72 -0.34 53.15
CA LEU D 982 39.36 0.89 53.59
C LEU D 982 39.17 1.98 52.54
N ALA D 983 39.03 3.22 53.01
CA ALA D 983 38.76 4.33 52.11
C ALA D 983 39.91 4.54 51.14
N ASP D 984 39.57 5.00 49.93
CA ASP D 984 40.54 5.17 48.86
C ASP D 984 41.39 6.43 49.08
N ASP D 985 42.07 6.45 50.22
CA ASP D 985 43.01 7.49 50.58
C ASP D 985 43.78 7.00 51.81
N GLY D 986 44.60 7.87 52.39
CA GLY D 986 45.39 7.50 53.53
C GLY D 986 44.74 7.71 54.87
N SER D 987 43.45 8.05 54.91
CA SER D 987 42.79 8.36 56.17
C SER D 987 42.75 7.15 57.09
N GLY D 988 42.43 5.99 56.55
CA GLY D 988 42.24 4.80 57.35
C GLY D 988 40.82 4.54 57.80
N ASP D 989 39.85 5.26 57.26
CA ASP D 989 38.46 5.04 57.63
C ASP D 989 37.94 3.74 57.02
N LEU D 990 36.86 3.23 57.62
CA LEU D 990 36.24 1.98 57.19
C LEU D 990 35.00 2.29 56.37
N ILE D 991 34.94 1.76 55.16
CA ILE D 991 33.79 1.92 54.27
C ILE D 991 32.96 0.65 54.33
N VAL D 992 31.65 0.81 54.57
CA VAL D 992 30.72 -0.30 54.67
C VAL D 992 29.61 -0.09 53.64
N ARG D 993 29.28 -1.15 52.92
CA ARG D 993 28.22 -1.14 51.93
C ARG D 993 27.19 -2.20 52.28
N ALA D 994 25.94 -1.80 52.49
CA ALA D 994 24.87 -2.69 52.90
C ALA D 994 23.63 -2.39 52.07
N TYR D 995 22.69 -3.34 52.08
CA TYR D 995 21.45 -3.15 51.34
C TYR D 995 20.36 -4.04 51.93
N GLU D 996 19.12 -3.68 51.61
CA GLU D 996 17.96 -4.45 52.02
C GLU D 996 17.69 -5.54 50.99
N ALA D 997 17.55 -6.78 51.44
CA ALA D 997 17.53 -7.93 50.55
C ALA D 997 16.13 -8.51 50.34
N ALA D 998 15.30 -8.55 51.38
CA ALA D 998 14.00 -9.21 51.26
C ALA D 998 13.10 -8.50 50.25
N GLY D 999 13.08 -7.17 50.27
CA GLY D 999 12.22 -6.40 49.39
C GLY D 999 11.17 -5.56 50.08
N GLY D 1000 11.10 -5.56 51.41
CA GLY D 1000 10.19 -4.69 52.12
C GLY D 1000 10.92 -3.64 52.94
N GLN D 1001 10.28 -3.11 53.97
CA GLN D 1001 10.92 -2.15 54.85
C GLN D 1001 11.65 -2.87 55.97
N ALA D 1002 12.83 -2.36 56.32
CA ALA D 1002 13.66 -3.00 57.34
C ALA D 1002 14.19 -1.97 58.31
N ASP D 1003 14.35 -2.39 59.57
CA ASP D 1003 14.99 -1.59 60.59
C ASP D 1003 16.21 -2.34 61.10
N ALA D 1004 17.31 -1.63 61.32
CA ALA D 1004 18.56 -2.30 61.64
C ALA D 1004 19.36 -1.50 62.65
N MET D 1005 20.27 -2.20 63.32
CA MET D 1005 21.18 -1.65 64.30
C MET D 1005 22.61 -1.89 63.84
N LEU D 1006 23.51 -0.95 64.12
CA LEU D 1006 24.90 -1.06 63.73
C LEU D 1006 25.76 -1.34 64.95
N HIS D 1007 26.64 -2.33 64.85
CA HIS D 1007 27.56 -2.69 65.90
C HIS D 1007 28.98 -2.73 65.32
N VAL D 1008 29.96 -2.42 66.16
CA VAL D 1008 31.35 -2.33 65.74
C VAL D 1008 32.23 -3.13 66.69
N CYS D 1009 33.44 -3.42 66.23
CA CYS D 1009 34.41 -4.16 67.01
C CYS D 1009 34.95 -3.31 68.15
N PRO D 1010 35.56 -3.94 69.16
CA PRO D 1010 36.12 -3.15 70.27
C PRO D 1010 37.13 -2.11 69.86
N ALA D 1011 37.86 -2.33 68.76
CA ALA D 1011 38.81 -1.34 68.28
C ALA D 1011 38.10 -0.04 67.89
N LEU D 1012 36.93 -0.16 67.27
CA LEU D 1012 36.15 1.00 66.86
C LEU D 1012 35.26 1.52 68.00
N ALA D 1013 35.85 1.78 69.15
CA ALA D 1013 35.14 2.39 70.27
C ALA D 1013 35.35 3.89 70.23
N GLY D 1014 34.24 4.62 70.30
CA GLY D 1014 34.31 6.06 70.15
C GLY D 1014 34.43 6.55 68.72
N ALA D 1015 34.24 5.67 67.75
CA ALA D 1015 34.31 6.03 66.34
C ALA D 1015 32.99 6.63 65.89
N SER D 1016 33.07 7.49 64.87
CA SER D 1016 31.90 8.14 64.32
C SER D 1016 31.47 7.45 63.04
N VAL D 1017 30.19 7.58 62.70
CA VAL D 1017 29.64 7.02 61.48
C VAL D 1017 28.84 8.11 60.78
N HIS D 1018 28.95 8.15 59.44
CA HIS D 1018 28.12 9.05 58.67
C HIS D 1018 27.95 8.50 57.26
N GLU D 1019 26.89 8.95 56.60
CA GLU D 1019 26.54 8.43 55.29
C GLU D 1019 27.23 9.21 54.18
N THR D 1020 27.68 8.49 53.17
CA THR D 1020 28.26 9.09 51.97
C THR D 1020 27.58 8.51 50.73
N ASN D 1021 28.12 8.81 49.55
CA ASN D 1021 27.67 8.18 48.33
C ASN D 1021 28.57 6.99 48.01
N VAL D 1022 28.26 6.31 46.90
CA VAL D 1022 29.00 5.10 46.55
C VAL D 1022 30.46 5.37 46.26
N LEU D 1023 30.83 6.61 45.96
CA LEU D 1023 32.22 6.98 45.71
C LEU D 1023 32.87 7.64 46.93
N GLU D 1024 32.21 7.59 48.09
CA GLU D 1024 32.70 8.13 49.35
C GLU D 1024 32.86 9.65 49.33
N GLY D 1025 32.17 10.33 48.41
CA GLY D 1025 32.36 11.75 48.24
C GLY D 1025 31.59 12.64 49.19
N ASP D 1026 30.71 12.07 50.02
CA ASP D 1026 30.00 12.77 51.08
C ASP D 1026 28.93 13.71 50.52
N ASP D 1027 28.89 13.87 49.20
CA ASP D 1027 27.87 14.69 48.54
C ASP D 1027 26.85 13.75 47.90
N LEU D 1028 25.58 13.90 48.28
CA LEU D 1028 24.54 13.00 47.84
C LEU D 1028 23.30 13.80 47.46
N ALA D 1029 22.51 13.23 46.56
CA ALA D 1029 21.34 13.92 46.04
C ALA D 1029 20.26 14.04 47.11
N ALA D 1030 19.50 15.14 47.04
CA ALA D 1030 18.45 15.37 48.02
C ALA D 1030 17.24 14.49 47.75
N ASP D 1031 17.00 14.11 46.50
CA ASP D 1031 15.85 13.29 46.18
C ASP D 1031 15.94 11.91 46.83
N LEU D 1032 17.13 11.32 46.82
CA LEU D 1032 17.28 9.95 47.30
C LEU D 1032 17.11 9.88 48.82
N PRO D 1033 16.54 8.81 49.34
CA PRO D 1033 16.48 8.63 50.79
C PRO D 1033 17.86 8.31 51.36
N VAL D 1034 17.99 8.50 52.66
CA VAL D 1034 19.28 8.43 53.34
C VAL D 1034 19.49 7.11 54.07
N ALA D 1035 18.49 6.67 54.84
CA ALA D 1035 18.48 5.47 55.68
C ALA D 1035 19.32 5.63 56.95
N LEU D 1036 20.05 6.72 57.13
CA LEU D 1036 20.73 7.02 58.39
C LEU D 1036 20.21 8.38 58.85
N GLN D 1037 19.09 8.36 59.56
CA GLN D 1037 18.49 9.57 60.08
C GLN D 1037 19.30 10.09 61.27
N ASP D 1038 19.16 11.40 61.52
CA ASP D 1038 19.88 12.22 62.50
C ASP D 1038 21.31 12.50 62.04
N GLY D 1039 21.77 11.89 60.95
CA GLY D 1039 23.06 12.25 60.39
C GLY D 1039 24.26 11.63 61.10
N ARG D 1040 25.31 12.43 61.27
CA ARG D 1040 26.51 11.95 61.96
C ARG D 1040 26.17 11.52 63.38
N GLN D 1041 26.65 10.35 63.77
CA GLN D 1041 26.31 9.74 65.05
C GLN D 1041 27.54 9.02 65.59
N ASN D 1042 27.33 8.19 66.59
CA ASN D 1042 28.34 7.25 67.04
C ASN D 1042 28.12 5.91 66.33
N ALA D 1043 29.23 5.25 65.98
CA ALA D 1043 29.14 4.02 65.20
C ALA D 1043 28.42 2.91 65.96
N GLU D 1044 28.63 2.81 67.27
CA GLU D 1044 28.02 1.76 68.07
C GLU D 1044 26.62 2.19 68.49
N GLY D 1045 25.62 1.44 68.04
CA GLY D 1045 24.24 1.74 68.34
C GLY D 1045 23.51 2.58 67.32
N ALA D 1046 24.08 2.76 66.13
CA ALA D 1046 23.43 3.55 65.10
C ALA D 1046 22.19 2.84 64.57
N THR D 1047 21.13 3.61 64.34
CA THR D 1047 19.86 3.07 63.86
C THR D 1047 19.71 3.36 62.37
N LEU D 1048 19.31 2.34 61.61
CA LEU D 1048 19.19 2.43 60.17
C LEU D 1048 17.78 2.02 59.75
N HIS D 1049 17.26 2.68 58.71
CA HIS D 1049 15.93 2.39 58.19
C HIS D 1049 16.02 2.23 56.68
N PHE D 1050 15.90 0.99 56.20
CA PHE D 1050 15.99 0.69 54.79
C PHE D 1050 14.60 0.56 54.18
N GLY D 1051 14.44 1.13 52.99
CA GLY D 1051 13.30 0.84 52.15
C GLY D 1051 13.62 -0.36 51.28
N PRO D 1052 12.70 -0.74 50.40
CA PRO D 1052 12.96 -1.88 49.50
C PRO D 1052 14.19 -1.67 48.63
N PHE D 1053 15.23 -2.49 48.85
CA PHE D 1053 16.49 -2.45 48.10
C PHE D 1053 17.13 -1.05 48.19
N GLN D 1054 17.52 -0.70 49.42
CA GLN D 1054 17.93 0.67 49.71
C GLN D 1054 19.38 0.96 49.30
N LEU D 1055 20.31 0.03 49.58
CA LEU D 1055 21.73 0.19 49.25
C LEU D 1055 22.33 1.43 49.93
N ALA D 1056 22.44 1.32 51.25
CA ALA D 1056 23.14 2.34 52.03
C ALA D 1056 24.66 2.13 52.00
N THR D 1057 25.39 3.24 52.13
CA THR D 1057 26.84 3.25 52.17
C THR D 1057 27.27 4.13 53.34
N LEU D 1058 28.07 3.59 54.24
CA LEU D 1058 28.49 4.27 55.45
C LEU D 1058 30.00 4.39 55.51
N ARG D 1059 30.46 5.46 56.18
CA ARG D 1059 31.86 5.72 56.42
C ARG D 1059 32.06 5.86 57.93
N ILE D 1060 33.00 5.09 58.47
CA ILE D 1060 33.28 5.03 59.90
C ILE D 1060 34.68 5.58 60.13
N THR D 1061 34.77 6.60 60.97
CA THR D 1061 36.02 7.31 61.26
C THR D 1061 36.46 6.99 62.67
N ARG D 1062 37.71 6.55 62.81
CA ARG D 1062 38.28 6.24 64.11
C ARG D 1062 38.47 7.50 64.94
ZN ZN E . -24.26 23.08 -15.77
ZN ZN F . 20.12 -10.39 -29.28
ZN ZN G . -26.29 -9.66 24.19
ZN ZN H . 30.43 -3.03 20.85
#